data_7B6T
#
_entry.id   7B6T
#
_cell.length_a   130.274
_cell.length_b   130.274
_cell.length_c   222.145
_cell.angle_alpha   90.000
_cell.angle_beta   90.000
_cell.angle_gamma   120.000
#
_symmetry.space_group_name_H-M   'P 31'
#
loop_
_entity.id
_entity.type
_entity.pdbx_description
1 polymer 'Capsid protein VP1'
2 branched 2-acetamido-2-deoxy-beta-D-galactopyranose-(1-3)-alpha-D-galactopyranose-(1-4)-beta-D-galactopyranose
3 branched 2-acetamido-2-deoxy-beta-D-galactopyranose-(1-3)-alpha-D-galactopyranose
4 non-polymer DI(HYDROXYETHYL)ETHER
5 non-polymer 'MAGNESIUM ION'
6 non-polymer 'POTASSIUM ION'
7 non-polymer 1,2-ETHANEDIOL
8 non-polymer 'TRIETHYLENE GLYCOL'
9 non-polymer (4S)-2-METHYL-2,4-PENTANEDIOL
10 water water
#
_entity_poly.entity_id   1
_entity_poly.type   'polypeptide(L)'
_entity_poly.pdbx_seq_one_letter_code
;GSHMGGIEVLAVRTGPDSITEIEAYLNPRMGQPQNEDFYGFSDNVTVSDDFGSDAPPWKQFPCYSTARISLPMLNQDMTS
DTILMWEAISCRTEVMGVNMLTNVHSAQKRVYENDREGTGIGVEGMGYHMFAIGGEPLELQFMVFNHRATYPAEATVIKN
PGASSQVFDPNLKGTLTADGVFPVEAWGPDPFKNENTRYFGQYTGGTQTPPVLTFTNTQTTILLDENGVGPLCKGDGLFL
SCADIVGFFTQHNKKMSFRGLPRYFRVTLRKRVVKN
;
_entity_poly.pdbx_strand_id   AAA,BBB,CCC,DDD,EEE,FFF,GGG,HHH,III,JJJ
#
# COMPACT_ATOMS: atom_id res chain seq x y z
N ILE A 7 28.14 -1.51 23.88
CA ILE A 7 28.48 -0.84 22.58
C ILE A 7 27.29 0.04 22.14
N GLU A 8 27.52 1.35 22.02
CA GLU A 8 26.56 2.33 21.44
C GLU A 8 26.62 2.22 19.92
N VAL A 9 25.49 1.90 19.28
CA VAL A 9 25.45 1.62 17.81
C VAL A 9 24.92 2.86 17.06
N LEU A 10 25.67 3.30 16.04
CA LEU A 10 25.33 4.47 15.19
C LEU A 10 25.04 4.01 13.76
N ALA A 11 25.49 4.76 12.74
CA ALA A 11 25.04 4.62 11.33
C ALA A 11 25.66 3.36 10.71
N VAL A 12 24.88 2.67 9.88
CA VAL A 12 25.36 1.68 8.89
C VAL A 12 26.22 2.44 7.86
N ARG A 13 27.52 2.18 7.82
CA ARG A 13 28.43 2.78 6.80
C ARG A 13 28.43 1.87 5.58
N THR A 14 27.27 1.74 4.92
CA THR A 14 27.01 0.87 3.74
C THR A 14 25.90 1.47 2.88
N ASP A 17 33.89 -0.39 -0.40
CA ASP A 17 33.74 -1.81 0.03
C ASP A 17 33.25 -1.86 1.48
N SER A 18 31.97 -1.54 1.70
CA SER A 18 31.26 -1.52 3.02
C SER A 18 30.73 -2.91 3.38
N ILE A 19 30.78 -3.86 2.45
CA ILE A 19 30.11 -5.19 2.53
C ILE A 19 31.20 -6.25 2.33
N THR A 20 31.19 -7.33 3.11
CA THR A 20 32.10 -8.47 2.83
C THR A 20 31.26 -9.74 3.06
N GLU A 21 31.58 -10.80 2.34
CA GLU A 21 30.92 -12.12 2.53
C GLU A 21 32.02 -13.11 2.89
N ILE A 22 31.79 -13.99 3.86
CA ILE A 22 32.76 -15.07 4.18
C ILE A 22 32.02 -16.39 3.99
N GLU A 23 32.78 -17.40 3.64
CA GLU A 23 32.29 -18.79 3.56
C GLU A 23 33.23 -19.64 4.40
N ALA A 24 32.68 -20.64 5.07
CA ALA A 24 33.47 -21.56 5.90
C ALA A 24 32.73 -22.87 6.08
N TYR A 25 33.45 -23.89 6.49
CA TYR A 25 32.90 -25.20 6.91
C TYR A 25 33.43 -25.53 8.29
N LEU A 26 32.62 -26.24 9.05
CA LEU A 26 33.02 -26.87 10.32
C LEU A 26 32.80 -28.37 10.15
N ASN A 27 33.89 -29.13 10.22
CA ASN A 27 33.80 -30.61 10.25
C ASN A 27 33.23 -31.06 11.59
N PRO A 28 32.47 -32.16 11.61
CA PRO A 28 31.88 -32.63 12.86
C PRO A 28 32.99 -33.18 13.77
N ARG A 29 32.67 -33.29 15.07
CA ARG A 29 33.60 -33.80 16.10
C ARG A 29 32.86 -34.87 16.89
N MET A 30 32.58 -35.97 16.22
CA MET A 30 31.75 -37.07 16.75
C MET A 30 32.56 -37.95 17.71
N GLY A 31 33.88 -37.89 17.66
CA GLY A 31 34.74 -38.56 18.65
C GLY A 31 36.00 -39.17 18.07
N GLN A 32 35.89 -39.84 16.93
CA GLN A 32 37.04 -40.54 16.30
C GLN A 32 37.97 -39.48 15.69
N PRO A 33 39.31 -39.67 15.80
CA PRO A 33 40.29 -38.68 15.34
C PRO A 33 40.27 -38.46 13.82
N GLN A 34 40.59 -37.23 13.45
CA GLN A 34 40.68 -36.82 12.02
C GLN A 34 41.79 -37.61 11.35
N ASN A 35 41.68 -37.81 10.03
CA ASN A 35 42.77 -38.39 9.20
C ASN A 35 42.95 -39.88 9.52
N GLU A 36 41.92 -40.51 10.07
CA GLU A 36 41.92 -41.94 10.43
C GLU A 36 40.56 -42.48 9.97
N ASP A 37 40.44 -43.80 9.91
CA ASP A 37 39.43 -44.46 9.06
C ASP A 37 38.01 -44.17 9.52
N PHE A 38 37.80 -43.82 10.80
CA PHE A 38 36.44 -43.62 11.36
C PHE A 38 36.13 -42.14 11.58
N TYR A 39 36.82 -41.24 10.87
CA TYR A 39 36.56 -39.79 10.94
C TYR A 39 35.14 -39.50 10.46
N GLY A 40 34.36 -38.76 11.28
CA GLY A 40 32.92 -38.52 11.07
C GLY A 40 32.08 -39.31 12.05
N PHE A 41 32.66 -40.36 12.64
CA PHE A 41 31.98 -41.29 13.57
C PHE A 41 32.49 -41.05 14.99
N SER A 42 31.67 -41.43 15.95
CA SER A 42 32.17 -41.77 17.30
C SER A 42 32.75 -43.17 17.29
N ASP A 43 33.46 -43.53 18.36
CA ASP A 43 33.80 -44.93 18.67
C ASP A 43 32.51 -45.61 19.13
N ASN A 44 32.49 -46.94 19.11
CA ASN A 44 31.30 -47.72 19.49
C ASN A 44 30.92 -47.33 20.91
N VAL A 45 29.63 -47.10 21.14
CA VAL A 45 29.13 -46.57 22.43
C VAL A 45 28.98 -47.70 23.45
N THR A 46 29.56 -47.50 24.64
CA THR A 46 29.34 -48.35 25.83
C THR A 46 28.33 -47.67 26.77
N VAL A 47 27.58 -48.49 27.47
CA VAL A 47 26.48 -48.02 28.34
C VAL A 47 26.82 -48.48 29.75
N SER A 48 26.76 -47.55 30.69
CA SER A 48 27.03 -47.82 32.13
C SER A 48 25.84 -48.53 32.77
N ASP A 49 26.10 -49.21 33.89
CA ASP A 49 25.08 -50.00 34.64
C ASP A 49 24.28 -49.03 35.51
N ASP A 50 24.92 -48.00 36.06
CA ASP A 50 24.23 -47.03 36.95
C ASP A 50 24.93 -45.68 36.93
N PHE A 51 24.22 -44.67 37.44
CA PHE A 51 24.66 -43.26 37.42
C PHE A 51 25.93 -43.09 38.26
N GLY A 52 26.15 -43.94 39.28
CA GLY A 52 27.30 -43.81 40.21
C GLY A 52 28.61 -44.30 39.62
N SER A 53 28.57 -45.06 38.51
CA SER A 53 29.75 -45.65 37.85
C SER A 53 29.60 -45.45 36.33
N ASP A 54 29.61 -44.19 35.91
CA ASP A 54 29.22 -43.74 34.55
C ASP A 54 30.35 -42.87 34.02
N ALA A 55 31.20 -43.43 33.17
CA ALA A 55 32.43 -42.76 32.69
C ALA A 55 32.49 -42.97 31.19
N PRO A 56 31.84 -42.09 30.38
CA PRO A 56 31.82 -42.28 28.93
C PRO A 56 33.24 -42.07 28.44
N PRO A 57 33.87 -43.10 27.82
CA PRO A 57 35.23 -42.95 27.30
C PRO A 57 35.33 -41.87 26.22
N TRP A 58 36.47 -41.19 26.21
CA TRP A 58 36.88 -40.34 25.10
C TRP A 58 36.69 -41.10 23.78
N LYS A 59 36.16 -40.38 22.80
CA LYS A 59 35.83 -40.83 21.41
C LYS A 59 34.43 -41.42 21.33
N GLN A 60 33.71 -41.68 22.45
CA GLN A 60 32.39 -42.34 22.36
C GLN A 60 31.24 -41.31 22.37
N PHE A 61 31.53 -40.02 22.40
CA PHE A 61 30.47 -39.00 22.47
C PHE A 61 30.88 -37.78 21.65
N PRO A 62 29.90 -37.13 21.01
CA PRO A 62 30.18 -35.95 20.20
C PRO A 62 30.44 -34.68 21.03
N CYS A 63 31.23 -33.81 20.46
CA CYS A 63 31.54 -32.45 21.00
C CYS A 63 31.12 -31.36 20.00
N TYR A 64 30.99 -30.13 20.47
CA TYR A 64 30.70 -28.96 19.59
C TYR A 64 31.88 -28.70 18.66
N SER A 65 31.55 -28.31 17.44
CA SER A 65 32.51 -27.67 16.48
C SER A 65 32.45 -26.15 16.66
N THR A 66 33.59 -25.48 16.54
CA THR A 66 33.65 -24.01 16.57
C THR A 66 34.87 -23.52 15.81
N ALA A 67 34.74 -22.30 15.28
CA ALA A 67 35.85 -21.61 14.62
C ALA A 67 35.66 -20.10 14.82
N ARG A 68 36.76 -19.38 14.88
CA ARG A 68 36.80 -17.91 14.76
C ARG A 68 37.38 -17.58 13.39
N ILE A 69 36.62 -16.83 12.61
CA ILE A 69 37.02 -16.38 11.26
C ILE A 69 37.59 -14.95 11.42
N SER A 70 38.84 -14.74 11.01
CA SER A 70 39.46 -13.40 10.97
C SER A 70 38.86 -12.63 9.79
N LEU A 71 38.32 -11.45 10.05
CA LEU A 71 37.62 -10.61 9.05
C LEU A 71 38.61 -9.60 8.49
N PRO A 72 38.34 -8.99 7.31
CA PRO A 72 39.22 -7.95 6.79
C PRO A 72 39.49 -6.84 7.83
N MET A 73 40.75 -6.47 8.06
CA MET A 73 41.16 -5.51 9.12
C MET A 73 40.41 -4.17 8.93
N LEU A 74 40.05 -3.51 10.03
CA LEU A 74 39.39 -2.18 10.04
C LEU A 74 40.31 -1.17 10.74
N ASP A 81 36.53 9.04 18.82
CA ASP A 81 35.10 9.16 19.23
C ASP A 81 34.35 7.89 18.85
N THR A 82 34.48 7.43 17.59
CA THR A 82 33.77 6.26 17.02
C THR A 82 34.77 5.31 16.34
N ILE A 83 34.40 4.04 16.18
CA ILE A 83 35.17 3.05 15.37
C ILE A 83 34.21 2.26 14.47
N LEU A 84 34.75 1.64 13.42
CA LEU A 84 34.03 0.69 12.53
C LEU A 84 34.09 -0.70 13.16
N MET A 85 32.97 -1.43 13.13
CA MET A 85 32.90 -2.88 13.43
C MET A 85 32.15 -3.56 12.28
N TRP A 86 32.54 -4.78 11.98
CA TRP A 86 31.75 -5.64 11.06
C TRP A 86 30.48 -6.12 11.76
N GLU A 87 29.35 -6.02 11.07
CA GLU A 87 27.99 -6.41 11.54
C GLU A 87 27.48 -7.52 10.61
N ALA A 88 27.31 -8.73 11.14
CA ALA A 88 26.73 -9.85 10.36
C ALA A 88 25.23 -9.60 10.16
N ILE A 89 24.74 -9.54 8.93
CA ILE A 89 23.32 -9.16 8.65
C ILE A 89 22.52 -10.36 8.15
N SER A 90 23.17 -11.38 7.60
CA SER A 90 22.48 -12.54 7.03
C SER A 90 23.44 -13.71 6.96
N CYS A 91 22.87 -14.90 6.79
CA CYS A 91 23.64 -16.13 6.63
C CYS A 91 22.89 -17.10 5.75
N ARG A 92 23.64 -18.02 5.15
CA ARG A 92 23.12 -19.29 4.65
C ARG A 92 23.88 -20.34 5.44
N THR A 93 23.21 -21.46 5.73
CA THR A 93 23.92 -22.60 6.31
C THR A 93 23.30 -23.86 5.73
N GLU A 94 24.14 -24.87 5.69
CA GLU A 94 23.73 -26.13 5.08
C GLU A 94 24.49 -27.31 5.66
N VAL A 95 23.76 -28.34 6.04
CA VAL A 95 24.41 -29.62 6.41
C VAL A 95 24.79 -30.27 5.09
N MET A 96 26.08 -30.51 4.92
CA MET A 96 26.61 -31.07 3.66
C MET A 96 26.75 -32.58 3.77
N GLY A 97 26.79 -33.28 2.63
CA GLY A 97 27.00 -34.73 2.64
C GLY A 97 25.76 -35.54 2.94
N VAL A 98 24.57 -34.92 2.93
CA VAL A 98 23.31 -35.69 3.13
C VAL A 98 23.22 -36.87 2.16
N ASN A 99 23.78 -36.69 0.95
CA ASN A 99 23.84 -37.74 -0.11
C ASN A 99 24.42 -39.06 0.42
N MET A 100 25.36 -39.04 1.37
CA MET A 100 26.08 -40.27 1.78
C MET A 100 25.12 -41.20 2.51
N LEU A 101 24.01 -40.68 3.04
CA LEU A 101 23.07 -41.51 3.85
C LEU A 101 22.23 -42.44 2.95
N THR A 102 22.41 -42.42 1.63
CA THR A 102 21.79 -43.38 0.68
C THR A 102 22.61 -44.66 0.60
N ASN A 103 23.71 -44.72 1.34
CA ASN A 103 24.60 -45.90 1.46
C ASN A 103 23.95 -46.91 2.41
N VAL A 104 23.54 -48.07 1.88
CA VAL A 104 23.01 -49.19 2.70
C VAL A 104 23.81 -50.48 2.44
N HIS A 105 25.09 -50.35 2.07
CA HIS A 105 25.98 -51.51 1.77
C HIS A 105 27.21 -51.57 2.69
N SER A 106 27.61 -50.52 3.40
CA SER A 106 28.90 -50.43 4.12
C SER A 106 28.79 -51.03 5.52
N ALA A 107 28.97 -52.35 5.67
CA ALA A 107 29.18 -53.02 6.97
C ALA A 107 28.03 -52.74 7.96
N GLN A 108 26.80 -52.75 7.48
CA GLN A 108 25.64 -52.34 8.31
C GLN A 108 24.88 -53.59 8.69
N LYS A 109 24.42 -53.68 9.93
CA LYS A 109 23.37 -54.64 10.31
C LYS A 109 22.28 -54.64 9.21
N ARG A 110 21.86 -55.83 8.76
CA ARG A 110 20.89 -55.99 7.65
C ARG A 110 19.45 -55.95 8.17
N VAL A 111 18.53 -55.56 7.29
CA VAL A 111 17.10 -55.48 7.69
C VAL A 111 16.64 -56.88 8.17
N TYR A 112 17.09 -57.96 7.51
CA TYR A 112 16.74 -59.38 7.81
C TYR A 112 18.03 -60.11 8.23
N GLU A 113 18.59 -59.74 9.38
CA GLU A 113 19.94 -60.21 9.82
C GLU A 113 19.91 -61.72 10.02
N ASN A 114 18.79 -62.29 10.50
CA ASN A 114 18.63 -63.75 10.77
C ASN A 114 18.68 -64.53 9.47
N ASP A 115 18.39 -63.86 8.34
CA ASP A 115 18.29 -64.45 7.00
C ASP A 115 19.53 -64.03 6.21
N ARG A 116 20.43 -63.24 6.82
CA ARG A 116 21.64 -62.64 6.19
C ARG A 116 21.20 -61.95 4.89
N GLU A 117 20.10 -61.19 4.94
CA GLU A 117 19.49 -60.64 3.71
C GLU A 117 18.94 -59.23 3.97
N GLY A 118 18.70 -58.54 2.88
CA GLY A 118 18.19 -57.16 2.89
C GLY A 118 19.32 -56.15 2.78
N THR A 119 18.93 -54.90 2.62
CA THR A 119 19.87 -53.76 2.70
C THR A 119 20.41 -53.67 4.11
N GLY A 120 21.46 -52.89 4.29
CA GLY A 120 21.85 -52.41 5.63
C GLY A 120 20.66 -51.58 6.15
N ILE A 121 20.55 -51.43 7.46
CA ILE A 121 19.48 -50.58 8.05
C ILE A 121 19.84 -49.09 7.92
N GLY A 122 21.07 -48.74 7.54
CA GLY A 122 21.44 -47.34 7.31
C GLY A 122 21.62 -46.56 8.62
N VAL A 123 21.80 -45.25 8.51
CA VAL A 123 21.86 -44.39 9.73
C VAL A 123 20.41 -44.15 10.21
N GLU A 124 20.13 -44.41 11.48
CA GLU A 124 18.82 -44.19 12.13
C GLU A 124 19.07 -43.63 13.53
N GLY A 125 18.06 -42.99 14.09
CA GLY A 125 18.09 -42.51 15.48
C GLY A 125 18.18 -41.00 15.55
N MET A 126 18.71 -40.48 16.65
CA MET A 126 18.54 -39.06 17.03
C MET A 126 19.17 -38.13 16.00
N GLY A 127 18.53 -36.99 15.78
CA GLY A 127 19.10 -35.87 15.04
C GLY A 127 19.27 -34.72 16.01
N TYR A 128 20.48 -34.19 16.15
CA TYR A 128 20.73 -32.96 16.91
C TYR A 128 21.50 -32.03 16.00
N HIS A 129 20.83 -30.95 15.65
CA HIS A 129 21.31 -30.00 14.62
C HIS A 129 21.20 -28.62 15.23
N MET A 130 22.33 -27.99 15.47
CA MET A 130 22.33 -26.60 15.95
C MET A 130 23.49 -25.82 15.33
N PHE A 131 23.28 -24.53 15.21
CA PHE A 131 24.36 -23.64 14.71
C PHE A 131 24.20 -22.32 15.44
N ALA A 132 25.29 -21.60 15.51
CA ALA A 132 25.30 -20.24 16.10
C ALA A 132 26.29 -19.40 15.32
N ILE A 133 25.93 -18.14 15.16
CA ILE A 133 26.69 -17.09 14.45
C ILE A 133 26.70 -15.87 15.40
N GLY A 134 27.89 -15.42 15.80
CA GLY A 134 28.08 -14.36 16.80
C GLY A 134 29.34 -13.55 16.61
N GLY A 135 29.40 -12.39 17.28
CA GLY A 135 30.57 -11.51 17.29
C GLY A 135 31.42 -11.77 18.52
N GLU A 136 31.20 -12.89 19.21
CA GLU A 136 32.04 -13.35 20.33
C GLU A 136 31.73 -14.84 20.53
N PRO A 137 32.52 -15.58 21.33
CA PRO A 137 32.26 -17.01 21.58
C PRO A 137 30.82 -17.25 22.08
N LEU A 138 30.24 -18.37 21.67
CA LEU A 138 28.88 -18.77 22.11
C LEU A 138 28.91 -18.94 23.62
N GLU A 139 27.91 -18.39 24.29
CA GLU A 139 27.83 -18.48 25.74
C GLU A 139 27.01 -19.73 26.07
N LEU A 140 27.52 -20.55 26.99
CA LEU A 140 26.98 -21.90 27.29
C LEU A 140 26.42 -21.99 28.72
N GLN A 141 25.43 -22.85 28.86
CA GLN A 141 24.90 -23.33 30.16
C GLN A 141 25.26 -24.80 30.27
N PHE A 142 25.99 -25.15 31.33
CA PHE A 142 26.29 -26.54 31.68
C PHE A 142 25.03 -27.25 32.14
N MET A 143 24.70 -28.40 31.54
CA MET A 143 23.53 -29.16 32.01
C MET A 143 23.66 -30.58 31.46
N VAL A 144 23.50 -31.56 32.35
CA VAL A 144 23.79 -32.98 32.08
C VAL A 144 22.63 -33.86 32.53
N PHE A 145 22.50 -35.00 31.84
CA PHE A 145 21.52 -36.05 32.16
C PHE A 145 21.76 -36.56 33.59
N ASN A 146 23.02 -36.90 33.85
CA ASN A 146 23.52 -37.52 35.11
C ASN A 146 24.71 -36.69 35.64
N HIS A 147 24.54 -35.96 36.75
CA HIS A 147 25.60 -35.09 37.32
C HIS A 147 26.84 -35.92 37.74
N ARG A 148 26.68 -37.21 38.00
CA ARG A 148 27.80 -38.06 38.52
C ARG A 148 28.62 -38.67 37.40
N ALA A 149 28.25 -38.45 36.12
CA ALA A 149 29.12 -38.85 34.98
C ALA A 149 30.55 -38.32 35.20
N THR A 150 31.54 -39.19 34.99
CA THR A 150 32.97 -38.83 35.02
C THR A 150 33.41 -38.65 33.56
N TYR A 151 33.56 -37.40 33.13
CA TYR A 151 34.00 -37.07 31.75
C TYR A 151 35.50 -37.31 31.68
N PRO A 152 36.01 -37.67 30.49
CA PRO A 152 37.44 -37.91 30.33
C PRO A 152 38.25 -36.62 30.34
N ALA A 153 39.54 -36.76 30.61
CA ALA A 153 40.54 -35.67 30.64
C ALA A 153 40.47 -34.79 29.37
N GLU A 154 40.23 -35.37 28.18
CA GLU A 154 40.24 -34.64 26.88
C GLU A 154 39.12 -33.60 26.82
N ALA A 155 38.04 -33.81 27.56
CA ALA A 155 36.79 -33.03 27.44
C ALA A 155 36.88 -31.78 28.32
N THR A 156 36.24 -30.69 27.92
CA THR A 156 36.08 -29.51 28.80
C THR A 156 34.69 -29.60 29.44
N VAL A 157 34.64 -29.79 30.76
CA VAL A 157 33.39 -29.85 31.54
C VAL A 157 33.58 -29.07 32.85
N ILE A 158 32.50 -28.79 33.55
CA ILE A 158 32.57 -28.37 34.98
C ILE A 158 32.65 -29.65 35.80
N LYS A 159 33.73 -29.78 36.58
CA LYS A 159 33.97 -30.95 37.46
C LYS A 159 33.12 -30.80 38.71
N ASN A 160 32.67 -31.92 39.29
CA ASN A 160 31.82 -31.93 40.52
C ASN A 160 30.69 -30.92 40.41
N PRO A 161 29.92 -30.97 39.31
CA PRO A 161 28.95 -29.90 39.05
C PRO A 161 27.76 -29.88 40.02
N GLY A 162 27.50 -31.01 40.68
CA GLY A 162 26.42 -31.19 41.67
C GLY A 162 25.09 -31.56 41.04
N ALA A 163 24.17 -32.06 41.86
CA ALA A 163 22.81 -32.50 41.47
C ALA A 163 22.06 -31.37 40.72
N SER A 164 22.30 -30.11 41.10
CA SER A 164 21.76 -28.87 40.45
C SER A 164 21.95 -28.90 38.93
N SER A 165 23.02 -29.51 38.46
CA SER A 165 23.45 -29.46 37.05
C SER A 165 22.57 -30.35 36.18
N GLN A 166 21.71 -31.19 36.77
CA GLN A 166 20.75 -32.03 36.02
C GLN A 166 19.56 -31.15 35.60
N VAL A 167 19.46 -29.94 36.14
CA VAL A 167 18.44 -28.92 35.75
C VAL A 167 19.18 -27.58 35.65
N PHE A 168 18.54 -26.43 35.82
CA PHE A 168 19.22 -25.12 35.68
C PHE A 168 19.85 -24.69 37.01
N ASP A 169 21.16 -24.44 36.95
CA ASP A 169 21.94 -23.80 38.05
C ASP A 169 22.67 -22.59 37.50
N PRO A 170 22.34 -21.36 38.00
CA PRO A 170 22.91 -20.12 37.45
C PRO A 170 24.43 -20.01 37.57
N ASN A 171 25.05 -20.79 38.43
CA ASN A 171 26.53 -20.79 38.62
C ASN A 171 27.26 -21.52 37.49
N LEU A 172 26.59 -22.38 36.70
CA LEU A 172 27.29 -23.39 35.85
C LEU A 172 27.34 -22.88 34.40
N LYS A 173 28.24 -21.92 34.19
CA LYS A 173 28.41 -21.20 32.91
C LYS A 173 29.73 -21.58 32.24
N GLY A 174 29.79 -21.37 30.93
CA GLY A 174 31.01 -21.52 30.13
C GLY A 174 30.91 -20.74 28.84
N THR A 175 31.99 -20.70 28.07
CA THR A 175 31.98 -20.18 26.69
C THR A 175 32.68 -21.20 25.79
N LEU A 176 32.22 -21.27 24.55
CA LEU A 176 32.69 -22.28 23.59
C LEU A 176 33.94 -21.73 22.94
N THR A 177 35.07 -22.01 23.57
CA THR A 177 36.37 -21.38 23.23
C THR A 177 37.25 -22.32 22.43
N ALA A 178 36.88 -23.58 22.24
CA ALA A 178 37.75 -24.57 21.58
C ALA A 178 36.88 -25.60 20.86
N ASP A 179 37.40 -26.00 19.72
CA ASP A 179 36.75 -26.99 18.83
C ASP A 179 36.95 -28.40 19.38
N GLY A 180 35.92 -29.23 19.28
CA GLY A 180 36.01 -30.68 19.47
C GLY A 180 36.27 -31.17 20.89
N VAL A 181 35.98 -30.39 21.95
CA VAL A 181 36.23 -30.81 23.37
C VAL A 181 35.07 -30.49 24.32
N PHE A 182 34.11 -29.64 23.96
CA PHE A 182 32.93 -29.37 24.82
C PHE A 182 31.88 -30.43 24.47
N PRO A 183 31.58 -31.42 25.34
CA PRO A 183 30.60 -32.44 24.97
C PRO A 183 29.22 -31.85 24.70
N VAL A 184 28.57 -32.32 23.64
CA VAL A 184 27.20 -31.88 23.34
C VAL A 184 26.30 -32.20 24.53
N GLU A 185 26.47 -33.36 25.14
CA GLU A 185 25.55 -33.79 26.21
C GLU A 185 25.77 -33.04 27.52
N ALA A 186 26.79 -32.17 27.60
CA ALA A 186 27.05 -31.42 28.86
C ALA A 186 26.86 -29.90 28.71
N TRP A 187 26.68 -29.37 27.51
CA TRP A 187 26.67 -27.91 27.29
C TRP A 187 25.59 -27.60 26.26
N GLY A 188 24.86 -26.52 26.48
CA GLY A 188 23.93 -25.97 25.50
C GLY A 188 23.94 -24.45 25.55
N PRO A 189 23.31 -23.79 24.56
CA PRO A 189 23.32 -22.33 24.53
C PRO A 189 22.59 -21.76 25.74
N ASP A 190 23.13 -20.66 26.25
CA ASP A 190 22.61 -19.96 27.46
C ASP A 190 21.69 -18.84 27.02
N PRO A 191 20.36 -18.96 27.25
CA PRO A 191 19.39 -17.95 26.81
C PRO A 191 19.45 -16.67 27.66
N PHE A 192 20.14 -16.71 28.79
CA PHE A 192 20.36 -15.52 29.67
C PHE A 192 21.48 -14.63 29.10
N LYS A 193 22.23 -15.14 28.13
CA LYS A 193 23.37 -14.40 27.54
C LYS A 193 23.17 -14.33 26.02
N ASN A 194 24.25 -14.39 25.24
CA ASN A 194 24.18 -14.50 23.77
C ASN A 194 23.42 -13.31 23.17
N GLU A 195 23.57 -12.12 23.74
CA GLU A 195 23.00 -10.87 23.19
C GLU A 195 23.61 -10.61 21.81
N ASN A 196 24.83 -11.09 21.55
CA ASN A 196 25.62 -10.72 20.35
C ASN A 196 25.84 -11.96 19.47
N THR A 197 24.98 -12.97 19.65
CA THR A 197 24.99 -14.25 18.90
C THR A 197 23.54 -14.61 18.57
N ARG A 198 23.32 -15.21 17.42
CA ARG A 198 22.04 -15.86 17.10
C ARG A 198 22.29 -17.36 17.07
N TYR A 199 21.47 -18.13 17.77
CA TYR A 199 21.59 -19.61 17.75
C TYR A 199 20.23 -20.23 17.46
N PHE A 200 20.30 -21.42 16.89
CA PHE A 200 19.14 -22.20 16.41
C PHE A 200 19.46 -23.67 16.61
N GLY A 201 18.50 -24.40 17.15
CA GLY A 201 18.69 -25.83 17.39
C GLY A 201 17.43 -26.64 17.20
N GLN A 202 17.60 -27.90 16.79
CA GLN A 202 16.50 -28.87 16.64
C GLN A 202 17.01 -30.22 17.12
N TYR A 203 16.23 -30.89 17.95
CA TYR A 203 16.51 -32.25 18.49
C TYR A 203 15.34 -33.16 18.13
N THR A 204 15.60 -34.28 17.48
CA THR A 204 14.64 -35.42 17.38
C THR A 204 15.33 -36.61 18.02
N GLY A 205 14.67 -37.26 18.96
CA GLY A 205 15.31 -38.34 19.72
C GLY A 205 15.12 -39.70 19.10
N GLY A 206 15.43 -40.73 19.91
CA GLY A 206 15.31 -42.15 19.56
C GLY A 206 16.57 -42.74 18.95
N THR A 207 16.51 -44.04 18.64
CA THR A 207 17.66 -44.84 18.12
C THR A 207 17.34 -45.51 16.78
N GLN A 208 16.07 -45.67 16.44
CA GLN A 208 15.63 -46.24 15.14
C GLN A 208 14.78 -45.21 14.38
N THR A 209 14.75 -43.97 14.86
CA THR A 209 14.01 -42.84 14.25
C THR A 209 14.53 -42.61 12.83
N PRO A 210 13.65 -42.42 11.83
CA PRO A 210 14.09 -42.00 10.51
C PRO A 210 14.74 -40.62 10.54
N PRO A 211 15.99 -40.45 10.08
CA PRO A 211 16.55 -39.12 9.87
C PRO A 211 15.85 -38.36 8.75
N VAL A 212 15.63 -37.07 8.98
CA VAL A 212 15.03 -36.15 7.95
C VAL A 212 15.94 -34.94 7.84
N LEU A 213 16.51 -34.75 6.64
CA LEU A 213 17.42 -33.63 6.37
C LEU A 213 17.03 -33.00 5.04
N THR A 214 17.09 -31.68 4.95
CA THR A 214 16.84 -30.95 3.69
C THR A 214 18.11 -30.19 3.34
N PHE A 215 18.23 -29.81 2.08
CA PHE A 215 19.38 -29.01 1.60
C PHE A 215 18.88 -28.18 0.43
N THR A 216 19.38 -26.95 0.35
CA THR A 216 19.09 -26.00 -0.75
C THR A 216 20.03 -24.81 -0.62
N ASN A 217 20.33 -24.15 -1.73
CA ASN A 217 21.12 -22.91 -1.73
C ASN A 217 20.20 -21.70 -1.91
N THR A 218 18.90 -21.83 -1.63
CA THR A 218 17.90 -20.75 -1.85
C THR A 218 17.42 -20.13 -0.52
N GLN A 219 17.98 -20.56 0.60
CA GLN A 219 17.55 -20.09 1.95
C GLN A 219 18.59 -19.12 2.52
N THR A 220 18.17 -17.91 2.84
CA THR A 220 18.99 -16.90 3.56
C THR A 220 18.27 -16.52 4.86
N THR A 221 18.96 -16.56 6.00
CA THR A 221 18.41 -16.16 7.32
C THR A 221 18.92 -14.75 7.65
N ILE A 222 18.01 -13.87 8.00
CA ILE A 222 18.34 -12.49 8.48
C ILE A 222 18.79 -12.60 9.93
N LEU A 223 19.92 -11.97 10.27
CA LEU A 223 20.55 -12.04 11.62
C LEU A 223 20.31 -10.75 12.43
N LEU A 224 19.65 -9.75 11.87
CA LEU A 224 19.27 -8.50 12.59
C LEU A 224 18.32 -8.82 13.75
N ASP A 225 18.53 -8.15 14.90
CA ASP A 225 17.62 -8.25 16.07
C ASP A 225 16.45 -7.26 15.88
N GLU A 226 15.60 -7.15 16.90
CA GLU A 226 14.40 -6.28 16.94
C GLU A 226 14.79 -4.83 16.62
N ASN A 227 16.01 -4.42 16.96
CA ASN A 227 16.53 -3.03 16.82
C ASN A 227 17.24 -2.85 15.47
N GLY A 228 17.22 -3.87 14.59
CA GLY A 228 17.85 -3.85 13.25
C GLY A 228 19.37 -3.94 13.31
N VAL A 229 19.92 -4.54 14.38
CA VAL A 229 21.38 -4.68 14.60
C VAL A 229 21.75 -6.17 14.51
N GLY A 230 22.71 -6.51 13.65
CA GLY A 230 23.26 -7.88 13.63
C GLY A 230 24.38 -8.05 14.65
N PRO A 231 24.86 -9.28 14.88
CA PRO A 231 26.06 -9.48 15.71
C PRO A 231 27.22 -8.57 15.28
N LEU A 232 27.78 -7.86 16.25
CA LEU A 232 28.95 -6.99 16.04
C LEU A 232 30.20 -7.77 16.44
N CYS A 233 31.15 -7.86 15.51
CA CYS A 233 32.33 -8.76 15.57
C CYS A 233 33.45 -8.09 16.36
N LYS A 234 33.47 -8.37 17.65
CA LYS A 234 34.49 -7.88 18.62
C LYS A 234 35.85 -8.48 18.23
N GLY A 235 36.89 -7.65 18.16
CA GLY A 235 38.24 -8.09 17.75
C GLY A 235 38.29 -8.44 16.28
N ASP A 236 37.32 -7.93 15.51
CA ASP A 236 37.21 -8.23 14.06
C ASP A 236 37.16 -9.75 13.86
N GLY A 237 36.48 -10.45 14.76
CA GLY A 237 36.31 -11.92 14.72
C GLY A 237 34.86 -12.34 14.59
N LEU A 238 34.59 -13.31 13.72
CA LEU A 238 33.25 -13.91 13.52
C LEU A 238 33.30 -15.34 14.06
N PHE A 239 32.41 -15.65 14.97
CA PHE A 239 32.37 -16.93 15.71
C PHE A 239 31.23 -17.78 15.15
N LEU A 240 31.63 -18.95 14.70
CA LEU A 240 30.73 -19.94 14.08
C LEU A 240 30.80 -21.19 14.95
N SER A 241 29.64 -21.76 15.30
CA SER A 241 29.59 -22.97 16.12
C SER A 241 28.50 -23.88 15.58
N CYS A 242 28.63 -25.18 15.79
CA CYS A 242 27.56 -26.11 15.42
C CYS A 242 27.74 -27.49 16.05
N ALA A 243 26.70 -28.29 15.88
CA ALA A 243 26.75 -29.74 16.11
C ALA A 243 25.71 -30.36 15.20
N ASP A 244 26.09 -31.39 14.47
CA ASP A 244 25.19 -32.05 13.48
C ASP A 244 25.34 -33.57 13.60
N ILE A 245 24.68 -34.12 14.61
CA ILE A 245 24.45 -35.56 14.84
C ILE A 245 23.31 -35.99 13.92
N VAL A 246 23.53 -36.91 12.98
CA VAL A 246 22.48 -37.34 12.02
C VAL A 246 21.86 -38.67 12.46
N GLY A 247 22.52 -39.40 13.33
CA GLY A 247 21.97 -40.66 13.86
C GLY A 247 23.08 -41.62 14.23
N PHE A 248 22.76 -42.90 14.24
CA PHE A 248 23.64 -44.02 14.65
C PHE A 248 23.91 -44.95 13.46
N PHE A 249 25.16 -45.38 13.35
CA PHE A 249 25.64 -46.47 12.48
C PHE A 249 25.58 -47.75 13.32
N THR A 250 24.90 -48.78 12.86
CA THR A 250 24.85 -50.09 13.56
C THR A 250 25.59 -51.14 12.76
N GLN A 251 26.64 -51.72 13.36
CA GLN A 251 27.45 -52.80 12.75
C GLN A 251 26.66 -54.13 12.79
N HIS A 252 27.12 -55.13 12.04
CA HIS A 252 26.53 -56.50 12.06
C HIS A 252 26.42 -57.03 13.50
N ASN A 253 27.44 -56.74 14.31
CA ASN A 253 27.52 -57.26 15.71
C ASN A 253 26.73 -56.37 16.68
N LYS A 254 25.92 -55.44 16.16
CA LYS A 254 24.97 -54.55 16.90
C LYS A 254 25.70 -53.41 17.64
N LYS A 255 27.01 -53.25 17.49
CA LYS A 255 27.72 -52.07 18.02
C LYS A 255 27.27 -50.81 17.27
N MET A 256 27.00 -49.76 18.02
CA MET A 256 26.45 -48.50 17.48
C MET A 256 27.39 -47.34 17.75
N SER A 257 27.44 -46.42 16.81
CA SER A 257 28.31 -45.23 16.84
C SER A 257 27.59 -44.04 16.25
N PHE A 258 27.82 -42.87 16.82
CA PHE A 258 27.32 -41.59 16.29
C PHE A 258 27.90 -41.41 14.88
N ARG A 259 27.10 -40.78 14.01
CA ARG A 259 27.58 -40.33 12.68
C ARG A 259 27.17 -38.86 12.56
N GLY A 260 28.11 -38.00 12.19
CA GLY A 260 27.89 -36.56 12.00
C GLY A 260 28.22 -36.13 10.59
N LEU A 261 27.76 -34.92 10.25
CA LEU A 261 28.04 -34.33 8.93
C LEU A 261 28.57 -32.92 9.13
N PRO A 262 29.38 -32.45 8.16
CA PRO A 262 29.93 -31.09 8.20
C PRO A 262 28.88 -30.03 7.88
N ARG A 263 29.08 -28.81 8.35
CA ARG A 263 28.16 -27.71 8.04
C ARG A 263 28.88 -26.57 7.30
N TYR A 264 28.21 -26.08 6.27
CA TYR A 264 28.60 -24.86 5.51
C TYR A 264 27.96 -23.66 6.18
N PHE A 265 28.71 -22.55 6.13
CA PHE A 265 28.24 -21.21 6.55
C PHE A 265 28.60 -20.22 5.46
N ARG A 266 27.64 -19.42 5.05
CA ARG A 266 27.94 -18.17 4.33
C ARG A 266 27.47 -17.04 5.25
N VAL A 267 28.27 -16.00 5.46
CA VAL A 267 27.84 -14.86 6.30
C VAL A 267 28.14 -13.57 5.54
N THR A 268 27.14 -12.72 5.42
CA THR A 268 27.26 -11.37 4.83
C THR A 268 27.41 -10.38 6.00
N LEU A 269 28.36 -9.47 5.87
CA LEU A 269 28.69 -8.50 6.94
C LEU A 269 28.82 -7.12 6.29
N ARG A 270 28.49 -6.10 7.06
CA ARG A 270 28.57 -4.68 6.64
C ARG A 270 29.26 -3.89 7.76
N LYS A 271 29.87 -2.77 7.39
CA LYS A 271 30.56 -1.88 8.37
C LYS A 271 29.50 -1.07 9.12
N ARG A 272 29.58 -1.11 10.45
CA ARG A 272 28.73 -0.34 11.39
C ARG A 272 29.62 0.61 12.17
N VAL A 273 29.24 1.89 12.21
CA VAL A 273 29.87 2.89 13.10
C VAL A 273 29.34 2.63 14.51
N VAL A 274 30.22 2.57 15.51
CA VAL A 274 29.87 2.47 16.94
C VAL A 274 30.68 3.50 17.75
N LYS A 275 30.16 3.91 18.91
CA LYS A 275 30.86 4.83 19.86
C LYS A 275 31.97 4.04 20.58
N ASN A 276 33.22 4.49 20.48
CA ASN A 276 34.41 3.84 21.11
C ASN A 276 34.63 4.44 22.50
N GLY B 6 31.40 -14.37 -13.65
CA GLY B 6 31.87 -13.02 -14.08
C GLY B 6 31.10 -12.50 -15.29
N ILE B 7 29.82 -12.89 -15.44
CA ILE B 7 28.88 -12.34 -16.47
C ILE B 7 28.32 -11.01 -15.94
N GLU B 8 28.45 -9.94 -16.73
CA GLU B 8 27.83 -8.63 -16.42
C GLU B 8 26.38 -8.65 -16.95
N VAL B 9 25.41 -8.71 -16.05
CA VAL B 9 23.98 -8.85 -16.39
C VAL B 9 23.39 -7.44 -16.65
N LEU B 10 22.75 -7.25 -17.78
CA LEU B 10 22.08 -5.98 -18.15
C LEU B 10 20.55 -6.15 -18.10
N ALA B 11 19.84 -5.47 -18.99
CA ALA B 11 18.36 -5.34 -19.02
C ALA B 11 17.66 -6.69 -19.28
N VAL B 12 16.51 -6.89 -18.65
CA VAL B 12 15.53 -7.92 -19.11
C VAL B 12 14.85 -7.46 -20.41
N ARG B 13 14.76 -8.35 -21.40
CA ARG B 13 13.85 -8.19 -22.55
C ARG B 13 12.43 -8.62 -22.15
N THR B 14 11.44 -7.81 -22.54
CA THR B 14 10.01 -8.12 -22.40
C THR B 14 9.38 -8.17 -23.81
N GLY B 15 8.09 -8.48 -23.88
CA GLY B 15 7.33 -8.54 -25.14
C GLY B 15 7.01 -9.97 -25.51
N PRO B 16 6.25 -10.20 -26.62
CA PRO B 16 5.63 -11.51 -26.89
C PRO B 16 6.61 -12.57 -27.39
N ASP B 17 7.85 -12.17 -27.70
CA ASP B 17 8.95 -13.03 -28.20
C ASP B 17 9.96 -13.32 -27.08
N SER B 18 9.79 -12.72 -25.90
CA SER B 18 10.83 -12.63 -24.85
C SER B 18 10.90 -13.90 -23.98
N ILE B 19 9.82 -14.69 -23.89
CA ILE B 19 9.70 -15.90 -23.03
C ILE B 19 9.67 -17.18 -23.88
N THR B 20 10.34 -18.23 -23.42
CA THR B 20 10.22 -19.59 -23.98
C THR B 20 10.01 -20.55 -22.81
N GLU B 21 9.37 -21.68 -23.08
CA GLU B 21 9.12 -22.73 -22.08
C GLU B 21 9.69 -24.04 -22.60
N ILE B 22 10.42 -24.76 -21.77
CA ILE B 22 10.88 -26.12 -22.15
C ILE B 22 10.26 -27.10 -21.16
N GLU B 23 10.02 -28.30 -21.64
CA GLU B 23 9.56 -29.44 -20.80
C GLU B 23 10.56 -30.56 -21.05
N ALA B 24 10.91 -31.29 -20.02
CA ALA B 24 11.85 -32.41 -20.13
C ALA B 24 11.53 -33.41 -19.03
N TYR B 25 11.98 -34.63 -19.23
CA TYR B 25 11.91 -35.69 -18.22
C TYR B 25 13.33 -36.18 -18.01
N LEU B 26 13.57 -36.68 -16.81
CA LEU B 26 14.78 -37.45 -16.48
C LEU B 26 14.32 -38.76 -15.86
N ASN B 27 14.66 -39.85 -16.54
CA ASN B 27 14.41 -41.20 -16.02
C ASN B 27 15.40 -41.46 -14.90
N PRO B 28 15.01 -42.25 -13.91
CA PRO B 28 15.91 -42.58 -12.81
C PRO B 28 17.03 -43.50 -13.28
N ARG B 29 18.14 -43.50 -12.55
CA ARG B 29 19.28 -44.40 -12.81
C ARG B 29 19.58 -45.18 -11.53
N MET B 30 18.70 -46.13 -11.18
CA MET B 30 18.80 -46.85 -9.88
C MET B 30 19.85 -47.99 -9.97
N GLY B 31 20.24 -48.41 -11.17
CA GLY B 31 21.34 -49.38 -11.33
C GLY B 31 21.09 -50.34 -12.50
N GLN B 32 19.88 -50.90 -12.61
CA GLN B 32 19.62 -51.92 -13.65
C GLN B 32 19.56 -51.23 -15.00
N PRO B 33 20.08 -51.87 -16.07
CA PRO B 33 20.10 -51.26 -17.39
C PRO B 33 18.71 -50.98 -18.02
N GLN B 34 18.67 -49.90 -18.81
CA GLN B 34 17.51 -49.48 -19.64
C GLN B 34 17.05 -50.65 -20.52
N ASN B 35 15.75 -50.71 -20.83
CA ASN B 35 15.25 -51.63 -21.89
C ASN B 35 15.33 -53.08 -21.42
N GLU B 36 15.57 -53.32 -20.13
CA GLU B 36 15.59 -54.70 -19.56
C GLU B 36 14.60 -54.72 -18.40
N ASP B 37 14.28 -55.92 -17.91
CA ASP B 37 13.04 -56.15 -17.15
C ASP B 37 13.02 -55.35 -15.85
N PHE B 38 14.18 -55.01 -15.31
CA PHE B 38 14.25 -54.37 -13.95
C PHE B 38 14.58 -52.88 -14.09
N TYR B 39 14.34 -52.27 -15.27
CA TYR B 39 14.57 -50.82 -15.47
C TYR B 39 13.72 -50.05 -14.45
N GLY B 40 14.32 -49.14 -13.71
CA GLY B 40 13.64 -48.41 -12.62
C GLY B 40 14.07 -48.93 -11.26
N PHE B 41 14.74 -50.08 -11.22
CA PHE B 41 15.22 -50.75 -9.99
C PHE B 41 16.75 -50.76 -9.99
N SER B 42 17.33 -50.90 -8.80
CA SER B 42 18.72 -51.38 -8.68
C SER B 42 18.69 -52.90 -8.77
N ASP B 43 19.86 -53.53 -8.91
CA ASP B 43 20.03 -54.98 -8.63
C ASP B 43 19.89 -55.21 -7.13
N ASN B 44 19.75 -56.45 -6.66
CA ASN B 44 19.58 -56.68 -5.19
C ASN B 44 20.83 -56.23 -4.43
N VAL B 45 20.62 -55.55 -3.32
CA VAL B 45 21.72 -54.92 -2.54
C VAL B 45 22.44 -56.00 -1.72
N THR B 46 23.75 -56.06 -1.88
CA THR B 46 24.61 -56.89 -1.03
C THR B 46 25.30 -55.95 -0.03
N VAL B 47 25.70 -56.49 1.11
CA VAL B 47 26.24 -55.69 2.23
C VAL B 47 27.59 -56.27 2.62
N SER B 48 28.58 -55.42 2.77
CA SER B 48 29.96 -55.81 3.16
C SER B 48 30.01 -56.23 4.63
N ASP B 49 31.02 -57.01 5.01
CA ASP B 49 31.21 -57.45 6.41
C ASP B 49 31.98 -56.38 7.19
N ASP B 50 32.84 -55.59 6.54
CA ASP B 50 33.60 -54.53 7.23
C ASP B 50 33.85 -53.39 6.25
N PHE B 51 34.33 -52.25 6.71
CA PHE B 51 34.64 -51.09 5.83
C PHE B 51 35.80 -51.41 4.88
N GLY B 52 36.74 -52.24 5.33
CA GLY B 52 37.99 -52.51 4.59
C GLY B 52 37.74 -53.32 3.33
N SER B 53 36.73 -54.19 3.31
CA SER B 53 36.44 -55.14 2.19
C SER B 53 35.26 -54.65 1.35
N ASP B 54 34.79 -53.44 1.58
CA ASP B 54 33.54 -52.89 0.99
C ASP B 54 33.77 -52.58 -0.51
N ALA B 55 32.98 -53.20 -1.38
CA ALA B 55 33.15 -53.10 -2.85
C ALA B 55 31.79 -53.29 -3.52
N PRO B 56 30.92 -52.26 -3.48
CA PRO B 56 29.55 -52.39 -3.97
C PRO B 56 29.57 -52.69 -5.46
N PRO B 57 29.00 -53.82 -5.92
CA PRO B 57 28.97 -54.06 -7.36
C PRO B 57 28.10 -53.06 -8.13
N TRP B 58 28.52 -52.82 -9.36
CA TRP B 58 27.73 -52.05 -10.34
C TRP B 58 26.33 -52.66 -10.44
N LYS B 59 25.34 -51.76 -10.47
CA LYS B 59 23.89 -51.97 -10.65
C LYS B 59 23.25 -51.99 -9.27
N GLN B 60 24.04 -52.04 -8.20
CA GLN B 60 23.45 -52.24 -6.84
C GLN B 60 23.23 -50.89 -6.16
N PHE B 61 23.59 -49.78 -6.78
CA PHE B 61 23.40 -48.47 -6.12
C PHE B 61 22.97 -47.43 -7.15
N PRO B 62 22.15 -46.44 -6.71
CA PRO B 62 21.68 -45.39 -7.59
C PRO B 62 22.71 -44.30 -7.93
N CYS B 63 22.54 -43.73 -9.12
CA CYS B 63 23.35 -42.57 -9.59
C CYS B 63 22.42 -41.40 -9.93
N TYR B 64 22.98 -40.20 -10.01
CA TYR B 64 22.26 -38.97 -10.40
C TYR B 64 21.84 -39.07 -11.87
N SER B 65 20.67 -38.49 -12.14
CA SER B 65 20.18 -38.25 -13.51
C SER B 65 20.57 -36.82 -13.88
N THR B 66 21.02 -36.60 -15.10
CA THR B 66 21.27 -35.24 -15.60
C THR B 66 21.03 -35.19 -17.12
N ALA B 67 20.66 -34.01 -17.58
CA ALA B 67 20.56 -33.68 -19.02
C ALA B 67 20.93 -32.22 -19.25
N ARG B 68 21.49 -31.99 -20.43
CA ARG B 68 21.70 -30.61 -20.93
C ARG B 68 20.67 -30.43 -22.05
N ILE B 69 19.74 -29.51 -21.86
CA ILE B 69 18.70 -29.16 -22.87
C ILE B 69 19.29 -28.06 -23.74
N SER B 70 19.35 -28.33 -25.04
CA SER B 70 19.74 -27.29 -26.02
C SER B 70 18.59 -26.30 -26.17
N LEU B 71 18.83 -25.00 -25.95
CA LEU B 71 17.85 -23.89 -26.04
C LEU B 71 17.96 -23.22 -27.40
N PRO B 72 16.92 -22.49 -27.86
CA PRO B 72 17.00 -21.73 -29.11
C PRO B 72 18.24 -20.84 -29.10
N MET B 73 19.01 -20.86 -30.18
CA MET B 73 20.20 -20.01 -30.30
C MET B 73 19.75 -18.62 -30.77
N LEU B 74 19.74 -17.67 -29.85
CA LEU B 74 19.00 -16.40 -30.00
C LEU B 74 19.91 -15.31 -30.61
N ASN B 75 21.22 -15.53 -30.72
CA ASN B 75 22.18 -14.50 -31.21
C ASN B 75 22.71 -14.86 -32.59
N GLN B 76 22.46 -14.01 -33.59
CA GLN B 76 22.99 -14.20 -34.96
C GLN B 76 24.49 -13.91 -34.99
N ASP B 77 24.98 -13.03 -34.11
CA ASP B 77 26.42 -12.68 -34.05
C ASP B 77 26.88 -12.77 -32.59
N MET B 78 27.83 -13.65 -32.31
CA MET B 78 28.32 -13.85 -30.92
C MET B 78 29.50 -12.92 -30.63
N THR B 79 29.83 -12.01 -31.55
CA THR B 79 30.96 -11.06 -31.39
C THR B 79 30.46 -9.66 -31.00
N SER B 80 29.14 -9.46 -30.91
CA SER B 80 28.51 -8.15 -30.59
C SER B 80 28.91 -7.74 -29.17
N ASP B 81 28.81 -6.44 -28.85
CA ASP B 81 29.26 -5.85 -27.56
C ASP B 81 28.38 -6.41 -26.43
N THR B 82 27.13 -6.75 -26.76
CA THR B 82 26.19 -7.45 -25.85
C THR B 82 25.56 -8.61 -26.60
N ILE B 83 25.16 -9.65 -25.87
CA ILE B 83 24.40 -10.79 -26.45
C ILE B 83 23.19 -11.03 -25.54
N LEU B 84 22.26 -11.83 -26.03
CA LEU B 84 21.11 -12.31 -25.25
C LEU B 84 21.48 -13.67 -24.65
N MET B 85 21.06 -13.92 -23.43
CA MET B 85 21.14 -15.27 -22.82
C MET B 85 19.76 -15.60 -22.27
N TRP B 86 19.42 -16.86 -22.35
CA TRP B 86 18.22 -17.39 -21.68
C TRP B 86 18.47 -17.42 -20.17
N GLU B 87 17.52 -16.85 -19.46
CA GLU B 87 17.51 -16.74 -17.98
C GLU B 87 16.30 -17.51 -17.46
N ALA B 88 16.53 -18.57 -16.67
CA ALA B 88 15.44 -19.37 -16.11
C ALA B 88 14.82 -18.64 -14.91
N ILE B 89 13.56 -18.29 -15.01
CA ILE B 89 12.90 -17.43 -13.97
C ILE B 89 12.00 -18.26 -13.07
N SER B 90 11.48 -19.38 -13.58
CA SER B 90 10.55 -20.22 -12.80
C SER B 90 10.57 -21.64 -13.36
N CYS B 91 10.07 -22.58 -12.56
CA CYS B 91 9.94 -23.98 -12.98
C CYS B 91 8.74 -24.60 -12.30
N ARG B 92 8.23 -25.66 -12.90
CA ARG B 92 7.36 -26.65 -12.25
C ARG B 92 8.14 -27.95 -12.36
N THR B 93 8.08 -28.75 -11.33
CA THR B 93 8.71 -30.09 -11.40
C THR B 93 7.80 -31.02 -10.62
N GLU B 94 7.73 -32.22 -11.15
CA GLU B 94 6.87 -33.24 -10.52
C GLU B 94 7.54 -34.61 -10.60
N VAL B 95 7.41 -35.37 -9.53
CA VAL B 95 7.77 -36.81 -9.57
C VAL B 95 6.63 -37.48 -10.31
N MET B 96 6.94 -38.18 -11.39
CA MET B 96 5.92 -38.89 -12.18
C MET B 96 5.78 -40.34 -11.71
N GLY B 97 4.63 -40.99 -11.99
CA GLY B 97 4.49 -42.43 -11.71
C GLY B 97 4.19 -42.74 -10.27
N VAL B 98 3.89 -41.75 -9.43
CA VAL B 98 3.55 -42.03 -8.01
C VAL B 98 2.42 -43.06 -7.93
N ASN B 99 1.49 -43.02 -8.89
CA ASN B 99 0.37 -43.97 -9.03
C ASN B 99 0.85 -45.42 -8.89
N MET B 100 2.04 -45.76 -9.39
CA MET B 100 2.53 -47.16 -9.40
C MET B 100 2.71 -47.73 -7.99
N LEU B 101 2.89 -46.89 -6.96
CA LEU B 101 3.20 -47.34 -5.57
C LEU B 101 1.93 -47.86 -4.89
N THR B 102 0.79 -47.82 -5.58
CA THR B 102 -0.45 -48.46 -5.09
C THR B 102 -0.45 -49.96 -5.45
N ASN B 103 0.58 -50.44 -6.14
CA ASN B 103 0.81 -51.88 -6.45
C ASN B 103 1.34 -52.59 -5.20
N VAL B 104 0.51 -53.45 -4.59
CA VAL B 104 0.96 -54.33 -3.49
C VAL B 104 0.71 -55.81 -3.87
N HIS B 105 0.83 -56.16 -5.14
CA HIS B 105 0.58 -57.56 -5.61
C HIS B 105 1.81 -58.12 -6.34
N SER B 106 2.74 -57.28 -6.79
CA SER B 106 3.85 -57.71 -7.69
C SER B 106 5.06 -58.24 -6.91
N ALA B 107 5.00 -59.51 -6.53
CA ALA B 107 6.15 -60.31 -6.03
C ALA B 107 6.78 -59.71 -4.78
N GLN B 108 5.96 -59.21 -3.88
CA GLN B 108 6.45 -58.47 -2.68
C GLN B 108 6.31 -59.38 -1.48
N LYS B 109 7.31 -59.36 -0.59
CA LYS B 109 7.17 -59.90 0.78
C LYS B 109 5.81 -59.45 1.33
N ARG B 110 5.07 -60.38 1.91
CA ARG B 110 3.68 -60.13 2.38
C ARG B 110 3.71 -59.56 3.80
N VAL B 111 2.69 -58.79 4.13
CA VAL B 111 2.52 -58.25 5.49
C VAL B 111 2.58 -59.40 6.52
N TYR B 112 1.92 -60.53 6.27
CA TYR B 112 1.89 -61.69 7.21
C TYR B 112 2.60 -62.90 6.56
N GLU B 113 3.92 -62.79 6.34
CA GLU B 113 4.68 -63.79 5.52
C GLU B 113 4.56 -65.18 6.14
N ASN B 114 4.56 -65.29 7.47
CA ASN B 114 4.49 -66.57 8.24
C ASN B 114 3.15 -67.26 7.99
N ASP B 115 2.13 -66.49 7.61
CA ASP B 115 0.75 -66.97 7.30
C ASP B 115 0.54 -67.00 5.79
N ARG B 116 1.56 -66.66 4.99
CA ARG B 116 1.45 -66.42 3.54
C ARG B 116 0.17 -65.61 3.26
N GLU B 117 -0.06 -64.54 4.02
CA GLU B 117 -1.30 -63.74 3.92
C GLU B 117 -0.99 -62.23 3.91
N GLY B 118 -1.97 -61.45 3.48
CA GLY B 118 -1.85 -59.99 3.44
C GLY B 118 -1.47 -59.49 2.07
N THR B 119 -1.52 -58.17 1.91
CA THR B 119 -0.92 -57.51 0.74
C THR B 119 0.59 -57.68 0.78
N GLY B 120 1.24 -57.37 -0.33
CA GLY B 120 2.65 -57.03 -0.29
C GLY B 120 2.89 -55.82 0.59
N ILE B 121 4.11 -55.67 1.09
CA ILE B 121 4.47 -54.52 1.96
C ILE B 121 4.68 -53.28 1.08
N GLY B 122 4.74 -53.46 -0.24
CA GLY B 122 4.97 -52.38 -1.20
C GLY B 122 6.38 -51.82 -1.07
N VAL B 123 6.60 -50.61 -1.58
CA VAL B 123 7.87 -49.85 -1.48
C VAL B 123 7.91 -49.10 -0.14
N GLU B 124 8.93 -49.38 0.64
CA GLU B 124 9.18 -48.72 1.94
C GLU B 124 10.66 -48.45 2.09
N GLY B 125 10.96 -47.46 2.92
CA GLY B 125 12.33 -47.16 3.36
C GLY B 125 12.72 -45.77 2.92
N MET B 126 14.00 -45.60 2.64
CA MET B 126 14.58 -44.23 2.50
C MET B 126 14.00 -43.57 1.26
N GLY B 127 13.73 -42.28 1.37
CA GLY B 127 13.40 -41.42 0.23
C GLY B 127 14.50 -40.39 0.10
N TYR B 128 15.04 -40.21 -1.10
CA TYR B 128 16.02 -39.15 -1.40
C TYR B 128 15.53 -38.51 -2.68
N HIS B 129 15.10 -37.28 -2.55
CA HIS B 129 14.50 -36.51 -3.66
C HIS B 129 15.23 -35.19 -3.79
N MET B 130 15.85 -34.99 -4.92
CA MET B 130 16.54 -33.69 -5.14
C MET B 130 16.46 -33.33 -6.62
N PHE B 131 16.47 -32.05 -6.90
CA PHE B 131 16.57 -31.58 -8.30
C PHE B 131 17.38 -30.30 -8.31
N ALA B 132 17.96 -30.02 -9.47
CA ALA B 132 18.72 -28.79 -9.67
C ALA B 132 18.44 -28.27 -11.06
N ILE B 133 18.42 -26.96 -11.17
CA ILE B 133 18.20 -26.26 -12.46
C ILE B 133 19.28 -25.20 -12.54
N GLY B 134 20.06 -25.22 -13.62
CA GLY B 134 21.23 -24.34 -13.74
C GLY B 134 21.60 -24.00 -15.17
N GLY B 135 22.44 -22.99 -15.29
CA GLY B 135 23.02 -22.51 -16.57
C GLY B 135 24.32 -23.18 -16.87
N GLU B 136 24.71 -24.17 -16.06
CA GLU B 136 25.98 -24.92 -16.19
C GLU B 136 25.80 -26.17 -15.35
N PRO B 137 26.68 -27.16 -15.47
CA PRO B 137 26.58 -28.36 -14.66
C PRO B 137 26.44 -28.08 -13.17
N LEU B 138 25.68 -28.91 -12.48
CA LEU B 138 25.65 -28.90 -11.00
C LEU B 138 27.07 -29.13 -10.42
N GLU B 139 27.48 -28.25 -9.52
CA GLU B 139 28.80 -28.34 -8.85
C GLU B 139 28.62 -29.24 -7.63
N LEU B 140 29.53 -30.20 -7.49
CA LEU B 140 29.41 -31.28 -6.50
C LEU B 140 30.55 -31.23 -5.48
N GLN B 141 30.23 -31.76 -4.31
CA GLN B 141 31.20 -32.05 -3.24
C GLN B 141 31.21 -33.57 -3.12
N PHE B 142 32.37 -34.21 -3.26
CA PHE B 142 32.55 -35.65 -3.03
C PHE B 142 32.48 -35.89 -1.53
N MET B 143 31.61 -36.82 -1.09
CA MET B 143 31.53 -37.18 0.33
C MET B 143 30.90 -38.55 0.45
N VAL B 144 31.57 -39.43 1.19
CA VAL B 144 31.20 -40.86 1.31
C VAL B 144 31.04 -41.26 2.77
N PHE B 145 30.17 -42.24 2.99
CA PHE B 145 29.96 -42.87 4.30
C PHE B 145 31.23 -43.57 4.76
N ASN B 146 31.87 -44.30 3.83
CA ASN B 146 33.07 -45.14 4.13
C ASN B 146 34.08 -44.86 3.01
N HIS B 147 35.18 -44.20 3.32
CA HIS B 147 36.21 -43.81 2.30
C HIS B 147 36.88 -45.05 1.69
N ARG B 148 36.91 -46.19 2.39
CA ARG B 148 37.59 -47.41 1.90
C ARG B 148 36.73 -48.17 0.89
N ALA B 149 35.50 -47.75 0.64
CA ALA B 149 34.64 -48.38 -0.37
C ALA B 149 35.37 -48.35 -1.73
N THR B 150 35.42 -49.48 -2.42
CA THR B 150 35.95 -49.55 -3.81
C THR B 150 34.76 -49.48 -4.75
N TYR B 151 34.57 -48.35 -5.44
CA TYR B 151 33.48 -48.21 -6.44
C TYR B 151 33.87 -48.93 -7.73
N PRO B 152 32.88 -49.47 -8.47
CA PRO B 152 33.15 -50.16 -9.74
C PRO B 152 33.59 -49.20 -10.84
N ALA B 153 34.20 -49.72 -11.89
CA ALA B 153 34.82 -48.95 -12.97
C ALA B 153 33.77 -48.07 -13.68
N GLU B 154 32.54 -48.58 -13.80
CA GLU B 154 31.38 -47.91 -14.46
C GLU B 154 31.06 -46.56 -13.80
N ALA B 155 31.36 -46.41 -12.51
CA ALA B 155 31.00 -45.23 -11.69
C ALA B 155 32.09 -44.18 -11.81
N THR B 156 31.70 -42.91 -11.78
CA THR B 156 32.59 -41.76 -11.69
C THR B 156 32.74 -41.38 -10.22
N VAL B 157 33.92 -41.59 -9.65
CA VAL B 157 34.21 -41.25 -8.25
C VAL B 157 35.66 -40.75 -8.17
N ILE B 158 35.98 -40.10 -7.08
CA ILE B 158 37.40 -39.81 -6.71
C ILE B 158 37.99 -41.08 -6.12
N LYS B 159 38.95 -41.68 -6.81
CA LYS B 159 39.53 -42.96 -6.34
C LYS B 159 40.42 -42.71 -5.11
N ASN B 160 40.52 -43.69 -4.22
CA ASN B 160 41.42 -43.59 -3.02
C ASN B 160 41.28 -42.21 -2.36
N PRO B 161 40.04 -41.80 -2.04
CA PRO B 161 39.79 -40.42 -1.60
C PRO B 161 40.34 -40.07 -0.22
N GLY B 162 40.64 -41.07 0.61
CA GLY B 162 41.23 -40.86 1.94
C GLY B 162 40.19 -40.56 3.00
N ALA B 163 40.58 -40.63 4.28
CA ALA B 163 39.65 -40.49 5.43
C ALA B 163 38.90 -39.14 5.43
N SER B 164 39.51 -38.06 4.94
CA SER B 164 38.92 -36.70 4.96
C SER B 164 37.62 -36.68 4.14
N SER B 165 37.44 -37.63 3.21
CA SER B 165 36.27 -37.69 2.31
C SER B 165 35.03 -38.18 3.05
N GLN B 166 35.16 -38.69 4.29
CA GLN B 166 33.99 -39.06 5.12
C GLN B 166 33.33 -37.80 5.71
N VAL B 167 34.01 -36.65 5.64
CA VAL B 167 33.47 -35.32 6.05
C VAL B 167 33.83 -34.34 4.93
N PHE B 168 33.99 -33.05 5.21
CA PHE B 168 34.30 -32.05 4.16
C PHE B 168 35.80 -31.98 3.93
N ASP B 169 36.21 -32.13 2.68
CA ASP B 169 37.61 -31.89 2.20
C ASP B 169 37.56 -30.94 1.02
N PRO B 170 38.10 -29.71 1.15
CA PRO B 170 37.91 -28.70 0.11
C PRO B 170 38.54 -29.11 -1.24
N ASN B 171 39.42 -30.10 -1.23
CA ASN B 171 40.05 -30.63 -2.47
C ASN B 171 39.06 -31.47 -3.30
N LEU B 172 37.97 -32.00 -2.72
CA LEU B 172 37.26 -33.15 -3.34
C LEU B 172 36.00 -32.61 -4.03
N LYS B 173 36.24 -31.93 -5.16
CA LYS B 173 35.22 -31.21 -5.95
C LYS B 173 34.98 -31.99 -7.24
N GLY B 174 33.78 -31.86 -7.78
CA GLY B 174 33.47 -32.35 -9.13
C GLY B 174 32.31 -31.57 -9.71
N THR B 175 31.91 -31.95 -10.93
CA THR B 175 30.67 -31.45 -11.58
C THR B 175 29.90 -32.59 -12.22
N LEU B 176 28.57 -32.49 -12.20
CA LEU B 176 27.68 -33.55 -12.70
C LEU B 176 27.59 -33.41 -14.21
N THR B 177 28.57 -34.03 -14.86
CA THR B 177 28.83 -33.91 -16.32
C THR B 177 28.17 -35.03 -17.11
N ALA B 178 27.72 -36.12 -16.47
CA ALA B 178 27.20 -37.30 -17.18
C ALA B 178 26.07 -37.95 -16.38
N ASP B 179 25.18 -38.56 -17.13
CA ASP B 179 23.97 -39.24 -16.63
C ASP B 179 24.32 -40.67 -16.14
N GLY B 180 23.73 -41.07 -15.01
CA GLY B 180 23.68 -42.47 -14.58
C GLY B 180 25.02 -43.06 -14.20
N VAL B 181 26.02 -42.25 -13.79
CA VAL B 181 27.37 -42.75 -13.42
C VAL B 181 27.93 -42.16 -12.11
N PHE B 182 27.43 -41.00 -11.67
CA PHE B 182 27.85 -40.32 -10.40
C PHE B 182 27.02 -40.92 -9.27
N PRO B 183 27.58 -41.79 -8.41
CA PRO B 183 26.77 -42.39 -7.34
C PRO B 183 26.17 -41.32 -6.42
N VAL B 184 24.88 -41.46 -6.10
CA VAL B 184 24.21 -40.59 -5.11
C VAL B 184 25.01 -40.64 -3.83
N GLU B 185 25.42 -41.83 -3.38
CA GLU B 185 26.04 -41.97 -2.05
C GLU B 185 27.45 -41.36 -1.99
N ALA B 186 28.03 -40.91 -3.11
CA ALA B 186 29.41 -40.37 -3.17
C ALA B 186 29.47 -38.88 -3.52
N TRP B 187 28.39 -38.29 -4.01
CA TRP B 187 28.41 -36.87 -4.43
C TRP B 187 27.14 -36.15 -3.98
N GLY B 188 27.29 -34.89 -3.62
CA GLY B 188 26.18 -34.03 -3.20
C GLY B 188 26.43 -32.62 -3.71
N PRO B 189 25.41 -31.75 -3.73
CA PRO B 189 25.62 -30.36 -4.16
C PRO B 189 26.61 -29.64 -3.24
N ASP B 190 27.46 -28.82 -3.87
CA ASP B 190 28.51 -28.00 -3.22
C ASP B 190 27.97 -26.60 -2.93
N PRO B 191 27.63 -26.25 -1.66
CA PRO B 191 27.08 -24.93 -1.35
C PRO B 191 28.14 -23.83 -1.50
N PHE B 192 29.42 -24.19 -1.63
CA PHE B 192 30.51 -23.19 -1.88
C PHE B 192 30.46 -22.66 -3.31
N LYS B 193 29.77 -23.33 -4.21
CA LYS B 193 29.70 -22.94 -5.63
C LYS B 193 28.22 -22.85 -6.00
N ASN B 194 27.86 -23.28 -7.21
CA ASN B 194 26.45 -23.24 -7.69
C ASN B 194 25.83 -21.85 -7.58
N GLU B 195 26.59 -20.82 -7.95
CA GLU B 195 26.07 -19.44 -8.03
C GLU B 195 25.04 -19.32 -9.16
N ASN B 196 25.12 -20.18 -10.17
CA ASN B 196 24.30 -20.11 -11.40
C ASN B 196 23.36 -21.32 -11.50
N THR B 197 23.09 -21.97 -10.36
CA THR B 197 22.23 -23.18 -10.27
C THR B 197 21.40 -23.03 -9.00
N ARG B 198 20.14 -23.42 -9.05
CA ARG B 198 19.30 -23.60 -7.84
C ARG B 198 19.07 -25.09 -7.60
N TYR B 199 19.32 -25.54 -6.38
CA TYR B 199 19.14 -26.97 -6.04
C TYR B 199 18.32 -27.05 -4.76
N PHE B 200 17.63 -28.18 -4.66
CA PHE B 200 16.68 -28.48 -3.56
C PHE B 200 16.71 -29.97 -3.30
N GLY B 201 16.73 -30.37 -2.04
CA GLY B 201 16.85 -31.80 -1.73
C GLY B 201 16.16 -32.14 -0.43
N GLN B 202 15.65 -33.37 -0.33
CA GLN B 202 15.25 -33.89 0.99
C GLN B 202 15.60 -35.37 1.07
N TYR B 203 16.05 -35.77 2.26
CA TYR B 203 16.34 -37.17 2.64
C TYR B 203 15.43 -37.51 3.80
N THR B 204 14.75 -38.64 3.71
CA THR B 204 14.04 -39.28 4.84
C THR B 204 14.52 -40.73 4.90
N GLY B 205 15.25 -41.06 5.96
CA GLY B 205 15.91 -42.37 6.13
C GLY B 205 14.95 -43.44 6.61
N GLY B 206 15.53 -44.55 7.07
CA GLY B 206 14.79 -45.78 7.44
C GLY B 206 14.73 -46.78 6.29
N THR B 207 14.40 -48.03 6.63
CA THR B 207 14.11 -49.09 5.64
C THR B 207 12.63 -49.52 5.73
N GLN B 208 11.92 -49.19 6.80
CA GLN B 208 10.44 -49.39 6.97
C GLN B 208 9.65 -48.07 6.87
N THR B 209 10.27 -46.95 6.53
CA THR B 209 9.60 -45.62 6.45
C THR B 209 8.62 -45.60 5.29
N PRO B 210 7.36 -45.14 5.47
CA PRO B 210 6.45 -44.97 4.35
C PRO B 210 6.90 -43.86 3.43
N PRO B 211 6.94 -44.07 2.11
CA PRO B 211 7.16 -42.97 1.17
C PRO B 211 6.05 -41.93 1.24
N VAL B 212 6.42 -40.67 1.09
CA VAL B 212 5.44 -39.55 1.09
C VAL B 212 5.75 -38.70 -0.14
N LEU B 213 4.85 -38.71 -1.11
CA LEU B 213 5.04 -37.98 -2.38
C LEU B 213 3.78 -37.19 -2.71
N THR B 214 3.95 -35.99 -3.25
CA THR B 214 2.84 -35.17 -3.75
C THR B 214 3.09 -34.87 -5.22
N PHE B 215 2.05 -34.58 -5.97
CA PHE B 215 2.17 -34.23 -7.41
C PHE B 215 1.01 -33.30 -7.75
N THR B 216 1.30 -32.23 -8.48
CA THR B 216 0.29 -31.29 -8.99
C THR B 216 0.91 -30.55 -10.17
N ASN B 217 0.07 -30.01 -11.04
CA ASN B 217 0.49 -29.18 -12.18
C ASN B 217 0.26 -27.71 -11.86
N THR B 218 0.04 -27.37 -10.58
CA THR B 218 -0.34 -25.99 -10.17
C THR B 218 0.75 -25.26 -9.36
N GLN B 219 1.92 -25.86 -9.13
CA GLN B 219 2.94 -25.34 -8.19
C GLN B 219 4.12 -24.83 -9.01
N THR B 220 4.45 -23.55 -8.86
CA THR B 220 5.57 -22.89 -9.57
C THR B 220 6.63 -22.47 -8.55
N THR B 221 7.90 -22.80 -8.80
CA THR B 221 9.05 -22.37 -7.96
C THR B 221 9.78 -21.25 -8.69
N ILE B 222 9.89 -20.08 -8.06
CA ILE B 222 10.63 -18.93 -8.63
C ILE B 222 12.12 -19.24 -8.51
N LEU B 223 12.90 -18.96 -9.56
CA LEU B 223 14.37 -19.28 -9.59
C LEU B 223 15.22 -18.01 -9.56
N LEU B 224 14.63 -16.83 -9.49
CA LEU B 224 15.41 -15.58 -9.31
C LEU B 224 16.12 -15.58 -7.95
N ASP B 225 17.37 -15.11 -7.95
CA ASP B 225 18.20 -14.94 -6.74
C ASP B 225 17.82 -13.62 -6.05
N GLU B 226 18.56 -13.27 -4.99
CA GLU B 226 18.40 -12.06 -4.15
C GLU B 226 18.60 -10.79 -5.00
N ASN B 227 19.21 -10.89 -6.17
CA ASN B 227 19.43 -9.74 -7.10
C ASN B 227 18.40 -9.73 -8.22
N GLY B 228 17.46 -10.69 -8.24
CA GLY B 228 16.40 -10.79 -9.25
C GLY B 228 16.90 -11.45 -10.53
N VAL B 229 17.98 -12.22 -10.45
CA VAL B 229 18.64 -12.88 -11.63
C VAL B 229 18.41 -14.38 -11.50
N GLY B 230 17.83 -15.00 -12.53
CA GLY B 230 17.72 -16.46 -12.61
C GLY B 230 19.00 -17.05 -13.20
N PRO B 231 19.16 -18.38 -13.13
CA PRO B 231 20.26 -19.07 -13.81
C PRO B 231 20.37 -18.63 -15.28
N LEU B 232 21.58 -18.26 -15.69
CA LEU B 232 21.88 -17.80 -17.06
C LEU B 232 22.53 -18.96 -17.82
N CYS B 233 21.91 -19.32 -18.95
CA CYS B 233 22.27 -20.53 -19.76
C CYS B 233 23.47 -20.24 -20.68
N LYS B 234 24.67 -20.44 -20.15
CA LYS B 234 25.95 -20.32 -20.91
C LYS B 234 25.90 -21.23 -22.13
N GLY B 235 26.22 -20.69 -23.30
CA GLY B 235 26.23 -21.49 -24.52
C GLY B 235 24.87 -22.08 -24.81
N ASP B 236 23.79 -21.44 -24.35
CA ASP B 236 22.41 -21.84 -24.72
C ASP B 236 22.12 -23.27 -24.25
N GLY B 237 22.66 -23.62 -23.08
CA GLY B 237 22.49 -24.92 -22.41
C GLY B 237 21.81 -24.77 -21.07
N LEU B 238 20.70 -25.48 -20.88
CA LEU B 238 19.93 -25.56 -19.60
C LEU B 238 20.23 -26.92 -18.96
N PHE B 239 20.79 -26.92 -17.73
CA PHE B 239 21.24 -28.15 -17.05
C PHE B 239 20.16 -28.56 -16.04
N LEU B 240 19.61 -29.76 -16.19
CA LEU B 240 18.61 -30.36 -15.28
C LEU B 240 19.23 -31.58 -14.60
N SER B 241 19.11 -31.68 -13.27
CA SER B 241 19.70 -32.81 -12.54
C SER B 241 18.69 -33.24 -11.48
N CYS B 242 18.75 -34.50 -11.09
CA CYS B 242 17.85 -35.03 -10.05
C CYS B 242 18.26 -36.43 -9.60
N ALA B 243 17.71 -36.80 -8.46
CA ALA B 243 17.70 -38.19 -7.93
C ALA B 243 16.36 -38.35 -7.21
N ASP B 244 15.65 -39.42 -7.49
CA ASP B 244 14.32 -39.69 -6.88
C ASP B 244 14.26 -41.15 -6.42
N ILE B 245 15.00 -41.46 -5.36
CA ILE B 245 14.95 -42.79 -4.70
C ILE B 245 13.66 -42.80 -3.90
N VAL B 246 12.74 -43.69 -4.24
CA VAL B 246 11.41 -43.74 -3.55
C VAL B 246 11.55 -44.59 -2.28
N GLY B 247 12.33 -45.65 -2.33
CA GLY B 247 12.45 -46.64 -1.24
C GLY B 247 12.93 -47.94 -1.78
N PHE B 248 12.63 -49.02 -1.09
CA PHE B 248 13.09 -50.37 -1.50
C PHE B 248 11.90 -51.24 -1.84
N PHE B 249 12.16 -52.13 -2.81
CA PHE B 249 11.30 -53.27 -3.19
C PHE B 249 11.87 -54.48 -2.46
N THR B 250 11.05 -55.16 -1.68
CA THR B 250 11.44 -56.38 -0.92
C THR B 250 10.73 -57.59 -1.52
N GLN B 251 11.52 -58.53 -2.05
CA GLN B 251 11.05 -59.81 -2.59
C GLN B 251 10.66 -60.77 -1.48
N HIS B 252 9.91 -61.80 -1.83
CA HIS B 252 9.54 -62.88 -0.91
C HIS B 252 10.77 -63.49 -0.18
N ASN B 253 11.91 -63.57 -0.84
CA ASN B 253 13.15 -64.13 -0.24
C ASN B 253 13.97 -63.09 0.53
N LYS B 254 13.40 -61.89 0.72
CA LYS B 254 13.93 -60.76 1.54
C LYS B 254 15.01 -59.98 0.81
N LYS B 255 15.30 -60.29 -0.47
CA LYS B 255 16.23 -59.50 -1.29
C LYS B 255 15.58 -58.13 -1.48
N MET B 256 16.41 -57.08 -1.42
CA MET B 256 15.93 -55.69 -1.49
C MET B 256 16.67 -54.92 -2.57
N SER B 257 15.95 -54.03 -3.25
CA SER B 257 16.43 -53.26 -4.39
C SER B 257 15.85 -51.86 -4.29
N PHE B 258 16.64 -50.88 -4.68
CA PHE B 258 16.18 -49.49 -4.81
C PHE B 258 15.10 -49.40 -5.87
N ARG B 259 14.10 -48.55 -5.62
CA ARG B 259 13.10 -48.24 -6.66
C ARG B 259 13.12 -46.71 -6.84
N GLY B 260 13.23 -46.24 -8.08
CA GLY B 260 13.26 -44.82 -8.44
C GLY B 260 12.05 -44.44 -9.27
N LEU B 261 11.82 -43.14 -9.44
CA LEU B 261 10.76 -42.63 -10.35
C LEU B 261 11.34 -41.51 -11.20
N PRO B 262 10.77 -41.33 -12.42
CA PRO B 262 11.20 -40.24 -13.30
C PRO B 262 10.69 -38.90 -12.79
N ARG B 263 11.33 -37.81 -13.21
CA ARG B 263 10.92 -36.44 -12.86
C ARG B 263 10.64 -35.62 -14.11
N TYR B 264 9.58 -34.86 -14.02
CA TYR B 264 9.18 -33.87 -15.03
C TYR B 264 9.71 -32.50 -14.65
N PHE B 265 10.21 -31.77 -15.64
CA PHE B 265 10.61 -30.33 -15.52
C PHE B 265 9.87 -29.51 -16.56
N ARG B 266 9.29 -28.41 -16.12
CA ARG B 266 8.86 -27.28 -16.99
C ARG B 266 9.68 -26.08 -16.55
N VAL B 267 10.45 -25.47 -17.44
CA VAL B 267 11.27 -24.30 -17.06
C VAL B 267 10.86 -23.14 -17.97
N THR B 268 10.56 -22.00 -17.34
CA THR B 268 10.19 -20.75 -18.04
C THR B 268 11.46 -19.90 -18.11
N LEU B 269 11.86 -19.49 -19.34
CA LEU B 269 13.08 -18.69 -19.59
C LEU B 269 12.72 -17.40 -20.32
N ARG B 270 13.48 -16.36 -20.03
CA ARG B 270 13.31 -15.03 -20.64
C ARG B 270 14.66 -14.61 -21.21
N LYS B 271 14.63 -13.71 -22.19
CA LYS B 271 15.88 -13.18 -22.77
C LYS B 271 16.42 -12.07 -21.88
N ARG B 272 17.68 -12.20 -21.52
CA ARG B 272 18.43 -11.22 -20.70
C ARG B 272 19.59 -10.71 -21.52
N VAL B 273 19.77 -9.38 -21.62
CA VAL B 273 21.00 -8.83 -22.24
C VAL B 273 22.14 -9.00 -21.23
N VAL B 274 23.30 -9.40 -21.70
CA VAL B 274 24.55 -9.47 -20.90
C VAL B 274 25.67 -8.87 -21.72
N LYS B 275 26.72 -8.43 -21.02
CA LYS B 275 27.95 -7.90 -21.64
C LYS B 275 28.74 -9.05 -22.27
N ASN B 276 29.37 -8.76 -23.42
CA ASN B 276 30.08 -9.75 -24.26
C ASN B 276 31.38 -9.13 -24.77
N ILE C 7 -7.19 -22.27 -28.21
CA ILE C 7 -8.39 -21.38 -28.01
C ILE C 7 -7.89 -19.95 -27.76
N GLU C 8 -8.41 -18.98 -28.52
CA GLU C 8 -8.16 -17.52 -28.30
C GLU C 8 -9.14 -17.03 -27.23
N VAL C 9 -8.64 -16.70 -26.04
CA VAL C 9 -9.49 -16.34 -24.86
C VAL C 9 -9.63 -14.83 -24.79
N LEU C 10 -10.86 -14.31 -24.83
CA LEU C 10 -11.15 -12.86 -24.72
C LEU C 10 -11.71 -12.55 -23.32
N ALA C 11 -12.74 -11.73 -23.19
CA ALA C 11 -13.13 -11.10 -21.91
C ALA C 11 -14.01 -12.04 -21.09
N VAL C 12 -13.88 -11.92 -19.77
CA VAL C 12 -14.83 -12.49 -18.77
C VAL C 12 -16.16 -11.74 -18.93
N ARG C 13 -17.26 -12.48 -19.07
CA ARG C 13 -18.62 -11.93 -19.24
C ARG C 13 -19.25 -11.76 -17.85
N THR C 14 -20.15 -10.77 -17.71
CA THR C 14 -21.07 -10.62 -16.53
C THR C 14 -22.41 -10.03 -16.98
N ASP C 17 -26.51 -14.18 -13.84
CA ASP C 17 -26.63 -14.74 -15.22
C ASP C 17 -25.32 -15.46 -15.62
N SER C 18 -24.16 -14.87 -15.31
CA SER C 18 -22.83 -15.22 -15.89
C SER C 18 -22.07 -16.26 -15.05
N ILE C 19 -22.53 -16.53 -13.83
CA ILE C 19 -21.86 -17.45 -12.86
C ILE C 19 -22.78 -18.64 -12.62
N THR C 20 -22.24 -19.85 -12.58
CA THR C 20 -23.01 -21.05 -12.18
C THR C 20 -22.13 -21.87 -11.24
N GLU C 21 -22.76 -22.61 -10.35
CA GLU C 21 -22.07 -23.51 -9.40
C GLU C 21 -22.63 -24.91 -9.63
N ILE C 22 -21.75 -25.91 -9.65
CA ILE C 22 -22.21 -27.32 -9.74
C ILE C 22 -21.64 -28.06 -8.54
N GLU C 23 -22.38 -29.05 -8.05
CA GLU C 23 -21.91 -29.99 -7.03
C GLU C 23 -22.05 -31.43 -7.56
N ALA C 24 -21.09 -32.27 -7.21
CA ALA C 24 -21.07 -33.67 -7.66
C ALA C 24 -20.31 -34.53 -6.66
N TYR C 25 -20.58 -35.82 -6.72
CA TYR C 25 -19.82 -36.83 -5.97
C TYR C 25 -19.31 -37.85 -6.95
N LEU C 26 -18.14 -38.39 -6.65
CA LEU C 26 -17.62 -39.62 -7.31
C LEU C 26 -17.44 -40.69 -6.25
N ASN C 27 -18.18 -41.80 -6.39
CA ASN C 27 -17.96 -42.96 -5.53
C ASN C 27 -16.64 -43.61 -5.93
N PRO C 28 -15.96 -44.24 -4.93
CA PRO C 28 -14.71 -44.94 -5.19
C PRO C 28 -14.96 -46.23 -5.98
N ARG C 29 -13.92 -46.64 -6.69
CA ARG C 29 -13.96 -47.90 -7.50
C ARG C 29 -12.81 -48.79 -7.05
N MET C 30 -12.94 -49.34 -5.83
CA MET C 30 -11.86 -50.10 -5.17
C MET C 30 -11.80 -51.54 -5.74
N GLY C 31 -12.88 -52.04 -6.35
CA GLY C 31 -12.85 -53.33 -7.08
C GLY C 31 -14.12 -54.13 -6.90
N GLN C 32 -14.70 -54.13 -5.70
CA GLN C 32 -15.95 -54.89 -5.45
C GLN C 32 -17.13 -54.16 -6.10
N PRO C 33 -18.11 -54.91 -6.67
CA PRO C 33 -19.21 -54.28 -7.39
C PRO C 33 -20.17 -53.48 -6.50
N GLN C 34 -20.79 -52.48 -7.10
CA GLN C 34 -21.85 -51.64 -6.49
C GLN C 34 -23.05 -52.50 -6.09
N ASN C 35 -23.78 -52.06 -5.07
CA ASN C 35 -25.10 -52.64 -4.69
C ASN C 35 -24.88 -54.08 -4.18
N GLU C 36 -23.66 -54.38 -3.74
CA GLU C 36 -23.31 -55.68 -3.12
C GLU C 36 -22.51 -55.38 -1.86
N ASP C 37 -22.37 -56.39 -1.02
CA ASP C 37 -22.08 -56.23 0.43
C ASP C 37 -20.70 -55.61 0.63
N PHE C 38 -19.80 -55.68 -0.37
CA PHE C 38 -18.39 -55.20 -0.16
C PHE C 38 -18.14 -53.91 -0.95
N TYR C 39 -19.20 -53.19 -1.30
CA TYR C 39 -19.07 -51.91 -2.05
C TYR C 39 -18.24 -50.93 -1.23
N GLY C 40 -17.20 -50.33 -1.82
CA GLY C 40 -16.22 -49.46 -1.15
C GLY C 40 -14.88 -50.17 -0.94
N PHE C 41 -14.87 -51.50 -1.09
CA PHE C 41 -13.69 -52.35 -0.82
C PHE C 41 -13.21 -52.98 -2.12
N SER C 42 -11.93 -53.34 -2.14
CA SER C 42 -11.43 -54.36 -3.09
C SER C 42 -11.79 -55.75 -2.54
N ASP C 43 -11.60 -56.75 -3.38
CA ASP C 43 -11.60 -58.17 -2.99
C ASP C 43 -10.25 -58.34 -2.30
N ASN C 44 -10.10 -59.38 -1.50
CA ASN C 44 -8.85 -59.68 -0.76
C ASN C 44 -7.68 -59.80 -1.74
N VAL C 45 -6.59 -59.12 -1.42
CA VAL C 45 -5.40 -58.99 -2.29
C VAL C 45 -4.59 -60.30 -2.25
N THR C 46 -4.31 -60.83 -3.42
CA THR C 46 -3.35 -61.95 -3.61
C THR C 46 -2.04 -61.38 -4.15
N VAL C 47 -0.95 -62.06 -3.85
CA VAL C 47 0.40 -61.58 -4.25
C VAL C 47 1.07 -62.64 -5.12
N SER C 48 1.69 -62.20 -6.20
CA SER C 48 2.35 -63.10 -7.17
C SER C 48 3.71 -63.51 -6.58
N ASP C 49 4.26 -64.61 -7.09
CA ASP C 49 5.58 -65.11 -6.64
C ASP C 49 6.70 -64.33 -7.32
N ASP C 50 6.50 -63.89 -8.56
CA ASP C 50 7.54 -63.20 -9.34
C ASP C 50 6.92 -62.32 -10.41
N PHE C 51 7.70 -61.41 -10.99
CA PHE C 51 7.22 -60.41 -11.98
C PHE C 51 6.74 -61.14 -13.25
N GLY C 52 7.34 -62.29 -13.57
CA GLY C 52 7.06 -63.00 -14.85
C GLY C 52 5.73 -63.76 -14.84
N SER C 53 5.14 -63.97 -13.68
CA SER C 53 3.85 -64.65 -13.48
C SER C 53 3.03 -63.83 -12.49
N ASP C 54 2.67 -62.64 -12.96
CA ASP C 54 2.05 -61.54 -12.16
C ASP C 54 0.75 -61.11 -12.84
N ALA C 55 -0.38 -61.63 -12.38
CA ALA C 55 -1.70 -61.40 -12.96
C ALA C 55 -2.65 -61.01 -11.85
N PRO C 56 -2.74 -59.71 -11.51
CA PRO C 56 -3.62 -59.31 -10.40
C PRO C 56 -5.09 -59.54 -10.79
N PRO C 57 -5.84 -60.40 -10.07
CA PRO C 57 -7.22 -60.69 -10.49
C PRO C 57 -8.13 -59.47 -10.44
N TRP C 58 -9.10 -59.42 -11.35
CA TRP C 58 -10.11 -58.34 -11.36
C TRP C 58 -10.79 -58.28 -10.00
N LYS C 59 -11.03 -57.06 -9.52
CA LYS C 59 -11.67 -56.66 -8.23
C LYS C 59 -10.62 -56.58 -7.10
N GLN C 60 -9.37 -56.95 -7.31
CA GLN C 60 -8.34 -56.91 -6.21
C GLN C 60 -7.53 -55.61 -6.26
N PHE C 61 -7.84 -54.68 -7.17
CA PHE C 61 -7.06 -53.42 -7.26
C PHE C 61 -7.98 -52.27 -7.61
N PRO C 62 -7.68 -51.05 -7.11
CA PRO C 62 -8.52 -49.87 -7.37
C PRO C 62 -8.30 -49.31 -8.76
N CYS C 63 -9.34 -48.66 -9.29
CA CYS C 63 -9.35 -47.94 -10.56
C CYS C 63 -9.78 -46.50 -10.32
N TYR C 64 -9.48 -45.62 -11.24
CA TYR C 64 -9.89 -44.21 -11.15
C TYR C 64 -11.39 -44.10 -11.29
N SER C 65 -11.93 -43.11 -10.57
CA SER C 65 -13.31 -42.58 -10.75
C SER C 65 -13.30 -41.39 -11.69
N THR C 66 -14.32 -41.28 -12.57
CA THR C 66 -14.45 -40.10 -13.45
C THR C 66 -15.92 -39.86 -13.78
N ALA C 67 -16.24 -38.62 -14.09
CA ALA C 67 -17.56 -38.28 -14.67
C ALA C 67 -17.44 -36.99 -15.47
N ARG C 68 -18.32 -36.88 -16.46
CA ARG C 68 -18.51 -35.61 -17.18
C ARG C 68 -19.82 -34.99 -16.70
N ILE C 69 -19.76 -33.75 -16.22
CA ILE C 69 -20.97 -33.02 -15.77
C ILE C 69 -21.45 -32.16 -16.96
N SER C 70 -22.71 -32.33 -17.37
CA SER C 70 -23.37 -31.42 -18.35
C SER C 70 -23.64 -30.08 -17.66
N LEU C 71 -23.11 -29.01 -18.23
CA LEU C 71 -23.29 -27.61 -17.74
C LEU C 71 -24.45 -26.96 -18.50
N PRO C 72 -25.05 -25.87 -17.98
CA PRO C 72 -26.15 -25.18 -18.67
C PRO C 72 -25.81 -24.80 -20.12
N MET C 73 -26.80 -24.86 -21.03
CA MET C 73 -26.63 -24.72 -22.50
C MET C 73 -26.14 -23.30 -22.84
N LEU C 74 -25.28 -23.18 -23.85
CA LEU C 74 -24.78 -21.88 -24.41
C LEU C 74 -24.90 -21.93 -25.94
N THR C 82 -16.96 -15.42 -32.41
CA THR C 82 -16.99 -15.40 -30.92
C THR C 82 -17.98 -16.46 -30.40
N ILE C 83 -17.56 -17.22 -29.39
CA ILE C 83 -18.41 -18.20 -28.65
C ILE C 83 -18.27 -17.90 -27.15
N LEU C 84 -19.26 -18.27 -26.34
CA LEU C 84 -19.12 -18.30 -24.86
C LEU C 84 -18.67 -19.71 -24.45
N MET C 85 -17.84 -19.79 -23.42
CA MET C 85 -17.46 -21.07 -22.77
C MET C 85 -17.56 -20.88 -21.27
N TRP C 86 -18.00 -21.91 -20.55
CA TRP C 86 -17.90 -21.97 -19.08
C TRP C 86 -16.43 -22.16 -18.72
N GLU C 87 -15.93 -21.28 -17.85
CA GLU C 87 -14.54 -21.27 -17.32
C GLU C 87 -14.65 -21.63 -15.84
N ALA C 88 -13.98 -22.69 -15.40
CA ALA C 88 -13.99 -23.12 -13.98
C ALA C 88 -13.00 -22.23 -13.25
N ILE C 89 -13.43 -21.47 -12.21
CA ILE C 89 -12.57 -20.44 -11.56
C ILE C 89 -12.16 -20.90 -10.16
N SER C 90 -12.94 -21.77 -9.52
CA SER C 90 -12.65 -22.21 -8.14
C SER C 90 -13.32 -23.55 -7.87
N CYS C 91 -12.84 -24.24 -6.84
CA CYS C 91 -13.47 -25.49 -6.37
C CYS C 91 -13.34 -25.62 -4.86
N ARG C 92 -14.23 -26.43 -4.34
CA ARG C 92 -14.08 -27.12 -3.05
C ARG C 92 -14.04 -28.62 -3.36
N THR C 93 -13.28 -29.35 -2.58
CA THR C 93 -13.40 -30.84 -2.66
C THR C 93 -13.24 -31.37 -1.25
N GLU C 94 -13.83 -32.52 -1.04
CA GLU C 94 -13.78 -33.14 0.29
C GLU C 94 -13.89 -34.66 0.16
N VAL C 95 -13.02 -35.36 0.84
CA VAL C 95 -13.19 -36.82 1.01
C VAL C 95 -14.25 -37.03 2.10
N MET C 96 -15.38 -37.59 1.72
CA MET C 96 -16.52 -37.80 2.63
C MET C 96 -16.42 -39.14 3.38
N GLY C 97 -17.12 -39.27 4.51
CA GLY C 97 -17.21 -40.55 5.23
C GLY C 97 -15.98 -40.84 6.06
N VAL C 98 -15.10 -39.87 6.27
CA VAL C 98 -13.92 -40.02 7.17
C VAL C 98 -14.38 -40.59 8.52
N ASN C 99 -15.53 -40.11 8.99
CA ASN C 99 -16.19 -40.57 10.23
C ASN C 99 -16.24 -42.12 10.35
N MET C 100 -16.46 -42.86 9.27
CA MET C 100 -16.64 -44.34 9.31
C MET C 100 -15.39 -45.01 9.88
N LEU C 101 -14.24 -44.37 9.77
CA LEU C 101 -12.91 -44.96 10.14
C LEU C 101 -12.73 -45.02 11.66
N THR C 102 -13.72 -44.54 12.41
CA THR C 102 -13.76 -44.67 13.87
C THR C 102 -14.34 -46.05 14.25
N ASN C 103 -14.74 -46.86 13.26
CA ASN C 103 -15.26 -48.24 13.49
C ASN C 103 -14.08 -49.17 13.75
N VAL C 104 -13.98 -49.71 14.94
CA VAL C 104 -12.96 -50.74 15.31
C VAL C 104 -13.69 -51.99 15.84
N HIS C 105 -14.92 -52.27 15.39
CA HIS C 105 -15.71 -53.46 15.82
C HIS C 105 -16.09 -54.39 14.65
N SER C 106 -16.06 -53.97 13.38
CA SER C 106 -16.60 -54.76 12.25
C SER C 106 -15.57 -55.77 11.72
N ALA C 107 -15.50 -56.98 12.29
CA ALA C 107 -14.83 -58.16 11.68
C ALA C 107 -13.36 -57.85 11.35
N GLN C 108 -12.68 -57.17 12.28
CA GLN C 108 -11.29 -56.68 12.07
C GLN C 108 -10.34 -57.55 12.89
N LYS C 109 -9.17 -57.91 12.33
CA LYS C 109 -8.06 -58.41 13.15
C LYS C 109 -7.94 -57.53 14.40
N ARG C 110 -7.87 -58.14 15.56
CA ARG C 110 -7.76 -57.43 16.86
C ARG C 110 -6.31 -57.03 17.19
N VAL C 111 -6.17 -56.03 18.05
CA VAL C 111 -4.83 -55.55 18.48
C VAL C 111 -4.10 -56.70 19.18
N TYR C 112 -4.78 -57.47 20.02
CA TYR C 112 -4.23 -58.63 20.76
C TYR C 112 -4.90 -59.91 20.26
N GLU C 113 -4.60 -60.29 19.01
CA GLU C 113 -5.28 -61.43 18.33
C GLU C 113 -5.02 -62.72 19.12
N ASN C 114 -3.82 -62.88 19.69
CA ASN C 114 -3.39 -64.10 20.42
C ASN C 114 -4.24 -64.27 21.69
N ASP C 115 -4.76 -63.16 22.23
CA ASP C 115 -5.62 -63.13 23.44
C ASP C 115 -7.09 -62.95 23.05
N ARG C 116 -7.41 -62.89 21.76
CA ARG C 116 -8.78 -62.57 21.24
C ARG C 116 -9.33 -61.34 21.97
N GLU C 117 -8.50 -60.31 22.10
CA GLU C 117 -8.81 -59.13 22.91
C GLU C 117 -8.38 -57.85 22.18
N GLY C 118 -8.99 -56.75 22.59
CA GLY C 118 -8.62 -55.39 22.13
C GLY C 118 -9.59 -54.94 21.06
N THR C 119 -9.45 -53.71 20.59
CA THR C 119 -10.26 -53.25 19.44
C THR C 119 -9.78 -53.92 18.15
N GLY C 120 -10.55 -53.81 17.08
CA GLY C 120 -9.99 -54.11 15.76
C GLY C 120 -8.84 -53.16 15.48
N ILE C 121 -7.92 -53.51 14.60
CA ILE C 121 -6.81 -52.59 14.25
C ILE C 121 -7.29 -51.45 13.36
N GLY C 122 -8.50 -51.51 12.80
CA GLY C 122 -9.05 -50.47 11.92
C GLY C 122 -8.36 -50.45 10.58
N VAL C 123 -8.63 -49.41 9.80
CA VAL C 123 -8.02 -49.25 8.47
C VAL C 123 -6.63 -48.66 8.68
N GLU C 124 -5.63 -49.30 8.10
CA GLU C 124 -4.22 -48.82 8.18
C GLU C 124 -3.57 -48.98 6.83
N GLY C 125 -2.46 -48.29 6.64
CA GLY C 125 -1.63 -48.41 5.45
C GLY C 125 -1.87 -47.25 4.49
N MET C 126 -1.70 -47.51 3.20
CA MET C 126 -1.35 -46.45 2.25
C MET C 126 -2.56 -45.52 2.03
N GLY C 127 -2.29 -44.23 1.93
CA GLY C 127 -3.25 -43.23 1.44
C GLY C 127 -2.85 -42.75 0.07
N TYR C 128 -3.72 -42.86 -0.91
CA TYR C 128 -3.52 -42.26 -2.24
C TYR C 128 -4.77 -41.44 -2.56
N HIS C 129 -4.59 -40.15 -2.66
CA HIS C 129 -5.68 -39.17 -2.79
C HIS C 129 -5.31 -38.24 -3.94
N MET C 130 -6.06 -38.29 -5.03
CA MET C 130 -5.84 -37.40 -6.17
C MET C 130 -7.18 -36.92 -6.69
N PHE C 131 -7.24 -35.68 -7.13
CA PHE C 131 -8.43 -35.22 -7.85
C PHE C 131 -7.98 -34.32 -8.99
N ALA C 132 -8.86 -34.20 -9.97
CA ALA C 132 -8.61 -33.39 -11.17
C ALA C 132 -9.93 -32.78 -11.61
N ILE C 133 -9.82 -31.57 -12.04
CA ILE C 133 -10.98 -30.78 -12.56
C ILE C 133 -10.52 -30.16 -13.86
N GLY C 134 -11.25 -30.41 -14.95
CA GLY C 134 -10.84 -29.84 -16.23
C GLY C 134 -11.97 -29.65 -17.23
N GLY C 135 -11.62 -29.03 -18.35
CA GLY C 135 -12.57 -28.78 -19.46
C GLY C 135 -12.53 -29.87 -20.52
N GLU C 136 -11.79 -30.95 -20.26
CA GLU C 136 -11.66 -32.10 -21.17
C GLU C 136 -11.22 -33.28 -20.31
N PRO C 137 -11.28 -34.52 -20.82
CA PRO C 137 -10.83 -35.67 -20.04
C PRO C 137 -9.37 -35.54 -19.60
N LEU C 138 -9.10 -36.12 -18.44
CA LEU C 138 -7.76 -36.12 -17.82
C LEU C 138 -6.84 -36.88 -18.76
N GLU C 139 -5.71 -36.29 -19.11
CA GLU C 139 -4.69 -36.95 -19.92
C GLU C 139 -3.76 -37.71 -18.98
N LEU C 140 -3.52 -38.97 -19.31
CA LEU C 140 -2.79 -39.94 -18.49
C LEU C 140 -1.46 -40.31 -19.12
N GLN C 141 -0.53 -40.63 -18.23
CA GLN C 141 0.74 -41.29 -18.56
C GLN C 141 0.65 -42.71 -17.99
N PHE C 142 0.87 -43.70 -18.84
CA PHE C 142 0.89 -45.10 -18.42
C PHE C 142 2.22 -45.30 -17.69
N MET C 143 2.19 -45.86 -16.49
CA MET C 143 3.44 -46.23 -15.79
C MET C 143 3.11 -47.23 -14.71
N VAL C 144 3.90 -48.33 -14.68
CA VAL C 144 3.62 -49.54 -13.87
C VAL C 144 4.85 -49.88 -13.04
N PHE C 145 4.60 -50.55 -11.92
CA PHE C 145 5.68 -51.09 -11.07
C PHE C 145 6.43 -52.21 -11.81
N ASN C 146 5.68 -53.09 -12.49
CA ASN C 146 6.20 -54.29 -13.21
C ASN C 146 5.56 -54.33 -14.59
N HIS C 147 6.33 -54.12 -15.65
CA HIS C 147 5.77 -54.07 -17.02
C HIS C 147 5.17 -55.42 -17.43
N ARG C 148 5.59 -56.54 -16.83
CA ARG C 148 5.15 -57.92 -17.23
C ARG C 148 3.82 -58.32 -16.58
N ALA C 149 3.27 -57.48 -15.70
CA ALA C 149 1.97 -57.76 -15.07
C ALA C 149 0.94 -57.95 -16.18
N THR C 150 0.14 -59.00 -16.07
CA THR C 150 -0.97 -59.31 -17.01
C THR C 150 -2.25 -58.81 -16.37
N TYR C 151 -2.76 -57.67 -16.84
CA TYR C 151 -4.03 -57.09 -16.31
C TYR C 151 -5.21 -57.86 -16.87
N PRO C 152 -6.32 -57.90 -16.11
CA PRO C 152 -7.52 -58.60 -16.58
C PRO C 152 -8.24 -57.88 -17.72
N ALA C 153 -9.10 -58.63 -18.41
CA ALA C 153 -9.88 -58.18 -19.58
C ALA C 153 -10.70 -56.94 -19.21
N GLU C 154 -11.19 -56.86 -17.97
CA GLU C 154 -12.08 -55.79 -17.49
C GLU C 154 -11.34 -54.45 -17.49
N ALA C 155 -10.01 -54.48 -17.29
CA ALA C 155 -9.21 -53.25 -17.08
C ALA C 155 -8.80 -52.66 -18.42
N THR C 156 -8.71 -51.34 -18.50
CA THR C 156 -8.13 -50.57 -19.63
C THR C 156 -6.67 -50.29 -19.30
N VAL C 157 -5.78 -50.87 -20.11
CA VAL C 157 -4.30 -50.77 -19.96
C VAL C 157 -3.69 -50.73 -21.36
N ILE C 158 -2.43 -50.37 -21.41
CA ILE C 158 -1.60 -50.58 -22.62
C ILE C 158 -1.04 -51.99 -22.53
N LYS C 159 -1.38 -52.83 -23.49
CA LYS C 159 -0.88 -54.22 -23.53
C LYS C 159 0.55 -54.22 -24.04
N ASN C 160 1.38 -55.13 -23.53
CA ASN C 160 2.79 -55.27 -23.98
C ASN C 160 3.47 -53.92 -23.95
N PRO C 161 3.41 -53.22 -22.80
CA PRO C 161 3.89 -51.84 -22.76
C PRO C 161 5.41 -51.71 -22.84
N GLY C 162 6.11 -52.79 -22.46
CA GLY C 162 7.58 -52.91 -22.53
C GLY C 162 8.28 -52.39 -21.29
N ALA C 163 9.56 -52.69 -21.16
CA ALA C 163 10.33 -52.39 -19.94
C ALA C 163 10.32 -50.89 -19.65
N SER C 164 10.28 -50.03 -20.68
CA SER C 164 10.37 -48.56 -20.48
C SER C 164 9.14 -48.02 -19.73
N SER C 165 8.05 -48.81 -19.64
CA SER C 165 6.78 -48.42 -18.96
C SER C 165 6.96 -48.48 -17.43
N GLN C 166 8.09 -49.01 -16.94
CA GLN C 166 8.45 -48.98 -15.50
C GLN C 166 8.96 -47.60 -15.10
N VAL C 167 9.26 -46.76 -16.09
CA VAL C 167 9.69 -45.34 -15.91
C VAL C 167 8.94 -44.55 -17.01
N PHE C 168 9.45 -43.41 -17.45
CA PHE C 168 8.72 -42.53 -18.39
C PHE C 168 9.09 -42.95 -19.83
N ASP C 169 8.06 -43.25 -20.58
CA ASP C 169 8.11 -43.57 -22.05
C ASP C 169 7.13 -42.61 -22.72
N PRO C 170 7.64 -41.66 -23.53
CA PRO C 170 6.80 -40.66 -24.21
C PRO C 170 5.69 -41.27 -25.07
N ASN C 171 5.80 -42.55 -25.44
CA ASN C 171 4.82 -43.22 -26.35
C ASN C 171 3.56 -43.68 -25.60
N LEU C 172 3.59 -43.80 -24.27
CA LEU C 172 2.59 -44.58 -23.50
C LEU C 172 1.56 -43.64 -22.88
N LYS C 173 0.67 -43.15 -23.73
CA LYS C 173 -0.33 -42.11 -23.38
C LYS C 173 -1.72 -42.72 -23.34
N GLY C 174 -2.62 -42.08 -22.60
CA GLY C 174 -4.06 -42.39 -22.59
C GLY C 174 -4.85 -41.20 -22.10
N THR C 175 -6.18 -41.33 -22.13
CA THR C 175 -7.08 -40.34 -21.50
C THR C 175 -8.09 -41.11 -20.66
N LEU C 176 -8.51 -40.53 -19.55
CA LEU C 176 -9.44 -41.17 -18.59
C LEU C 176 -10.86 -41.00 -19.16
N THR C 177 -11.28 -41.96 -19.98
CA THR C 177 -12.55 -41.86 -20.72
C THR C 177 -13.66 -42.66 -20.05
N ALA C 178 -13.37 -43.44 -19.02
CA ALA C 178 -14.35 -44.37 -18.43
C ALA C 178 -14.11 -44.57 -16.94
N ASP C 179 -15.20 -44.65 -16.19
CA ASP C 179 -15.15 -44.81 -14.72
C ASP C 179 -14.86 -46.27 -14.41
N GLY C 180 -14.02 -46.49 -13.39
CA GLY C 180 -13.82 -47.79 -12.70
C GLY C 180 -13.13 -48.85 -13.52
N VAL C 181 -12.31 -48.51 -14.51
CA VAL C 181 -11.61 -49.55 -15.33
C VAL C 181 -10.14 -49.20 -15.56
N PHE C 182 -9.70 -47.98 -15.28
CA PHE C 182 -8.30 -47.54 -15.51
C PHE C 182 -7.58 -47.82 -14.20
N PRO C 183 -6.69 -48.84 -14.08
CA PRO C 183 -6.09 -49.13 -12.78
C PRO C 183 -5.27 -47.93 -12.25
N VAL C 184 -5.46 -47.61 -10.99
CA VAL C 184 -4.62 -46.59 -10.31
C VAL C 184 -3.15 -46.97 -10.49
N GLU C 185 -2.81 -48.23 -10.27
CA GLU C 185 -1.38 -48.66 -10.29
C GLU C 185 -0.77 -48.61 -11.73
N ALA C 186 -1.54 -48.34 -12.79
CA ALA C 186 -1.01 -48.32 -14.18
C ALA C 186 -1.08 -46.95 -14.87
N TRP C 187 -1.79 -45.98 -14.31
CA TRP C 187 -2.02 -44.66 -14.95
C TRP C 187 -1.82 -43.55 -13.93
N GLY C 188 -1.27 -42.43 -14.39
CA GLY C 188 -1.13 -41.22 -13.55
C GLY C 188 -1.41 -40.02 -14.43
N PRO C 189 -1.58 -38.82 -13.85
CA PRO C 189 -1.74 -37.60 -14.65
C PRO C 189 -0.46 -37.33 -15.45
N ASP C 190 -0.64 -36.94 -16.71
CA ASP C 190 0.47 -36.60 -17.64
C ASP C 190 0.81 -35.13 -17.47
N PRO C 191 1.99 -34.81 -16.92
CA PRO C 191 2.39 -33.41 -16.75
C PRO C 191 2.78 -32.71 -18.06
N PHE C 192 2.99 -33.47 -19.13
CA PHE C 192 3.31 -32.94 -20.48
C PHE C 192 2.05 -32.47 -21.21
N LYS C 193 0.86 -32.75 -20.66
CA LYS C 193 -0.45 -32.34 -21.25
C LYS C 193 -1.28 -31.69 -20.13
N ASN C 194 -2.59 -31.86 -20.13
CA ASN C 194 -3.45 -31.31 -19.04
C ASN C 194 -3.27 -29.78 -18.93
N GLU C 195 -3.10 -29.08 -20.05
CA GLU C 195 -3.08 -27.59 -20.05
C GLU C 195 -4.45 -27.06 -19.62
N ASN C 196 -5.51 -27.87 -19.74
CA ASN C 196 -6.93 -27.43 -19.56
C ASN C 196 -7.55 -28.18 -18.37
N THR C 197 -6.72 -28.76 -17.51
CA THR C 197 -7.12 -29.50 -16.31
C THR C 197 -6.17 -29.10 -15.17
N ARG C 198 -6.68 -28.98 -13.95
CA ARG C 198 -5.81 -28.89 -12.77
C ARG C 198 -5.90 -30.21 -12.01
N TYR C 199 -4.77 -30.77 -11.61
CA TYR C 199 -4.78 -32.01 -10.80
C TYR C 199 -3.86 -31.84 -9.61
N PHE C 200 -4.15 -32.68 -8.63
CA PHE C 200 -3.53 -32.61 -7.29
C PHE C 200 -3.52 -34.01 -6.72
N GLY C 201 -2.40 -34.44 -6.16
CA GLY C 201 -2.29 -35.80 -5.60
C GLY C 201 -1.36 -35.86 -4.43
N GLN C 202 -1.69 -36.70 -3.45
CA GLN C 202 -0.85 -36.99 -2.27
C GLN C 202 -0.82 -38.51 -2.07
N TYR C 203 0.36 -39.04 -1.80
CA TYR C 203 0.58 -40.49 -1.54
C TYR C 203 1.38 -40.60 -0.24
N THR C 204 0.86 -41.38 0.71
CA THR C 204 1.64 -41.94 1.84
C THR C 204 1.59 -43.46 1.73
N GLY C 205 2.76 -44.14 1.76
CA GLY C 205 2.74 -45.59 1.54
C GLY C 205 2.63 -46.41 2.82
N GLY C 206 3.04 -47.68 2.72
CA GLY C 206 3.01 -48.62 3.84
C GLY C 206 1.70 -49.37 3.95
N THR C 207 1.69 -50.34 4.87
CA THR C 207 0.57 -51.27 5.11
C THR C 207 0.01 -51.13 6.53
N GLN C 208 0.79 -50.61 7.46
CA GLN C 208 0.35 -50.37 8.87
C GLN C 208 0.41 -48.89 9.23
N THR C 209 0.71 -48.01 8.26
CA THR C 209 0.75 -46.54 8.42
C THR C 209 -0.57 -46.02 8.99
N PRO C 210 -0.53 -45.11 9.96
CA PRO C 210 -1.75 -44.44 10.41
C PRO C 210 -2.33 -43.58 9.30
N PRO C 211 -3.60 -43.74 8.92
CA PRO C 211 -4.24 -42.83 7.97
C PRO C 211 -4.45 -41.47 8.64
N VAL C 212 -4.24 -40.39 7.88
CA VAL C 212 -4.48 -38.99 8.34
C VAL C 212 -5.35 -38.30 7.30
N LEU C 213 -6.59 -37.96 7.66
CA LEU C 213 -7.55 -37.31 6.75
C LEU C 213 -8.13 -36.12 7.48
N THR C 214 -8.30 -35.04 6.74
CA THR C 214 -8.94 -33.79 7.23
C THR C 214 -10.19 -33.51 6.40
N PHE C 215 -11.12 -32.73 6.97
CA PHE C 215 -12.38 -32.34 6.32
C PHE C 215 -12.77 -30.98 6.87
N THR C 216 -13.26 -30.14 5.97
CA THR C 216 -13.76 -28.80 6.32
C THR C 216 -14.57 -28.31 5.13
N ASN C 217 -15.46 -27.37 5.38
CA ASN C 217 -16.20 -26.69 4.30
C ASN C 217 -15.66 -25.27 4.09
N THR C 218 -14.47 -24.96 4.62
CA THR C 218 -13.88 -23.59 4.62
C THR C 218 -12.73 -23.40 3.63
N GLN C 219 -12.42 -24.41 2.81
CA GLN C 219 -11.26 -24.45 1.91
C GLN C 219 -11.76 -24.31 0.47
N THR C 220 -11.37 -23.23 -0.20
CA THR C 220 -11.67 -23.01 -1.63
C THR C 220 -10.32 -22.89 -2.36
N THR C 221 -10.18 -23.65 -3.44
CA THR C 221 -8.98 -23.65 -4.30
C THR C 221 -9.30 -22.88 -5.57
N ILE C 222 -8.41 -21.96 -5.93
CA ILE C 222 -8.53 -21.15 -7.17
C ILE C 222 -7.93 -21.99 -8.30
N LEU C 223 -8.63 -22.08 -9.42
CA LEU C 223 -8.29 -22.93 -10.59
C LEU C 223 -7.71 -22.09 -11.72
N LEU C 224 -7.56 -20.78 -11.53
CA LEU C 224 -6.95 -19.89 -12.56
C LEU C 224 -5.46 -20.23 -12.72
N ASP C 225 -4.99 -20.31 -13.96
CA ASP C 225 -3.55 -20.44 -14.31
C ASP C 225 -2.89 -19.07 -14.16
N GLU C 226 -1.62 -19.00 -14.56
CA GLU C 226 -0.73 -17.82 -14.40
C GLU C 226 -1.24 -16.66 -15.26
N ASN C 227 -2.07 -16.93 -16.26
CA ASN C 227 -2.62 -15.91 -17.19
C ASN C 227 -4.03 -15.52 -16.75
N GLY C 228 -4.47 -15.98 -15.57
CA GLY C 228 -5.80 -15.70 -15.01
C GLY C 228 -6.91 -16.43 -15.73
N VAL C 229 -6.63 -17.62 -16.28
CA VAL C 229 -7.62 -18.39 -17.08
C VAL C 229 -7.86 -19.73 -16.39
N GLY C 230 -9.13 -20.05 -16.15
CA GLY C 230 -9.55 -21.35 -15.60
C GLY C 230 -9.67 -22.41 -16.68
N PRO C 231 -9.86 -23.68 -16.30
CA PRO C 231 -10.29 -24.68 -17.28
C PRO C 231 -11.49 -24.20 -18.10
N LEU C 232 -11.39 -24.34 -19.43
CA LEU C 232 -12.46 -23.97 -20.40
C LEU C 232 -13.20 -25.24 -20.85
N CYS C 233 -14.51 -25.33 -20.60
CA CYS C 233 -15.34 -26.57 -20.69
C CYS C 233 -15.71 -26.84 -22.15
N LYS C 234 -14.88 -27.64 -22.82
CA LYS C 234 -15.10 -27.99 -24.25
C LYS C 234 -16.38 -28.80 -24.34
N GLY C 235 -17.29 -28.44 -25.25
CA GLY C 235 -18.56 -29.15 -25.43
C GLY C 235 -19.47 -28.97 -24.25
N ASP C 236 -19.26 -27.91 -23.46
CA ASP C 236 -20.06 -27.54 -22.28
C ASP C 236 -20.04 -28.73 -21.31
N GLY C 237 -18.87 -29.37 -21.17
CA GLY C 237 -18.64 -30.51 -20.28
C GLY C 237 -17.58 -30.17 -19.22
N LEU C 238 -17.86 -30.49 -17.95
CA LEU C 238 -16.88 -30.37 -16.83
C LEU C 238 -16.45 -31.77 -16.41
N PHE C 239 -15.15 -32.03 -16.44
CA PHE C 239 -14.58 -33.39 -16.22
C PHE C 239 -13.99 -33.45 -14.82
N LEU C 240 -14.52 -34.36 -14.01
CA LEU C 240 -14.11 -34.60 -12.61
C LEU C 240 -13.48 -35.98 -12.58
N SER C 241 -12.34 -36.12 -11.92
CA SER C 241 -11.65 -37.41 -11.78
C SER C 241 -11.08 -37.53 -10.37
N CYS C 242 -11.01 -38.74 -9.84
CA CYS C 242 -10.32 -38.96 -8.55
C CYS C 242 -10.02 -40.42 -8.27
N ALA C 243 -9.20 -40.60 -7.24
CA ALA C 243 -8.94 -41.87 -6.56
C ALA C 243 -8.64 -41.56 -5.10
N ASP C 244 -9.29 -42.27 -4.18
CA ASP C 244 -9.19 -41.99 -2.72
C ASP C 244 -9.10 -43.34 -2.00
N ILE C 245 -7.91 -43.94 -2.06
CA ILE C 245 -7.54 -45.12 -1.25
C ILE C 245 -7.22 -44.62 0.16
N VAL C 246 -7.96 -45.12 1.15
CA VAL C 246 -7.73 -44.71 2.56
C VAL C 246 -6.77 -45.66 3.28
N GLY C 247 -6.67 -46.92 2.87
CA GLY C 247 -5.80 -47.92 3.50
C GLY C 247 -6.36 -49.30 3.32
N PHE C 248 -5.97 -50.23 4.18
CA PHE C 248 -6.35 -51.66 4.09
C PHE C 248 -7.25 -52.03 5.26
N PHE C 249 -8.25 -52.83 4.97
CA PHE C 249 -9.09 -53.57 5.93
C PHE C 249 -8.44 -54.94 6.09
N THR C 250 -8.11 -55.32 7.32
CA THR C 250 -7.54 -56.64 7.67
C THR C 250 -8.57 -57.47 8.42
N GLN C 251 -8.96 -58.61 7.86
CA GLN C 251 -9.87 -59.57 8.53
C GLN C 251 -9.17 -60.36 9.64
N HIS C 252 -9.93 -61.07 10.48
CA HIS C 252 -9.36 -61.98 11.51
C HIS C 252 -8.32 -62.96 10.90
N ASN C 253 -8.55 -63.48 9.69
CA ASN C 253 -7.67 -64.48 9.02
C ASN C 253 -6.55 -63.81 8.24
N LYS C 254 -6.36 -62.49 8.42
CA LYS C 254 -5.20 -61.68 7.91
C LYS C 254 -5.35 -61.35 6.42
N LYS C 255 -6.47 -61.66 5.77
CA LYS C 255 -6.77 -61.23 4.40
C LYS C 255 -6.92 -59.71 4.42
N MET C 256 -6.37 -59.04 3.42
CA MET C 256 -6.38 -57.57 3.37
C MET C 256 -7.01 -57.10 2.08
N SER C 257 -7.79 -56.04 2.17
CA SER C 257 -8.46 -55.41 1.01
C SER C 257 -8.33 -53.90 1.11
N PHE C 258 -8.30 -53.27 -0.03
CA PHE C 258 -8.34 -51.80 -0.17
C PHE C 258 -9.68 -51.33 0.38
N ARG C 259 -9.67 -50.14 1.00
CA ARG C 259 -10.91 -49.45 1.40
C ARG C 259 -10.79 -48.02 0.83
N GLY C 260 -11.84 -47.54 0.17
CA GLY C 260 -11.88 -46.23 -0.48
C GLY C 260 -12.99 -45.39 0.10
N LEU C 261 -12.97 -44.11 -0.19
CA LEU C 261 -14.08 -43.20 0.22
C LEU C 261 -14.48 -42.32 -0.95
N PRO C 262 -15.76 -41.90 -0.97
CA PRO C 262 -16.25 -41.00 -2.00
C PRO C 262 -15.74 -39.57 -1.84
N ARG C 263 -15.68 -38.86 -2.96
CA ARG C 263 -15.22 -37.47 -2.98
C ARG C 263 -16.33 -36.52 -3.45
N TYR C 264 -16.46 -35.43 -2.72
CA TYR C 264 -17.38 -34.31 -3.05
C TYR C 264 -16.64 -33.30 -3.93
N PHE C 265 -17.33 -32.69 -4.89
CA PHE C 265 -16.80 -31.58 -5.70
C PHE C 265 -17.81 -30.43 -5.72
N ARG C 266 -17.35 -29.21 -5.45
CA ARG C 266 -18.06 -27.97 -5.82
C ARG C 266 -17.19 -27.23 -6.83
N VAL C 267 -17.74 -26.85 -7.97
CA VAL C 267 -16.98 -26.02 -8.95
C VAL C 267 -17.82 -24.80 -9.28
N THR C 268 -17.18 -23.63 -9.23
CA THR C 268 -17.77 -22.32 -9.62
C THR C 268 -17.25 -22.03 -11.01
N LEU C 269 -18.15 -21.70 -11.93
CA LEU C 269 -17.78 -21.39 -13.31
C LEU C 269 -18.36 -20.05 -13.71
N ARG C 270 -17.69 -19.41 -14.67
CA ARG C 270 -18.18 -18.12 -15.20
C ARG C 270 -18.15 -18.16 -16.72
N LYS C 271 -18.87 -17.25 -17.36
CA LYS C 271 -18.96 -17.19 -18.84
C LYS C 271 -17.69 -16.48 -19.34
N ARG C 272 -17.02 -17.09 -20.32
CA ARG C 272 -15.77 -16.54 -20.90
C ARG C 272 -16.01 -16.44 -22.40
N VAL C 273 -15.74 -15.27 -22.96
CA VAL C 273 -15.80 -15.04 -24.43
C VAL C 273 -14.51 -15.64 -25.01
N VAL C 274 -14.61 -16.41 -26.11
CA VAL C 274 -13.46 -16.97 -26.85
C VAL C 274 -13.63 -16.74 -28.36
N LYS C 275 -12.52 -16.66 -29.10
CA LYS C 275 -12.47 -16.46 -30.58
C LYS C 275 -13.26 -17.58 -31.27
N GLY D 6 -31.86 -18.85 2.03
CA GLY D 6 -32.70 -17.80 1.40
C GLY D 6 -32.84 -16.56 2.27
N ILE D 7 -31.92 -16.34 3.23
CA ILE D 7 -31.86 -15.09 4.05
C ILE D 7 -31.14 -14.02 3.21
N GLU D 8 -31.80 -12.89 2.97
CA GLU D 8 -31.25 -11.68 2.30
C GLU D 8 -30.48 -10.89 3.36
N VAL D 9 -29.16 -10.94 3.32
CA VAL D 9 -28.28 -10.30 4.35
C VAL D 9 -28.11 -8.82 3.99
N LEU D 10 -28.22 -7.93 4.97
CA LEU D 10 -28.01 -6.48 4.77
C LEU D 10 -26.85 -6.00 5.65
N ALA D 11 -26.97 -4.84 6.28
CA ALA D 11 -25.84 -4.13 6.91
C ALA D 11 -25.43 -4.79 8.22
N VAL D 12 -24.13 -4.79 8.50
CA VAL D 12 -23.60 -5.06 9.87
C VAL D 12 -23.91 -3.86 10.77
N ARG D 13 -24.34 -4.12 12.01
CA ARG D 13 -24.39 -3.10 13.10
C ARG D 13 -23.03 -3.02 13.81
N THR D 14 -22.55 -1.83 14.22
CA THR D 14 -21.16 -1.71 14.79
C THR D 14 -21.02 -0.98 16.13
N GLY D 15 -22.10 -0.66 16.83
CA GLY D 15 -21.99 0.09 18.12
C GLY D 15 -21.30 -0.65 19.27
N PRO D 16 -21.15 0.01 20.44
CA PRO D 16 -20.60 -0.63 21.64
C PRO D 16 -21.44 -1.79 22.18
N ASP D 17 -22.70 -1.95 21.72
CA ASP D 17 -23.63 -3.02 22.14
C ASP D 17 -23.92 -4.00 20.98
N SER D 18 -23.15 -3.95 19.89
CA SER D 18 -23.40 -4.73 18.65
C SER D 18 -22.77 -6.13 18.68
N ILE D 19 -21.87 -6.38 19.63
CA ILE D 19 -21.08 -7.64 19.79
C ILE D 19 -21.52 -8.34 21.08
N THR D 20 -21.74 -9.65 21.04
CA THR D 20 -21.88 -10.49 22.25
C THR D 20 -20.90 -11.66 22.14
N GLU D 21 -20.54 -12.25 23.28
CA GLU D 21 -19.64 -13.42 23.34
C GLU D 21 -20.31 -14.47 24.22
N ILE D 22 -20.35 -15.70 23.75
CA ILE D 22 -20.82 -16.82 24.60
C ILE D 22 -19.63 -17.74 24.81
N GLU D 23 -19.63 -18.41 25.95
CA GLU D 23 -18.70 -19.52 26.24
C GLU D 23 -19.54 -20.75 26.55
N ALA D 24 -19.10 -21.91 26.08
CA ALA D 24 -19.82 -23.17 26.33
C ALA D 24 -18.82 -24.33 26.36
N TYR D 25 -19.24 -25.42 26.97
CA TYR D 25 -18.50 -26.70 26.95
C TYR D 25 -19.44 -27.80 26.45
N LEU D 26 -18.87 -28.73 25.70
CA LEU D 26 -19.53 -30.02 25.38
C LEU D 26 -18.70 -31.13 25.98
N ASN D 27 -19.32 -31.87 26.88
CA ASN D 27 -18.69 -33.10 27.39
C ASN D 27 -18.77 -34.18 26.33
N PRO D 28 -17.76 -35.08 26.32
CA PRO D 28 -17.70 -36.17 25.36
C PRO D 28 -18.80 -37.20 25.65
N ARG D 29 -19.17 -37.93 24.60
CA ARG D 29 -20.20 -39.00 24.68
C ARG D 29 -19.61 -40.31 24.11
N MET D 30 -18.61 -40.84 24.83
CA MET D 30 -17.81 -42.01 24.42
C MET D 30 -18.59 -43.31 24.61
N GLY D 31 -19.62 -43.31 25.46
CA GLY D 31 -20.49 -44.48 25.59
C GLY D 31 -20.94 -44.74 27.01
N GLN D 32 -20.04 -44.68 28.00
CA GLN D 32 -20.39 -44.99 29.40
C GLN D 32 -21.22 -43.83 29.96
N PRO D 33 -22.26 -44.12 30.77
CA PRO D 33 -23.16 -43.07 31.26
C PRO D 33 -22.53 -42.08 32.25
N GLN D 34 -23.10 -40.87 32.29
CA GLN D 34 -22.67 -39.76 33.18
C GLN D 34 -22.85 -40.21 34.63
N ASN D 35 -22.07 -39.61 35.52
CA ASN D 35 -22.25 -39.72 37.00
C ASN D 35 -21.97 -41.15 37.44
N GLU D 36 -21.29 -41.93 36.58
CA GLU D 36 -20.84 -43.30 36.90
C GLU D 36 -19.33 -43.36 36.63
N ASP D 37 -18.70 -44.44 37.07
CA ASP D 37 -17.24 -44.49 37.32
C ASP D 37 -16.47 -44.39 36.00
N PHE D 38 -17.07 -44.67 34.84
CA PHE D 38 -16.31 -44.73 33.55
C PHE D 38 -16.74 -43.58 32.65
N TYR D 39 -17.27 -42.52 33.24
CA TYR D 39 -17.73 -41.35 32.45
C TYR D 39 -16.49 -40.76 31.77
N GLY D 40 -16.55 -40.61 30.46
CA GLY D 40 -15.46 -40.13 29.61
C GLY D 40 -14.91 -41.26 28.75
N PHE D 41 -15.29 -42.49 29.04
CA PHE D 41 -14.85 -43.73 28.34
C PHE D 41 -16.03 -44.36 27.62
N SER D 42 -15.75 -45.15 26.58
CA SER D 42 -16.64 -46.24 26.14
C SER D 42 -16.53 -47.43 27.10
N ASP D 43 -17.51 -48.32 27.01
CA ASP D 43 -17.39 -49.71 27.53
C ASP D 43 -16.30 -50.41 26.71
N ASN D 44 -15.77 -51.52 27.22
CA ASN D 44 -14.72 -52.31 26.53
C ASN D 44 -15.24 -52.72 25.16
N VAL D 45 -14.41 -52.51 24.13
CA VAL D 45 -14.83 -52.76 22.73
C VAL D 45 -14.84 -54.26 22.48
N THR D 46 -15.92 -54.75 21.90
CA THR D 46 -16.04 -56.12 21.36
C THR D 46 -16.01 -56.04 19.84
N VAL D 47 -15.55 -57.11 19.20
CA VAL D 47 -15.30 -57.17 17.74
C VAL D 47 -16.05 -58.38 17.20
N SER D 48 -16.85 -58.17 16.15
CA SER D 48 -17.65 -59.21 15.47
C SER D 48 -16.73 -60.20 14.73
N ASP D 49 -17.23 -61.40 14.47
CA ASP D 49 -16.50 -62.42 13.66
C ASP D 49 -16.67 -62.14 12.17
N ASP D 50 -17.72 -61.45 11.77
CA ASP D 50 -18.01 -61.20 10.33
C ASP D 50 -18.95 -59.99 10.21
N PHE D 51 -19.06 -59.44 9.02
CA PHE D 51 -19.92 -58.26 8.73
C PHE D 51 -21.38 -58.65 8.94
N GLY D 52 -21.74 -59.91 8.65
CA GLY D 52 -23.14 -60.36 8.74
C GLY D 52 -23.68 -60.37 10.16
N SER D 53 -22.84 -60.68 11.16
CA SER D 53 -23.24 -60.83 12.58
C SER D 53 -22.74 -59.67 13.44
N ASP D 54 -22.51 -58.52 12.82
CA ASP D 54 -21.98 -57.28 13.45
C ASP D 54 -23.11 -56.50 14.12
N ALA D 55 -23.02 -56.34 15.44
CA ALA D 55 -24.06 -55.73 16.29
C ALA D 55 -23.40 -55.08 17.49
N PRO D 56 -22.79 -53.90 17.31
CA PRO D 56 -22.03 -53.28 18.40
C PRO D 56 -22.97 -52.93 19.54
N PRO D 57 -22.75 -53.46 20.76
CA PRO D 57 -23.59 -53.14 21.91
C PRO D 57 -23.51 -51.64 22.25
N TRP D 58 -24.64 -51.11 22.71
CA TRP D 58 -24.70 -49.75 23.28
C TRP D 58 -23.62 -49.60 24.38
N LYS D 59 -22.94 -48.45 24.35
CA LYS D 59 -21.90 -47.94 25.27
C LYS D 59 -20.51 -48.25 24.69
N GLN D 60 -20.42 -49.10 23.67
CA GLN D 60 -19.06 -49.52 23.17
C GLN D 60 -18.59 -48.65 22.03
N PHE D 61 -19.33 -47.62 21.63
CA PHE D 61 -18.88 -46.72 20.55
C PHE D 61 -19.28 -45.28 20.85
N PRO D 62 -18.48 -44.31 20.39
CA PRO D 62 -18.76 -42.91 20.65
C PRO D 62 -19.84 -42.33 19.73
N CYS D 63 -20.52 -41.32 20.26
CA CYS D 63 -21.52 -40.52 19.53
C CYS D 63 -21.10 -39.04 19.53
N TYR D 64 -21.67 -38.24 18.62
CA TYR D 64 -21.39 -36.77 18.55
C TYR D 64 -21.95 -36.09 19.80
N SER D 65 -21.29 -35.03 20.22
CA SER D 65 -21.81 -34.07 21.24
C SER D 65 -22.46 -32.91 20.49
N THR D 66 -23.57 -32.38 20.99
CA THR D 66 -24.17 -31.17 20.41
C THR D 66 -24.92 -30.39 21.48
N ALA D 67 -25.04 -29.09 21.27
CA ALA D 67 -25.89 -28.23 22.10
C ALA D 67 -26.39 -27.06 21.25
N ARG D 68 -27.58 -26.59 21.57
CA ARG D 68 -28.16 -25.34 21.04
C ARG D 68 -28.03 -24.33 22.16
N ILE D 69 -27.36 -23.22 21.87
CA ILE D 69 -27.16 -22.10 22.83
C ILE D 69 -28.21 -21.03 22.54
N SER D 70 -29.03 -20.68 23.55
CA SER D 70 -30.06 -19.63 23.38
C SER D 70 -29.36 -18.27 23.47
N LEU D 71 -29.47 -17.47 22.42
CA LEU D 71 -28.92 -16.09 22.36
C LEU D 71 -29.98 -15.06 22.75
N PRO D 72 -29.57 -13.82 23.10
CA PRO D 72 -30.52 -12.75 23.38
C PRO D 72 -31.45 -12.49 22.19
N MET D 73 -32.75 -12.40 22.44
CA MET D 73 -33.73 -12.12 21.38
C MET D 73 -33.71 -10.61 21.10
N LEU D 74 -33.33 -10.19 19.88
CA LEU D 74 -33.06 -8.76 19.54
C LEU D 74 -34.27 -8.01 18.97
N ASN D 75 -35.33 -8.70 18.54
CA ASN D 75 -36.42 -8.07 17.77
C ASN D 75 -37.70 -7.99 18.60
N GLN D 76 -38.17 -6.78 18.87
CA GLN D 76 -39.47 -6.54 19.56
C GLN D 76 -40.62 -6.95 18.64
N ASP D 77 -40.47 -6.80 17.32
CA ASP D 77 -41.59 -7.05 16.38
C ASP D 77 -41.08 -7.87 15.19
N MET D 78 -41.46 -9.14 15.11
CA MET D 78 -40.95 -10.09 14.08
C MET D 78 -41.70 -9.92 12.76
N THR D 79 -42.61 -8.94 12.67
CA THR D 79 -43.33 -8.61 11.41
C THR D 79 -42.61 -7.46 10.67
N SER D 80 -41.56 -6.84 11.23
CA SER D 80 -40.89 -5.65 10.61
C SER D 80 -40.25 -6.08 9.28
N ASP D 81 -40.03 -5.10 8.38
CA ASP D 81 -39.53 -5.33 7.00
C ASP D 81 -38.11 -5.93 7.07
N THR D 82 -37.39 -5.56 8.12
CA THR D 82 -36.05 -6.09 8.47
C THR D 82 -36.01 -6.49 9.94
N ILE D 83 -35.19 -7.47 10.28
CA ILE D 83 -34.96 -7.92 11.68
C ILE D 83 -33.44 -8.01 11.87
N LEU D 84 -33.03 -8.07 13.13
CA LEU D 84 -31.62 -8.32 13.50
C LEU D 84 -31.45 -9.81 13.71
N MET D 85 -30.34 -10.35 13.27
CA MET D 85 -29.91 -11.73 13.62
C MET D 85 -28.48 -11.65 14.16
N TRP D 86 -28.17 -12.57 15.05
CA TRP D 86 -26.81 -12.79 15.56
C TRP D 86 -26.00 -13.51 14.49
N GLU D 87 -24.87 -12.93 14.16
CA GLU D 87 -23.92 -13.48 13.15
C GLU D 87 -22.64 -13.92 13.85
N ALA D 88 -22.27 -15.19 13.79
CA ALA D 88 -21.04 -15.67 14.45
C ALA D 88 -19.85 -15.28 13.56
N ILE D 89 -18.97 -14.44 14.05
CA ILE D 89 -17.85 -13.90 13.21
C ILE D 89 -16.52 -14.59 13.55
N SER D 90 -16.34 -15.16 14.73
CA SER D 90 -15.05 -15.76 15.17
C SER D 90 -15.33 -16.71 16.32
N CYS D 91 -14.38 -17.60 16.60
CA CYS D 91 -14.48 -18.49 17.75
C CYS D 91 -13.06 -18.76 18.25
N ARG D 92 -13.00 -19.17 19.49
CA ARG D 92 -11.85 -19.90 20.08
C ARG D 92 -12.44 -21.26 20.48
N THR D 93 -11.71 -22.34 20.24
CA THR D 93 -12.12 -23.66 20.74
C THR D 93 -10.87 -24.35 21.25
N GLU D 94 -11.00 -25.10 22.33
CA GLU D 94 -9.88 -25.78 23.00
C GLU D 94 -10.39 -27.15 23.43
N VAL D 95 -9.59 -28.18 23.24
CA VAL D 95 -9.83 -29.48 23.88
C VAL D 95 -9.34 -29.30 25.31
N MET D 96 -10.20 -29.53 26.31
CA MET D 96 -9.84 -29.39 27.73
C MET D 96 -9.37 -30.72 28.33
N GLY D 97 -8.59 -30.66 29.42
CA GLY D 97 -8.16 -31.84 30.17
C GLY D 97 -7.03 -32.59 29.49
N VAL D 98 -6.35 -31.97 28.54
CA VAL D 98 -5.18 -32.62 27.87
C VAL D 98 -4.18 -33.05 28.96
N ASN D 99 -4.07 -32.26 30.03
CA ASN D 99 -3.24 -32.57 31.22
C ASN D 99 -3.43 -34.01 31.70
N MET D 100 -4.63 -34.57 31.66
CA MET D 100 -4.90 -35.89 32.33
C MET D 100 -4.14 -37.03 31.62
N LEU D 101 -3.71 -36.80 30.37
CA LEU D 101 -3.02 -37.81 29.53
C LEU D 101 -1.59 -38.02 30.00
N THR D 102 -1.11 -37.26 31.00
CA THR D 102 0.20 -37.49 31.63
C THR D 102 0.09 -38.61 32.68
N ASN D 103 -1.10 -39.15 32.88
CA ASN D 103 -1.38 -40.22 33.86
C ASN D 103 -0.95 -41.56 33.22
N VAL D 104 0.12 -42.16 33.72
CA VAL D 104 0.56 -43.51 33.26
C VAL D 104 0.61 -44.49 34.42
N HIS D 105 -0.26 -44.32 35.43
CA HIS D 105 -0.31 -45.21 36.63
C HIS D 105 -1.66 -45.87 36.84
N SER D 106 -2.75 -45.41 36.18
CA SER D 106 -4.13 -45.86 36.46
C SER D 106 -4.52 -47.11 35.65
N ALA D 107 -4.20 -48.30 36.19
CA ALA D 107 -4.78 -49.59 35.75
C ALA D 107 -4.54 -49.81 34.26
N GLN D 108 -3.35 -49.43 33.79
CA GLN D 108 -2.98 -49.46 32.35
C GLN D 108 -2.04 -50.65 32.09
N LYS D 109 -2.24 -51.34 30.97
CA LYS D 109 -1.23 -52.30 30.47
C LYS D 109 0.15 -51.60 30.52
N ARG D 110 1.18 -52.29 31.04
CA ARG D 110 2.52 -51.68 31.19
C ARG D 110 3.37 -51.88 29.93
N VAL D 111 4.36 -51.01 29.80
CA VAL D 111 5.29 -51.01 28.63
C VAL D 111 5.96 -52.40 28.57
N TYR D 112 6.32 -52.97 29.72
CA TYR D 112 7.03 -54.27 29.82
C TYR D 112 6.15 -55.27 30.58
N GLU D 113 5.04 -55.63 29.95
CA GLU D 113 3.96 -56.41 30.62
C GLU D 113 4.54 -57.76 31.09
N ASN D 114 5.42 -58.38 30.30
CA ASN D 114 6.00 -59.71 30.63
C ASN D 114 6.85 -59.58 31.89
N ASP D 115 7.42 -58.40 32.15
CA ASP D 115 8.34 -58.13 33.28
C ASP D 115 7.57 -57.46 34.41
N ARG D 116 6.26 -57.24 34.24
CA ARG D 116 5.41 -56.47 35.20
C ARG D 116 6.12 -55.17 35.54
N GLU D 117 6.65 -54.49 34.53
CA GLU D 117 7.48 -53.28 34.76
C GLU D 117 7.23 -52.20 33.70
N GLY D 118 7.60 -51.00 34.07
CA GLY D 118 7.54 -49.79 33.24
C GLY D 118 6.30 -49.02 33.57
N THR D 119 6.14 -47.86 32.93
CA THR D 119 4.89 -47.10 33.02
C THR D 119 3.74 -47.86 32.39
N GLY D 120 2.52 -47.39 32.62
CA GLY D 120 1.38 -47.69 31.74
C GLY D 120 1.66 -47.19 30.34
N ILE D 121 1.05 -47.80 29.34
CA ILE D 121 1.22 -47.33 27.94
C ILE D 121 0.44 -46.03 27.71
N GLY D 122 -0.50 -45.70 28.60
CA GLY D 122 -1.30 -44.48 28.47
C GLY D 122 -2.31 -44.59 27.35
N VAL D 123 -2.88 -43.46 26.98
CA VAL D 123 -3.85 -43.41 25.86
C VAL D 123 -3.07 -43.42 24.53
N GLU D 124 -3.40 -44.32 23.62
CA GLU D 124 -2.88 -44.26 22.24
C GLU D 124 -3.91 -44.81 21.27
N GLY D 125 -3.63 -44.62 19.99
CA GLY D 125 -4.55 -45.04 18.92
C GLY D 125 -5.20 -43.86 18.25
N MET D 126 -6.37 -44.10 17.69
CA MET D 126 -7.01 -43.19 16.73
C MET D 126 -7.33 -41.90 17.46
N GLY D 127 -7.10 -40.80 16.76
CA GLY D 127 -7.60 -39.47 17.16
C GLY D 127 -8.67 -39.06 16.19
N TYR D 128 -9.84 -38.67 16.68
CA TYR D 128 -10.87 -38.04 15.81
C TYR D 128 -11.33 -36.77 16.50
N HIS D 129 -11.05 -35.66 15.87
CA HIS D 129 -11.32 -34.35 16.50
C HIS D 129 -12.05 -33.52 15.45
N MET D 130 -13.26 -33.12 15.76
CA MET D 130 -14.00 -32.24 14.84
C MET D 130 -14.86 -31.31 15.66
N PHE D 131 -15.11 -30.15 15.11
CA PHE D 131 -16.11 -29.25 15.73
C PHE D 131 -16.84 -28.55 14.60
N ALA D 132 -18.03 -28.03 14.94
CA ALA D 132 -18.87 -27.28 14.01
C ALA D 132 -19.60 -26.18 14.77
N ILE D 133 -19.73 -25.04 14.12
CA ILE D 133 -20.43 -23.83 14.65
C ILE D 133 -21.37 -23.35 13.55
N GLY D 134 -22.66 -23.24 13.84
CA GLY D 134 -23.67 -22.85 12.86
C GLY D 134 -24.89 -22.23 13.48
N GLY D 135 -25.73 -21.71 12.60
CA GLY D 135 -26.99 -21.02 12.90
C GLY D 135 -28.16 -21.98 12.88
N GLU D 136 -27.89 -23.26 12.70
CA GLU D 136 -28.88 -24.34 12.61
C GLU D 136 -28.11 -25.64 12.80
N PRO D 137 -28.81 -26.77 13.05
CA PRO D 137 -28.11 -28.02 13.30
C PRO D 137 -27.16 -28.37 12.16
N LEU D 138 -26.05 -29.04 12.51
CA LEU D 138 -25.11 -29.59 11.53
C LEU D 138 -25.83 -30.58 10.62
N GLU D 139 -25.58 -30.48 9.32
CA GLU D 139 -26.22 -31.31 8.29
C GLU D 139 -25.27 -32.49 8.06
N LEU D 140 -25.83 -33.70 8.12
CA LEU D 140 -25.07 -34.98 8.16
C LEU D 140 -25.29 -35.79 6.89
N GLN D 141 -24.27 -36.55 6.51
CA GLN D 141 -24.33 -37.67 5.56
C GLN D 141 -24.12 -38.97 6.33
N PHE D 142 -25.04 -39.90 6.18
CA PHE D 142 -24.97 -41.24 6.78
C PHE D 142 -23.97 -42.02 5.96
N MET D 143 -22.95 -42.58 6.60
CA MET D 143 -21.98 -43.44 5.90
C MET D 143 -21.29 -44.36 6.91
N VAL D 144 -21.27 -45.65 6.61
CA VAL D 144 -20.81 -46.70 7.55
C VAL D 144 -19.72 -47.57 6.90
N PHE D 145 -18.86 -48.14 7.72
CA PHE D 145 -17.81 -49.09 7.27
C PHE D 145 -18.46 -50.36 6.70
N ASN D 146 -19.48 -50.86 7.43
CA ASN D 146 -20.20 -52.13 7.16
C ASN D 146 -21.71 -51.85 7.26
N HIS D 147 -22.42 -51.91 6.15
CA HIS D 147 -23.86 -51.58 6.13
C HIS D 147 -24.68 -52.60 6.92
N ARG D 148 -24.16 -53.81 7.15
CA ARG D 148 -24.90 -54.90 7.82
C ARG D 148 -24.75 -54.82 9.35
N ALA D 149 -24.01 -53.84 9.88
CA ALA D 149 -23.97 -53.55 11.32
C ALA D 149 -25.39 -53.24 11.82
N THR D 150 -25.80 -53.88 12.90
CA THR D 150 -27.10 -53.58 13.56
C THR D 150 -26.79 -52.71 14.77
N TYR D 151 -27.13 -51.43 14.67
CA TYR D 151 -26.89 -50.45 15.76
C TYR D 151 -27.95 -50.70 16.82
N PRO D 152 -27.63 -50.44 18.09
CA PRO D 152 -28.60 -50.62 19.17
C PRO D 152 -29.70 -49.56 19.20
N ALA D 153 -30.81 -49.88 19.86
CA ALA D 153 -32.02 -49.01 19.91
C ALA D 153 -31.72 -47.57 20.40
N GLU D 154 -30.74 -47.38 21.30
CA GLU D 154 -30.38 -46.06 21.91
C GLU D 154 -29.83 -45.10 20.85
N ALA D 155 -29.25 -45.63 19.78
CA ALA D 155 -28.53 -44.88 18.74
C ALA D 155 -29.54 -44.37 17.69
N THR D 156 -29.28 -43.19 17.12
CA THR D 156 -30.02 -42.66 15.94
C THR D 156 -29.20 -43.01 14.70
N VAL D 157 -29.74 -43.91 13.88
CA VAL D 157 -29.13 -44.35 12.60
C VAL D 157 -30.24 -44.54 11.57
N ILE D 158 -29.86 -44.66 10.31
CA ILE D 158 -30.74 -45.15 9.22
C ILE D 158 -30.73 -46.68 9.27
N LYS D 159 -31.85 -47.31 9.63
CA LYS D 159 -31.93 -48.78 9.76
C LYS D 159 -31.91 -49.42 8.37
N ASN D 160 -31.27 -50.58 8.23
CA ASN D 160 -31.20 -51.35 6.95
C ASN D 160 -30.80 -50.43 5.81
N PRO D 161 -29.66 -49.71 5.96
CA PRO D 161 -29.29 -48.66 5.01
C PRO D 161 -28.89 -49.17 3.62
N GLY D 162 -28.55 -50.46 3.52
CA GLY D 162 -28.16 -51.07 2.23
C GLY D 162 -26.71 -50.79 1.86
N ALA D 163 -26.21 -51.56 0.90
CA ALA D 163 -24.80 -51.56 0.44
C ALA D 163 -24.30 -50.15 0.10
N SER D 164 -25.13 -49.30 -0.50
CA SER D 164 -24.78 -47.95 -1.02
C SER D 164 -24.32 -47.04 0.14
N SER D 165 -24.68 -47.38 1.37
CA SER D 165 -24.33 -46.59 2.58
C SER D 165 -22.87 -46.81 2.95
N GLN D 166 -22.17 -47.76 2.32
CA GLN D 166 -20.71 -47.95 2.57
C GLN D 166 -19.93 -46.88 1.78
N VAL D 167 -20.57 -46.20 0.84
CA VAL D 167 -20.02 -45.03 0.13
C VAL D 167 -21.11 -43.94 0.11
N PHE D 168 -21.13 -43.07 -0.89
CA PHE D 168 -22.06 -41.92 -0.92
C PHE D 168 -23.39 -42.35 -1.54
N ASP D 169 -24.48 -42.14 -0.82
CA ASP D 169 -25.86 -42.32 -1.33
C ASP D 169 -26.63 -41.03 -1.03
N PRO D 170 -27.04 -40.25 -2.06
CA PRO D 170 -27.64 -38.94 -1.82
C PRO D 170 -28.94 -39.02 -1.01
N ASN D 171 -29.54 -40.20 -0.87
CA ASN D 171 -30.79 -40.38 -0.08
C ASN D 171 -30.51 -40.31 1.42
N LEU D 172 -29.28 -40.57 1.86
CA LEU D 172 -29.02 -40.96 3.25
C LEU D 172 -28.53 -39.73 4.03
N LYS D 173 -29.44 -38.79 4.27
CA LYS D 173 -29.18 -37.51 4.94
C LYS D 173 -29.77 -37.52 6.35
N GLY D 174 -29.19 -36.70 7.22
CA GLY D 174 -29.71 -36.38 8.55
C GLY D 174 -29.24 -35.02 9.02
N THR D 175 -29.65 -34.67 10.24
CA THR D 175 -29.20 -33.48 10.97
C THR D 175 -28.90 -33.89 12.40
N LEU D 176 -27.86 -33.27 12.96
CA LEU D 176 -27.40 -33.52 14.35
C LEU D 176 -28.34 -32.76 15.27
N THR D 177 -29.42 -33.42 15.62
CA THR D 177 -30.53 -32.82 16.41
C THR D 177 -30.47 -33.20 17.88
N ALA D 178 -29.66 -34.20 18.29
CA ALA D 178 -29.66 -34.67 19.68
C ALA D 178 -28.25 -35.06 20.09
N ASP D 179 -27.94 -34.78 21.35
CA ASP D 179 -26.65 -35.08 21.99
C ASP D 179 -26.54 -36.57 22.31
N GLY D 180 -25.36 -37.15 22.07
CA GLY D 180 -24.94 -38.44 22.62
C GLY D 180 -25.66 -39.65 22.02
N VAL D 181 -26.26 -39.54 20.83
CA VAL D 181 -27.01 -40.63 20.14
C VAL D 181 -26.65 -40.86 18.67
N PHE D 182 -26.08 -39.91 17.94
CA PHE D 182 -25.68 -40.12 16.51
C PHE D 182 -24.29 -40.74 16.56
N PRO D 183 -24.10 -42.04 16.21
CA PRO D 183 -22.77 -42.64 16.27
C PRO D 183 -21.78 -41.92 15.35
N VAL D 184 -20.55 -41.68 15.84
CA VAL D 184 -19.49 -41.02 15.04
C VAL D 184 -19.21 -41.90 13.83
N GLU D 185 -19.23 -43.21 13.98
CA GLU D 185 -18.88 -44.14 12.88
C GLU D 185 -19.98 -44.22 11.82
N ALA D 186 -21.15 -43.61 12.03
CA ALA D 186 -22.32 -43.73 11.12
C ALA D 186 -22.68 -42.40 10.48
N TRP D 187 -22.22 -41.29 11.02
CA TRP D 187 -22.55 -39.96 10.45
C TRP D 187 -21.31 -39.08 10.35
N GLY D 188 -21.26 -38.26 9.30
CA GLY D 188 -20.22 -37.25 9.09
C GLY D 188 -20.84 -35.98 8.53
N PRO D 189 -20.09 -34.87 8.50
CA PRO D 189 -20.62 -33.64 7.90
C PRO D 189 -20.87 -33.79 6.40
N ASP D 190 -21.96 -33.16 5.94
CA ASP D 190 -22.49 -33.21 4.55
C ASP D 190 -22.01 -31.96 3.84
N PRO D 191 -21.01 -32.07 2.91
CA PRO D 191 -20.50 -30.89 2.20
C PRO D 191 -21.48 -30.35 1.15
N PHE D 192 -22.52 -31.10 0.82
CA PHE D 192 -23.61 -30.63 -0.09
C PHE D 192 -24.49 -29.61 0.61
N LYS D 193 -24.40 -29.51 1.93
CA LYS D 193 -25.28 -28.63 2.73
C LYS D 193 -24.37 -27.78 3.61
N ASN D 194 -24.83 -27.44 4.80
CA ASN D 194 -24.04 -26.67 5.78
C ASN D 194 -23.59 -25.33 5.19
N GLU D 195 -24.48 -24.65 4.46
CA GLU D 195 -24.21 -23.27 3.97
C GLU D 195 -24.14 -22.33 5.18
N ASN D 196 -24.75 -22.69 6.32
CA ASN D 196 -24.91 -21.78 7.48
C ASN D 196 -24.16 -22.32 8.69
N THR D 197 -23.16 -23.17 8.45
CA THR D 197 -22.33 -23.82 9.49
C THR D 197 -20.90 -23.85 9.00
N ARG D 198 -19.93 -23.70 9.88
CA ARG D 198 -18.52 -24.01 9.52
C ARG D 198 -18.11 -25.26 10.31
N TYR D 199 -17.52 -26.26 9.65
CA TYR D 199 -17.03 -27.46 10.38
C TYR D 199 -15.57 -27.72 9.98
N PHE D 200 -14.89 -28.38 10.89
CA PHE D 200 -13.44 -28.69 10.86
C PHE D 200 -13.23 -30.04 11.53
N GLY D 201 -12.46 -30.90 10.87
CA GLY D 201 -12.20 -32.24 11.39
C GLY D 201 -10.83 -32.76 11.00
N GLN D 202 -10.30 -33.60 11.87
CA GLN D 202 -9.09 -34.42 11.58
C GLN D 202 -9.21 -35.81 12.21
N TYR D 203 -8.88 -36.80 11.41
CA TYR D 203 -8.77 -38.22 11.78
C TYR D 203 -7.31 -38.64 11.63
N THR D 204 -6.75 -39.21 12.70
CA THR D 204 -5.46 -39.93 12.71
C THR D 204 -5.76 -41.33 13.20
N GLY D 205 -5.56 -42.32 12.35
CA GLY D 205 -5.91 -43.71 12.69
C GLY D 205 -4.79 -44.42 13.42
N GLY D 206 -4.89 -45.74 13.54
CA GLY D 206 -3.95 -46.59 14.30
C GLY D 206 -4.51 -46.91 15.68
N THR D 207 -3.87 -47.89 16.35
CA THR D 207 -4.19 -48.33 17.72
C THR D 207 -3.00 -48.08 18.65
N GLN D 208 -1.81 -47.82 18.10
CA GLN D 208 -0.57 -47.44 18.84
C GLN D 208 -0.11 -46.01 18.47
N THR D 209 -0.90 -45.28 17.70
CA THR D 209 -0.55 -43.90 17.30
C THR D 209 -0.46 -43.01 18.54
N PRO D 210 0.61 -42.20 18.71
CA PRO D 210 0.64 -41.18 19.78
C PRO D 210 -0.39 -40.08 19.59
N PRO D 211 -1.22 -39.76 20.61
CA PRO D 211 -2.11 -38.60 20.56
C PRO D 211 -1.25 -37.35 20.44
N VAL D 212 -1.71 -36.37 19.67
CA VAL D 212 -1.05 -35.06 19.54
C VAL D 212 -2.12 -34.00 19.74
N LEU D 213 -2.02 -33.25 20.82
CA LEU D 213 -3.06 -32.24 21.18
C LEU D 213 -2.38 -30.94 21.53
N THR D 214 -2.98 -29.80 21.16
CA THR D 214 -2.46 -28.47 21.57
C THR D 214 -3.59 -27.72 22.29
N PHE D 215 -3.21 -26.78 23.14
CA PHE D 215 -4.21 -25.95 23.86
C PHE D 215 -3.57 -24.59 24.08
N THR D 216 -4.33 -23.55 23.77
CA THR D 216 -3.92 -22.17 24.00
C THR D 216 -5.18 -21.32 24.09
N ASN D 217 -5.12 -20.21 24.80
CA ASN D 217 -6.26 -19.24 24.80
C ASN D 217 -5.96 -18.08 23.85
N THR D 218 -5.01 -18.24 22.92
CA THR D 218 -4.54 -17.13 22.05
C THR D 218 -4.95 -17.30 20.57
N GLN D 219 -5.67 -18.36 20.22
CA GLN D 219 -5.96 -18.69 18.80
C GLN D 219 -7.43 -18.44 18.50
N THR D 220 -7.69 -17.59 17.51
CA THR D 220 -9.05 -17.26 17.04
C THR D 220 -9.20 -17.75 15.61
N THR D 221 -10.32 -18.42 15.30
CA THR D 221 -10.69 -18.83 13.94
C THR D 221 -11.81 -17.92 13.47
N ILE D 222 -11.63 -17.30 12.30
CA ILE D 222 -12.62 -16.41 11.64
C ILE D 222 -13.69 -17.32 11.02
N LEU D 223 -14.97 -17.00 11.20
CA LEU D 223 -16.07 -17.83 10.67
C LEU D 223 -16.76 -17.18 9.46
N LEU D 224 -16.29 -16.01 9.00
CA LEU D 224 -16.89 -15.31 7.84
C LEU D 224 -16.64 -16.16 6.59
N ASP D 225 -17.65 -16.27 5.74
CA ASP D 225 -17.47 -16.94 4.43
C ASP D 225 -16.84 -15.94 3.45
N GLU D 226 -16.76 -16.37 2.19
CA GLU D 226 -16.17 -15.66 1.05
C GLU D 226 -16.97 -14.38 0.71
N ASN D 227 -18.20 -14.23 1.21
CA ASN D 227 -19.03 -13.00 1.07
C ASN D 227 -18.94 -12.13 2.34
N GLY D 228 -18.09 -12.51 3.30
CA GLY D 228 -17.90 -11.81 4.58
C GLY D 228 -19.10 -11.99 5.49
N VAL D 229 -19.84 -13.09 5.32
CA VAL D 229 -21.00 -13.42 6.20
C VAL D 229 -20.64 -14.62 7.09
N GLY D 230 -20.88 -14.47 8.40
CA GLY D 230 -20.75 -15.56 9.39
C GLY D 230 -22.05 -16.33 9.49
N PRO D 231 -22.07 -17.53 10.12
CA PRO D 231 -23.31 -18.22 10.44
C PRO D 231 -24.36 -17.29 11.07
N LEU D 232 -25.59 -17.32 10.52
CA LEU D 232 -26.73 -16.50 11.00
C LEU D 232 -27.65 -17.38 11.85
N CYS D 233 -27.88 -16.97 13.11
CA CYS D 233 -28.50 -17.83 14.16
C CYS D 233 -30.02 -17.78 14.01
N LYS D 234 -30.57 -18.79 13.33
CA LYS D 234 -32.03 -18.90 13.09
C LYS D 234 -32.71 -19.07 14.43
N GLY D 235 -33.75 -18.27 14.70
CA GLY D 235 -34.48 -18.39 15.96
C GLY D 235 -33.60 -18.06 17.16
N ASP D 236 -32.51 -17.32 16.95
CA ASP D 236 -31.62 -16.87 18.05
C ASP D 236 -31.03 -18.12 18.72
N GLY D 237 -30.71 -19.11 17.91
CA GLY D 237 -30.05 -20.34 18.34
C GLY D 237 -28.67 -20.51 17.70
N LEU D 238 -27.67 -20.75 18.52
CA LEU D 238 -26.29 -21.10 18.07
C LEU D 238 -26.06 -22.59 18.31
N PHE D 239 -25.67 -23.32 17.27
CA PHE D 239 -25.50 -24.79 17.32
C PHE D 239 -24.00 -25.10 17.41
N LEU D 240 -23.60 -25.77 18.48
CA LEU D 240 -22.21 -26.25 18.72
C LEU D 240 -22.21 -27.77 18.62
N SER D 241 -21.28 -28.35 17.87
CA SER D 241 -21.20 -29.82 17.75
C SER D 241 -19.73 -30.21 17.80
N CYS D 242 -19.44 -31.42 18.29
CA CYS D 242 -18.04 -31.89 18.29
C CYS D 242 -17.97 -33.39 18.53
N ALA D 243 -16.78 -33.95 18.30
CA ALA D 243 -16.37 -35.30 18.77
C ALA D 243 -14.87 -35.18 19.02
N ASP D 244 -14.42 -35.67 20.15
CA ASP D 244 -12.99 -35.59 20.54
C ASP D 244 -12.55 -36.94 21.13
N ILE D 245 -12.40 -37.92 20.24
CA ILE D 245 -11.84 -39.25 20.56
C ILE D 245 -10.32 -39.10 20.68
N VAL D 246 -9.75 -39.26 21.85
CA VAL D 246 -8.29 -39.03 22.07
C VAL D 246 -7.49 -40.28 21.68
N GLY D 247 -8.09 -41.45 21.88
CA GLY D 247 -7.48 -42.76 21.61
C GLY D 247 -8.12 -43.81 22.49
N PHE D 248 -7.38 -44.85 22.78
CA PHE D 248 -7.87 -46.00 23.59
C PHE D 248 -7.08 -46.12 24.88
N PHE D 249 -7.80 -46.54 25.90
CA PHE D 249 -7.31 -46.99 27.22
C PHE D 249 -7.24 -48.50 27.18
N THR D 250 -6.07 -49.06 27.48
CA THR D 250 -5.84 -50.53 27.46
C THR D 250 -5.59 -51.00 28.90
N GLN D 251 -6.43 -51.93 29.37
CA GLN D 251 -6.31 -52.50 30.72
C GLN D 251 -5.23 -53.58 30.74
N HIS D 252 -4.86 -54.05 31.93
CA HIS D 252 -3.87 -55.14 32.10
C HIS D 252 -4.30 -56.38 31.33
N ASN D 253 -5.61 -56.66 31.27
CA ASN D 253 -6.17 -57.86 30.61
C ASN D 253 -6.40 -57.61 29.11
N LYS D 254 -5.90 -56.48 28.60
CA LYS D 254 -5.86 -56.08 27.15
C LYS D 254 -7.23 -55.60 26.67
N LYS D 255 -8.25 -55.47 27.54
CA LYS D 255 -9.52 -54.88 27.10
C LYS D 255 -9.29 -53.39 26.79
N MET D 256 -9.90 -52.90 25.73
CA MET D 256 -9.66 -51.51 25.24
C MET D 256 -10.98 -50.74 25.17
N SER D 257 -10.92 -49.48 25.55
CA SER D 257 -12.06 -48.54 25.52
C SER D 257 -11.63 -47.22 24.90
N PHE D 258 -12.56 -46.55 24.24
CA PHE D 258 -12.41 -45.15 23.78
C PHE D 258 -12.20 -44.26 25.00
N ARG D 259 -11.32 -43.26 24.92
CA ARG D 259 -11.26 -42.13 25.89
C ARG D 259 -11.52 -40.85 25.11
N GLY D 260 -12.42 -40.01 25.62
CA GLY D 260 -12.76 -38.70 25.03
C GLY D 260 -12.43 -37.58 25.97
N LEU D 261 -12.35 -36.36 25.46
CA LEU D 261 -12.17 -35.14 26.26
C LEU D 261 -13.25 -34.12 25.91
N PRO D 262 -13.57 -33.25 26.89
CA PRO D 262 -14.53 -32.17 26.68
C PRO D 262 -13.91 -31.07 25.81
N ARG D 263 -14.78 -30.28 25.18
CA ARG D 263 -14.35 -29.18 24.28
C ARG D 263 -14.97 -27.88 24.77
N TYR D 264 -14.11 -26.88 24.88
CA TYR D 264 -14.46 -25.47 25.14
C TYR D 264 -14.75 -24.72 23.85
N PHE D 265 -15.76 -23.86 23.90
CA PHE D 265 -16.13 -22.95 22.81
C PHE D 265 -16.31 -21.53 23.34
N ARG D 266 -15.68 -20.57 22.68
CA ARG D 266 -16.02 -19.14 22.80
C ARG D 266 -16.43 -18.68 21.42
N VAL D 267 -17.60 -18.09 21.31
CA VAL D 267 -18.06 -17.61 19.99
C VAL D 267 -18.43 -16.15 20.12
N THR D 268 -17.86 -15.34 19.22
CA THR D 268 -18.05 -13.87 19.17
C THR D 268 -19.09 -13.63 18.08
N LEU D 269 -20.20 -12.97 18.45
CA LEU D 269 -21.32 -12.68 17.55
C LEU D 269 -21.58 -11.17 17.48
N ARG D 270 -22.07 -10.75 16.32
CA ARG D 270 -22.49 -9.37 16.02
C ARG D 270 -23.89 -9.34 15.42
N LYS D 271 -24.53 -8.17 15.53
CA LYS D 271 -25.88 -7.97 14.99
C LYS D 271 -25.75 -7.67 13.51
N ARG D 272 -26.48 -8.44 12.73
CA ARG D 272 -26.62 -8.29 11.27
C ARG D 272 -28.08 -7.99 10.94
N VAL D 273 -28.31 -6.94 10.17
CA VAL D 273 -29.64 -6.66 9.59
C VAL D 273 -29.88 -7.68 8.48
N VAL D 274 -31.06 -8.29 8.50
CA VAL D 274 -31.49 -9.16 7.36
C VAL D 274 -32.90 -8.77 6.92
N LYS D 275 -33.25 -9.14 5.69
CA LYS D 275 -34.60 -8.89 5.10
C LYS D 275 -35.59 -9.85 5.76
N ASN D 276 -36.81 -9.38 6.01
CA ASN D 276 -37.87 -10.13 6.74
C ASN D 276 -39.23 -9.90 6.06
N ILE E 7 -10.56 -3.85 35.67
CA ILE E 7 -9.59 -2.73 35.40
C ILE E 7 -10.04 -1.98 34.15
N GLU E 8 -10.29 -0.67 34.28
CA GLU E 8 -10.49 0.27 33.14
C GLU E 8 -9.11 0.67 32.61
N VAL E 9 -8.76 0.27 31.39
CA VAL E 9 -7.40 0.44 30.79
C VAL E 9 -7.36 1.74 29.98
N LEU E 10 -6.49 2.67 30.36
CA LEU E 10 -6.27 3.95 29.63
C LEU E 10 -5.01 3.79 28.78
N ALA E 11 -4.23 4.86 28.60
CA ALA E 11 -3.14 4.93 27.60
C ALA E 11 -1.87 4.29 28.14
N VAL E 12 -1.02 3.88 27.21
CA VAL E 12 0.39 3.45 27.44
C VAL E 12 1.18 4.67 27.91
N ARG E 13 1.65 4.66 29.16
CA ARG E 13 2.49 5.74 29.76
C ARG E 13 3.85 5.75 29.07
N ASP E 17 12.56 4.87 31.01
CA ASP E 17 11.63 5.05 32.15
C ASP E 17 10.53 3.97 32.13
N SER E 18 9.81 3.85 31.02
CA SER E 18 8.46 3.24 30.91
C SER E 18 8.51 1.74 30.60
N ILE E 19 9.67 1.21 30.20
CA ILE E 19 9.84 -0.20 29.76
C ILE E 19 10.75 -0.91 30.78
N THR E 20 10.44 -2.16 31.10
CA THR E 20 11.38 -3.02 31.87
C THR E 20 11.41 -4.41 31.24
N GLU E 21 12.47 -5.15 31.53
CA GLU E 21 12.66 -6.55 31.05
C GLU E 21 13.03 -7.41 32.25
N ILE E 22 12.42 -8.60 32.36
CA ILE E 22 12.79 -9.58 33.42
C ILE E 22 13.19 -10.88 32.72
N GLU E 23 14.10 -11.60 33.35
CA GLU E 23 14.45 -12.98 32.97
C GLU E 23 14.29 -13.85 34.21
N ALA E 24 13.90 -15.10 33.99
CA ALA E 24 13.63 -16.07 35.05
C ALA E 24 13.78 -17.46 34.46
N TYR E 25 14.00 -18.41 35.33
CA TYR E 25 13.98 -19.86 35.04
C TYR E 25 13.00 -20.48 36.03
N LEU E 26 12.28 -21.50 35.58
CA LEU E 26 11.60 -22.46 36.47
C LEU E 26 12.21 -23.83 36.23
N ASN E 27 12.73 -24.40 37.31
CA ASN E 27 13.22 -25.80 37.29
C ASN E 27 12.02 -26.73 37.32
N PRO E 28 12.12 -27.90 36.65
CA PRO E 28 11.02 -28.86 36.60
C PRO E 28 10.76 -29.49 37.98
N ARG E 29 9.54 -29.97 38.19
CA ARG E 29 9.10 -30.63 39.45
C ARG E 29 8.54 -32.02 39.11
N MET E 30 9.44 -32.92 38.69
CA MET E 30 9.11 -34.23 38.13
C MET E 30 8.81 -35.22 39.29
N GLY E 31 9.30 -34.95 40.51
CA GLY E 31 8.91 -35.72 41.70
C GLY E 31 10.06 -35.96 42.67
N GLN E 32 11.28 -36.27 42.19
CA GLN E 32 12.45 -36.46 43.11
C GLN E 32 12.91 -35.12 43.68
N PRO E 33 13.34 -35.10 44.96
CA PRO E 33 13.71 -33.86 45.65
C PRO E 33 14.92 -33.11 45.05
N GLN E 34 14.88 -31.78 45.17
CA GLN E 34 15.97 -30.85 44.77
C GLN E 34 17.23 -31.26 45.51
N ASN E 35 18.39 -30.94 44.94
CA ASN E 35 19.72 -31.08 45.59
C ASN E 35 19.96 -32.54 45.97
N GLU E 36 19.27 -33.51 45.34
CA GLU E 36 19.61 -34.95 45.48
C GLU E 36 19.84 -35.56 44.09
N ASP E 37 20.33 -36.79 44.05
CA ASP E 37 21.00 -37.35 42.85
C ASP E 37 20.03 -37.49 41.68
N PHE E 38 18.70 -37.50 41.90
CA PHE E 38 17.74 -37.67 40.78
C PHE E 38 16.89 -36.42 40.56
N TYR E 39 17.41 -35.24 40.92
CA TYR E 39 16.79 -33.94 40.61
C TYR E 39 16.62 -33.83 39.08
N GLY E 40 15.41 -33.52 38.63
CA GLY E 40 15.09 -33.58 37.19
C GLY E 40 14.27 -34.80 36.80
N PHE E 41 14.17 -35.84 37.64
CA PHE E 41 13.48 -37.14 37.38
C PHE E 41 12.32 -37.27 38.36
N SER E 42 11.37 -38.11 38.01
CA SER E 42 10.44 -38.70 38.99
C SER E 42 11.13 -39.88 39.65
N ASP E 43 10.51 -40.40 40.70
CA ASP E 43 10.80 -41.77 41.17
C ASP E 43 10.25 -42.74 40.10
N ASN E 44 10.66 -44.00 40.15
CA ASN E 44 10.17 -45.02 39.20
C ASN E 44 8.65 -45.16 39.32
N VAL E 45 7.97 -45.17 38.19
CA VAL E 45 6.48 -45.21 38.12
C VAL E 45 6.00 -46.62 38.45
N THR E 46 5.06 -46.73 39.40
CA THR E 46 4.31 -47.97 39.69
C THR E 46 2.89 -47.82 39.13
N VAL E 47 2.25 -48.93 38.83
CA VAL E 47 0.94 -48.93 38.14
C VAL E 47 -0.05 -49.75 38.96
N SER E 48 -1.26 -49.21 39.17
CA SER E 48 -2.32 -49.85 39.96
C SER E 48 -2.92 -51.04 39.18
N ASP E 49 -3.57 -52.00 39.85
CA ASP E 49 -4.25 -53.14 39.19
C ASP E 49 -5.66 -52.73 38.73
N ASP E 50 -6.25 -51.67 39.31
CA ASP E 50 -7.62 -51.24 38.93
C ASP E 50 -7.81 -49.79 39.35
N PHE E 51 -8.85 -49.14 38.82
CA PHE E 51 -9.15 -47.73 39.14
C PHE E 51 -9.51 -47.61 40.63
N GLY E 52 -10.11 -48.64 41.24
CA GLY E 52 -10.58 -48.59 42.65
C GLY E 52 -9.44 -48.51 43.65
N SER E 53 -8.27 -49.09 43.36
CA SER E 53 -7.13 -49.23 44.30
C SER E 53 -5.94 -48.38 43.82
N ASP E 54 -6.23 -47.32 43.10
CA ASP E 54 -5.26 -46.45 42.39
C ASP E 54 -4.82 -45.39 43.40
N ALA E 55 -3.57 -45.44 43.83
CA ALA E 55 -3.00 -44.51 44.82
C ALA E 55 -1.54 -44.21 44.44
N PRO E 56 -1.29 -43.27 43.50
CA PRO E 56 0.07 -42.99 43.02
C PRO E 56 0.90 -42.40 44.16
N PRO E 57 2.00 -43.07 44.56
CA PRO E 57 2.89 -42.54 45.59
C PRO E 57 3.50 -41.20 45.18
N TRP E 58 3.66 -40.35 46.18
CA TRP E 58 4.42 -39.09 46.03
C TRP E 58 5.81 -39.38 45.46
N LYS E 59 6.21 -38.48 44.58
CA LYS E 59 7.50 -38.43 43.81
C LYS E 59 7.40 -39.22 42.50
N GLN E 60 6.32 -39.96 42.24
CA GLN E 60 6.18 -40.79 41.02
C GLN E 60 5.45 -40.06 39.89
N PHE E 61 5.02 -38.82 40.09
CA PHE E 61 4.29 -38.06 39.06
C PHE E 61 4.72 -36.60 39.11
N PRO E 62 4.77 -35.92 37.95
CA PRO E 62 5.15 -34.53 37.86
C PRO E 62 4.05 -33.56 38.33
N CYS E 63 4.48 -32.43 38.88
CA CYS E 63 3.64 -31.26 39.27
C CYS E 63 4.08 -30.03 38.47
N TYR E 64 3.18 -29.04 38.36
CA TYR E 64 3.48 -27.74 37.73
C TYR E 64 4.53 -26.95 38.52
N SER E 65 5.36 -26.21 37.81
CA SER E 65 6.28 -25.19 38.35
C SER E 65 5.58 -23.83 38.25
N THR E 66 5.85 -22.95 39.21
CA THR E 66 5.27 -21.59 39.17
C THR E 66 6.16 -20.68 40.00
N ALA E 67 6.21 -19.42 39.60
CA ALA E 67 6.85 -18.35 40.38
C ALA E 67 6.11 -17.03 40.15
N ARG E 68 6.11 -16.21 41.18
CA ARG E 68 5.73 -14.78 41.10
C ARG E 68 7.02 -13.96 41.10
N ILE E 69 7.22 -13.14 40.07
CA ILE E 69 8.36 -12.21 39.92
C ILE E 69 7.91 -10.83 40.42
N SER E 70 8.62 -10.27 41.39
CA SER E 70 8.42 -8.89 41.91
C SER E 70 8.93 -7.91 40.85
N LEU E 71 8.10 -6.96 40.43
CA LEU E 71 8.44 -5.99 39.38
C LEU E 71 8.89 -4.72 40.07
N PRO E 72 9.57 -3.79 39.36
CA PRO E 72 10.03 -2.54 39.98
C PRO E 72 8.86 -1.76 40.61
N MET E 73 9.11 -1.09 41.74
CA MET E 73 8.19 -0.08 42.32
C MET E 73 7.98 0.98 41.24
N LEU E 74 6.72 1.34 40.98
CA LEU E 74 6.34 2.18 39.79
C LEU E 74 6.59 3.67 40.09
N THR E 82 -6.43 7.77 38.43
CA THR E 82 -5.73 6.72 37.64
C THR E 82 -4.54 6.16 38.43
N ILE E 83 -4.11 4.94 38.10
CA ILE E 83 -2.89 4.26 38.63
C ILE E 83 -2.06 3.76 37.43
N LEU E 84 -0.77 3.51 37.63
CA LEU E 84 0.08 2.77 36.66
C LEU E 84 0.13 1.29 37.05
N MET E 85 0.10 0.42 36.04
CA MET E 85 0.38 -1.03 36.19
C MET E 85 1.42 -1.44 35.15
N TRP E 86 2.19 -2.48 35.44
CA TRP E 86 3.07 -3.13 34.44
C TRP E 86 2.22 -3.98 33.52
N GLU E 87 2.45 -3.85 32.23
CA GLU E 87 1.70 -4.56 31.17
C GLU E 87 2.73 -5.41 30.42
N ALA E 88 2.63 -6.75 30.52
CA ALA E 88 3.53 -7.65 29.76
C ALA E 88 3.12 -7.61 28.30
N ILE E 89 4.02 -7.20 27.40
CA ILE E 89 3.71 -7.00 25.95
C ILE E 89 4.34 -8.11 25.09
N SER E 90 5.46 -8.71 25.51
CA SER E 90 6.12 -9.76 24.70
C SER E 90 6.89 -10.71 25.63
N CYS E 91 7.16 -11.92 25.15
CA CYS E 91 8.08 -12.84 25.85
C CYS E 91 8.98 -13.58 24.86
N ARG E 92 10.09 -14.09 25.39
CA ARG E 92 10.83 -15.23 24.83
C ARG E 92 10.77 -16.34 25.87
N THR E 93 10.66 -17.58 25.41
CA THR E 93 10.75 -18.75 26.31
C THR E 93 11.50 -19.83 25.56
N GLU E 94 12.23 -20.60 26.34
CA GLU E 94 13.01 -21.71 25.78
C GLU E 94 13.12 -22.85 26.79
N VAL E 95 12.93 -24.08 26.31
CA VAL E 95 13.27 -25.26 27.13
C VAL E 95 14.79 -25.39 27.09
N MET E 96 15.46 -25.23 28.23
CA MET E 96 16.93 -25.34 28.30
C MET E 96 17.36 -26.80 28.53
N GLY E 97 18.62 -27.12 28.19
CA GLY E 97 19.20 -28.42 28.48
C GLY E 97 18.82 -29.46 27.43
N VAL E 98 18.23 -29.06 26.31
CA VAL E 98 17.88 -30.01 25.20
C VAL E 98 19.15 -30.80 24.86
N ASN E 99 20.30 -30.13 24.92
CA ASN E 99 21.62 -30.77 24.65
C ASN E 99 21.80 -32.07 25.43
N MET E 100 21.27 -32.19 26.66
CA MET E 100 21.58 -33.36 27.52
C MET E 100 20.98 -34.63 26.92
N LEU E 101 19.98 -34.52 26.04
CA LEU E 101 19.25 -35.71 25.48
C LEU E 101 20.10 -36.46 24.42
N THR E 102 21.27 -35.94 24.05
CA THR E 102 22.26 -36.64 23.20
C THR E 102 23.02 -37.70 24.01
N ASN E 103 22.77 -37.79 25.33
CA ASN E 103 23.37 -38.81 26.23
C ASN E 103 22.63 -40.14 26.05
N VAL E 104 23.31 -41.12 25.47
CA VAL E 104 22.81 -42.51 25.36
C VAL E 104 23.78 -43.47 26.06
N HIS E 105 24.52 -43.02 27.09
CA HIS E 105 25.44 -43.93 27.81
C HIS E 105 25.05 -44.08 29.28
N SER E 106 24.21 -43.24 29.86
CA SER E 106 24.01 -43.18 31.33
C SER E 106 22.94 -44.18 31.78
N ALA E 107 23.31 -45.42 32.07
CA ALA E 107 22.49 -46.46 32.78
C ALA E 107 21.13 -46.66 32.12
N GLN E 108 21.07 -46.61 30.78
CA GLN E 108 19.80 -46.78 30.01
C GLN E 108 19.70 -48.20 29.43
N LYS E 109 18.51 -48.77 29.44
CA LYS E 109 18.16 -49.95 28.61
C LYS E 109 18.78 -49.81 27.22
N ARG E 110 19.54 -50.81 26.81
CA ARG E 110 20.21 -50.84 25.49
C ARG E 110 19.24 -51.17 24.35
N VAL E 111 19.57 -50.68 23.16
CA VAL E 111 18.78 -50.98 21.93
C VAL E 111 18.68 -52.50 21.72
N TYR E 112 19.76 -53.25 21.93
CA TYR E 112 19.82 -54.72 21.76
C TYR E 112 20.10 -55.33 23.13
N GLU E 113 19.10 -55.25 24.03
CA GLU E 113 19.27 -55.67 25.45
C GLU E 113 19.64 -57.16 25.54
N ASN E 114 19.04 -58.00 24.69
CA ASN E 114 19.30 -59.47 24.68
C ASN E 114 20.78 -59.74 24.40
N ASP E 115 21.43 -58.84 23.66
CA ASP E 115 22.83 -58.97 23.17
C ASP E 115 23.76 -58.11 24.05
N ARG E 116 23.21 -57.43 25.05
CA ARG E 116 23.94 -56.42 25.86
C ARG E 116 24.74 -55.49 24.93
N GLU E 117 24.09 -54.96 23.90
CA GLU E 117 24.79 -54.18 22.86
C GLU E 117 23.93 -53.00 22.40
N GLY E 118 24.60 -52.06 21.75
CA GLY E 118 23.98 -50.85 21.19
C GLY E 118 24.04 -49.70 22.18
N THR E 119 23.63 -48.52 21.75
CA THR E 119 23.48 -47.36 22.64
C THR E 119 22.36 -47.62 23.65
N GLY E 120 22.26 -46.79 24.67
CA GLY E 120 21.01 -46.66 25.43
C GLY E 120 19.90 -46.18 24.51
N ILE E 121 18.65 -46.41 24.87
CA ILE E 121 17.46 -45.96 24.08
C ILE E 121 17.22 -44.47 24.31
N GLY E 122 17.87 -43.87 25.30
CA GLY E 122 17.71 -42.45 25.62
C GLY E 122 16.32 -42.18 26.17
N VAL E 123 15.97 -40.91 26.23
CA VAL E 123 14.64 -40.48 26.70
C VAL E 123 13.65 -40.69 25.55
N GLU E 124 12.55 -41.33 25.84
CA GLU E 124 11.49 -41.63 24.84
C GLU E 124 10.15 -41.51 25.54
N GLY E 125 9.09 -41.30 24.76
CA GLY E 125 7.73 -41.28 25.29
C GLY E 125 7.16 -39.88 25.29
N MET E 126 6.22 -39.64 26.20
CA MET E 126 5.30 -38.49 26.08
C MET E 126 6.05 -37.18 26.33
N GLY E 127 5.68 -36.18 25.55
CA GLY E 127 6.10 -34.80 25.71
C GLY E 127 4.90 -34.02 26.16
N TYR E 128 5.01 -33.30 27.28
CA TYR E 128 3.98 -32.32 27.69
C TYR E 128 4.74 -31.05 28.02
N HIS E 129 4.48 -30.00 27.25
CA HIS E 129 5.20 -28.72 27.28
C HIS E 129 4.15 -27.63 27.33
N MET E 130 4.08 -26.90 28.44
CA MET E 130 3.07 -25.83 28.56
C MET E 130 3.70 -24.68 29.33
N PHE E 131 3.36 -23.46 28.97
CA PHE E 131 3.85 -22.32 29.77
C PHE E 131 2.75 -21.29 29.83
N ALA E 132 2.75 -20.48 30.87
CA ALA E 132 1.75 -19.39 31.02
C ALA E 132 2.43 -18.19 31.63
N ILE E 133 2.04 -17.01 31.17
CA ILE E 133 2.57 -15.72 31.63
C ILE E 133 1.35 -14.85 31.90
N GLY E 134 1.23 -14.34 33.14
CA GLY E 134 0.01 -13.62 33.50
C GLY E 134 0.25 -12.55 34.54
N GLY E 135 -0.79 -11.75 34.78
CA GLY E 135 -0.79 -10.69 35.80
C GLY E 135 -1.42 -11.15 37.09
N GLU E 136 -1.68 -12.45 37.23
CA GLU E 136 -2.25 -13.08 38.42
C GLU E 136 -2.02 -14.59 38.28
N PRO E 137 -2.26 -15.39 39.34
CA PRO E 137 -2.07 -16.82 39.27
C PRO E 137 -2.87 -17.48 38.13
N LEU E 138 -2.25 -18.47 37.50
CA LEU E 138 -2.93 -19.29 36.46
C LEU E 138 -4.20 -19.89 37.06
N GLU E 139 -5.32 -19.73 36.35
CA GLU E 139 -6.60 -20.32 36.80
C GLU E 139 -6.71 -21.74 36.22
N LEU E 140 -7.01 -22.71 37.08
CA LEU E 140 -6.97 -24.16 36.78
C LEU E 140 -8.38 -24.77 36.71
N GLN E 141 -8.53 -25.74 35.81
CA GLN E 141 -9.66 -26.69 35.79
C GLN E 141 -9.12 -28.01 36.30
N PHE E 142 -9.80 -28.63 37.27
CA PHE E 142 -9.48 -29.97 37.81
C PHE E 142 -10.07 -30.96 36.83
N MET E 143 -9.25 -31.91 36.40
CA MET E 143 -9.69 -32.99 35.50
C MET E 143 -8.67 -34.12 35.56
N VAL E 144 -9.19 -35.31 35.76
CA VAL E 144 -8.37 -36.51 36.02
C VAL E 144 -8.81 -37.65 35.11
N PHE E 145 -7.89 -38.54 34.81
CA PHE E 145 -8.14 -39.75 34.00
C PHE E 145 -9.09 -40.69 34.76
N ASN E 146 -8.84 -40.84 36.06
CA ASN E 146 -9.53 -41.77 36.98
C ASN E 146 -9.90 -41.00 38.26
N HIS E 147 -11.18 -40.72 38.48
CA HIS E 147 -11.64 -39.93 39.65
C HIS E 147 -11.36 -40.67 40.97
N ARG E 148 -11.25 -42.00 40.96
CA ARG E 148 -11.07 -42.79 42.22
C ARG E 148 -9.60 -42.81 42.65
N ALA E 149 -8.68 -42.23 41.87
CA ALA E 149 -7.26 -42.13 42.27
C ALA E 149 -7.20 -41.39 43.59
N THR E 150 -6.44 -41.92 44.55
CA THR E 150 -6.13 -41.26 45.84
C THR E 150 -4.76 -40.60 45.72
N TYR E 151 -4.72 -39.28 45.60
CA TYR E 151 -3.44 -38.54 45.51
C TYR E 151 -2.85 -38.46 46.91
N PRO E 152 -1.50 -38.41 47.03
CA PRO E 152 -0.88 -38.38 48.33
C PRO E 152 -1.02 -37.00 48.96
N ALA E 153 -0.83 -37.00 50.28
CA ALA E 153 -1.00 -35.86 51.20
C ALA E 153 -0.22 -34.64 50.70
N GLU E 154 0.98 -34.84 50.15
CA GLU E 154 1.88 -33.79 49.66
C GLU E 154 1.25 -33.03 48.48
N ALA E 155 0.36 -33.66 47.72
CA ALA E 155 -0.20 -33.06 46.50
C ALA E 155 -1.39 -32.16 46.87
N THR E 156 -1.58 -31.11 46.10
CA THR E 156 -2.81 -30.28 46.16
C THR E 156 -3.76 -30.73 45.05
N VAL E 157 -4.92 -31.21 45.46
CA VAL E 157 -5.97 -31.74 44.55
C VAL E 157 -7.31 -31.42 45.18
N ILE E 158 -8.38 -31.70 44.45
CA ILE E 158 -9.76 -31.78 44.99
C ILE E 158 -9.98 -33.22 45.48
N LYS E 159 -10.16 -33.41 46.79
CA LYS E 159 -10.40 -34.76 47.37
C LYS E 159 -11.79 -35.27 46.93
N ASN E 160 -11.91 -36.59 46.72
CA ASN E 160 -13.21 -37.27 46.38
C ASN E 160 -13.97 -36.44 45.35
N PRO E 161 -13.35 -36.17 44.19
CA PRO E 161 -13.93 -35.25 43.21
C PRO E 161 -15.14 -35.79 42.44
N GLY E 162 -15.39 -37.11 42.45
CA GLY E 162 -16.54 -37.75 41.81
C GLY E 162 -16.36 -38.01 40.33
N ALA E 163 -17.24 -38.83 39.75
CA ALA E 163 -17.18 -39.23 38.32
C ALA E 163 -17.12 -38.01 37.38
N SER E 164 -17.77 -36.87 37.68
CA SER E 164 -17.83 -35.69 36.77
C SER E 164 -16.43 -35.12 36.48
N SER E 165 -15.46 -35.38 37.37
CA SER E 165 -14.07 -34.84 37.32
C SER E 165 -13.28 -35.56 36.21
N GLN E 166 -13.83 -36.62 35.61
CA GLN E 166 -13.16 -37.35 34.50
C GLN E 166 -13.42 -36.62 33.18
N VAL E 167 -14.37 -35.67 33.16
CA VAL E 167 -14.66 -34.75 32.04
C VAL E 167 -14.81 -33.34 32.64
N PHE E 168 -15.54 -32.42 32.00
CA PHE E 168 -15.61 -31.05 32.51
C PHE E 168 -16.73 -30.94 33.56
N ASP E 169 -16.39 -30.49 34.77
CA ASP E 169 -17.34 -30.14 35.86
C ASP E 169 -17.07 -28.68 36.24
N PRO E 170 -18.02 -27.75 35.99
CA PRO E 170 -17.80 -26.33 36.24
C PRO E 170 -17.52 -26.01 37.72
N ASN E 171 -17.85 -26.92 38.63
CA ASN E 171 -17.61 -26.76 40.09
C ASN E 171 -16.15 -27.03 40.47
N LEU E 172 -15.30 -27.56 39.58
CA LEU E 172 -14.01 -28.14 40.02
C LEU E 172 -12.84 -27.26 39.56
N LYS E 173 -12.65 -26.16 40.30
CA LYS E 173 -11.73 -25.06 39.97
C LYS E 173 -10.61 -24.97 41.01
N GLY E 174 -9.46 -24.47 40.58
CA GLY E 174 -8.35 -24.06 41.46
C GLY E 174 -7.57 -22.90 40.85
N THR E 175 -6.51 -22.48 41.53
CA THR E 175 -5.50 -21.57 40.96
C THR E 175 -4.14 -22.11 41.40
N LEU E 176 -3.15 -21.88 40.54
CA LEU E 176 -1.78 -22.40 40.73
C LEU E 176 -1.03 -21.41 41.62
N THR E 177 -1.13 -21.65 42.92
CA THR E 177 -0.63 -20.76 44.01
C THR E 177 0.63 -21.35 44.64
N ALA E 178 1.05 -22.57 44.28
CA ALA E 178 2.25 -23.21 44.88
C ALA E 178 3.01 -24.01 43.82
N ASP E 179 4.32 -23.90 43.88
CA ASP E 179 5.29 -24.64 43.03
C ASP E 179 5.40 -26.09 43.49
N GLY E 180 5.49 -27.02 42.53
CA GLY E 180 5.76 -28.45 42.76
C GLY E 180 4.76 -29.23 43.59
N VAL E 181 3.47 -28.85 43.67
CA VAL E 181 2.47 -29.69 44.41
C VAL E 181 1.15 -29.92 43.65
N PHE E 182 0.88 -29.18 42.59
CA PHE E 182 -0.31 -29.36 41.72
C PHE E 182 0.06 -30.41 40.68
N PRO E 183 -0.48 -31.65 40.76
CA PRO E 183 -0.14 -32.69 39.80
C PRO E 183 -0.53 -32.28 38.38
N VAL E 184 0.39 -32.40 37.42
CA VAL E 184 0.04 -32.15 36.00
C VAL E 184 -1.17 -32.99 35.61
N GLU E 185 -1.27 -34.22 36.06
CA GLU E 185 -2.32 -35.15 35.58
C GLU E 185 -3.69 -34.77 36.17
N ALA E 186 -3.74 -33.86 37.16
CA ALA E 186 -5.02 -33.48 37.82
C ALA E 186 -5.52 -32.07 37.47
N TRP E 187 -4.64 -31.20 36.99
CA TRP E 187 -4.97 -29.78 36.69
C TRP E 187 -4.56 -29.37 35.28
N GLY E 188 -5.39 -28.59 34.62
CA GLY E 188 -5.04 -27.93 33.37
C GLY E 188 -5.52 -26.48 33.39
N PRO E 189 -5.05 -25.67 32.43
CA PRO E 189 -5.50 -24.28 32.32
C PRO E 189 -7.01 -24.24 32.07
N ASP E 190 -7.68 -23.27 32.70
CA ASP E 190 -9.17 -23.12 32.60
C ASP E 190 -9.48 -22.10 31.50
N PRO E 191 -10.03 -22.53 30.35
CA PRO E 191 -10.34 -21.60 29.26
C PRO E 191 -11.52 -20.66 29.58
N PHE E 192 -12.30 -20.99 30.60
CA PHE E 192 -13.43 -20.12 31.05
C PHE E 192 -12.90 -18.90 31.82
N LYS E 193 -11.64 -18.92 32.24
CA LYS E 193 -11.02 -17.82 33.04
C LYS E 193 -9.75 -17.39 32.30
N ASN E 194 -8.68 -17.03 33.01
CA ASN E 194 -7.39 -16.66 32.37
C ASN E 194 -7.56 -15.49 31.40
N GLU E 195 -8.41 -14.50 31.72
CA GLU E 195 -8.55 -13.32 30.82
C GLU E 195 -7.27 -12.46 30.92
N ASN E 196 -6.46 -12.63 31.97
CA ASN E 196 -5.29 -11.77 32.26
C ASN E 196 -4.02 -12.63 32.22
N THR E 197 -4.11 -13.81 31.60
CA THR E 197 -2.97 -14.74 31.40
C THR E 197 -2.97 -15.28 29.98
N ARG E 198 -1.79 -15.49 29.40
CA ARG E 198 -1.62 -16.19 28.10
C ARG E 198 -1.00 -17.56 28.38
N TYR E 199 -1.64 -18.64 27.94
CA TYR E 199 -1.10 -20.00 28.12
C TYR E 199 -1.07 -20.70 26.76
N PHE E 200 -0.08 -21.57 26.65
CA PHE E 200 0.26 -22.34 25.44
C PHE E 200 0.70 -23.73 25.89
N GLY E 201 0.18 -24.76 25.24
CA GLY E 201 0.51 -26.15 25.61
C GLY E 201 0.48 -27.07 24.42
N GLN E 202 1.36 -28.09 24.44
CA GLN E 202 1.39 -29.17 23.44
C GLN E 202 1.66 -30.48 24.18
N TYR E 203 0.89 -31.50 23.84
CA TYR E 203 1.07 -32.89 24.30
C TYR E 203 1.30 -33.81 23.10
N THR E 204 2.35 -34.63 23.17
CA THR E 204 2.53 -35.79 22.26
C THR E 204 2.66 -37.03 23.15
N GLY E 205 1.79 -38.02 22.99
CA GLY E 205 1.69 -39.15 23.93
C GLY E 205 2.61 -40.28 23.54
N GLY E 206 2.35 -41.46 24.09
CA GLY E 206 3.16 -42.67 23.85
C GLY E 206 4.24 -42.84 24.91
N THR E 207 4.93 -43.97 24.81
CA THR E 207 5.99 -44.40 25.73
C THR E 207 7.30 -44.67 24.95
N GLN E 208 7.22 -44.83 23.63
CA GLN E 208 8.40 -45.02 22.74
C GLN E 208 8.50 -43.90 21.69
N THR E 209 7.68 -42.86 21.81
CA THR E 209 7.71 -41.69 20.91
C THR E 209 9.06 -40.98 21.00
N PRO E 210 9.70 -40.63 19.86
CA PRO E 210 10.89 -39.77 19.90
C PRO E 210 10.56 -38.35 20.36
N PRO E 211 11.26 -37.78 21.37
CA PRO E 211 11.09 -36.38 21.73
C PRO E 211 11.49 -35.47 20.57
N VAL E 212 10.78 -34.36 20.41
CA VAL E 212 11.09 -33.34 19.38
C VAL E 212 11.10 -31.98 20.07
N LEU E 213 12.27 -31.36 20.16
CA LEU E 213 12.45 -30.05 20.84
C LEU E 213 13.27 -29.13 19.94
N THR E 214 12.94 -27.84 19.98
CA THR E 214 13.72 -26.80 19.28
C THR E 214 14.16 -25.77 20.28
N PHE E 215 15.14 -24.97 19.91
CA PHE E 215 15.63 -23.88 20.75
C PHE E 215 16.24 -22.82 19.86
N THR E 216 16.01 -21.58 20.25
CA THR E 216 16.57 -20.41 19.55
C THR E 216 16.38 -19.18 20.42
N ASN E 217 17.26 -18.20 20.26
CA ASN E 217 17.10 -16.87 20.93
C ASN E 217 16.46 -15.85 19.98
N THR E 218 15.90 -16.28 18.84
CA THR E 218 15.43 -15.37 17.77
C THR E 218 13.90 -15.27 17.73
N GLN E 219 13.18 -15.93 18.63
CA GLN E 219 11.69 -15.99 18.64
C GLN E 219 11.15 -15.12 19.76
N THR E 220 10.31 -14.15 19.43
CA THR E 220 9.54 -13.31 20.39
C THR E 220 8.05 -13.51 20.12
N THR E 221 7.29 -13.78 21.18
CA THR E 221 5.82 -13.95 21.17
C THR E 221 5.17 -12.69 21.75
N ILE E 222 4.26 -12.11 20.98
CA ILE E 222 3.42 -10.94 21.36
C ILE E 222 2.38 -11.42 22.36
N LEU E 223 2.20 -10.71 23.48
CA LEU E 223 1.25 -11.13 24.55
C LEU E 223 -0.01 -10.24 24.57
N LEU E 224 -0.09 -9.26 23.66
CA LEU E 224 -1.26 -8.34 23.53
C LEU E 224 -2.47 -9.14 23.05
N ASP E 225 -3.63 -8.90 23.66
CA ASP E 225 -4.94 -9.50 23.27
C ASP E 225 -5.46 -8.75 22.05
N GLU E 226 -6.71 -9.01 21.65
CA GLU E 226 -7.35 -8.43 20.44
C GLU E 226 -7.58 -6.92 20.63
N ASN E 227 -7.49 -6.40 21.85
CA ASN E 227 -7.70 -4.95 22.17
C ASN E 227 -6.34 -4.25 22.33
N GLY E 228 -5.24 -4.92 21.97
CA GLY E 228 -3.86 -4.43 22.10
C GLY E 228 -3.40 -4.35 23.55
N VAL E 229 -3.96 -5.16 24.45
CA VAL E 229 -3.69 -5.08 25.92
C VAL E 229 -3.01 -6.37 26.36
N GLY E 230 -1.85 -6.26 27.01
CA GLY E 230 -1.11 -7.40 27.57
C GLY E 230 -1.63 -7.73 28.97
N PRO E 231 -1.20 -8.87 29.54
CA PRO E 231 -1.38 -9.13 30.97
C PRO E 231 -0.97 -7.95 31.86
N LEU E 232 -1.91 -7.49 32.70
CA LEU E 232 -1.69 -6.38 33.64
C LEU E 232 -1.35 -6.96 35.01
N CYS E 233 -0.20 -6.55 35.56
CA CYS E 233 0.44 -7.24 36.71
C CYS E 233 -0.15 -6.74 38.02
N LYS E 234 -1.15 -7.44 38.51
CA LYS E 234 -1.88 -7.02 39.74
C LYS E 234 -0.90 -7.15 40.90
N GLY E 235 -0.88 -6.15 41.77
CA GLY E 235 0.03 -6.11 42.93
C GLY E 235 1.48 -6.10 42.49
N ASP E 236 1.75 -5.61 41.26
CA ASP E 236 3.10 -5.51 40.65
C ASP E 236 3.79 -6.87 40.68
N GLY E 237 3.03 -7.94 40.42
CA GLY E 237 3.55 -9.32 40.37
C GLY E 237 3.32 -9.88 38.97
N LEU E 238 4.35 -10.55 38.44
CA LEU E 238 4.27 -11.30 37.15
C LEU E 238 4.30 -12.80 37.48
N PHE E 239 3.35 -13.55 36.94
CA PHE E 239 3.11 -14.96 37.29
C PHE E 239 3.56 -15.82 36.10
N LEU E 240 4.57 -16.64 36.34
CA LEU E 240 5.16 -17.56 35.33
C LEU E 240 4.81 -18.97 35.75
N SER E 241 4.36 -19.80 34.81
CA SER E 241 4.05 -21.20 35.13
C SER E 241 4.46 -22.08 33.95
N CYS E 242 4.77 -23.33 34.24
CA CYS E 242 5.12 -24.30 33.18
C CYS E 242 5.15 -25.74 33.69
N ALA E 243 5.12 -26.66 32.72
CA ALA E 243 5.46 -28.08 32.92
C ALA E 243 6.19 -28.49 31.64
N ASP E 244 7.31 -29.17 31.78
CA ASP E 244 8.16 -29.59 30.63
C ASP E 244 8.60 -31.05 30.81
N ILE E 245 7.67 -31.98 30.62
CA ILE E 245 7.95 -33.44 30.62
C ILE E 245 8.53 -33.76 29.24
N VAL E 246 9.77 -34.19 29.21
CA VAL E 246 10.46 -34.53 27.94
C VAL E 246 10.13 -35.97 27.55
N GLY E 247 9.90 -36.88 28.49
CA GLY E 247 9.65 -38.30 28.24
C GLY E 247 10.09 -39.15 29.41
N PHE E 248 10.36 -40.44 29.18
CA PHE E 248 10.76 -41.39 30.23
C PHE E 248 12.22 -41.82 30.07
N PHE E 249 12.87 -42.01 31.20
CA PHE E 249 14.18 -42.67 31.38
C PHE E 249 13.89 -44.12 31.72
N THR E 250 14.39 -45.05 30.91
CA THR E 250 14.22 -46.50 31.10
C THR E 250 15.57 -47.09 31.55
N GLN E 251 15.60 -47.63 32.75
CA GLN E 251 16.79 -48.33 33.31
C GLN E 251 16.95 -49.74 32.72
N HIS E 252 18.09 -50.38 32.95
CA HIS E 252 18.32 -51.75 32.43
C HIS E 252 17.26 -52.73 32.91
N ASN E 253 16.76 -52.54 34.13
CA ASN E 253 15.75 -53.44 34.74
C ASN E 253 14.31 -53.04 34.34
N LYS E 254 14.18 -52.14 33.37
CA LYS E 254 12.92 -51.70 32.71
C LYS E 254 12.12 -50.72 33.61
N LYS E 255 12.65 -50.31 34.75
CA LYS E 255 11.99 -49.26 35.57
C LYS E 255 12.04 -47.94 34.79
N MET E 256 10.99 -47.17 34.89
CA MET E 256 10.79 -45.97 34.05
C MET E 256 10.45 -44.80 34.96
N SER E 257 11.00 -43.65 34.64
CA SER E 257 10.85 -42.41 35.43
C SER E 257 10.64 -41.26 34.44
N PHE E 258 9.80 -40.31 34.82
CA PHE E 258 9.68 -39.02 34.09
C PHE E 258 11.03 -38.30 34.12
N ARG E 259 11.33 -37.62 33.00
CA ARG E 259 12.48 -36.70 32.91
C ARG E 259 11.93 -35.35 32.42
N GLY E 260 12.25 -34.28 33.15
CA GLY E 260 11.83 -32.91 32.81
C GLY E 260 13.02 -32.00 32.55
N LEU E 261 12.77 -30.84 31.98
CA LEU E 261 13.84 -29.83 31.71
C LEU E 261 13.36 -28.48 32.25
N PRO E 262 14.30 -27.59 32.64
CA PRO E 262 13.96 -26.24 33.06
C PRO E 262 13.58 -25.36 31.88
N ARG E 263 12.78 -24.34 32.18
CA ARG E 263 12.32 -23.37 31.15
C ARG E 263 12.82 -21.97 31.52
N TYR E 264 13.31 -21.30 30.49
CA TYR E 264 13.74 -19.88 30.48
C TYR E 264 12.56 -19.00 30.11
N PHE E 265 12.43 -17.85 30.77
CA PHE E 265 11.42 -16.82 30.42
C PHE E 265 12.16 -15.48 30.27
N ARG E 266 11.91 -14.76 29.19
CA ARG E 266 12.17 -13.30 29.15
C ARG E 266 10.81 -12.64 28.95
N VAL E 267 10.51 -11.59 29.71
CA VAL E 267 9.25 -10.83 29.55
C VAL E 267 9.58 -9.33 29.52
N THR E 268 9.04 -8.65 28.53
CA THR E 268 9.14 -7.18 28.36
C THR E 268 7.82 -6.59 28.82
N LEU E 269 7.87 -5.60 29.70
CA LEU E 269 6.66 -4.97 30.26
C LEU E 269 6.74 -3.47 30.03
N ARG E 270 5.60 -2.82 29.93
CA ARG E 270 5.56 -1.35 29.80
C ARG E 270 4.59 -0.80 30.83
N LYS E 271 4.69 0.50 31.11
CA LYS E 271 3.79 1.19 32.03
C LYS E 271 2.48 1.51 31.29
N ARG E 272 1.38 1.18 31.94
CA ARG E 272 0.01 1.37 31.41
C ARG E 272 -0.78 2.13 32.47
N VAL E 273 -1.41 3.23 32.07
CA VAL E 273 -2.35 3.98 32.93
C VAL E 273 -3.66 3.18 32.96
N VAL E 274 -4.20 2.93 34.16
CA VAL E 274 -5.53 2.31 34.38
C VAL E 274 -6.34 3.16 35.37
N LYS E 275 -7.67 3.10 35.28
CA LYS E 275 -8.60 3.73 36.25
C LYS E 275 -8.72 2.79 37.47
N ILE F 7 17.38 21.86 23.74
CA ILE F 7 16.38 21.02 24.46
C ILE F 7 16.36 19.62 23.81
N GLU F 8 16.69 18.58 24.58
CA GLU F 8 16.62 17.16 24.12
C GLU F 8 15.16 16.71 24.21
N VAL F 9 14.54 16.38 23.08
CA VAL F 9 13.10 15.99 22.98
C VAL F 9 12.99 14.46 23.04
N LEU F 10 12.13 13.94 23.92
CA LEU F 10 11.89 12.49 24.10
C LEU F 10 10.45 12.15 23.66
N ALA F 11 9.73 11.30 24.40
CA ALA F 11 8.49 10.67 23.91
C ALA F 11 7.29 11.62 24.12
N VAL F 12 6.30 11.49 23.23
CA VAL F 12 4.95 12.10 23.30
C VAL F 12 4.10 11.34 24.34
N ARG F 13 3.21 12.05 25.04
CA ARG F 13 2.14 11.46 25.90
C ARG F 13 0.80 11.43 25.13
N THR F 14 0.05 10.30 25.23
CA THR F 14 -1.16 9.99 24.43
C THR F 14 -2.38 9.73 25.32
N ASP F 17 -5.89 13.34 29.31
CA ASP F 17 -5.26 14.48 30.04
C ASP F 17 -3.97 14.95 29.34
N SER F 18 -3.60 14.38 28.20
CA SER F 18 -2.31 14.67 27.50
C SER F 18 -2.50 15.75 26.43
N ILE F 19 -3.74 16.10 26.09
CA ILE F 19 -4.07 17.06 24.99
C ILE F 19 -4.79 18.28 25.59
N THR F 20 -4.52 19.47 25.06
CA THR F 20 -5.28 20.68 25.46
C THR F 20 -5.50 21.51 24.19
N GLU F 21 -6.53 22.35 24.21
CA GLU F 21 -6.88 23.29 23.12
C GLU F 21 -7.02 24.69 23.72
N ILE F 22 -6.49 25.72 23.03
CA ILE F 22 -6.74 27.13 23.45
C ILE F 22 -7.30 27.85 22.22
N GLU F 23 -8.15 28.84 22.47
CA GLU F 23 -8.64 29.79 21.45
C GLU F 23 -8.27 31.19 21.91
N ALA F 24 -7.87 32.05 20.98
CA ALA F 24 -7.52 33.42 21.30
C ALA F 24 -7.86 34.28 20.11
N TYR F 25 -8.00 35.56 20.36
CA TYR F 25 -8.05 36.58 19.30
C TYR F 25 -6.97 37.63 19.54
N LEU F 26 -6.50 38.18 18.43
CA LEU F 26 -5.64 39.38 18.43
C LEU F 26 -6.34 40.46 17.62
N ASN F 27 -6.62 41.56 18.29
CA ASN F 27 -7.20 42.75 17.62
C ASN F 27 -6.07 43.43 16.87
N PRO F 28 -6.38 44.05 15.72
CA PRO F 28 -5.35 44.69 14.92
C PRO F 28 -4.87 45.95 15.62
N ARG F 29 -3.70 46.43 15.20
CA ARG F 29 -3.04 47.62 15.75
C ARG F 29 -2.63 48.53 14.60
N MET F 30 -3.63 49.14 13.96
CA MET F 30 -3.44 49.88 12.69
C MET F 30 -3.00 51.30 13.03
N GLY F 31 -3.10 51.74 14.28
CA GLY F 31 -2.58 53.04 14.76
C GLY F 31 -3.52 53.80 15.68
N GLN F 32 -4.81 53.86 15.37
CA GLN F 32 -5.80 54.66 16.16
C GLN F 32 -6.06 53.91 17.44
N PRO F 33 -6.25 54.64 18.56
CA PRO F 33 -6.36 54.00 19.86
C PRO F 33 -7.65 53.19 20.07
N GLN F 34 -7.54 52.13 20.87
CA GLN F 34 -8.67 51.32 21.38
C GLN F 34 -9.79 52.18 21.95
N ASN F 35 -11.01 51.68 21.86
CA ASN F 35 -12.18 52.24 22.58
C ASN F 35 -12.45 53.67 22.12
N GLU F 36 -11.90 54.11 20.98
CA GLU F 36 -12.23 55.41 20.36
C GLU F 36 -12.73 55.15 18.94
N ASP F 37 -13.23 56.18 18.26
CA ASP F 37 -14.20 56.03 17.13
C ASP F 37 -13.51 55.41 15.90
N PHE F 38 -12.19 55.48 15.80
CA PHE F 38 -11.46 54.97 14.61
C PHE F 38 -10.64 53.71 14.95
N TYR F 39 -10.99 53.01 16.01
CA TYR F 39 -10.38 51.70 16.37
C TYR F 39 -10.53 50.73 15.20
N GLY F 40 -9.42 50.12 14.74
CA GLY F 40 -9.37 49.29 13.54
C GLY F 40 -8.73 50.00 12.36
N PHE F 41 -8.63 51.34 12.43
CA PHE F 41 -8.00 52.16 11.36
C PHE F 41 -6.68 52.72 11.86
N SER F 42 -5.82 53.11 10.90
CA SER F 42 -4.78 54.14 11.12
C SER F 42 -5.42 55.53 11.09
N ASP F 43 -4.70 56.51 11.61
CA ASP F 43 -4.96 57.92 11.27
C ASP F 43 -4.64 58.13 9.78
N ASN F 44 -5.11 59.26 9.23
CA ASN F 44 -4.92 59.59 7.81
C ASN F 44 -3.42 59.66 7.51
N VAL F 45 -3.02 59.03 6.41
CA VAL F 45 -1.58 58.89 6.06
C VAL F 45 -1.05 60.16 5.38
N THR F 46 0.05 60.70 5.91
CA THR F 46 0.82 61.82 5.31
C THR F 46 2.08 61.22 4.64
N VAL F 47 2.55 61.86 3.58
CA VAL F 47 3.69 61.35 2.78
C VAL F 47 4.77 62.43 2.83
N SER F 48 6.01 62.05 3.14
CA SER F 48 7.18 62.96 3.15
C SER F 48 7.58 63.35 1.72
N ASP F 49 8.25 64.48 1.58
CA ASP F 49 8.74 64.98 0.28
C ASP F 49 10.01 64.21 -0.11
N ASP F 50 10.83 63.83 0.85
CA ASP F 50 12.11 63.10 0.57
C ASP F 50 12.55 62.21 1.72
N PHE F 51 13.54 61.33 1.48
CA PHE F 51 14.02 60.35 2.50
C PHE F 51 14.68 61.04 3.69
N GLY F 52 15.29 62.22 3.48
CA GLY F 52 16.04 62.89 4.56
C GLY F 52 15.16 63.61 5.56
N SER F 53 13.88 63.87 5.24
CA SER F 53 12.88 64.52 6.13
C SER F 53 11.57 63.71 6.14
N ASP F 54 11.68 62.54 6.73
CA ASP F 54 10.69 61.45 6.64
C ASP F 54 10.37 60.98 8.04
N ALA F 55 9.33 61.54 8.65
CA ALA F 55 8.95 61.25 10.04
C ALA F 55 7.50 60.80 10.10
N PRO F 56 7.21 59.48 9.95
CA PRO F 56 5.81 59.04 9.93
C PRO F 56 5.22 59.26 11.31
N PRO F 57 4.18 60.09 11.49
CA PRO F 57 3.61 60.30 12.82
C PRO F 57 3.02 59.02 13.44
N TRP F 58 3.13 58.94 14.75
CA TRP F 58 2.42 57.90 15.52
C TRP F 58 0.95 57.93 15.11
N LYS F 59 0.37 56.73 14.97
CA LYS F 59 -1.05 56.43 14.61
C LYS F 59 -1.23 56.28 13.10
N GLN F 60 -0.28 56.74 12.26
CA GLN F 60 -0.42 56.67 10.79
C GLN F 60 0.13 55.37 10.18
N PHE F 61 0.64 54.45 10.97
CA PHE F 61 1.20 53.19 10.43
C PHE F 61 0.91 52.02 11.37
N PRO F 62 0.71 50.82 10.78
CA PRO F 62 0.37 49.65 11.57
C PRO F 62 1.60 49.06 12.28
N CYS F 63 1.33 48.37 13.39
CA CYS F 63 2.29 47.63 14.22
C CYS F 63 1.76 46.20 14.38
N TYR F 64 2.65 45.25 14.63
CA TYR F 64 2.30 43.83 14.86
C TYR F 64 1.46 43.72 16.12
N SER F 65 0.55 42.74 16.08
CA SER F 65 -0.24 42.24 17.24
C SER F 65 0.52 41.04 17.82
N THR F 66 0.52 40.90 19.14
CA THR F 66 1.12 39.72 19.79
C THR F 66 0.46 39.51 21.15
N ALA F 67 0.43 38.25 21.59
CA ALA F 67 -0.02 37.86 22.93
C ALA F 67 0.76 36.60 23.36
N ARG F 68 1.03 36.51 24.65
CA ARG F 68 1.50 35.27 25.30
C ARG F 68 0.29 34.66 26.03
N ILE F 69 -0.08 33.44 25.68
CA ILE F 69 -1.19 32.68 26.33
C ILE F 69 -0.55 31.82 27.43
N SER F 70 -1.07 31.92 28.66
CA SER F 70 -0.65 31.08 29.80
C SER F 70 -1.31 29.71 29.65
N LEU F 71 -0.53 28.65 29.61
CA LEU F 71 -1.05 27.29 29.39
C LEU F 71 -1.32 26.63 30.74
N PRO F 72 -2.08 25.51 30.79
CA PRO F 72 -2.20 24.73 32.02
C PRO F 72 -0.81 24.42 32.61
N MET F 73 -0.61 24.66 33.92
CA MET F 73 0.73 24.54 34.58
C MET F 73 1.18 23.07 34.59
N LEU F 74 2.50 22.83 34.52
CA LEU F 74 3.13 21.48 34.49
C LEU F 74 4.25 21.41 35.54
N ASP F 81 15.64 14.26 35.85
CA ASP F 81 16.12 13.88 34.49
C ASP F 81 15.21 14.51 33.42
N THR F 82 13.89 14.29 33.54
CA THR F 82 12.86 14.62 32.50
C THR F 82 11.86 15.64 33.04
N ILE F 83 11.42 16.58 32.21
CA ILE F 83 10.29 17.52 32.51
C ILE F 83 9.23 17.36 31.39
N LEU F 84 8.02 17.86 31.62
CA LEU F 84 6.97 17.95 30.57
C LEU F 84 6.92 19.38 30.02
N MET F 85 6.69 19.49 28.71
CA MET F 85 6.45 20.77 27.99
C MET F 85 5.21 20.61 27.11
N TRP F 86 4.45 21.69 26.97
CA TRP F 86 3.35 21.80 25.98
C TRP F 86 3.98 21.94 24.60
N GLU F 87 3.52 21.11 23.67
CA GLU F 87 3.97 21.03 22.27
C GLU F 87 2.78 21.36 21.37
N ALA F 88 2.83 22.46 20.65
CA ALA F 88 1.76 22.87 19.70
C ALA F 88 1.84 21.98 18.47
N ILE F 89 0.81 21.19 18.17
CA ILE F 89 0.89 20.23 17.03
C ILE F 89 0.09 20.72 15.83
N SER F 90 -0.91 21.60 16.03
CA SER F 90 -1.83 22.04 14.95
C SER F 90 -2.47 23.36 15.36
N CYS F 91 -2.95 24.12 14.36
CA CYS F 91 -3.74 25.34 14.62
C CYS F 91 -4.81 25.50 13.55
N ARG F 92 -5.84 26.23 13.89
CA ARG F 92 -6.75 26.87 12.92
C ARG F 92 -6.54 28.36 13.13
N THR F 93 -6.57 29.11 12.05
CA THR F 93 -6.54 30.58 12.18
C THR F 93 -7.47 31.13 11.11
N GLU F 94 -8.14 32.21 11.50
CA GLU F 94 -9.07 32.87 10.58
C GLU F 94 -9.06 34.38 10.78
N VAL F 95 -9.07 35.12 9.66
CA VAL F 95 -9.35 36.57 9.74
C VAL F 95 -10.84 36.75 9.96
N MET F 96 -11.20 37.41 11.05
CA MET F 96 -12.62 37.67 11.34
C MET F 96 -13.08 39.03 10.78
N GLY F 97 -14.39 39.22 10.63
CA GLY F 97 -14.97 40.52 10.25
C GLY F 97 -14.87 40.80 8.76
N VAL F 98 -14.53 39.80 7.95
CA VAL F 98 -14.44 39.96 6.47
C VAL F 98 -15.78 40.51 5.96
N ASN F 99 -16.88 40.07 6.55
CA ASN F 99 -18.25 40.54 6.26
C ASN F 99 -18.31 42.07 6.23
N MET F 100 -17.60 42.78 7.09
CA MET F 100 -17.75 44.26 7.23
C MET F 100 -17.36 44.96 5.93
N LEU F 101 -16.57 44.30 5.07
CA LEU F 101 -16.00 44.89 3.83
C LEU F 101 -17.05 44.97 2.72
N THR F 102 -18.28 44.52 2.98
CA THR F 102 -19.43 44.68 2.10
C THR F 102 -20.10 46.04 2.28
N ASN F 103 -19.59 46.84 3.23
CA ASN F 103 -20.07 48.20 3.52
C ASN F 103 -19.47 49.15 2.47
N VAL F 104 -20.32 49.68 1.60
CA VAL F 104 -19.92 50.73 0.63
C VAL F 104 -20.76 52.00 0.84
N HIS F 105 -21.21 52.28 2.06
CA HIS F 105 -22.04 53.47 2.39
C HIS F 105 -21.38 54.40 3.44
N SER F 106 -20.40 53.97 4.24
CA SER F 106 -19.86 54.74 5.38
C SER F 106 -18.75 55.70 4.91
N ALA F 107 -19.13 56.90 4.50
CA ALA F 107 -18.22 58.08 4.35
C ALA F 107 -17.04 57.76 3.44
N GLN F 108 -17.29 57.07 2.33
CA GLN F 108 -16.25 56.59 1.38
C GLN F 108 -16.30 57.48 0.14
N LYS F 109 -15.13 57.80 -0.42
CA LYS F 109 -15.07 58.32 -1.80
C LYS F 109 -15.91 57.44 -2.72
N ARG F 110 -16.75 58.07 -3.52
CA ARG F 110 -17.72 57.40 -4.41
C ARG F 110 -17.04 57.01 -5.72
N VAL F 111 -17.58 55.95 -6.35
CA VAL F 111 -17.05 55.44 -7.64
C VAL F 111 -17.07 56.61 -8.65
N TYR F 112 -18.12 57.43 -8.65
CA TYR F 112 -18.32 58.55 -9.62
C TYR F 112 -18.36 59.86 -8.83
N GLU F 113 -17.21 60.21 -8.22
CA GLU F 113 -17.14 61.35 -7.27
C GLU F 113 -17.55 62.64 -8.00
N ASN F 114 -17.22 62.79 -9.29
CA ASN F 114 -17.51 64.02 -10.07
C ASN F 114 -19.02 64.22 -10.16
N ASP F 115 -19.77 63.12 -10.17
CA ASP F 115 -21.25 63.09 -10.34
C ASP F 115 -21.94 62.92 -8.98
N ARG F 116 -21.20 62.91 -7.86
CA ARG F 116 -21.68 62.63 -6.48
C ARG F 116 -22.55 61.37 -6.49
N GLU F 117 -22.08 60.31 -7.15
CA GLU F 117 -22.92 59.13 -7.42
C GLU F 117 -22.12 57.84 -7.35
N GLY F 118 -22.86 56.76 -7.22
CA GLY F 118 -22.34 55.38 -7.14
C GLY F 118 -22.12 54.98 -5.70
N THR F 119 -21.66 53.76 -5.51
CA THR F 119 -21.31 53.28 -4.15
C THR F 119 -20.03 53.95 -3.66
N GLY F 120 -19.71 53.79 -2.38
CA GLY F 120 -18.35 54.02 -1.90
C GLY F 120 -17.39 53.09 -2.64
N ILE F 121 -16.10 53.44 -2.74
CA ILE F 121 -15.11 52.53 -3.39
C ILE F 121 -14.69 51.39 -2.46
N GLY F 122 -15.09 51.42 -1.19
CA GLY F 122 -14.77 50.35 -0.22
C GLY F 122 -13.30 50.35 0.13
N VAL F 123 -12.85 49.30 0.79
CA VAL F 123 -11.42 49.11 1.14
C VAL F 123 -10.68 48.55 -0.07
N GLU F 124 -9.57 49.14 -0.44
CA GLU F 124 -8.78 48.71 -1.63
C GLU F 124 -7.31 48.98 -1.33
N GLY F 125 -6.45 48.29 -2.04
CA GLY F 125 -5.00 48.43 -1.95
C GLY F 125 -4.36 47.26 -1.24
N MET F 126 -3.24 47.52 -0.56
CA MET F 126 -2.29 46.44 -0.19
C MET F 126 -2.93 45.53 0.86
N GLY F 127 -2.66 44.23 0.74
CA GLY F 127 -2.97 43.19 1.71
C GLY F 127 -1.67 42.72 2.33
N TYR F 128 -1.54 42.78 3.65
CA TYR F 128 -0.40 42.17 4.35
C TYR F 128 -0.98 41.33 5.49
N HIS F 129 -0.82 40.03 5.34
CA HIS F 129 -1.46 39.03 6.23
C HIS F 129 -0.36 38.09 6.68
N MET F 130 -0.07 38.06 7.96
CA MET F 130 0.97 37.16 8.49
C MET F 130 0.54 36.69 9.87
N PHE F 131 0.91 35.47 10.21
CA PHE F 131 0.72 34.99 11.60
C PHE F 131 1.91 34.12 11.97
N ALA F 132 2.14 34.03 13.26
CA ALA F 132 3.21 33.17 13.80
C ALA F 132 2.71 32.51 15.07
N ILE F 133 3.10 31.26 15.27
CA ILE F 133 2.72 30.46 16.46
C ILE F 133 4.00 29.80 16.94
N GLY F 134 4.37 30.09 18.18
CA GLY F 134 5.69 29.69 18.72
C GLY F 134 5.68 29.40 20.19
N GLY F 135 6.76 28.78 20.64
CA GLY F 135 7.04 28.45 22.05
C GLY F 135 7.85 29.53 22.73
N GLU F 136 8.09 30.64 22.05
CA GLU F 136 8.90 31.80 22.52
C GLU F 136 8.62 32.96 21.60
N PRO F 137 8.92 34.22 21.99
CA PRO F 137 8.67 35.37 21.12
C PRO F 137 9.17 35.19 19.68
N LEU F 138 8.40 35.69 18.72
CA LEU F 138 8.81 35.71 17.29
C LEU F 138 10.14 36.44 17.20
N GLU F 139 11.09 35.84 16.50
CA GLU F 139 12.39 36.51 16.25
C GLU F 139 12.29 37.35 14.97
N LEU F 140 12.76 38.60 15.09
CA LEU F 140 12.63 39.64 14.05
C LEU F 140 13.97 40.03 13.46
N GLN F 141 13.92 40.39 12.18
CA GLN F 141 14.97 41.11 11.44
C GLN F 141 14.44 42.52 11.19
N PHE F 142 15.19 43.52 11.60
CA PHE F 142 14.91 44.92 11.27
C PHE F 142 15.27 45.16 9.81
N MET F 143 14.33 45.71 9.05
CA MET F 143 14.55 46.12 7.65
C MET F 143 13.51 47.16 7.26
N VAL F 144 13.97 48.22 6.60
CA VAL F 144 13.13 49.41 6.33
C VAL F 144 13.32 49.83 4.87
N PHE F 145 12.30 50.46 4.30
CA PHE F 145 12.32 51.04 2.94
C PHE F 145 13.36 52.19 2.87
N ASN F 146 13.41 53.03 3.89
CA ASN F 146 14.25 54.24 4.01
C ASN F 146 14.91 54.26 5.39
N HIS F 147 16.23 54.12 5.48
CA HIS F 147 16.93 54.01 6.78
C HIS F 147 16.83 55.33 7.53
N ARG F 148 16.64 56.44 6.82
CA ARG F 148 16.66 57.81 7.43
C ARG F 148 15.28 58.20 7.99
N ALA F 149 14.29 57.31 7.91
CA ALA F 149 12.99 57.53 8.58
C ALA F 149 13.22 57.78 10.08
N THR F 150 12.54 58.79 10.62
CA THR F 150 12.53 59.09 12.07
C THR F 150 11.21 58.55 12.60
N TYR F 151 11.24 57.39 13.26
CA TYR F 151 10.04 56.78 13.88
C TYR F 151 9.73 57.57 15.14
N PRO F 152 8.44 57.59 15.52
CA PRO F 152 8.02 58.26 16.75
C PRO F 152 8.43 57.50 18.02
N ALA F 153 8.42 58.21 19.14
CA ALA F 153 8.86 57.72 20.47
C ALA F 153 8.05 56.48 20.89
N GLU F 154 6.78 56.41 20.51
CA GLU F 154 5.84 55.33 20.91
C GLU F 154 6.24 53.99 20.27
N ALA F 155 6.96 54.04 19.15
CA ALA F 155 7.33 52.85 18.36
C ALA F 155 8.63 52.24 18.88
N THR F 156 8.75 50.91 18.78
CA THR F 156 10.00 50.17 19.07
C THR F 156 10.69 49.92 17.74
N VAL F 157 11.86 50.55 17.54
CA VAL F 157 12.69 50.42 16.30
C VAL F 157 14.15 50.37 16.74
N ILE F 158 15.05 50.04 15.84
CA ILE F 158 16.51 50.31 16.00
C ILE F 158 16.76 51.74 15.52
N LYS F 159 17.23 52.60 16.43
CA LYS F 159 17.58 54.01 16.07
C LYS F 159 18.89 54.04 15.30
N ASN F 160 19.02 55.02 14.40
CA ASN F 160 20.23 55.18 13.53
C ASN F 160 20.67 53.84 12.96
N PRO F 161 19.75 53.10 12.33
CA PRO F 161 20.07 51.74 11.87
C PRO F 161 21.14 51.65 10.77
N GLY F 162 21.36 52.73 10.03
CA GLY F 162 22.33 52.82 8.94
C GLY F 162 21.79 52.31 7.61
N ALA F 163 22.51 52.60 6.53
CA ALA F 163 22.06 52.33 5.15
C ALA F 163 21.84 50.82 4.92
N SER F 164 22.62 49.95 5.57
CA SER F 164 22.55 48.48 5.42
CA SER F 164 22.51 48.49 5.34
C SER F 164 21.17 47.97 5.86
N SER F 165 20.44 48.76 6.66
CA SER F 165 19.12 48.34 7.19
C SER F 165 18.05 48.42 6.08
N GLN F 166 18.39 48.95 4.90
CA GLN F 166 17.47 48.93 3.72
C GLN F 166 17.51 47.57 3.03
N VAL F 167 18.50 46.76 3.35
CA VAL F 167 18.62 45.35 2.90
C VAL F 167 18.99 44.53 4.13
N PHE F 168 19.70 43.42 4.02
CA PHE F 168 20.01 42.55 5.19
C PHE F 168 21.30 43.01 5.86
N ASP F 169 21.19 43.28 7.15
CA ASP F 169 22.32 43.53 8.10
C ASP F 169 22.21 42.54 9.25
N PRO F 170 23.15 41.57 9.38
CA PRO F 170 23.04 40.54 10.40
C PRO F 170 23.00 41.08 11.85
N ASN F 171 23.39 42.34 12.03
CA ASN F 171 23.46 42.96 13.38
C ASN F 171 22.08 43.40 13.88
N LEU F 172 21.11 43.58 12.97
CA LEU F 172 19.85 44.33 13.24
C LEU F 172 18.72 43.36 13.58
N LYS F 173 18.76 42.85 14.81
CA LYS F 173 17.85 41.80 15.32
C LYS F 173 16.92 42.39 16.37
N GLY F 174 15.77 41.75 16.58
CA GLY F 174 14.92 41.98 17.75
C GLY F 174 14.02 40.78 18.00
N THR F 175 13.21 40.84 19.05
CA THR F 175 12.12 39.87 19.27
C THR F 175 10.82 40.64 19.50
N LEU F 176 9.68 40.07 19.12
CA LEU F 176 8.35 40.71 19.25
C LEU F 176 7.85 40.51 20.68
N THR F 177 8.24 41.42 21.56
CA THR F 177 7.97 41.32 23.02
C THR F 177 6.85 42.25 23.48
N ALA F 178 6.23 43.05 22.58
CA ALA F 178 5.12 43.92 22.96
C ALA F 178 4.15 44.10 21.80
N ASP F 179 2.88 44.14 22.18
CA ASP F 179 1.72 44.38 21.27
C ASP F 179 1.69 45.85 20.84
N GLY F 180 1.41 46.07 19.54
CA GLY F 180 1.02 47.38 19.01
C GLY F 180 2.11 48.44 19.02
N VAL F 181 3.39 48.06 19.01
CA VAL F 181 4.50 49.06 19.00
C VAL F 181 5.63 48.72 18.04
N PHE F 182 5.75 47.49 17.51
CA PHE F 182 6.79 47.16 16.49
C PHE F 182 6.19 47.51 15.13
N PRO F 183 6.64 48.57 14.41
CA PRO F 183 6.07 48.88 13.10
C PRO F 183 6.21 47.69 12.13
N VAL F 184 5.12 47.34 11.49
CA VAL F 184 5.15 46.33 10.41
C VAL F 184 6.20 46.73 9.38
N GLU F 185 6.26 48.01 9.03
CA GLU F 185 7.16 48.44 7.93
C GLU F 185 8.65 48.40 8.36
N ALA F 186 8.96 48.07 9.61
CA ALA F 186 10.35 48.08 10.12
C ALA F 186 10.85 46.70 10.54
N TRP F 187 9.94 45.75 10.82
CA TRP F 187 10.32 44.41 11.35
C TRP F 187 9.66 43.33 10.48
N GLY F 188 10.41 42.28 10.24
CA GLY F 188 9.89 41.06 9.60
C GLY F 188 10.40 39.83 10.32
N PRO F 189 9.81 38.64 10.05
CA PRO F 189 10.30 37.39 10.63
C PRO F 189 11.73 37.09 10.15
N ASP F 190 12.54 36.59 11.08
CA ASP F 190 13.98 36.30 10.85
C ASP F 190 14.14 34.84 10.49
N PRO F 191 14.47 34.51 9.21
CA PRO F 191 14.58 33.12 8.79
C PRO F 191 15.84 32.43 9.33
N PHE F 192 16.79 33.22 9.86
CA PHE F 192 18.03 32.69 10.48
C PHE F 192 17.73 32.11 11.87
N LYS F 193 16.58 32.44 12.45
CA LYS F 193 16.20 32.00 13.80
C LYS F 193 14.81 31.35 13.69
N ASN F 194 13.95 31.50 14.70
CA ASN F 194 12.56 30.99 14.67
C ASN F 194 12.56 29.45 14.53
N GLU F 195 13.52 28.76 15.15
CA GLU F 195 13.56 27.27 15.14
C GLU F 195 12.36 26.73 15.92
N ASN F 196 11.78 27.53 16.81
CA ASN F 196 10.73 27.11 17.77
C ASN F 196 9.45 27.90 17.49
N THR F 197 9.30 28.43 16.27
CA THR F 197 8.11 29.19 15.83
C THR F 197 7.84 28.82 14.38
N ARG F 198 6.57 28.73 13.99
CA ARG F 198 6.19 28.64 12.58
C ARG F 198 5.56 29.98 12.21
N TYR F 199 6.01 30.58 11.11
CA TYR F 199 5.39 31.82 10.60
C TYR F 199 5.00 31.66 9.14
N PHE F 200 3.99 32.44 8.74
CA PHE F 200 3.41 32.42 7.39
C PHE F 200 2.99 33.85 7.07
N GLY F 201 3.26 34.29 5.84
CA GLY F 201 2.77 35.60 5.41
C GLY F 201 2.62 35.73 3.92
N GLN F 202 1.75 36.65 3.53
CA GLN F 202 1.48 37.03 2.12
C GLN F 202 1.35 38.54 2.06
N TYR F 203 2.01 39.12 1.08
CA TYR F 203 1.89 40.57 0.75
C TYR F 203 1.34 40.69 -0.67
N THR F 204 0.24 41.43 -0.84
CA THR F 204 -0.22 41.89 -2.18
C THR F 204 -0.15 43.42 -2.16
N GLY F 205 0.62 44.02 -3.07
CA GLY F 205 0.81 45.48 -3.07
C GLY F 205 -0.27 46.25 -3.81
N GLY F 206 -0.01 47.54 -4.06
CA GLY F 206 -0.95 48.45 -4.72
C GLY F 206 -1.77 49.26 -3.72
N THR F 207 -2.48 50.24 -4.24
CA THR F 207 -3.37 51.16 -3.47
C THR F 207 -4.82 51.03 -3.95
N GLN F 208 -5.05 50.53 -5.17
CA GLN F 208 -6.42 50.22 -5.70
C GLN F 208 -6.60 48.72 -5.98
N THR F 209 -5.69 47.85 -5.54
CA THR F 209 -5.83 46.38 -5.65
C THR F 209 -7.07 45.87 -4.93
N PRO F 210 -7.89 44.97 -5.50
CA PRO F 210 -9.01 44.41 -4.74
C PRO F 210 -8.50 43.49 -3.63
N PRO F 211 -9.00 43.62 -2.37
CA PRO F 211 -8.65 42.68 -1.31
C PRO F 211 -9.29 41.33 -1.65
N VAL F 212 -8.55 40.28 -1.33
CA VAL F 212 -9.04 38.89 -1.47
C VAL F 212 -8.83 38.18 -0.14
N LEU F 213 -9.92 37.76 0.49
CA LEU F 213 -9.88 37.10 1.80
C LEU F 213 -10.80 35.89 1.80
N THR F 214 -10.39 34.82 2.46
CA THR F 214 -11.22 33.61 2.61
C THR F 214 -11.38 33.36 4.11
N PHE F 215 -12.44 32.64 4.47
CA PHE F 215 -12.72 32.32 5.89
C PHE F 215 -13.46 30.99 5.90
N THR F 216 -13.03 30.09 6.77
CA THR F 216 -13.71 28.79 6.95
C THR F 216 -13.31 28.27 8.33
N ASN F 217 -14.14 27.43 8.92
CA ASN F 217 -13.73 26.73 10.17
C ASN F 217 -13.23 25.31 9.87
N THR F 218 -12.88 24.94 8.64
CA THR F 218 -12.65 23.53 8.23
C THR F 218 -11.16 23.27 7.96
N GLN F 219 -10.27 24.26 8.13
CA GLN F 219 -8.86 24.16 7.68
C GLN F 219 -7.98 24.07 8.91
N THR F 220 -7.12 23.04 8.98
CA THR F 220 -6.14 22.81 10.06
C THR F 220 -4.74 22.81 9.44
N THR F 221 -3.81 23.52 10.07
CA THR F 221 -2.39 23.54 9.69
C THR F 221 -1.61 22.72 10.71
N ILE F 222 -0.81 21.77 10.24
CA ILE F 222 0.08 20.96 11.12
C ILE F 222 1.29 21.83 11.42
N LEU F 223 1.72 21.87 12.68
CA LEU F 223 2.82 22.75 13.15
C LEU F 223 4.07 21.91 13.41
N LEU F 224 3.99 20.59 13.17
CA LEU F 224 5.15 19.68 13.38
C LEU F 224 6.21 19.99 12.33
N ASP F 225 7.49 20.01 12.75
CA ASP F 225 8.65 20.19 11.84
C ASP F 225 9.02 18.84 11.20
N GLU F 226 10.15 18.82 10.49
CA GLU F 226 10.65 17.68 9.67
C GLU F 226 10.96 16.47 10.57
N ASN F 227 11.17 16.69 11.86
CA ASN F 227 11.52 15.66 12.88
C ASN F 227 10.27 15.27 13.68
N GLY F 228 9.10 15.81 13.33
CA GLY F 228 7.82 15.49 13.97
C GLY F 228 7.63 16.21 15.30
N VAL F 229 8.29 17.36 15.47
CA VAL F 229 8.27 18.13 16.74
C VAL F 229 7.60 19.49 16.47
N GLY F 230 6.65 19.86 17.32
CA GLY F 230 6.00 21.17 17.24
C GLY F 230 6.70 22.19 18.13
N PRO F 231 6.32 23.48 18.03
CA PRO F 231 6.79 24.49 18.98
C PRO F 231 6.66 23.99 20.42
N LEU F 232 7.75 24.09 21.17
CA LEU F 232 7.78 23.72 22.60
C LEU F 232 7.70 24.98 23.45
N CYS F 233 6.68 25.03 24.30
CA CYS F 233 6.23 26.26 25.00
C CYS F 233 7.11 26.54 26.23
N LYS F 234 8.11 27.39 26.04
CA LYS F 234 9.08 27.76 27.11
C LYS F 234 8.34 28.56 28.17
N GLY F 235 8.56 28.19 29.43
CA GLY F 235 7.89 28.79 30.58
C GLY F 235 6.39 28.60 30.50
N ASP F 236 5.93 27.53 29.83
CA ASP F 236 4.49 27.17 29.70
C ASP F 236 3.72 28.34 29.06
N GLY F 237 4.34 29.00 28.08
CA GLY F 237 3.77 30.13 27.33
C GLY F 237 3.63 29.79 25.86
N LEU F 238 2.45 30.08 25.27
CA LEU F 238 2.18 30.00 23.81
C LEU F 238 2.21 31.42 23.22
N PHE F 239 3.01 31.64 22.18
CA PHE F 239 3.27 33.00 21.62
C PHE F 239 2.57 33.12 20.27
N LEU F 240 1.61 34.04 20.19
CA LEU F 240 0.77 34.27 18.99
C LEU F 240 1.09 35.66 18.47
N SER F 241 1.29 35.81 17.16
CA SER F 241 1.68 37.10 16.54
C SER F 241 0.97 37.24 15.21
N CYS F 242 0.59 38.45 14.81
CA CYS F 242 0.02 38.62 13.46
C CYS F 242 0.03 40.09 13.07
N ALA F 243 -0.23 40.30 11.78
CA ALA F 243 -0.64 41.58 11.18
C ALA F 243 -1.63 41.25 10.05
N ASP F 244 -2.72 41.99 10.01
CA ASP F 244 -3.80 41.78 9.02
C ASP F 244 -4.25 43.12 8.46
N ILE F 245 -3.40 43.72 7.63
CA ILE F 245 -3.74 44.95 6.88
C ILE F 245 -4.63 44.55 5.71
N VAL F 246 -5.86 44.98 5.68
CA VAL F 246 -6.79 44.56 4.59
C VAL F 246 -6.55 45.45 3.37
N GLY F 247 -6.24 46.72 3.59
CA GLY F 247 -6.32 47.73 2.53
C GLY F 247 -6.44 49.13 3.09
N PHE F 248 -6.76 50.09 2.24
CA PHE F 248 -7.00 51.48 2.66
C PHE F 248 -8.47 51.87 2.55
N PHE F 249 -8.90 52.73 3.47
CA PHE F 249 -10.19 53.44 3.49
C PHE F 249 -9.94 54.83 2.94
N THR F 250 -10.68 55.24 1.93
CA THR F 250 -10.53 56.57 1.29
C THR F 250 -11.77 57.42 1.58
N GLN F 251 -11.57 58.56 2.25
CA GLN F 251 -12.64 59.53 2.57
C GLN F 251 -13.03 60.30 1.30
N HIS F 252 -14.13 61.06 1.35
CA HIS F 252 -14.57 61.92 0.23
C HIS F 252 -13.46 62.91 -0.15
N ASN F 253 -12.71 63.38 0.84
CA ASN F 253 -11.64 64.38 0.61
C ASN F 253 -10.33 63.71 0.19
N LYS F 254 -10.34 62.41 -0.12
CA LYS F 254 -9.20 61.58 -0.63
C LYS F 254 -8.19 61.25 0.47
N LYS F 255 -8.42 61.60 1.76
CA LYS F 255 -7.50 61.12 2.82
C LYS F 255 -7.68 59.62 2.96
N MET F 256 -6.56 58.94 3.12
CA MET F 256 -6.49 57.46 3.17
C MET F 256 -5.90 56.98 4.48
N SER F 257 -6.44 55.88 5.00
CA SER F 257 -6.06 55.24 6.28
C SER F 257 -6.04 53.72 6.07
N PHE F 258 -5.09 53.10 6.73
CA PHE F 258 -5.04 51.62 6.88
C PHE F 258 -6.34 51.16 7.54
N ARG F 259 -6.78 49.95 7.16
CA ARG F 259 -7.90 49.28 7.85
C ARG F 259 -7.43 47.83 8.11
N GLY F 260 -7.57 47.36 9.34
CA GLY F 260 -7.15 46.00 9.71
C GLY F 260 -8.31 45.21 10.26
N LEU F 261 -8.12 43.91 10.38
CA LEU F 261 -9.15 43.00 10.92
C LEU F 261 -8.51 42.14 11.99
N PRO F 262 -9.31 41.73 13.00
CA PRO F 262 -8.83 40.82 14.02
C PRO F 262 -8.60 39.40 13.48
N ARG F 263 -7.72 38.68 14.15
CA ARG F 263 -7.43 37.28 13.83
C ARG F 263 -7.79 36.34 14.98
N TYR F 264 -8.40 35.23 14.61
CA TYR F 264 -8.76 34.11 15.51
C TYR F 264 -7.65 33.05 15.45
N PHE F 265 -7.32 32.45 16.59
CA PHE F 265 -6.38 31.32 16.71
C PHE F 265 -7.06 30.19 17.49
N ARG F 266 -6.98 28.99 16.96
CA ARG F 266 -7.19 27.77 17.75
C ARG F 266 -5.88 27.00 17.71
N VAL F 267 -5.38 26.57 18.86
CA VAL F 267 -4.12 25.79 18.90
C VAL F 267 -4.33 24.54 19.77
N THR F 268 -3.94 23.39 19.24
CA THR F 268 -3.99 22.07 19.91
C THR F 268 -2.58 21.75 20.40
N LEU F 269 -2.40 21.47 21.69
CA LEU F 269 -1.08 21.14 22.26
C LEU F 269 -1.15 19.80 22.97
N ARG F 270 -0.01 19.13 23.03
CA ARG F 270 0.12 17.84 23.71
C ARG F 270 1.30 17.91 24.68
N LYS F 271 1.33 17.03 25.66
CA LYS F 271 2.48 16.94 26.61
C LYS F 271 3.61 16.15 25.94
N ARG F 272 4.81 16.72 25.98
CA ARG F 272 6.05 16.12 25.41
C ARG F 272 7.10 16.00 26.52
N VAL F 273 7.67 14.80 26.70
CA VAL F 273 8.81 14.61 27.62
C VAL F 273 10.05 15.20 26.96
N VAL F 274 10.81 16.00 27.71
CA VAL F 274 12.13 16.57 27.29
C VAL F 274 13.17 16.35 28.40
N LYS F 275 14.46 16.35 28.02
CA LYS F 275 15.63 16.43 28.94
C LYS F 275 16.02 17.91 29.10
N ILE G 7 -23.53 16.14 23.37
CA ILE G 7 -24.03 14.88 22.72
C ILE G 7 -22.88 13.85 22.69
N GLU G 8 -23.10 12.64 23.23
CA GLU G 8 -22.14 11.50 23.11
C GLU G 8 -22.44 10.77 21.80
N VAL G 9 -21.50 10.80 20.86
CA VAL G 9 -21.68 10.27 19.49
C VAL G 9 -21.23 8.80 19.46
N LEU G 10 -22.08 7.91 18.96
CA LEU G 10 -21.81 6.45 18.87
C LEU G 10 -21.75 6.03 17.39
N ALA G 11 -22.32 4.87 17.06
CA ALA G 11 -22.03 4.17 15.80
C ALA G 11 -22.74 4.87 14.65
N VAL G 12 -22.08 4.87 13.51
CA VAL G 12 -22.75 5.17 12.19
C VAL G 12 -23.61 3.97 11.81
N ARG G 13 -24.83 4.24 11.34
CA ARG G 13 -25.70 3.27 10.62
C ARG G 13 -25.34 3.24 9.13
N THR G 14 -25.02 2.05 8.62
CA THR G 14 -24.89 1.81 7.17
C THR G 14 -26.12 1.01 6.74
N GLY G 15 -26.22 0.68 5.46
CA GLY G 15 -27.33 -0.12 4.94
C GLY G 15 -28.23 0.70 4.03
N PRO G 16 -29.18 0.06 3.33
CA PRO G 16 -29.92 0.70 2.24
C PRO G 16 -30.91 1.82 2.67
N ASP G 17 -31.32 1.86 3.94
CA ASP G 17 -32.29 2.86 4.49
C ASP G 17 -31.57 3.93 5.34
N SER G 18 -30.23 3.92 5.39
CA SER G 18 -29.43 4.66 6.41
C SER G 18 -29.10 6.06 5.91
N ILE G 19 -29.26 6.32 4.61
CA ILE G 19 -28.81 7.57 3.93
C ILE G 19 -30.05 8.27 3.34
N THR G 20 -30.10 9.60 3.41
CA THR G 20 -31.09 10.41 2.66
C THR G 20 -30.36 11.57 1.97
N GLU G 21 -31.02 12.19 1.01
CA GLU G 21 -30.46 13.37 0.31
C GLU G 21 -31.55 14.43 0.33
N ILE G 22 -31.21 15.66 0.67
CA ILE G 22 -32.15 16.80 0.51
C ILE G 22 -31.53 17.77 -0.48
N GLU G 23 -32.40 18.49 -1.17
CA GLU G 23 -32.04 19.58 -2.10
C GLU G 23 -32.84 20.80 -1.69
N ALA G 24 -32.22 21.97 -1.69
CA ALA G 24 -32.92 23.21 -1.35
C ALA G 24 -32.25 24.34 -2.10
N TYR G 25 -32.96 25.46 -2.19
CA TYR G 25 -32.39 26.74 -2.71
C TYR G 25 -32.56 27.80 -1.61
N LEU G 26 -31.65 28.77 -1.58
CA LEU G 26 -31.84 30.02 -0.83
C LEU G 26 -31.74 31.18 -1.83
N ASN G 27 -32.83 31.89 -2.00
CA ASN G 27 -32.84 33.12 -2.82
C ASN G 27 -32.09 34.22 -2.07
N PRO G 28 -31.42 35.14 -2.80
CA PRO G 28 -30.70 36.23 -2.16
C PRO G 28 -31.63 37.27 -1.55
N ARG G 29 -31.10 38.02 -0.60
CA ARG G 29 -31.80 39.08 0.13
C ARG G 29 -30.94 40.35 0.00
N MET G 30 -30.83 40.87 -1.22
CA MET G 30 -29.98 42.03 -1.54
C MET G 30 -30.65 43.34 -1.08
N GLY G 31 -31.97 43.33 -0.80
CA GLY G 31 -32.61 44.52 -0.22
C GLY G 31 -33.97 44.81 -0.79
N GLN G 32 -34.16 44.66 -2.10
CA GLN G 32 -35.47 45.02 -2.71
C GLN G 32 -36.42 43.88 -2.41
N PRO G 33 -37.72 44.17 -2.26
CA PRO G 33 -38.68 43.13 -1.89
C PRO G 33 -38.94 42.08 -2.96
N GLN G 34 -39.33 40.88 -2.51
CA GLN G 34 -39.76 39.77 -3.40
C GLN G 34 -40.98 40.19 -4.22
N ASN G 35 -41.20 39.53 -5.36
CA ASN G 35 -42.47 39.67 -6.17
C ASN G 35 -42.57 41.09 -6.71
N GLU G 36 -41.46 41.82 -6.72
CA GLU G 36 -41.44 43.19 -7.25
C GLU G 36 -40.26 43.27 -8.22
N ASP G 37 -40.20 44.34 -8.97
CA ASP G 37 -39.46 44.38 -10.26
C ASP G 37 -37.95 44.30 -10.01
N PHE G 38 -37.46 44.63 -8.81
CA PHE G 38 -36.01 44.69 -8.55
C PHE G 38 -35.56 43.57 -7.60
N TYR G 39 -36.34 42.51 -7.54
CA TYR G 39 -36.02 41.28 -6.78
C TYR G 39 -34.70 40.70 -7.27
N GLY G 40 -33.74 40.49 -6.35
CA GLY G 40 -32.36 40.08 -6.64
C GLY G 40 -31.37 41.25 -6.58
N PHE G 41 -31.88 42.49 -6.52
CA PHE G 41 -31.05 43.72 -6.42
C PHE G 41 -31.27 44.34 -5.05
N SER G 42 -30.32 45.19 -4.61
CA SER G 42 -30.58 46.21 -3.58
C SER G 42 -31.25 47.43 -4.23
N ASP G 43 -31.77 48.34 -3.41
CA ASP G 43 -32.09 49.72 -3.82
C ASP G 43 -30.77 50.43 -4.13
N ASN G 44 -30.84 51.54 -4.87
CA ASN G 44 -29.61 52.30 -5.17
C ASN G 44 -28.90 52.73 -3.89
N VAL G 45 -27.58 52.53 -3.85
CA VAL G 45 -26.76 52.84 -2.68
C VAL G 45 -26.55 54.35 -2.56
N THR G 46 -26.81 54.87 -1.35
CA THR G 46 -26.43 56.25 -0.94
C THR G 46 -25.26 56.15 0.02
N VAL G 47 -24.47 57.21 0.03
CA VAL G 47 -23.22 57.25 0.82
C VAL G 47 -23.28 58.44 1.77
N SER G 48 -22.91 58.21 3.03
CA SER G 48 -22.92 59.22 4.10
C SER G 48 -21.75 60.17 3.87
N ASP G 49 -21.80 61.34 4.49
CA ASP G 49 -20.71 62.35 4.38
C ASP G 49 -19.64 62.10 5.45
N ASP G 50 -20.01 61.44 6.54
CA ASP G 50 -19.11 61.19 7.68
C ASP G 50 -19.64 60.01 8.48
N PHE G 51 -18.83 59.46 9.36
CA PHE G 51 -19.20 58.26 10.14
C PHE G 51 -20.30 58.64 11.13
N GLY G 52 -20.28 59.87 11.62
CA GLY G 52 -21.24 60.35 12.64
C GLY G 52 -22.67 60.44 12.15
N SER G 53 -22.93 60.61 10.84
CA SER G 53 -24.30 60.83 10.30
C SER G 53 -24.72 59.64 9.42
N ASP G 54 -24.00 58.54 9.54
CA ASP G 54 -24.20 57.34 8.68
C ASP G 54 -25.46 56.60 9.13
N ALA G 55 -26.44 56.47 8.24
CA ALA G 55 -27.73 55.81 8.51
C ALA G 55 -28.21 55.16 7.22
N PRO G 56 -27.70 53.95 6.88
CA PRO G 56 -28.01 53.31 5.60
C PRO G 56 -29.51 53.00 5.56
N PRO G 57 -30.26 53.52 4.56
CA PRO G 57 -31.68 53.20 4.43
C PRO G 57 -31.90 51.71 4.22
N TRP G 58 -32.96 51.21 4.82
CA TRP G 58 -33.50 49.89 4.49
C TRP G 58 -33.68 49.75 2.97
N LYS G 59 -33.27 48.58 2.47
CA LYS G 59 -33.31 48.05 1.08
C LYS G 59 -31.97 48.33 0.37
N GLN G 60 -31.11 49.14 0.96
CA GLN G 60 -29.86 49.59 0.27
C GLN G 60 -28.66 48.70 0.62
N PHE G 61 -28.82 47.65 1.41
CA PHE G 61 -27.71 46.76 1.79
C PHE G 61 -28.20 45.32 1.87
N PRO G 62 -27.36 44.34 1.50
CA PRO G 62 -27.76 42.94 1.59
C PRO G 62 -27.83 42.38 3.01
N CYS G 63 -28.64 41.35 3.19
CA CYS G 63 -28.77 40.56 4.41
C CYS G 63 -28.56 39.07 4.12
N TYR G 64 -28.21 38.30 5.14
CA TYR G 64 -28.03 36.83 5.04
C TYR G 64 -29.34 36.15 4.65
N SER G 65 -29.21 35.10 3.86
CA SER G 65 -30.28 34.12 3.56
C SER G 65 -30.14 32.97 4.54
N THR G 66 -31.26 32.44 5.02
CA THR G 66 -31.23 31.23 5.89
C THR G 66 -32.55 30.48 5.76
N ALA G 67 -32.49 29.18 5.99
CA ALA G 67 -33.67 28.30 6.12
C ALA G 67 -33.34 27.10 7.01
N ARG G 68 -34.39 26.61 7.69
CA ARG G 68 -34.36 25.32 8.40
C ARG G 68 -35.16 24.35 7.54
N ILE G 69 -34.53 23.24 7.18
CA ILE G 69 -35.09 22.13 6.38
C ILE G 69 -35.55 21.03 7.35
N SER G 70 -36.83 20.67 7.29
CA SER G 70 -37.43 19.57 8.09
C SER G 70 -37.00 18.25 7.46
N LEU G 71 -36.41 17.33 8.24
CA LEU G 71 -35.80 16.12 7.65
C LEU G 71 -36.78 14.94 7.71
N PRO G 72 -36.52 13.88 6.91
CA PRO G 72 -37.39 12.69 6.89
C PRO G 72 -37.47 12.00 8.27
N MET G 73 -38.57 11.26 8.50
CA MET G 73 -38.76 10.43 9.72
C MET G 73 -37.54 9.54 9.93
N LEU G 74 -37.12 9.36 11.19
CA LEU G 74 -35.93 8.56 11.57
C LEU G 74 -36.27 7.10 11.97
N ASN G 75 -37.53 6.77 12.24
CA ASN G 75 -37.88 5.39 12.70
C ASN G 75 -37.03 5.04 13.94
N GLN G 76 -37.25 5.74 15.05
CA GLN G 76 -36.52 5.50 16.32
C GLN G 76 -36.91 4.12 16.87
N ASP G 77 -36.02 3.56 17.68
CA ASP G 77 -36.22 2.32 18.44
C ASP G 77 -36.90 2.72 19.75
N MET G 78 -38.17 2.37 19.93
CA MET G 78 -38.99 2.81 21.09
C MET G 78 -38.31 2.47 22.42
N THR G 79 -37.62 1.33 22.53
CA THR G 79 -37.14 0.80 23.84
C THR G 79 -35.64 1.03 24.04
N SER G 80 -34.90 1.56 23.06
CA SER G 80 -33.45 1.80 23.25
C SER G 80 -33.22 3.05 24.10
N ASP G 81 -32.04 3.12 24.74
CA ASP G 81 -31.58 4.27 25.58
C ASP G 81 -30.75 5.22 24.73
N THR G 82 -30.69 4.97 23.42
CA THR G 82 -30.03 5.86 22.43
C THR G 82 -31.10 6.45 21.51
N ILE G 83 -30.75 7.47 20.76
CA ILE G 83 -31.65 7.99 19.69
C ILE G 83 -30.81 8.15 18.44
N LEU G 84 -31.46 8.04 17.29
CA LEU G 84 -30.86 8.34 15.98
C LEU G 84 -30.93 9.85 15.74
N MET G 85 -29.90 10.39 15.08
CA MET G 85 -29.92 11.75 14.50
C MET G 85 -29.48 11.65 13.05
N TRP G 86 -29.97 12.58 12.23
CA TRP G 86 -29.40 12.78 10.88
C TRP G 86 -28.08 13.53 11.04
N GLU G 87 -27.04 13.00 10.38
CA GLU G 87 -25.67 13.50 10.35
C GLU G 87 -25.38 13.92 8.90
N ALA G 88 -25.15 15.21 8.64
CA ALA G 88 -24.79 15.68 7.30
C ALA G 88 -23.33 15.28 7.02
N ILE G 89 -23.09 14.50 5.97
CA ILE G 89 -21.73 13.95 5.72
C ILE G 89 -21.08 14.62 4.50
N SER G 90 -21.87 15.16 3.59
CA SER G 90 -21.33 15.81 2.37
C SER G 90 -22.35 16.78 1.81
N CYS G 91 -21.91 17.63 0.88
CA CYS G 91 -22.84 18.53 0.18
C CYS G 91 -22.33 18.81 -1.23
N ARG G 92 -23.23 19.21 -2.09
CA ARG G 92 -22.90 19.94 -3.35
C ARG G 92 -23.53 21.30 -3.16
N THR G 93 -22.87 22.35 -3.62
CA THR G 93 -23.53 23.66 -3.58
C THR G 93 -23.10 24.35 -4.84
N GLU G 94 -24.04 25.12 -5.36
CA GLU G 94 -23.77 25.85 -6.61
C GLU G 94 -24.45 27.21 -6.58
N VAL G 95 -23.73 28.25 -6.99
CA VAL G 95 -24.41 29.55 -7.24
C VAL G 95 -25.15 29.38 -8.58
N MET G 96 -26.47 29.59 -8.56
CA MET G 96 -27.32 29.43 -9.77
C MET G 96 -27.45 30.77 -10.52
N GLY G 97 -27.75 30.69 -11.82
CA GLY G 97 -28.02 31.85 -12.66
C GLY G 97 -26.79 32.65 -13.07
N VAL G 98 -25.58 32.08 -12.92
CA VAL G 98 -24.33 32.70 -13.44
C VAL G 98 -24.53 33.09 -14.91
N ASN G 99 -25.26 32.28 -15.68
CA ASN G 99 -25.62 32.56 -17.10
C ASN G 99 -26.14 34.00 -17.26
N MET G 100 -26.87 34.54 -16.30
CA MET G 100 -27.52 35.88 -16.51
C MET G 100 -26.47 36.98 -16.64
N LEU G 101 -25.24 36.78 -16.20
CA LEU G 101 -24.20 37.83 -16.15
C LEU G 101 -23.61 38.03 -17.53
N THR G 102 -24.06 37.27 -18.53
CA THR G 102 -23.67 37.53 -19.95
C THR G 102 -24.55 38.65 -20.54
N ASN G 103 -25.52 39.17 -19.78
CA ASN G 103 -26.42 40.28 -20.17
C ASN G 103 -25.62 41.59 -20.04
N VAL G 104 -25.31 42.21 -21.17
CA VAL G 104 -24.66 43.54 -21.16
C VAL G 104 -25.55 44.51 -21.95
N HIS G 105 -26.86 44.36 -21.90
CA HIS G 105 -27.78 45.23 -22.66
C HIS G 105 -28.85 45.86 -21.77
N SER G 106 -29.08 45.36 -20.55
CA SER G 106 -30.26 45.78 -19.74
C SER G 106 -29.90 47.05 -18.94
N ALA G 107 -30.13 48.24 -19.51
CA ALA G 107 -30.14 49.55 -18.80
C ALA G 107 -28.82 49.81 -18.05
N GLN G 108 -27.68 49.39 -18.58
CA GLN G 108 -26.34 49.51 -17.94
C GLN G 108 -25.57 50.69 -18.54
N LYS G 109 -24.84 51.40 -17.68
CA LYS G 109 -23.79 52.35 -18.12
C LYS G 109 -22.98 51.66 -19.22
N ARG G 110 -22.76 52.37 -20.31
CA ARG G 110 -22.02 51.85 -21.46
C ARG G 110 -20.52 51.97 -21.25
N VAL G 111 -19.78 51.15 -21.99
CA VAL G 111 -18.29 51.19 -21.92
C VAL G 111 -17.80 52.58 -22.37
N TYR G 112 -18.42 53.15 -23.41
CA TYR G 112 -18.06 54.46 -24.02
C TYR G 112 -19.23 55.42 -23.85
N GLU G 113 -19.49 55.82 -22.60
CA GLU G 113 -20.72 56.59 -22.29
C GLU G 113 -20.69 57.95 -23.01
N ASN G 114 -19.51 58.57 -23.12
CA ASN G 114 -19.29 59.86 -23.82
C ASN G 114 -19.77 59.74 -25.28
N ASP G 115 -19.57 58.57 -25.90
CA ASP G 115 -19.90 58.31 -27.33
C ASP G 115 -21.27 57.63 -27.45
N ARG G 116 -21.98 57.45 -26.33
CA ARG G 116 -23.21 56.62 -26.22
C ARG G 116 -22.98 55.32 -27.01
N GLU G 117 -21.86 54.65 -26.76
CA GLU G 117 -21.49 53.45 -27.56
C GLU G 117 -20.89 52.36 -26.67
N GLY G 118 -20.90 51.15 -27.22
CA GLY G 118 -20.34 49.94 -26.59
C GLY G 118 -21.40 49.16 -25.85
N THR G 119 -21.00 48.04 -25.28
CA THR G 119 -21.88 47.19 -24.48
C THR G 119 -22.13 47.94 -23.17
N GLY G 120 -23.09 47.48 -22.38
CA GLY G 120 -23.13 47.83 -20.95
C GLY G 120 -21.87 47.33 -20.24
N ILE G 121 -21.49 47.92 -19.13
CA ILE G 121 -20.28 47.42 -18.39
C ILE G 121 -20.63 46.11 -17.66
N GLY G 122 -21.92 45.80 -17.52
CA GLY G 122 -22.36 44.55 -16.89
C GLY G 122 -22.17 44.61 -15.38
N VAL G 123 -22.28 43.47 -14.72
CA VAL G 123 -22.12 43.42 -13.24
C VAL G 123 -20.62 43.42 -12.94
N GLU G 124 -20.14 44.35 -12.11
CA GLU G 124 -18.72 44.41 -11.70
C GLU G 124 -18.65 44.78 -10.23
N GLY G 125 -17.50 44.53 -9.64
CA GLY G 125 -17.21 44.96 -8.28
C GLY G 125 -17.17 43.77 -7.36
N MET G 126 -17.54 44.00 -6.10
CA MET G 126 -17.16 43.07 -5.03
C MET G 126 -17.98 41.77 -5.17
N GLY G 127 -17.30 40.67 -4.86
CA GLY G 127 -17.90 39.34 -4.67
C GLY G 127 -17.85 38.93 -3.22
N TYR G 128 -18.97 38.56 -2.62
CA TYR G 128 -18.97 37.99 -1.26
C TYR G 128 -19.80 36.73 -1.34
N HIS G 129 -19.15 35.60 -1.12
CA HIS G 129 -19.81 34.29 -1.36
C HIS G 129 -19.56 33.44 -0.14
N MET G 130 -20.60 33.16 0.62
CA MET G 130 -20.40 32.35 1.83
C MET G 130 -21.56 31.39 1.92
N PHE G 131 -21.30 30.20 2.47
CA PHE G 131 -22.43 29.32 2.82
C PHE G 131 -22.06 28.56 4.08
N ALA G 132 -23.09 28.09 4.79
CA ALA G 132 -22.94 27.32 6.04
C ALA G 132 -24.00 26.23 6.05
N ILE G 133 -23.59 25.04 6.50
CA ILE G 133 -24.48 23.87 6.65
C ILE G 133 -24.27 23.37 8.08
N GLY G 134 -25.33 23.36 8.88
CA GLY G 134 -25.20 22.98 10.30
C GLY G 134 -26.41 22.24 10.81
N GLY G 135 -26.29 21.75 12.03
CA GLY G 135 -27.36 21.07 12.78
C GLY G 135 -28.03 21.97 13.78
N GLU G 136 -27.75 23.28 13.71
CA GLU G 136 -28.37 24.34 14.52
C GLU G 136 -28.05 25.67 13.85
N PRO G 137 -28.73 26.76 14.26
CA PRO G 137 -28.53 28.04 13.61
C PRO G 137 -27.04 28.42 13.64
N LEU G 138 -26.66 29.13 12.58
CA LEU G 138 -25.29 29.67 12.43
C LEU G 138 -25.01 30.67 13.56
N GLU G 139 -23.86 30.54 14.21
CA GLU G 139 -23.51 31.40 15.36
C GLU G 139 -22.71 32.58 14.79
N LEU G 140 -23.13 33.78 15.15
CA LEU G 140 -22.63 35.02 14.49
C LEU G 140 -21.74 35.82 15.45
N GLN G 141 -20.77 36.51 14.87
CA GLN G 141 -20.03 37.57 15.57
C GLN G 141 -20.45 38.89 14.92
N PHE G 142 -20.83 39.87 15.74
CA PHE G 142 -21.21 41.22 15.28
C PHE G 142 -19.90 41.95 15.00
N MET G 143 -19.73 42.51 13.82
CA MET G 143 -18.55 43.38 13.53
C MET G 143 -18.93 44.30 12.38
N VAL G 144 -18.58 45.57 12.50
CA VAL G 144 -19.02 46.64 11.55
C VAL G 144 -17.81 47.50 11.15
N PHE G 145 -17.89 48.09 9.98
CA PHE G 145 -16.83 49.02 9.49
C PHE G 145 -16.81 50.29 10.34
N ASN G 146 -18.00 50.83 10.62
CA ASN G 146 -18.26 52.09 11.35
C ASN G 146 -19.29 51.80 12.47
N HIS G 147 -18.90 51.88 13.74
CA HIS G 147 -19.80 51.57 14.89
C HIS G 147 -20.91 52.62 15.01
N ARG G 148 -20.71 53.82 14.48
CA ARG G 148 -21.71 54.93 14.61
C ARG G 148 -22.80 54.80 13.56
N ALA G 149 -22.74 53.81 12.65
CA ALA G 149 -23.83 53.57 11.69
C ALA G 149 -25.14 53.28 12.44
N THR G 150 -26.20 53.95 12.06
CA THR G 150 -27.57 53.73 12.60
C THR G 150 -28.27 52.86 11.56
N TYR G 151 -28.46 51.57 11.87
CA TYR G 151 -29.21 50.64 10.99
C TYR G 151 -30.72 50.87 11.15
N PRO G 152 -31.50 50.60 10.09
CA PRO G 152 -32.94 50.83 10.10
C PRO G 152 -33.65 49.81 10.99
N ALA G 153 -34.85 50.17 11.41
CA ALA G 153 -35.70 49.33 12.28
C ALA G 153 -35.93 47.94 11.66
N GLU G 154 -35.96 47.83 10.33
CA GLU G 154 -36.28 46.57 9.60
C GLU G 154 -35.17 45.53 9.81
N ALA G 155 -33.97 45.99 10.18
CA ALA G 155 -32.76 45.17 10.27
C ALA G 155 -32.55 44.69 11.70
N THR G 156 -31.92 43.51 11.82
CA THR G 156 -31.53 42.93 13.12
C THR G 156 -30.05 43.17 13.35
N VAL G 157 -29.73 43.99 14.34
CA VAL G 157 -28.36 44.41 14.72
C VAL G 157 -28.26 44.57 16.22
N ILE G 158 -27.03 44.76 16.71
CA ILE G 158 -26.80 45.25 18.10
C ILE G 158 -26.75 46.77 18.03
N LYS G 159 -27.72 47.45 18.64
CA LYS G 159 -27.79 48.93 18.61
C LYS G 159 -26.70 49.50 19.53
N ASN G 160 -26.17 50.67 19.17
CA ASN G 160 -25.13 51.40 19.95
C ASN G 160 -24.06 50.41 20.40
N PRO G 161 -23.44 49.69 19.43
CA PRO G 161 -22.53 48.59 19.72
C PRO G 161 -21.17 49.05 20.27
N GLY G 162 -20.80 50.30 20.01
CA GLY G 162 -19.61 50.94 20.57
C GLY G 162 -18.39 50.74 19.69
N ALA G 163 -17.30 51.49 19.97
CA ALA G 163 -16.06 51.47 19.15
C ALA G 163 -15.49 50.06 19.04
N SER G 164 -15.59 49.21 20.08
CA SER G 164 -15.02 47.84 20.09
C SER G 164 -15.61 46.97 18.96
N SER G 165 -16.80 47.31 18.44
CA SER G 165 -17.53 46.55 17.39
C SER G 165 -16.87 46.72 16.02
N GLN G 166 -15.90 47.63 15.94
CA GLN G 166 -15.12 47.86 14.68
C GLN G 166 -14.04 46.78 14.55
N VAL G 167 -13.74 46.04 15.63
CA VAL G 167 -12.82 44.87 15.63
C VAL G 167 -13.55 43.78 16.45
N PHE G 168 -12.82 42.91 17.13
CA PHE G 168 -13.45 41.76 17.84
C PHE G 168 -13.77 42.19 19.27
N ASP G 169 -15.04 42.02 19.63
CA ASP G 169 -15.50 42.22 21.02
C ASP G 169 -16.28 40.98 21.41
N PRO G 170 -15.79 40.19 22.40
CA PRO G 170 -16.38 38.89 22.74
C PRO G 170 -17.81 39.05 23.28
N ASN G 171 -18.24 40.26 23.62
CA ASN G 171 -19.62 40.47 24.15
C ASN G 171 -20.63 40.50 23.00
N LEU G 172 -20.20 40.65 21.74
CA LEU G 172 -21.13 41.08 20.67
C LEU G 172 -21.48 39.90 19.76
N LYS G 173 -22.43 39.09 20.24
CA LYS G 173 -22.78 37.77 19.69
C LYS G 173 -24.23 37.78 19.18
N GLY G 174 -24.52 36.86 18.27
CA GLY G 174 -25.86 36.63 17.73
C GLY G 174 -25.95 35.23 17.15
N THR G 175 -27.15 34.86 16.72
CA THR G 175 -27.41 33.64 15.92
C THR G 175 -28.33 34.02 14.78
N LEU G 176 -28.12 33.36 13.64
CA LEU G 176 -28.87 33.62 12.39
C LEU G 176 -30.20 32.89 12.46
N THR G 177 -31.19 33.53 13.07
CA THR G 177 -32.53 32.96 13.36
C THR G 177 -33.61 33.48 12.41
N ALA G 178 -33.30 34.36 11.45
CA ALA G 178 -34.32 34.91 10.51
C ALA G 178 -33.66 35.28 9.19
N ASP G 179 -34.41 35.04 8.12
CA ASP G 179 -33.98 35.29 6.72
C ASP G 179 -34.15 36.77 6.41
N GLY G 180 -33.20 37.34 5.66
CA GLY G 180 -33.36 38.65 5.01
C GLY G 180 -33.34 39.84 5.95
N VAL G 181 -32.84 39.70 7.18
CA VAL G 181 -32.86 40.85 8.16
C VAL G 181 -31.51 41.06 8.87
N PHE G 182 -30.59 40.11 8.91
CA PHE G 182 -29.25 40.25 9.50
C PHE G 182 -28.34 40.83 8.42
N PRO G 183 -27.89 42.10 8.52
CA PRO G 183 -27.08 42.67 7.45
C PRO G 183 -25.75 41.91 7.32
N VAL G 184 -25.34 41.65 6.07
CA VAL G 184 -24.04 41.05 5.77
C VAL G 184 -22.95 41.94 6.36
N GLU G 185 -23.03 43.27 6.19
CA GLU G 185 -21.94 44.18 6.65
C GLU G 185 -21.87 44.25 8.18
N ALA G 186 -22.80 43.63 8.94
CA ALA G 186 -22.77 43.72 10.42
C ALA G 186 -22.54 42.38 11.12
N TRP G 187 -22.68 41.27 10.42
CA TRP G 187 -22.53 39.93 11.04
C TRP G 187 -21.64 39.03 10.17
N GLY G 188 -20.84 38.20 10.81
CA GLY G 188 -19.94 37.19 10.24
C GLY G 188 -19.99 35.92 11.08
N PRO G 189 -19.61 34.77 10.52
CA PRO G 189 -19.56 33.54 11.31
C PRO G 189 -18.58 33.70 12.47
N ASP G 190 -18.95 33.13 13.61
CA ASP G 190 -18.18 33.20 14.86
C ASP G 190 -17.27 31.99 14.95
N PRO G 191 -15.93 32.12 14.79
CA PRO G 191 -15.05 30.96 14.84
C PRO G 191 -14.87 30.40 16.25
N PHE G 192 -15.31 31.14 17.27
CA PHE G 192 -15.27 30.67 18.69
C PHE G 192 -16.38 29.64 18.92
N LYS G 193 -17.41 29.59 18.07
CA LYS G 193 -18.54 28.62 18.22
C LYS G 193 -18.65 27.79 16.93
N ASN G 194 -19.87 27.54 16.46
CA ASN G 194 -20.13 26.76 15.23
C ASN G 194 -19.40 25.40 15.25
N GLU G 195 -19.37 24.72 16.39
CA GLU G 195 -18.77 23.35 16.50
C GLU G 195 -19.64 22.36 15.70
N ASN G 196 -20.91 22.70 15.47
CA ASN G 196 -21.90 21.81 14.82
C ASN G 196 -22.32 22.37 13.46
N THR G 197 -21.52 23.27 12.90
CA THR G 197 -21.79 23.90 11.58
C THR G 197 -20.47 23.96 10.80
N ARG G 198 -20.50 23.75 9.48
CA ARG G 198 -19.34 24.05 8.62
C ARG G 198 -19.65 25.28 7.78
N TYR G 199 -18.77 26.27 7.78
CA TYR G 199 -18.98 27.50 6.98
C TYR G 199 -17.75 27.76 6.11
N PHE G 200 -17.98 28.42 4.98
CA PHE G 200 -16.98 28.65 3.91
C PHE G 200 -17.28 30.03 3.34
N GLY G 201 -16.26 30.86 3.19
CA GLY G 201 -16.48 32.27 2.76
C GLY G 201 -15.34 32.72 1.87
N GLN G 202 -15.64 33.51 0.84
CA GLN G 202 -14.63 34.14 -0.03
C GLN G 202 -15.12 35.56 -0.31
N TYR G 203 -14.24 36.54 -0.15
CA TYR G 203 -14.50 37.96 -0.46
C TYR G 203 -13.47 38.40 -1.49
N THR G 204 -13.92 39.02 -2.57
CA THR G 204 -13.03 39.78 -3.48
C THR G 204 -13.62 41.17 -3.56
N GLY G 205 -12.82 42.19 -3.23
CA GLY G 205 -13.33 43.55 -3.11
C GLY G 205 -13.31 44.33 -4.41
N GLY G 206 -13.52 45.64 -4.28
CA GLY G 206 -13.53 46.56 -5.42
C GLY G 206 -14.94 46.82 -5.94
N THR G 207 -15.04 47.75 -6.89
CA THR G 207 -16.30 48.22 -7.51
C THR G 207 -16.28 48.02 -9.03
N GLN G 208 -15.10 47.84 -9.62
CA GLN G 208 -14.89 47.55 -11.07
C GLN G 208 -14.20 46.19 -11.27
N THR G 209 -14.04 45.39 -10.22
CA THR G 209 -13.48 44.02 -10.26
C THR G 209 -14.33 43.11 -11.15
N PRO G 210 -13.71 42.31 -12.02
CA PRO G 210 -14.44 41.34 -12.83
C PRO G 210 -14.99 40.25 -11.91
N PRO G 211 -16.29 39.92 -11.93
CA PRO G 211 -16.75 38.74 -11.19
C PRO G 211 -16.19 37.46 -11.79
N VAL G 212 -15.83 36.49 -10.94
CA VAL G 212 -15.36 35.16 -11.39
C VAL G 212 -16.21 34.12 -10.66
N LEU G 213 -16.98 33.35 -11.41
CA LEU G 213 -17.85 32.30 -10.83
C LEU G 213 -17.71 31.03 -11.63
N THR G 214 -17.72 29.89 -10.95
CA THR G 214 -17.69 28.56 -11.61
C THR G 214 -18.98 27.82 -11.24
N PHE G 215 -19.36 26.85 -12.05
CA PHE G 215 -20.56 26.02 -11.77
C PHE G 215 -20.30 24.64 -12.36
N THR G 216 -20.64 23.63 -11.57
CA THR G 216 -20.56 22.22 -12.02
C THR G 216 -21.39 21.35 -11.09
N ASN G 217 -21.86 20.21 -11.60
CA ASN G 217 -22.65 19.23 -10.80
C ASN G 217 -21.74 18.07 -10.37
N THR G 218 -20.42 18.22 -10.50
CA THR G 218 -19.42 17.14 -10.28
C THR G 218 -18.61 17.32 -9.00
N GLN G 219 -18.88 18.35 -8.17
CA GLN G 219 -18.03 18.66 -6.99
C GLN G 219 -18.77 18.34 -5.71
N THR G 220 -18.12 17.61 -4.82
CA THR G 220 -18.67 17.23 -3.48
C THR G 220 -17.72 17.75 -2.42
N THR G 221 -18.24 18.40 -1.38
CA THR G 221 -17.49 18.80 -0.17
C THR G 221 -17.86 17.85 0.97
N ILE G 222 -16.87 17.22 1.57
CA ILE G 222 -17.06 16.34 2.75
C ILE G 222 -17.26 17.25 3.98
N LEU G 223 -18.26 16.93 4.82
CA LEU G 223 -18.63 17.78 5.98
C LEU G 223 -18.21 17.16 7.32
N LEU G 224 -17.55 16.00 7.30
CA LEU G 224 -17.00 15.34 8.53
C LEU G 224 -15.87 16.18 9.14
N ASP G 225 -15.85 16.26 10.48
CA ASP G 225 -14.79 16.95 11.24
C ASP G 225 -13.60 16.00 11.44
N GLU G 226 -12.61 16.44 12.22
CA GLU G 226 -11.36 15.67 12.50
C GLU G 226 -11.70 14.32 13.13
N ASN G 227 -12.85 14.20 13.81
CA ASN G 227 -13.29 12.94 14.49
C ASN G 227 -14.15 12.07 13.56
N GLY G 228 -14.45 12.50 12.33
CA GLY G 228 -15.27 11.74 11.37
C GLY G 228 -16.75 11.99 11.58
N VAL G 229 -17.10 13.07 12.28
CA VAL G 229 -18.49 13.39 12.68
C VAL G 229 -18.94 14.61 11.87
N GLY G 230 -20.04 14.46 11.14
CA GLY G 230 -20.66 15.58 10.41
C GLY G 230 -21.57 16.36 11.33
N PRO G 231 -22.10 17.52 10.89
CA PRO G 231 -23.12 18.22 11.66
C PRO G 231 -24.28 17.26 12.02
N LEU G 232 -24.69 17.32 13.27
CA LEU G 232 -25.78 16.49 13.83
C LEU G 232 -27.02 17.37 13.97
N CYS G 233 -28.10 16.96 13.29
CA CYS G 233 -29.30 17.79 13.06
C CYS G 233 -30.18 17.77 14.29
N LYS G 234 -30.06 18.84 15.08
CA LYS G 234 -30.78 18.95 16.37
C LYS G 234 -32.24 19.30 16.06
N GLY G 235 -33.15 18.63 16.77
CA GLY G 235 -34.59 18.68 16.46
C GLY G 235 -34.89 18.23 15.05
N ASP G 236 -34.04 17.41 14.42
CA ASP G 236 -34.28 16.84 13.07
C ASP G 236 -34.45 18.00 12.07
N GLY G 237 -33.66 19.06 12.26
CA GLY G 237 -33.59 20.19 11.31
C GLY G 237 -32.19 20.41 10.79
N LEU G 238 -32.10 20.71 9.48
CA LEU G 238 -30.84 21.05 8.78
C LEU G 238 -30.87 22.56 8.50
N PHE G 239 -29.80 23.27 8.87
CA PHE G 239 -29.73 24.73 8.88
C PHE G 239 -28.82 25.13 7.74
N LEU G 240 -29.36 25.87 6.78
CA LEU G 240 -28.66 26.30 5.55
C LEU G 240 -28.58 27.82 5.59
N SER G 241 -27.41 28.41 5.35
CA SER G 241 -27.27 29.88 5.37
C SER G 241 -26.36 30.27 4.22
N CYS G 242 -26.57 31.45 3.67
CA CYS G 242 -25.63 31.95 2.63
C CYS G 242 -25.74 33.46 2.42
N ALA G 243 -24.74 33.98 1.72
CA ALA G 243 -24.79 35.31 1.08
C ALA G 243 -24.02 35.17 -0.22
N ASP G 244 -24.58 35.65 -1.32
CA ASP G 244 -23.93 35.59 -2.64
C ASP G 244 -24.10 36.92 -3.36
N ILE G 245 -23.29 37.91 -2.97
CA ILE G 245 -23.19 39.21 -3.67
C ILE G 245 -22.29 39.00 -4.88
N VAL G 246 -22.80 39.27 -6.08
CA VAL G 246 -22.04 39.03 -7.34
C VAL G 246 -21.30 40.29 -7.77
N GLY G 247 -21.74 41.45 -7.32
CA GLY G 247 -21.17 42.74 -7.70
C GLY G 247 -22.27 43.75 -7.81
N PHE G 248 -22.03 44.85 -8.53
CA PHE G 248 -22.96 45.99 -8.62
C PHE G 248 -23.50 46.10 -10.03
N PHE G 249 -24.71 46.59 -10.12
CA PHE G 249 -25.37 46.98 -11.38
C PHE G 249 -25.27 48.49 -11.42
N THR G 250 -24.68 49.05 -12.48
CA THR G 250 -24.56 50.51 -12.65
C THR G 250 -25.49 50.97 -13.78
N GLN G 251 -26.38 51.89 -13.46
CA GLN G 251 -27.33 52.49 -14.42
C GLN G 251 -26.64 53.60 -15.21
N HIS G 252 -27.29 54.08 -16.25
CA HIS G 252 -26.74 55.12 -17.14
C HIS G 252 -26.44 56.39 -16.29
N ASN G 253 -27.25 56.64 -15.26
CA ASN G 253 -27.14 57.86 -14.40
C ASN G 253 -26.14 57.62 -13.27
N LYS G 254 -25.43 56.49 -13.33
CA LYS G 254 -24.29 56.11 -12.44
C LYS G 254 -24.77 55.64 -11.07
N LYS G 255 -26.08 55.49 -10.84
CA LYS G 255 -26.57 54.86 -9.61
C LYS G 255 -26.22 53.38 -9.63
N MET G 256 -25.84 52.87 -8.47
CA MET G 256 -25.32 51.50 -8.32
C MET G 256 -26.13 50.74 -7.27
N SER G 257 -26.36 49.46 -7.50
CA SER G 257 -27.12 48.57 -6.62
C SER G 257 -26.45 47.21 -6.59
N PHE G 258 -26.53 46.54 -5.44
CA PHE G 258 -26.03 45.16 -5.25
C PHE G 258 -26.86 44.28 -6.17
N ARG G 259 -26.20 43.23 -6.68
CA ARG G 259 -26.89 42.17 -7.43
C ARG G 259 -26.44 40.85 -6.78
N GLY G 260 -27.39 40.00 -6.43
CA GLY G 260 -27.12 38.69 -5.83
C GLY G 260 -27.67 37.56 -6.68
N LEU G 261 -27.27 36.33 -6.35
CA LEU G 261 -27.75 35.15 -7.06
C LEU G 261 -28.17 34.12 -6.01
N PRO G 262 -29.11 33.23 -6.39
CA PRO G 262 -29.56 32.16 -5.53
C PRO G 262 -28.50 31.06 -5.47
N ARG G 263 -28.55 30.30 -4.38
CA ARG G 263 -27.64 29.18 -4.16
C ARG G 263 -28.44 27.90 -3.98
N TYR G 264 -27.91 26.85 -4.60
CA TYR G 264 -28.40 25.46 -4.55
C TYR G 264 -27.59 24.70 -3.51
N PHE G 265 -28.27 23.85 -2.73
CA PHE G 265 -27.68 22.91 -1.76
C PHE G 265 -28.21 21.50 -2.05
N ARG G 266 -27.31 20.55 -2.23
CA ARG G 266 -27.60 19.11 -2.04
C ARG G 266 -26.88 18.66 -0.79
N VAL G 267 -27.57 18.08 0.18
CA VAL G 267 -26.91 17.59 1.41
C VAL G 267 -27.26 16.12 1.60
N THR G 268 -26.24 15.28 1.71
CA THR G 268 -26.38 13.82 1.99
C THR G 268 -26.25 13.64 3.50
N LEU G 269 -27.25 13.01 4.11
CA LEU G 269 -27.23 12.72 5.57
C LEU G 269 -27.35 11.21 5.80
N ARG G 270 -26.78 10.80 6.91
CA ARG G 270 -26.86 9.38 7.35
C ARG G 270 -27.30 9.35 8.79
N LYS G 271 -27.79 8.17 9.22
CA LYS G 271 -28.26 8.00 10.59
C LYS G 271 -27.05 7.75 11.48
N ARG G 272 -26.99 8.49 12.56
CA ARG G 272 -25.95 8.34 13.59
C ARG G 272 -26.62 8.02 14.92
N VAL G 273 -26.11 7.02 15.65
CA VAL G 273 -26.60 6.76 17.04
C VAL G 273 -25.89 7.72 17.99
N VAL G 274 -26.64 8.32 18.91
CA VAL G 274 -26.08 9.15 20.00
C VAL G 274 -26.73 8.73 21.32
N LYS G 275 -26.09 9.08 22.42
CA LYS G 275 -26.60 8.85 23.80
C LYS G 275 -27.78 9.79 24.05
N ASN G 276 -28.94 9.23 24.41
CA ASN G 276 -30.16 9.99 24.82
C ASN G 276 -29.91 10.51 26.24
N ILE H 7 -33.57 3.69 -14.55
CA ILE H 7 -32.72 2.63 -15.13
C ILE H 7 -31.99 1.91 -13.99
N GLU H 8 -32.19 0.59 -13.88
CA GLU H 8 -31.42 -0.32 -12.99
C GLU H 8 -30.11 -0.64 -13.70
N VAL H 9 -28.96 -0.23 -13.16
CA VAL H 9 -27.66 -0.45 -13.85
C VAL H 9 -27.11 -1.81 -13.40
N LEU H 10 -26.75 -2.66 -14.36
CA LEU H 10 -26.11 -3.98 -14.12
C LEU H 10 -24.63 -3.89 -14.54
N ALA H 11 -24.10 -4.93 -15.19
CA ALA H 11 -22.65 -5.15 -15.38
C ALA H 11 -22.12 -4.28 -16.53
N VAL H 12 -20.87 -3.85 -16.42
CA VAL H 12 -20.08 -3.33 -17.58
C VAL H 12 -19.68 -4.51 -18.47
N ARG H 13 -19.78 -4.32 -19.79
CA ARG H 13 -19.17 -5.21 -20.82
C ARG H 13 -17.74 -4.76 -21.08
N THR H 14 -16.75 -5.67 -20.96
CA THR H 14 -15.32 -5.39 -21.28
C THR H 14 -14.94 -6.14 -22.57
N GLY H 15 -13.69 -5.96 -23.03
CA GLY H 15 -13.15 -6.61 -24.24
C GLY H 15 -13.12 -5.67 -25.43
N PRO H 16 -12.65 -6.17 -26.60
CA PRO H 16 -12.34 -5.31 -27.75
C PRO H 16 -13.52 -4.53 -28.32
N ASP H 17 -14.69 -5.19 -28.49
CA ASP H 17 -15.89 -4.64 -29.17
C ASP H 17 -16.74 -3.75 -28.23
N SER H 18 -16.40 -3.69 -26.94
CA SER H 18 -17.29 -3.11 -25.88
C SER H 18 -17.18 -1.57 -25.81
N ILE H 19 -16.23 -0.96 -26.52
CA ILE H 19 -15.82 0.46 -26.32
C ILE H 19 -15.83 1.19 -27.67
N THR H 20 -16.40 2.40 -27.71
CA THR H 20 -16.39 3.24 -28.94
C THR H 20 -15.97 4.66 -28.54
N GLU H 21 -15.41 5.38 -29.50
N GLU H 21 -15.44 5.43 -29.47
CA GLU H 21 -15.05 6.80 -29.36
CA GLU H 21 -15.05 6.84 -29.23
C GLU H 21 -15.85 7.60 -30.39
C GLU H 21 -15.58 7.71 -30.36
N ILE H 22 -16.26 8.81 -30.01
CA ILE H 22 -16.84 9.76 -30.99
C ILE H 22 -16.07 11.08 -30.83
N GLU H 23 -15.87 11.77 -31.95
CA GLU H 23 -15.36 13.16 -31.99
C GLU H 23 -16.42 14.02 -32.66
N ALA H 24 -16.63 15.22 -32.14
CA ALA H 24 -17.60 16.19 -32.68
C ALA H 24 -17.10 17.59 -32.43
N TYR H 25 -17.68 18.54 -33.15
CA TYR H 25 -17.47 19.98 -32.90
C TYR H 25 -18.84 20.63 -32.77
N LEU H 26 -18.90 21.72 -32.01
CA LEU H 26 -20.04 22.64 -31.99
C LEU H 26 -19.50 24.02 -32.32
N ASN H 27 -20.03 24.59 -33.39
CA ASN H 27 -19.75 26.00 -33.74
C ASN H 27 -20.46 26.89 -32.74
N PRO H 28 -19.89 28.10 -32.46
CA PRO H 28 -20.57 29.05 -31.59
C PRO H 28 -21.78 29.69 -32.30
N ARG H 29 -22.72 30.15 -31.51
CA ARG H 29 -23.96 30.79 -31.98
C ARG H 29 -24.05 32.16 -31.29
N MET H 30 -23.16 33.06 -31.70
CA MET H 30 -23.01 34.39 -31.06
C MET H 30 -24.08 35.37 -31.57
N GLY H 31 -24.72 35.09 -32.71
CA GLY H 31 -25.94 35.81 -33.16
C GLY H 31 -25.98 36.00 -34.67
N GLN H 32 -24.84 36.29 -35.30
CA GLN H 32 -24.81 36.60 -36.74
C GLN H 32 -24.94 35.27 -37.48
N PRO H 33 -25.60 35.29 -38.65
CA PRO H 33 -25.88 34.03 -39.34
C PRO H 33 -24.65 33.33 -39.93
N GLN H 34 -24.75 32.00 -40.00
CA GLN H 34 -23.82 31.11 -40.73
C GLN H 34 -23.60 31.60 -42.15
N ASN H 35 -22.39 31.35 -42.66
CA ASN H 35 -22.02 31.48 -44.10
C ASN H 35 -22.06 32.95 -44.54
N GLU H 36 -22.13 33.92 -43.60
CA GLU H 36 -22.06 35.37 -43.90
C GLU H 36 -20.86 35.96 -43.15
N ASP H 37 -20.51 37.21 -43.44
CA ASP H 37 -19.14 37.72 -43.18
C ASP H 37 -18.84 37.85 -41.67
N PHE H 38 -19.86 37.86 -40.81
CA PHE H 38 -19.69 38.10 -39.36
C PHE H 38 -20.00 36.83 -38.58
N TYR H 39 -19.92 35.69 -39.23
CA TYR H 39 -20.16 34.38 -38.57
C TYR H 39 -19.09 34.21 -37.49
N GLY H 40 -19.50 33.86 -36.26
CA GLY H 40 -18.64 33.82 -35.08
C GLY H 40 -18.82 35.02 -34.19
N PHE H 41 -19.47 36.08 -34.68
CA PHE H 41 -19.71 37.33 -33.92
C PHE H 41 -21.20 37.47 -33.63
N SER H 42 -21.56 38.28 -32.63
CA SER H 42 -22.90 38.88 -32.53
C SER H 42 -22.93 40.09 -33.45
N ASP H 43 -24.12 40.61 -33.70
CA ASP H 43 -24.31 41.96 -34.25
C ASP H 43 -23.88 42.94 -33.15
N ASN H 44 -23.62 44.18 -33.49
CA ASN H 44 -23.22 45.19 -32.48
C ASN H 44 -24.29 45.35 -31.41
N VAL H 45 -23.86 45.40 -30.17
CA VAL H 45 -24.74 45.42 -28.98
C VAL H 45 -25.26 46.83 -28.74
N THR H 46 -26.58 46.95 -28.64
CA THR H 46 -27.33 48.15 -28.22
C THR H 46 -27.80 47.92 -26.79
N VAL H 47 -27.85 49.01 -26.05
CA VAL H 47 -28.21 49.00 -24.61
C VAL H 47 -29.48 49.82 -24.44
N SER H 48 -30.40 49.26 -23.68
CA SER H 48 -31.69 49.88 -23.31
C SER H 48 -31.46 50.96 -22.25
N ASP H 49 -32.42 51.86 -22.16
CA ASP H 49 -32.41 53.02 -21.22
C ASP H 49 -32.84 52.57 -19.83
N ASP H 50 -33.79 51.64 -19.72
CA ASP H 50 -34.34 51.15 -18.43
C ASP H 50 -34.93 49.76 -18.61
N PHE H 51 -35.19 49.06 -17.52
CA PHE H 51 -35.70 47.66 -17.50
C PHE H 51 -37.09 47.59 -18.16
N GLY H 52 -37.90 48.65 -18.08
CA GLY H 52 -39.27 48.66 -18.60
C GLY H 52 -39.34 48.77 -20.11
N SER H 53 -38.24 49.11 -20.80
CA SER H 53 -38.20 49.20 -22.28
CA SER H 53 -38.15 49.29 -22.28
C SER H 53 -36.89 48.57 -22.78
N ASP H 54 -36.79 47.28 -22.48
CA ASP H 54 -35.59 46.42 -22.69
C ASP H 54 -35.97 45.30 -23.65
N ALA H 55 -35.55 45.40 -24.90
CA ALA H 55 -35.90 44.39 -25.92
C ALA H 55 -34.64 44.14 -26.75
N PRO H 56 -33.80 43.17 -26.32
CA PRO H 56 -32.52 42.99 -27.00
C PRO H 56 -32.79 42.42 -28.39
N PRO H 57 -32.34 43.12 -29.46
CA PRO H 57 -32.63 42.66 -30.82
C PRO H 57 -31.97 41.33 -31.13
N TRP H 58 -32.67 40.51 -31.93
CA TRP H 58 -32.10 39.26 -32.47
C TRP H 58 -30.74 39.55 -33.13
N LYS H 59 -29.81 38.61 -32.96
CA LYS H 59 -28.41 38.60 -33.45
C LYS H 59 -27.49 39.33 -32.48
N GLN H 60 -27.99 40.05 -31.46
CA GLN H 60 -27.09 40.88 -30.60
C GLN H 60 -26.71 40.16 -29.30
N PHE H 61 -27.16 38.93 -29.11
CA PHE H 61 -26.79 38.16 -27.91
C PHE H 61 -26.54 36.70 -28.28
N PRO H 62 -25.64 36.02 -27.54
CA PRO H 62 -25.30 34.63 -27.80
C PRO H 62 -26.34 33.64 -27.29
N CYS H 63 -26.46 32.50 -27.97
CA CYS H 63 -27.30 31.37 -27.52
C CYS H 63 -26.43 30.11 -27.38
N TYR H 64 -26.96 29.11 -26.70
CA TYR H 64 -26.24 27.83 -26.52
C TYR H 64 -26.15 27.10 -27.84
N SER H 65 -25.07 26.36 -27.98
CA SER H 65 -24.90 25.32 -29.01
C SER H 65 -25.30 23.98 -28.43
N THR H 66 -25.85 23.11 -29.27
CA THR H 66 -26.15 21.73 -28.86
C THR H 66 -26.23 20.83 -30.08
N ALA H 67 -25.88 19.56 -29.88
CA ALA H 67 -26.05 18.51 -30.89
C ALA H 67 -26.36 17.19 -30.18
N ARG H 68 -27.12 16.34 -30.87
CA ARG H 68 -27.35 14.94 -30.51
C ARG H 68 -26.52 14.12 -31.48
N ILE H 69 -25.64 13.28 -30.96
CA ILE H 69 -24.78 12.39 -31.78
C ILE H 69 -25.41 10.99 -31.80
N SER H 70 -25.73 10.46 -32.97
CA SER H 70 -26.23 9.07 -33.14
C SER H 70 -25.07 8.09 -32.98
N LEU H 71 -25.18 7.17 -32.02
CA LEU H 71 -24.14 6.19 -31.62
C LEU H 71 -24.35 4.88 -32.36
N PRO H 72 -23.35 3.97 -32.39
CA PRO H 72 -23.53 2.65 -33.00
C PRO H 72 -24.75 1.89 -32.46
N MET H 73 -25.48 1.18 -33.34
CA MET H 73 -26.65 0.35 -32.95
C MET H 73 -26.15 -0.97 -32.35
N THR H 82 -32.78 -7.77 -20.03
CA THR H 82 -31.68 -6.77 -19.91
C THR H 82 -31.39 -6.15 -21.29
N ILE H 83 -31.04 -4.85 -21.32
CA ILE H 83 -30.71 -4.09 -22.56
C ILE H 83 -29.23 -3.66 -22.47
N LEU H 84 -28.58 -3.44 -23.60
CA LEU H 84 -27.27 -2.72 -23.62
C LEU H 84 -27.52 -1.24 -23.87
N MET H 85 -26.79 -0.38 -23.15
CA MET H 85 -26.77 1.09 -23.36
C MET H 85 -25.32 1.55 -23.48
N TRP H 86 -25.08 2.56 -24.30
CA TRP H 86 -23.77 3.26 -24.31
C TRP H 86 -23.64 4.10 -23.04
N GLU H 87 -22.52 3.94 -22.36
CA GLU H 87 -22.17 4.67 -21.12
C GLU H 87 -20.96 5.55 -21.40
N ALA H 88 -21.11 6.88 -21.35
CA ALA H 88 -19.96 7.82 -21.49
C ALA H 88 -19.12 7.78 -20.20
N ILE H 89 -17.87 7.34 -20.31
CA ILE H 89 -16.95 7.17 -19.16
C ILE H 89 -15.95 8.31 -19.07
N SER H 90 -15.60 8.93 -20.19
CA SER H 90 -14.58 10.02 -20.17
C SER H 90 -14.72 10.91 -21.40
N CYS H 91 -14.11 12.09 -21.35
CA CYS H 91 -14.14 13.02 -22.49
C CYS H 91 -12.86 13.84 -22.51
N ARG H 92 -12.56 14.35 -23.69
CA ARG H 92 -11.58 15.43 -23.86
C ARG H 92 -12.40 16.55 -24.50
N THR H 93 -12.12 17.78 -24.13
CA THR H 93 -12.77 18.92 -24.79
C THR H 93 -11.76 20.03 -24.90
N GLU H 94 -11.84 20.75 -26.00
CA GLU H 94 -10.89 21.84 -26.25
C GLU H 94 -11.59 22.99 -26.97
N VAL H 95 -11.24 24.20 -26.59
CA VAL H 95 -11.72 25.37 -27.34
C VAL H 95 -10.76 25.49 -28.53
N MET H 96 -11.30 25.53 -29.73
CA MET H 96 -10.46 25.58 -30.95
C MET H 96 -10.35 27.04 -31.42
N GLY H 97 -9.29 27.32 -32.18
CA GLY H 97 -9.06 28.60 -32.86
C GLY H 97 -8.64 29.70 -31.90
N VAL H 98 -8.05 29.33 -30.77
CA VAL H 98 -7.49 30.30 -29.80
C VAL H 98 -6.41 31.13 -30.50
N ASN H 99 -5.72 30.52 -31.46
CA ASN H 99 -4.67 31.16 -32.28
C ASN H 99 -5.17 32.46 -32.94
N MET H 100 -6.45 32.55 -33.35
CA MET H 100 -6.98 33.72 -34.11
C MET H 100 -6.93 35.00 -33.26
N LEU H 101 -6.87 34.87 -31.93
CA LEU H 101 -6.88 36.04 -31.01
C LEU H 101 -5.54 36.75 -30.95
N THR H 102 -4.51 36.25 -31.67
CA THR H 102 -3.24 36.97 -31.88
C THR H 102 -3.37 37.99 -33.02
N ASN H 103 -4.54 38.09 -33.66
CA ASN H 103 -4.85 39.11 -34.69
C ASN H 103 -5.17 40.43 -34.00
N VAL H 104 -4.33 41.43 -34.21
CA VAL H 104 -4.58 42.82 -33.68
C VAL H 104 -4.51 43.81 -34.86
N HIS H 105 -4.77 43.36 -36.09
CA HIS H 105 -4.80 44.24 -37.30
C HIS H 105 -6.21 44.39 -37.93
N SER H 106 -7.19 43.53 -37.66
CA SER H 106 -8.49 43.52 -38.38
C SER H 106 -9.48 44.52 -37.77
N ALA H 107 -9.48 45.76 -38.25
CA ALA H 107 -10.55 46.78 -38.09
C ALA H 107 -10.89 46.95 -36.61
N GLN H 108 -9.86 47.03 -35.77
CA GLN H 108 -10.03 47.07 -34.29
C GLN H 108 -9.75 48.50 -33.82
N LYS H 109 -10.51 48.99 -32.86
CA LYS H 109 -10.09 50.19 -32.09
C LYS H 109 -8.61 50.05 -31.69
N ARG H 110 -7.80 51.08 -31.89
CA ARG H 110 -6.34 51.02 -31.66
C ARG H 110 -6.02 51.40 -30.22
N VAL H 111 -4.87 50.97 -29.71
CA VAL H 111 -4.44 51.28 -28.32
C VAL H 111 -4.34 52.80 -28.14
N TYR H 112 -3.79 53.51 -29.13
CA TYR H 112 -3.64 54.99 -29.11
C TYR H 112 -4.54 55.58 -30.21
N GLU H 113 -5.85 55.39 -30.05
CA GLU H 113 -6.85 55.76 -31.10
C GLU H 113 -6.68 57.24 -31.48
N ASN H 114 -6.37 58.11 -30.52
CA ASN H 114 -6.28 59.58 -30.76
C ASN H 114 -5.06 59.88 -31.63
N ASP H 115 -4.03 59.03 -31.55
CA ASP H 115 -2.79 59.14 -32.36
C ASP H 115 -2.94 58.33 -33.66
N ARG H 116 -4.08 57.65 -33.87
CA ARG H 116 -4.24 56.65 -34.95
C ARG H 116 -3.03 55.71 -34.95
N GLU H 117 -2.67 55.20 -33.77
CA GLU H 117 -1.40 54.44 -33.64
C GLU H 117 -1.57 53.27 -32.66
N GLY H 118 -0.66 52.31 -32.79
CA GLY H 118 -0.53 51.10 -31.98
C GLY H 118 -1.33 49.96 -32.57
N THR H 119 -1.29 48.81 -31.91
CA THR H 119 -2.06 47.65 -32.34
C THR H 119 -3.57 47.90 -32.14
N GLY H 120 -4.38 47.07 -32.77
CA GLY H 120 -5.76 46.83 -32.32
C GLY H 120 -5.78 46.46 -30.85
N ILE H 121 -6.87 46.74 -30.12
CA ILE H 121 -6.94 46.30 -28.70
C ILE H 121 -7.27 44.81 -28.61
N GLY H 122 -7.66 44.17 -29.72
CA GLY H 122 -7.92 42.74 -29.72
C GLY H 122 -9.21 42.44 -28.99
N VAL H 123 -9.50 41.15 -28.84
CA VAL H 123 -10.70 40.74 -28.07
C VAL H 123 -10.44 40.89 -26.56
N GLU H 124 -11.38 41.50 -25.85
CA GLU H 124 -11.26 41.76 -24.39
C GLU H 124 -12.64 41.63 -23.80
N GLY H 125 -12.72 41.37 -22.49
CA GLY H 125 -13.98 41.41 -21.73
C GLY H 125 -14.37 40.00 -21.33
N MET H 126 -15.65 39.77 -21.21
CA MET H 126 -16.17 38.61 -20.43
C MET H 126 -15.79 37.32 -21.14
N GLY H 127 -15.50 36.29 -20.33
CA GLY H 127 -15.30 34.90 -20.74
C GLY H 127 -16.42 34.10 -20.16
N TYR H 128 -17.21 33.42 -20.97
CA TYR H 128 -18.21 32.47 -20.45
C TYR H 128 -18.04 31.17 -21.20
N HIS H 129 -17.54 30.17 -20.50
CA HIS H 129 -17.15 28.90 -21.13
C HIS H 129 -17.90 27.82 -20.36
N MET H 130 -18.70 27.05 -21.06
CA MET H 130 -19.43 25.97 -20.38
C MET H 130 -19.54 24.80 -21.35
N PHE H 131 -19.54 23.57 -20.84
CA PHE H 131 -19.86 22.43 -21.74
C PHE H 131 -20.63 21.41 -20.90
N ALA H 132 -21.43 20.57 -21.56
CA ALA H 132 -22.18 19.50 -20.89
C ALA H 132 -22.21 18.29 -21.80
N ILE H 133 -22.14 17.13 -21.20
CA ILE H 133 -22.15 15.82 -21.89
C ILE H 133 -23.14 14.96 -21.12
N GLY H 134 -24.18 14.47 -21.81
CA GLY H 134 -25.27 13.70 -21.17
C GLY H 134 -25.85 12.65 -22.08
N GLY H 135 -26.68 11.80 -21.49
CA GLY H 135 -27.45 10.77 -22.19
C GLY H 135 -28.84 11.23 -22.52
N GLU H 136 -29.10 12.53 -22.37
CA GLU H 136 -30.41 13.15 -22.65
C GLU H 136 -30.19 14.66 -22.75
N PRO H 137 -31.13 15.45 -23.29
CA PRO H 137 -30.91 16.90 -23.34
C PRO H 137 -30.55 17.52 -21.98
N LEU H 138 -29.67 18.52 -22.01
CA LEU H 138 -29.34 19.36 -20.81
C LEU H 138 -30.62 19.96 -20.22
N GLU H 139 -30.83 19.76 -18.92
CA GLU H 139 -31.99 20.33 -18.20
C GLU H 139 -31.61 21.73 -17.72
N LEU H 140 -32.49 22.69 -18.01
CA LEU H 140 -32.20 24.14 -17.85
C LEU H 140 -33.04 24.74 -16.74
N GLN H 141 -32.53 25.80 -16.15
CA GLN H 141 -33.28 26.66 -15.22
C GLN H 141 -33.34 28.04 -15.87
N PHE H 142 -34.52 28.60 -15.99
CA PHE H 142 -34.72 29.92 -16.61
C PHE H 142 -34.32 30.93 -15.55
N MET H 143 -33.41 31.84 -15.88
CA MET H 143 -33.08 32.94 -14.94
C MET H 143 -32.46 34.10 -15.72
N VAL H 144 -32.94 35.31 -15.43
CA VAL H 144 -32.65 36.53 -16.24
C VAL H 144 -32.19 37.65 -15.31
N PHE H 145 -31.40 38.56 -15.86
CA PHE H 145 -30.98 39.80 -15.14
C PHE H 145 -32.21 40.66 -14.85
N ASN H 146 -33.03 40.86 -15.88
CA ASN H 146 -34.24 41.71 -15.88
C ASN H 146 -35.41 40.87 -16.40
N HIS H 147 -36.41 40.56 -15.57
CA HIS H 147 -37.57 39.73 -15.99
C HIS H 147 -38.39 40.43 -17.09
N ARG H 148 -38.31 41.75 -17.20
CA ARG H 148 -39.18 42.56 -18.10
C ARG H 148 -38.58 42.63 -19.50
N ALA H 149 -37.40 42.06 -19.70
CA ALA H 149 -36.75 42.00 -21.03
C ALA H 149 -37.69 41.26 -21.99
N THR H 150 -37.91 41.85 -23.16
CA THR H 150 -38.75 41.24 -24.21
C THR H 150 -37.79 40.62 -25.22
N TYR H 151 -37.69 39.29 -25.19
CA TYR H 151 -36.83 38.50 -26.11
C TYR H 151 -37.48 38.43 -27.48
N PRO H 152 -36.67 38.37 -28.56
CA PRO H 152 -37.20 38.32 -29.90
C PRO H 152 -37.90 36.99 -30.22
N ALA H 153 -38.73 36.99 -31.26
CA ALA H 153 -39.52 35.81 -31.67
C ALA H 153 -38.60 34.61 -31.96
N GLU H 154 -37.41 34.84 -32.50
CA GLU H 154 -36.43 33.81 -32.92
C GLU H 154 -35.93 33.03 -31.71
N ALA H 155 -35.96 33.62 -30.51
CA ALA H 155 -35.38 33.03 -29.28
C ALA H 155 -36.41 32.14 -28.59
N THR H 156 -35.94 31.12 -27.90
CA THR H 156 -36.77 30.27 -27.03
C THR H 156 -36.55 30.75 -25.60
N VAL H 157 -37.62 31.24 -24.98
CA VAL H 157 -37.60 31.74 -23.58
C VAL H 157 -38.94 31.40 -22.97
N ILE H 158 -39.03 31.52 -21.65
CA ILE H 158 -40.34 31.59 -20.97
C ILE H 158 -40.81 33.03 -21.05
N LYS H 159 -41.96 33.25 -21.69
CA LYS H 159 -42.57 34.59 -21.77
C LYS H 159 -43.29 34.96 -20.48
N ASN H 160 -43.33 36.24 -20.11
CA ASN H 160 -44.02 36.67 -18.87
C ASN H 160 -43.53 35.91 -17.66
N PRO H 161 -42.21 35.77 -17.51
CA PRO H 161 -41.69 34.85 -16.50
C PRO H 161 -41.94 35.34 -15.07
N GLY H 162 -42.09 36.65 -14.92
CA GLY H 162 -42.39 37.30 -13.63
C GLY H 162 -41.15 37.67 -12.85
N ALA H 163 -41.32 38.49 -11.82
CA ALA H 163 -40.19 39.04 -11.04
C ALA H 163 -39.33 37.89 -10.45
N SER H 164 -39.92 36.76 -10.03
CA SER H 164 -39.29 35.52 -9.49
C SER H 164 -38.13 35.02 -10.35
N SER H 165 -38.23 35.24 -11.66
CA SER H 165 -37.29 34.77 -12.69
C SER H 165 -35.95 35.52 -12.59
N GLN H 166 -35.87 36.60 -11.82
CA GLN H 166 -34.59 37.31 -11.58
C GLN H 166 -33.75 36.58 -10.52
N VAL H 167 -34.34 35.63 -9.81
CA VAL H 167 -33.68 34.68 -8.87
C VAL H 167 -34.25 33.30 -9.19
N PHE H 168 -34.26 32.37 -8.23
CA PHE H 168 -34.67 30.97 -8.47
C PHE H 168 -36.18 30.85 -8.26
N ASP H 169 -36.87 30.37 -9.29
CA ASP H 169 -38.33 30.05 -9.27
C ASP H 169 -38.42 28.59 -9.74
N PRO H 170 -38.86 27.66 -8.86
CA PRO H 170 -38.92 26.26 -9.20
C PRO H 170 -39.86 25.93 -10.38
N ASN H 171 -40.71 26.88 -10.78
CA ASN H 171 -41.65 26.62 -11.91
C ASN H 171 -40.97 26.82 -13.27
N LEU H 172 -39.82 27.49 -13.32
CA LEU H 172 -39.26 28.04 -14.58
C LEU H 172 -38.19 27.09 -15.12
N LYS H 173 -38.62 25.96 -15.68
CA LYS H 173 -37.74 24.91 -16.25
C LYS H 173 -37.78 24.86 -17.79
N GLY H 174 -36.72 24.32 -18.37
CA GLY H 174 -36.66 23.95 -19.79
C GLY H 174 -35.65 22.84 -20.05
N THR H 175 -35.57 22.38 -21.30
CA THR H 175 -34.50 21.47 -21.76
C THR H 175 -33.90 22.09 -23.01
N LEU H 176 -32.62 21.86 -23.22
CA LEU H 176 -31.89 22.43 -24.38
C LEU H 176 -32.15 21.52 -25.58
N THR H 177 -33.24 21.79 -26.28
CA THR H 177 -33.74 20.92 -27.38
C THR H 177 -33.34 21.46 -28.76
N ALA H 178 -32.69 22.63 -28.85
CA ALA H 178 -32.40 23.21 -30.17
C ALA H 178 -31.15 24.07 -30.11
N ASP H 179 -30.39 24.06 -31.21
CA ASP H 179 -29.11 24.78 -31.35
C ASP H 179 -29.39 26.25 -31.65
N GLY H 180 -28.64 27.17 -31.05
CA GLY H 180 -28.62 28.60 -31.47
C GLY H 180 -29.91 29.39 -31.23
N VAL H 181 -30.76 29.00 -30.29
CA VAL H 181 -32.03 29.75 -29.99
C VAL H 181 -32.26 29.98 -28.49
N PHE H 182 -31.61 29.26 -27.56
CA PHE H 182 -31.81 29.42 -26.10
C PHE H 182 -30.78 30.47 -25.65
N PRO H 183 -31.19 31.70 -25.29
CA PRO H 183 -30.22 32.74 -24.92
C PRO H 183 -29.38 32.30 -23.72
N VAL H 184 -28.07 32.45 -23.85
CA VAL H 184 -27.15 32.21 -22.71
C VAL H 184 -27.64 33.04 -21.52
N GLU H 185 -28.03 34.30 -21.74
CA GLU H 185 -28.41 35.23 -20.62
C GLU H 185 -29.76 34.84 -19.98
N ALA H 186 -30.52 33.87 -20.50
CA ALA H 186 -31.84 33.50 -19.94
C ALA H 186 -31.87 32.06 -19.40
N TRP H 187 -30.89 31.22 -19.67
CA TRP H 187 -30.92 29.80 -19.27
C TRP H 187 -29.55 29.36 -18.75
N GLY H 188 -29.54 28.57 -17.69
CA GLY H 188 -28.36 27.91 -17.14
C GLY H 188 -28.69 26.49 -16.74
N PRO H 189 -27.66 25.68 -16.49
CA PRO H 189 -27.89 24.30 -16.09
C PRO H 189 -28.66 24.25 -14.76
N ASP H 190 -29.60 23.31 -14.69
CA ASP H 190 -30.47 23.11 -13.51
C ASP H 190 -29.80 22.10 -12.58
N PRO H 191 -29.32 22.54 -11.40
CA PRO H 191 -28.64 21.61 -10.49
C PRO H 191 -29.64 20.66 -9.83
N PHE H 192 -30.93 20.93 -9.91
CA PHE H 192 -31.97 20.04 -9.33
C PHE H 192 -32.20 18.82 -10.21
N LYS H 193 -31.70 18.84 -11.45
CA LYS H 193 -31.93 17.75 -12.43
C LYS H 193 -30.55 17.37 -12.95
N ASN H 194 -30.42 16.96 -14.23
CA ASN H 194 -29.14 16.60 -14.85
C ASN H 194 -28.47 15.47 -14.05
N GLU H 195 -29.25 14.47 -13.61
CA GLU H 195 -28.63 13.29 -12.95
C GLU H 195 -27.89 12.44 -13.99
N ASN H 196 -28.22 12.61 -15.29
CA ASN H 196 -27.66 11.82 -16.41
C ASN H 196 -26.79 12.70 -17.32
N THR H 197 -26.34 13.86 -16.84
CA THR H 197 -25.48 14.80 -17.60
C THR H 197 -24.42 15.32 -16.64
N ARG H 198 -23.21 15.55 -17.14
CA ARG H 198 -22.17 16.26 -16.36
C ARG H 198 -21.98 17.62 -17.06
N TYR H 199 -22.00 18.70 -16.30
CA TYR H 199 -21.81 20.06 -16.87
C TYR H 199 -20.77 20.80 -16.06
N PHE H 200 -20.08 21.71 -16.77
CA PHE H 200 -18.94 22.46 -16.22
C PHE H 200 -19.02 23.86 -16.82
N GLY H 201 -18.70 24.85 -16.00
CA GLY H 201 -18.78 26.24 -16.47
C GLY H 201 -17.92 27.18 -15.67
N GLN H 202 -17.42 28.21 -16.35
CA GLN H 202 -16.63 29.29 -15.74
C GLN H 202 -17.02 30.62 -16.40
N TYR H 203 -17.26 31.63 -15.58
CA TYR H 203 -17.63 32.98 -16.04
C TYR H 203 -16.58 33.91 -15.48
N THR H 204 -15.97 34.73 -16.33
CA THR H 204 -15.18 35.91 -15.88
C THR H 204 -15.81 37.13 -16.54
N GLY H 205 -16.19 38.13 -15.73
CA GLY H 205 -16.95 39.30 -16.20
C GLY H 205 -16.05 40.40 -16.76
N GLY H 206 -16.67 41.55 -17.00
CA GLY H 206 -15.99 42.78 -17.44
C GLY H 206 -16.04 42.94 -18.95
N THR H 207 -15.56 44.09 -19.42
CA THR H 207 -15.61 44.49 -20.84
C THR H 207 -14.20 44.74 -21.35
N GLN H 208 -13.24 44.98 -20.47
CA GLN H 208 -11.80 45.13 -20.89
C GLN H 208 -10.91 44.07 -20.24
N THR H 209 -11.50 43.08 -19.57
CA THR H 209 -10.78 41.97 -18.93
C THR H 209 -9.92 41.20 -19.92
N PRO H 210 -8.66 40.85 -19.59
CA PRO H 210 -7.86 39.99 -20.47
C PRO H 210 -8.43 38.58 -20.61
N PRO H 211 -8.73 38.11 -21.83
CA PRO H 211 -9.12 36.72 -22.04
C PRO H 211 -7.98 35.77 -21.68
N VAL H 212 -8.29 34.67 -20.98
CA VAL H 212 -7.32 33.61 -20.64
C VAL H 212 -7.87 32.27 -21.14
N LEU H 213 -7.18 31.68 -22.12
CA LEU H 213 -7.63 30.41 -22.72
C LEU H 213 -6.43 29.50 -22.82
N THR H 214 -6.65 28.22 -22.55
CA THR H 214 -5.60 27.19 -22.70
C THR H 214 -6.13 26.10 -23.62
N PHE H 215 -5.22 25.33 -24.20
CA PHE H 215 -5.58 24.24 -25.14
C PHE H 215 -4.49 23.18 -25.05
N THR H 216 -4.91 21.93 -25.00
CA THR H 216 -3.99 20.77 -25.00
C THR H 216 -4.79 19.57 -25.49
N ASN H 217 -4.12 18.59 -26.08
CA ASN H 217 -4.72 17.29 -26.42
C ASN H 217 -4.40 16.27 -25.33
N THR H 218 -3.94 16.68 -24.14
CA THR H 218 -3.41 15.75 -23.13
C THR H 218 -4.36 15.58 -21.93
N GLN H 219 -5.49 16.29 -21.88
CA GLN H 219 -6.36 16.32 -20.67
C GLN H 219 -7.61 15.47 -20.87
N THR H 220 -7.87 14.51 -19.98
CA THR H 220 -9.07 13.65 -19.95
C THR H 220 -9.88 13.96 -18.68
N THR H 221 -11.19 14.10 -18.80
CA THR H 221 -12.12 14.28 -17.67
C THR H 221 -12.94 13.00 -17.55
N ILE H 222 -12.95 12.41 -16.35
CA ILE H 222 -13.75 11.19 -16.04
C ILE H 222 -15.18 11.65 -15.84
N LEU H 223 -16.14 10.95 -16.44
CA LEU H 223 -17.58 11.34 -16.40
C LEU H 223 -18.34 10.38 -15.48
N LEU H 224 -17.65 9.45 -14.81
CA LEU H 224 -18.32 8.54 -13.84
C LEU H 224 -18.79 9.34 -12.63
N ASP H 225 -19.93 8.95 -12.05
CA ASP H 225 -20.51 9.57 -10.84
C ASP H 225 -19.93 8.85 -9.61
N GLU H 226 -20.43 9.16 -8.42
CA GLU H 226 -19.91 8.58 -7.15
C GLU H 226 -20.09 7.05 -7.15
N ASN H 227 -21.04 6.52 -7.93
CA ASN H 227 -21.35 5.06 -7.97
C ASN H 227 -20.63 4.37 -9.12
N GLY H 228 -19.75 5.07 -9.86
CA GLY H 228 -18.99 4.50 -10.98
C GLY H 228 -19.80 4.41 -12.26
N VAL H 229 -20.84 5.25 -12.43
CA VAL H 229 -21.75 5.19 -13.61
C VAL H 229 -21.62 6.50 -14.39
N GLY H 230 -21.32 6.40 -15.68
CA GLY H 230 -21.30 7.57 -16.57
C GLY H 230 -22.70 7.85 -17.10
N PRO H 231 -22.89 8.95 -17.85
CA PRO H 231 -24.16 9.18 -18.55
C PRO H 231 -24.53 7.99 -19.44
N LEU H 232 -25.78 7.57 -19.34
CA LEU H 232 -26.35 6.43 -20.11
C LEU H 232 -27.17 7.01 -21.25
N CYS H 233 -26.78 6.72 -22.50
CA CYS H 233 -27.31 7.37 -23.72
C CYS H 233 -28.68 6.80 -24.09
N LYS H 234 -29.73 7.51 -23.69
CA LYS H 234 -31.14 7.13 -23.98
C LYS H 234 -31.40 7.25 -25.48
N GLY H 235 -32.06 6.25 -26.06
CA GLY H 235 -32.30 6.23 -27.52
C GLY H 235 -30.98 6.17 -28.27
N ASP H 236 -29.90 5.74 -27.63
CA ASP H 236 -28.56 5.61 -28.28
C ASP H 236 -28.14 6.96 -28.84
N GLY H 237 -28.46 8.03 -28.12
CA GLY H 237 -28.02 9.40 -28.46
C GLY H 237 -27.10 9.97 -27.40
N LEU H 238 -26.06 10.68 -27.84
CA LEU H 238 -25.09 11.38 -26.97
C LEU H 238 -25.35 12.88 -27.15
N PHE H 239 -25.55 13.60 -26.06
CA PHE H 239 -26.00 15.00 -26.08
C PHE H 239 -24.87 15.92 -25.63
N LEU H 240 -24.44 16.79 -26.53
CA LEU H 240 -23.32 17.73 -26.35
C LEU H 240 -23.88 19.15 -26.41
N SER H 241 -23.44 19.97 -25.48
CA SER H 241 -23.94 21.35 -25.31
C SER H 241 -22.76 22.23 -24.90
N CYS H 242 -22.76 23.48 -25.34
CA CYS H 242 -21.71 24.42 -24.89
C CYS H 242 -22.09 25.86 -25.21
N ALA H 243 -21.36 26.77 -24.56
CA ALA H 243 -21.30 28.19 -24.93
C ALA H 243 -19.85 28.62 -24.66
N ASP H 244 -19.24 29.35 -25.59
CA ASP H 244 -17.85 29.79 -25.48
C ASP H 244 -17.74 31.23 -25.97
N ILE H 245 -18.17 32.15 -25.14
CA ILE H 245 -17.97 33.60 -25.34
C ILE H 245 -16.53 33.91 -24.93
N VAL H 246 -15.73 34.43 -25.87
CA VAL H 246 -14.30 34.74 -25.62
C VAL H 246 -14.17 36.16 -25.13
N GLY H 247 -15.07 37.05 -25.53
CA GLY H 247 -15.02 38.47 -25.19
C GLY H 247 -15.68 39.28 -26.26
N PHE H 248 -15.32 40.56 -26.33
CA PHE H 248 -15.88 41.54 -27.29
C PHE H 248 -14.81 42.03 -28.28
N PHE H 249 -15.29 42.23 -29.49
CA PHE H 249 -14.59 42.90 -30.61
C PHE H 249 -15.07 44.35 -30.60
N THR H 250 -14.14 45.30 -30.52
CA THR H 250 -14.42 46.76 -30.57
C THR H 250 -13.95 47.37 -31.89
N GLN H 251 -14.88 47.90 -32.67
CA GLN H 251 -14.61 48.61 -33.95
C GLN H 251 -13.98 49.98 -33.64
N HIS H 252 -13.41 50.63 -34.65
CA HIS H 252 -12.87 52.00 -34.54
C HIS H 252 -13.92 52.97 -33.98
N ASN H 253 -15.17 52.77 -34.36
CA ASN H 253 -16.30 53.66 -33.96
C ASN H 253 -16.89 53.22 -32.61
N LYS H 254 -16.23 52.30 -31.92
CA LYS H 254 -16.52 51.88 -30.51
C LYS H 254 -17.71 50.92 -30.44
N LYS H 255 -18.32 50.53 -31.55
CA LYS H 255 -19.35 49.47 -31.55
C LYS H 255 -18.67 48.16 -31.11
N MET H 256 -19.40 47.40 -30.31
CA MET H 256 -18.86 46.18 -29.66
C MET H 256 -19.76 44.97 -29.93
N SER H 257 -19.16 43.84 -30.26
CA SER H 257 -19.87 42.59 -30.59
C SER H 257 -19.21 41.44 -29.82
N PHE H 258 -19.98 40.47 -29.41
CA PHE H 258 -19.52 39.18 -28.87
C PHE H 258 -18.69 38.50 -29.95
N ARG H 259 -17.64 37.81 -29.50
CA ARG H 259 -16.83 36.92 -30.36
C ARG H 259 -16.80 35.57 -29.62
N GLY H 260 -17.12 34.49 -30.32
CA GLY H 260 -17.19 33.12 -29.79
C GLY H 260 -16.22 32.23 -30.54
N LEU H 261 -15.99 31.05 -30.01
CA LEU H 261 -15.07 30.06 -30.61
C LEU H 261 -15.74 28.69 -30.57
N PRO H 262 -15.42 27.82 -31.55
CA PRO H 262 -15.93 26.46 -31.59
C PRO H 262 -15.26 25.56 -30.57
N ARG H 263 -15.96 24.49 -30.24
CA ARG H 263 -15.54 23.52 -29.22
C ARG H 263 -15.50 22.11 -29.83
N TYR H 264 -14.38 21.45 -29.53
CA TYR H 264 -14.09 20.04 -29.85
C TYR H 264 -14.55 19.18 -28.68
N PHE H 265 -15.15 18.04 -28.98
CA PHE H 265 -15.47 16.98 -27.99
C PHE H 265 -14.92 15.66 -28.53
N ARG H 266 -14.22 14.95 -27.65
CA ARG H 266 -14.00 13.49 -27.80
C ARG H 266 -14.66 12.81 -26.60
N VAL H 267 -15.43 11.75 -26.85
CA VAL H 267 -16.12 11.02 -25.75
C VAL H 267 -15.86 9.54 -25.95
N THR H 268 -15.48 8.87 -24.87
CA THR H 268 -15.23 7.41 -24.83
C THR H 268 -16.44 6.79 -24.16
N LEU H 269 -17.04 5.79 -24.80
CA LEU H 269 -18.24 5.11 -24.25
C LEU H 269 -18.00 3.60 -24.29
N ARG H 270 -18.59 2.94 -23.30
CA ARG H 270 -18.58 1.46 -23.20
C ARG H 270 -20.01 0.93 -23.14
N LYS H 271 -20.17 -0.37 -23.40
CA LYS H 271 -21.48 -1.05 -23.29
C LYS H 271 -21.75 -1.35 -21.82
N ARG H 272 -22.96 -1.04 -21.37
CA ARG H 272 -23.39 -1.27 -19.97
C ARG H 272 -24.72 -2.03 -20.01
N VAL H 273 -24.79 -3.15 -19.30
CA VAL H 273 -26.07 -3.91 -19.17
C VAL H 273 -26.98 -3.12 -18.22
N VAL H 274 -28.25 -2.97 -18.57
CA VAL H 274 -29.26 -2.39 -17.63
C VAL H 274 -30.54 -3.25 -17.65
N LYS H 275 -31.31 -3.21 -16.56
CA LYS H 275 -32.51 -4.07 -16.34
C LYS H 275 -33.66 -3.58 -17.23
N ILE I 7 0.23 1.70 -36.78
CA ILE I 7 1.42 1.03 -36.16
C ILE I 7 0.93 0.14 -35.02
N GLU I 8 1.21 -1.16 -35.08
CA GLU I 8 1.01 -2.13 -33.97
C GLU I 8 2.16 -1.96 -32.97
N VAL I 9 1.91 -1.42 -31.78
CA VAL I 9 2.99 -1.12 -30.81
C VAL I 9 3.23 -2.35 -29.92
N LEU I 10 4.49 -2.75 -29.75
CA LEU I 10 4.86 -3.91 -28.88
C LEU I 10 5.69 -3.43 -27.68
N ALA I 11 6.75 -4.17 -27.31
CA ALA I 11 7.48 -3.99 -26.03
C ALA I 11 8.41 -2.77 -26.06
N VAL I 12 8.53 -2.12 -24.90
CA VAL I 12 9.59 -1.13 -24.55
C VAL I 12 10.93 -1.85 -24.37
N ARG I 13 12.02 -1.20 -24.79
CA ARG I 13 13.41 -1.58 -24.46
C ARG I 13 13.90 -0.73 -23.29
N THR I 14 14.43 -1.41 -22.27
CA THR I 14 15.16 -0.82 -21.12
C THR I 14 16.65 -1.16 -21.26
N GLY I 15 17.48 -0.64 -20.35
CA GLY I 15 18.92 -0.88 -20.37
C GLY I 15 19.67 0.39 -20.77
N PRO I 16 21.02 0.40 -20.61
CA PRO I 16 21.80 1.63 -20.78
C PRO I 16 22.04 2.06 -22.25
N ASP I 17 21.50 1.32 -23.23
CA ASP I 17 21.60 1.63 -24.68
C ASP I 17 20.21 1.95 -25.27
N SER I 18 19.16 1.80 -24.47
CA SER I 18 17.74 1.84 -24.91
C SER I 18 17.22 3.29 -24.94
N ILE I 19 17.98 4.24 -24.40
CA ILE I 19 17.49 5.61 -24.11
C ILE I 19 18.43 6.63 -24.76
N THR I 20 17.89 7.73 -25.25
CA THR I 20 18.72 8.86 -25.73
C THR I 20 18.01 10.18 -25.41
N GLU I 21 18.78 11.25 -25.44
CA GLU I 21 18.29 12.62 -25.13
C GLU I 21 18.70 13.56 -26.27
N ILE I 22 17.78 14.38 -26.76
CA ILE I 22 18.19 15.50 -27.65
C ILE I 22 17.84 16.82 -26.97
N GLU I 23 18.65 17.84 -27.25
CA GLU I 23 18.34 19.24 -26.90
C GLU I 23 18.27 20.05 -28.19
N ALA I 24 17.35 21.01 -28.26
CA ALA I 24 17.18 21.87 -29.44
C ALA I 24 16.62 23.22 -28.95
N TYR I 25 16.83 24.25 -29.75
CA TYR I 25 16.13 25.56 -29.60
C TYR I 25 15.36 25.83 -30.88
N LEU I 26 14.25 26.56 -30.73
CA LEU I 26 13.56 27.21 -31.86
C LEU I 26 13.54 28.71 -31.60
N ASN I 27 14.22 29.47 -32.44
CA ASN I 27 14.10 30.95 -32.39
C ASN I 27 12.72 31.39 -32.86
N PRO I 28 12.20 32.53 -32.35
CA PRO I 28 10.89 33.02 -32.75
C PRO I 28 10.92 33.55 -34.18
N ARG I 29 9.74 33.63 -34.78
CA ARG I 29 9.54 34.16 -36.15
C ARG I 29 8.45 35.24 -36.07
N MET I 30 8.77 36.35 -35.41
CA MET I 30 7.80 37.42 -35.11
C MET I 30 7.55 38.30 -36.35
N GLY I 31 8.41 38.23 -37.37
CA GLY I 31 8.19 39.00 -38.61
C GLY I 31 9.49 39.58 -39.17
N GLN I 32 10.31 40.21 -38.36
CA GLN I 32 11.52 40.87 -38.90
C GLN I 32 12.58 39.81 -39.19
N PRO I 33 13.40 40.02 -40.24
CA PRO I 33 14.36 39.01 -40.66
C PRO I 33 15.52 38.77 -39.69
N GLN I 34 16.10 37.57 -39.72
CA GLN I 34 17.30 37.23 -38.90
C GLN I 34 18.51 38.01 -39.40
N ASN I 35 19.52 38.16 -38.55
CA ASN I 35 20.83 38.79 -38.91
C ASN I 35 20.61 40.28 -39.21
N GLU I 36 19.49 40.85 -38.76
CA GLU I 36 19.17 42.30 -38.90
C GLU I 36 18.74 42.84 -37.53
N ASP I 37 18.68 44.16 -37.38
CA ASP I 37 18.67 44.84 -36.06
C ASP I 37 17.38 44.54 -35.27
N PHE I 38 16.30 44.10 -35.92
CA PHE I 38 14.99 43.94 -35.24
C PHE I 38 14.65 42.44 -35.13
N TYR I 39 15.65 41.58 -35.23
CA TYR I 39 15.48 40.11 -35.02
C TYR I 39 14.85 39.85 -33.65
N GLY I 40 13.74 39.11 -33.63
CA GLY I 40 12.97 38.82 -32.40
C GLY I 40 11.71 39.68 -32.30
N PHE I 41 11.59 40.70 -33.17
CA PHE I 41 10.41 41.61 -33.25
C PHE I 41 9.66 41.41 -34.57
N SER I 42 8.39 41.83 -34.59
CA SER I 42 7.65 42.11 -35.83
C SER I 42 8.03 43.53 -36.26
N ASP I 43 7.70 43.86 -37.50
CA ASP I 43 7.61 45.26 -37.98
C ASP I 43 6.41 45.92 -37.29
N ASN I 44 6.35 47.24 -37.33
CA ASN I 44 5.29 47.94 -36.56
C ASN I 44 3.91 47.57 -37.11
N VAL I 45 2.99 47.26 -36.21
CA VAL I 45 1.65 46.81 -36.59
C VAL I 45 0.83 47.99 -37.15
N THR I 46 0.23 47.77 -38.33
CA THR I 46 -0.79 48.66 -38.93
C THR I 46 -2.14 47.95 -38.80
N VAL I 47 -3.20 48.75 -38.76
CA VAL I 47 -4.58 48.26 -38.52
C VAL I 47 -5.45 48.76 -39.64
N SER I 48 -6.26 47.86 -40.19
CA SER I 48 -7.19 48.12 -41.31
C SER I 48 -8.36 48.97 -40.82
N ASP I 49 -9.04 49.64 -41.76
CA ASP I 49 -10.24 50.46 -41.50
C ASP I 49 -11.48 49.56 -41.36
N ASP I 50 -11.53 48.43 -42.06
CA ASP I 50 -12.72 47.54 -42.11
C ASP I 50 -12.26 46.13 -42.50
N PHE I 51 -13.11 45.13 -42.31
CA PHE I 51 -12.73 43.73 -42.61
C PHE I 51 -12.49 43.56 -44.12
N GLY I 52 -13.20 44.30 -44.97
CA GLY I 52 -13.15 44.10 -46.43
C GLY I 52 -11.83 44.54 -47.03
N SER I 53 -11.16 45.53 -46.44
CA SER I 53 -9.87 46.10 -46.91
C SER I 53 -8.70 45.73 -45.97
N ASP I 54 -8.75 44.54 -45.41
CA ASP I 54 -7.78 44.06 -44.41
C ASP I 54 -6.71 43.29 -45.16
N ALA I 55 -5.45 43.73 -45.11
CA ALA I 55 -4.32 43.13 -45.86
C ALA I 55 -3.05 43.29 -45.03
N PRO I 56 -2.83 42.49 -43.97
CA PRO I 56 -1.68 42.72 -43.09
C PRO I 56 -0.39 42.50 -43.87
N PRO I 57 0.52 43.50 -43.93
CA PRO I 57 1.78 43.37 -44.65
C PRO I 57 2.67 42.30 -44.01
N TRP I 58 3.35 41.54 -44.85
CA TRP I 58 4.48 40.67 -44.44
C TRP I 58 5.38 41.43 -43.47
N LYS I 59 5.78 40.72 -42.42
CA LYS I 59 6.70 41.10 -41.30
C LYS I 59 5.89 41.67 -40.12
N GLN I 60 4.63 42.01 -40.29
CA GLN I 60 3.84 42.68 -39.19
C GLN I 60 3.06 41.66 -38.36
N PHE I 61 3.22 40.37 -38.60
CA PHE I 61 2.52 39.36 -37.77
C PHE I 61 3.43 38.15 -37.56
N PRO I 62 3.35 37.46 -36.40
CA PRO I 62 4.17 36.29 -36.11
C PRO I 62 3.72 35.03 -36.86
N CYS I 63 4.67 34.14 -37.09
CA CYS I 63 4.44 32.80 -37.68
C CYS I 63 4.97 31.72 -36.72
N TYR I 64 4.52 30.49 -36.87
CA TYR I 64 5.01 29.34 -36.07
C TYR I 64 6.46 29.01 -36.40
N SER I 65 7.20 28.60 -35.38
CA SER I 65 8.56 28.03 -35.47
C SER I 65 8.42 26.51 -35.57
N THR I 66 9.21 25.85 -36.41
CA THR I 66 9.20 24.37 -36.42
C THR I 66 10.56 23.88 -36.90
N ALA I 67 10.92 22.71 -36.43
CA ALA I 67 12.14 21.97 -36.84
C ALA I 67 11.87 20.47 -36.79
N ARG I 68 12.55 19.74 -37.66
CA ARG I 68 12.61 18.27 -37.56
C ARG I 68 14.03 17.93 -37.12
N ILE I 69 14.16 17.16 -36.06
CA ILE I 69 15.47 16.76 -35.47
C ILE I 69 15.74 15.33 -35.95
N SER I 70 16.91 15.09 -36.53
CA SER I 70 17.40 13.74 -36.93
C SER I 70 17.90 13.02 -35.67
N LEU I 71 17.46 11.79 -35.47
CA LEU I 71 17.74 11.04 -34.22
C LEU I 71 18.88 10.07 -34.42
N PRO I 72 19.49 9.55 -33.34
CA PRO I 72 20.56 8.55 -33.46
C PRO I 72 20.11 7.29 -34.19
N MET I 73 21.07 6.57 -34.80
CA MET I 73 20.83 5.27 -35.48
C MET I 73 20.26 4.27 -34.47
N LEU I 74 19.33 3.42 -34.89
CA LEU I 74 18.56 2.52 -33.98
C LEU I 74 19.20 1.12 -33.89
N ASN I 75 20.06 0.72 -34.83
CA ASN I 75 20.70 -0.63 -34.75
C ASN I 75 19.57 -1.67 -34.73
N GLN I 76 18.89 -1.77 -35.87
CA GLN I 76 17.76 -2.70 -36.12
C GLN I 76 18.23 -4.15 -36.08
N ASP I 77 17.35 -5.08 -35.68
CA ASP I 77 17.55 -6.53 -35.84
C ASP I 77 17.27 -6.87 -37.31
N MET I 78 18.29 -7.28 -38.05
CA MET I 78 18.16 -7.48 -39.52
C MET I 78 17.15 -8.56 -39.85
N THR I 79 16.98 -9.59 -39.00
CA THR I 79 16.18 -10.79 -39.34
C THR I 79 14.81 -10.81 -38.63
N SER I 80 14.49 -9.84 -37.77
CA SER I 80 13.17 -9.79 -37.08
C SER I 80 12.08 -9.26 -38.04
N ASP I 81 10.82 -9.57 -37.75
CA ASP I 81 9.62 -9.09 -38.50
C ASP I 81 9.12 -7.77 -37.88
N THR I 82 9.79 -7.31 -36.82
CA THR I 82 9.47 -6.05 -36.11
C THR I 82 10.51 -4.99 -36.48
N ILE I 83 10.26 -3.74 -36.11
CA ILE I 83 11.25 -2.63 -36.25
C ILE I 83 11.26 -1.83 -34.95
N LEU I 84 12.43 -1.26 -34.64
CA LEU I 84 12.61 -0.29 -33.54
C LEU I 84 12.23 1.09 -34.04
N MET I 85 11.50 1.82 -33.19
CA MET I 85 11.25 3.27 -33.38
C MET I 85 11.64 3.99 -32.10
N TRP I 86 12.06 5.23 -32.25
CA TRP I 86 12.26 6.15 -31.11
C TRP I 86 10.90 6.63 -30.64
N GLU I 87 10.67 6.49 -29.35
CA GLU I 87 9.44 6.91 -28.64
C GLU I 87 9.79 8.05 -27.69
N ALA I 88 9.20 9.23 -27.86
CA ALA I 88 9.46 10.34 -26.92
C ALA I 88 8.65 10.06 -25.66
N ILE I 89 9.29 10.00 -24.50
CA ILE I 89 8.56 9.65 -23.24
C ILE I 89 8.42 10.87 -22.33
N SER I 90 9.28 11.87 -22.47
CA SER I 90 9.24 13.04 -21.56
C SER I 90 9.96 14.23 -22.19
N CYS I 91 9.77 15.41 -21.62
CA CYS I 91 10.44 16.63 -22.14
C CYS I 91 10.64 17.60 -20.98
N ARG I 92 11.66 18.43 -21.12
CA ARG I 92 11.71 19.75 -20.46
C ARG I 92 11.54 20.76 -21.59
N THR I 93 10.89 21.86 -21.31
CA THR I 93 10.88 22.99 -22.24
C THR I 93 10.92 24.25 -21.38
N GLU I 94 11.51 25.28 -21.96
CA GLU I 94 11.68 26.55 -21.26
C GLU I 94 11.71 27.71 -22.27
N VAL I 95 10.96 28.76 -21.98
CA VAL I 95 11.10 30.00 -22.75
C VAL I 95 12.41 30.62 -22.24
N MET I 96 13.37 30.82 -23.14
CA MET I 96 14.68 31.39 -22.78
C MET I 96 14.69 32.91 -22.90
N GLY I 97 15.59 33.58 -22.16
CA GLY I 97 15.81 35.04 -22.26
C GLY I 97 14.71 35.86 -21.58
N VAL I 98 13.94 35.25 -20.70
CA VAL I 98 12.94 35.97 -19.84
C VAL I 98 13.64 37.14 -19.14
N ASN I 99 14.92 36.95 -18.78
CA ASN I 99 15.79 37.98 -18.15
C ASN I 99 15.74 39.32 -18.93
N MET I 100 15.65 39.29 -20.25
CA MET I 100 15.79 40.52 -21.08
C MET I 100 14.59 41.43 -20.79
N LEU I 101 13.50 40.91 -20.23
CA LEU I 101 12.24 41.69 -20.04
C LEU I 101 12.42 42.66 -18.86
N THR I 102 13.54 42.62 -18.15
CA THR I 102 13.83 43.57 -17.05
C THR I 102 14.41 44.88 -17.64
N ASN I 103 14.58 44.93 -18.93
CA ASN I 103 15.03 46.16 -19.64
C ASN I 103 13.87 47.13 -19.80
N VAL I 104 13.96 48.29 -19.15
CA VAL I 104 12.96 49.36 -19.29
C VAL I 104 13.66 50.65 -19.73
N HIS I 105 14.78 50.53 -20.47
CA HIS I 105 15.56 51.71 -20.93
C HIS I 105 15.69 51.78 -22.45
N SER I 106 15.39 50.73 -23.21
CA SER I 106 15.67 50.66 -24.67
C SER I 106 14.51 51.26 -25.48
N ALA I 107 14.48 52.60 -25.67
CA ALA I 107 13.62 53.28 -26.67
C ALA I 107 12.13 52.98 -26.46
N GLN I 108 11.69 52.89 -25.21
CA GLN I 108 10.31 52.50 -24.88
C GLN I 108 9.52 53.73 -24.48
N LYS I 109 8.27 53.80 -24.91
CA LYS I 109 7.30 54.78 -24.33
C LYS I 109 7.46 54.78 -22.80
N ARG I 110 7.58 55.96 -22.19
CA ARG I 110 7.79 56.10 -20.72
C ARG I 110 6.45 56.02 -19.96
N VAL I 111 6.50 55.61 -18.70
CA VAL I 111 5.30 55.53 -17.82
C VAL I 111 4.60 56.91 -17.78
N TYR I 112 5.40 57.99 -17.75
CA TYR I 112 4.92 59.41 -17.62
C TYR I 112 5.36 60.20 -18.86
N GLU I 113 4.87 59.81 -20.03
CA GLU I 113 5.38 60.35 -21.32
C GLU I 113 5.18 61.87 -21.36
N ASN I 114 4.09 62.38 -20.77
CA ASN I 114 3.74 63.83 -20.77
C ASN I 114 4.74 64.64 -19.95
N ASP I 115 5.45 64.01 -18.99
CA ASP I 115 6.52 64.62 -18.15
C ASP I 115 7.91 64.16 -18.60
N ARG I 116 7.98 63.41 -19.72
CA ARG I 116 9.20 62.72 -20.20
C ARG I 116 9.88 62.09 -18.98
N GLU I 117 9.15 61.31 -18.18
CA GLU I 117 9.73 60.77 -16.94
C GLU I 117 9.26 59.33 -16.73
N GLY I 118 10.00 58.63 -15.89
CA GLY I 118 9.72 57.25 -15.48
C GLY I 118 10.47 56.25 -16.31
N THR I 119 10.39 54.96 -15.94
CA THR I 119 10.91 53.87 -16.79
C THR I 119 10.20 53.81 -18.14
N GLY I 120 10.76 53.04 -19.08
CA GLY I 120 9.96 52.53 -20.19
C GLY I 120 8.83 51.66 -19.66
N ILE I 121 7.75 51.52 -20.40
CA ILE I 121 6.61 50.64 -20.00
C ILE I 121 7.01 49.18 -20.17
N GLY I 122 8.09 48.92 -20.92
CA GLY I 122 8.55 47.54 -21.18
C GLY I 122 7.60 46.76 -22.06
N VAL I 123 7.77 45.44 -22.09
CA VAL I 123 6.90 44.57 -22.93
C VAL I 123 5.57 44.32 -22.19
N GLU I 124 4.44 44.51 -22.87
CA GLU I 124 3.10 44.39 -22.26
C GLU I 124 2.17 43.90 -23.33
N GLY I 125 1.08 43.31 -22.90
CA GLY I 125 0.00 42.89 -23.80
C GLY I 125 -0.02 41.39 -23.93
N MET I 126 -0.50 40.92 -25.08
CA MET I 126 -0.95 39.52 -25.22
C MET I 126 0.26 38.60 -25.07
N GLY I 127 0.03 37.49 -24.40
CA GLY I 127 0.93 36.32 -24.38
C GLY I 127 0.28 35.19 -25.16
N TYR I 128 1.05 34.55 -26.04
CA TYR I 128 0.63 33.31 -26.73
C TYR I 128 1.85 32.41 -26.69
N HIS I 129 1.73 31.33 -25.95
CA HIS I 129 2.81 30.35 -25.70
C HIS I 129 2.25 28.97 -26.02
N MET I 130 2.77 28.35 -27.06
CA MET I 130 2.35 26.98 -27.38
C MET I 130 3.59 26.21 -27.82
N PHE I 131 3.62 24.94 -27.47
CA PHE I 131 4.66 24.04 -28.03
C PHE I 131 4.01 22.71 -28.35
N ALA I 132 4.63 22.00 -29.28
CA ALA I 132 4.19 20.66 -29.73
C ALA I 132 5.44 19.81 -29.91
N ILE I 133 5.33 18.55 -29.52
CA ILE I 133 6.39 17.50 -29.67
C ILE I 133 5.71 16.28 -30.27
N GLY I 134 6.20 15.82 -31.44
CA GLY I 134 5.53 14.70 -32.12
C GLY I 134 6.47 13.86 -32.95
N GLY I 135 5.91 12.77 -33.49
CA GLY I 135 6.68 11.85 -34.34
C GLY I 135 6.36 12.09 -35.79
N GLU I 136 5.69 13.21 -36.08
CA GLU I 136 5.34 13.62 -37.47
C GLU I 136 4.97 15.10 -37.42
N PRO I 137 4.82 15.81 -38.56
CA PRO I 137 4.43 17.22 -38.49
C PRO I 137 3.12 17.48 -37.74
N LEU I 138 3.11 18.61 -37.01
CA LEU I 138 1.91 19.11 -36.31
C LEU I 138 0.79 19.26 -37.36
N GLU I 139 -0.38 18.73 -37.05
CA GLU I 139 -1.58 18.80 -37.92
C GLU I 139 -2.36 20.05 -37.49
N LEU I 140 -2.74 20.87 -38.43
CA LEU I 140 -3.28 22.23 -38.16
C LEU I 140 -4.72 22.34 -38.64
N GLN I 141 -5.47 23.19 -37.93
CA GLN I 141 -6.83 23.63 -38.33
C GLN I 141 -6.67 25.09 -38.74
N PHE I 142 -7.14 25.44 -39.92
CA PHE I 142 -7.16 26.85 -40.35
C PHE I 142 -8.34 27.53 -39.68
N MET I 143 -8.09 28.67 -39.04
CA MET I 143 -9.14 29.46 -38.38
C MET I 143 -8.64 30.89 -38.20
N VAL I 144 -9.43 31.84 -38.68
CA VAL I 144 -9.08 33.29 -38.74
C VAL I 144 -10.17 34.12 -38.05
N PHE I 145 -9.74 35.26 -37.55
CA PHE I 145 -10.66 36.26 -36.94
C PHE I 145 -11.59 36.85 -38.01
N ASN I 146 -11.02 37.22 -39.17
CA ASN I 146 -11.69 37.91 -40.29
C ASN I 146 -11.33 37.16 -41.59
N HIS I 147 -12.29 36.50 -42.21
CA HIS I 147 -11.99 35.62 -43.39
C HIS I 147 -11.59 36.49 -44.59
N ARG I 148 -11.99 37.76 -44.62
CA ARG I 148 -11.73 38.65 -45.79
C ARG I 148 -10.30 39.20 -45.73
N ALA I 149 -9.55 38.91 -44.68
CA ALA I 149 -8.12 39.27 -44.59
C ALA I 149 -7.37 38.67 -45.80
N THR I 150 -6.60 39.50 -46.49
CA THR I 150 -5.71 39.03 -47.59
C THR I 150 -4.30 38.94 -47.03
N TYR I 151 -3.81 37.71 -46.83
CA TYR I 151 -2.45 37.44 -46.33
C TYR I 151 -1.46 37.63 -47.49
N PRO I 152 -0.21 38.01 -47.17
CA PRO I 152 0.77 38.28 -48.23
C PRO I 152 1.25 36.96 -48.86
N ALA I 153 1.80 37.03 -50.07
CA ALA I 153 2.31 35.85 -50.80
C ALA I 153 3.38 35.07 -50.00
N GLU I 154 4.15 35.73 -49.14
CA GLU I 154 5.25 35.15 -48.33
C GLU I 154 4.65 34.15 -47.33
N ALA I 155 3.38 34.33 -46.98
CA ALA I 155 2.73 33.53 -45.90
C ALA I 155 2.05 32.31 -46.48
N THR I 156 1.99 31.23 -45.72
CA THR I 156 1.21 30.02 -46.08
C THR I 156 -0.17 30.06 -45.44
N VAL I 157 -1.19 30.19 -46.26
CA VAL I 157 -2.60 30.22 -45.81
C VAL I 157 -3.47 29.48 -46.82
N ILE I 158 -4.70 29.25 -46.44
CA ILE I 158 -5.76 28.88 -47.41
C ILE I 158 -6.35 30.18 -47.96
N LYS I 159 -6.15 30.43 -49.26
CA LYS I 159 -6.69 31.67 -49.89
C LYS I 159 -8.21 31.61 -49.99
N ASN I 160 -8.84 32.77 -49.91
CA ASN I 160 -10.31 32.94 -50.06
C ASN I 160 -11.00 31.83 -49.29
N PRO I 161 -10.71 31.71 -47.98
CA PRO I 161 -11.20 30.60 -47.16
C PRO I 161 -12.71 30.60 -46.88
N GLY I 162 -13.38 31.75 -47.02
CA GLY I 162 -14.84 31.87 -46.84
C GLY I 162 -15.20 32.10 -45.39
N ALA I 163 -16.44 32.51 -45.16
CA ALA I 163 -16.95 32.89 -43.82
C ALA I 163 -16.85 31.73 -42.80
N SER I 164 -17.01 30.46 -43.20
CA SER I 164 -16.88 29.26 -42.32
C SER I 164 -15.53 29.21 -41.59
N SER I 165 -14.50 29.87 -42.16
CA SER I 165 -13.10 29.85 -41.64
C SER I 165 -13.00 30.71 -40.39
N GLN I 166 -14.03 31.51 -40.09
CA GLN I 166 -14.09 32.31 -38.84
C GLN I 166 -14.46 31.43 -37.64
N VAL I 167 -14.99 30.23 -37.90
CA VAL I 167 -15.25 29.18 -36.87
C VAL I 167 -14.68 27.86 -37.40
N PHE I 168 -15.19 26.70 -36.98
CA PHE I 168 -14.65 25.40 -37.43
C PHE I 168 -15.26 24.98 -38.76
N ASP I 169 -14.39 24.72 -39.74
CA ASP I 169 -14.77 24.17 -41.07
C ASP I 169 -13.90 22.94 -41.27
N PRO I 170 -14.48 21.72 -41.30
CA PRO I 170 -13.67 20.50 -41.40
C PRO I 170 -12.87 20.37 -42.70
N ASN I 171 -13.18 21.18 -43.71
CA ASN I 171 -12.45 21.23 -45.00
C ASN I 171 -11.10 21.95 -44.87
N LEU I 172 -10.86 22.74 -43.81
CA LEU I 172 -9.77 23.75 -43.82
C LEU I 172 -8.59 23.26 -42.95
N LYS I 173 -7.82 22.32 -43.51
CA LYS I 173 -6.73 21.62 -42.81
C LYS I 173 -5.39 21.98 -43.44
N GLY I 174 -4.34 21.79 -42.65
CA GLY I 174 -2.95 21.86 -43.14
C GLY I 174 -2.04 21.12 -42.20
N THR I 175 -0.75 21.13 -42.50
CA THR I 175 0.29 20.55 -41.63
C THR I 175 1.44 21.53 -41.62
N LEU I 176 2.10 21.63 -40.47
CA LEU I 176 3.19 22.61 -40.24
C LEU I 176 4.49 22.04 -40.80
N THR I 177 4.74 22.33 -42.08
CA THR I 177 5.84 21.74 -42.87
C THR I 177 7.00 22.72 -43.08
N ALA I 178 6.93 23.95 -42.57
CA ALA I 178 7.92 25.00 -42.88
C ALA I 178 7.93 26.00 -41.72
N ASP I 179 9.13 26.43 -41.38
CA ASP I 179 9.41 27.40 -40.31
C ASP I 179 9.12 28.83 -40.79
N GLY I 180 8.51 29.65 -39.94
CA GLY I 180 8.42 31.09 -40.20
C GLY I 180 7.49 31.56 -41.32
N VAL I 181 6.55 30.74 -41.81
CA VAL I 181 5.61 31.15 -42.88
C VAL I 181 4.14 30.89 -42.50
N PHE I 182 3.77 30.02 -41.54
CA PHE I 182 2.37 29.77 -41.16
C PHE I 182 1.99 30.82 -40.11
N PRO I 183 1.10 31.79 -40.42
CA PRO I 183 0.74 32.83 -39.45
C PRO I 183 0.12 32.18 -38.21
N VAL I 184 0.54 32.61 -37.04
CA VAL I 184 -0.09 32.17 -35.75
C VAL I 184 -1.59 32.48 -35.84
N GLU I 185 -1.97 33.64 -36.36
CA GLU I 185 -3.38 34.13 -36.31
C GLU I 185 -4.25 33.35 -37.29
N ALA I 186 -3.68 32.47 -38.14
CA ALA I 186 -4.47 31.72 -39.16
C ALA I 186 -4.50 30.21 -38.92
N TRP I 187 -3.63 29.68 -38.09
CA TRP I 187 -3.48 28.21 -37.87
C TRP I 187 -3.43 27.89 -36.37
N GLY I 188 -4.05 26.77 -35.99
CA GLY I 188 -3.98 26.23 -34.64
C GLY I 188 -3.90 24.70 -34.71
N PRO I 189 -3.46 24.06 -33.60
CA PRO I 189 -3.40 22.60 -33.52
C PRO I 189 -4.80 22.02 -33.76
N ASP I 190 -4.86 20.94 -34.56
CA ASP I 190 -6.14 20.31 -34.95
C ASP I 190 -6.39 19.17 -33.95
N PRO I 191 -7.43 19.27 -33.09
CA PRO I 191 -7.69 18.23 -32.09
C PRO I 191 -8.34 16.95 -32.67
N PHE I 192 -8.76 17.01 -33.93
CA PHE I 192 -9.32 15.86 -34.67
C PHE I 192 -8.17 14.96 -35.14
N LYS I 193 -6.94 15.47 -35.15
CA LYS I 193 -5.75 14.72 -35.60
C LYS I 193 -4.72 14.75 -34.46
N ASN I 194 -3.42 14.75 -34.76
CA ASN I 194 -2.34 14.86 -33.76
C ASN I 194 -2.40 13.68 -32.75
N GLU I 195 -2.71 12.47 -33.23
CA GLU I 195 -2.71 11.26 -32.37
C GLU I 195 -1.27 10.93 -31.95
N ASN I 196 -0.27 11.41 -32.72
CA ASN I 196 1.15 11.05 -32.57
C ASN I 196 1.95 12.31 -32.19
N THR I 197 1.25 13.30 -31.60
CA THR I 197 1.85 14.59 -31.17
C THR I 197 1.19 15.02 -29.87
N ARG I 198 1.96 15.60 -28.96
CA ARG I 198 1.39 16.25 -27.76
C ARG I 198 1.59 17.76 -27.94
N TYR I 199 0.52 18.54 -27.80
CA TYR I 199 0.64 20.02 -27.87
C TYR I 199 0.00 20.63 -26.64
N PHE I 200 0.45 21.85 -26.33
CA PHE I 200 0.11 22.59 -25.10
C PHE I 200 0.10 24.06 -25.49
N GLY I 201 -0.91 24.81 -25.06
CA GLY I 201 -0.96 26.24 -25.42
C GLY I 201 -1.67 27.05 -24.37
N GLN I 202 -1.24 28.29 -24.20
CA GLN I 202 -1.88 29.29 -23.28
C GLN I 202 -1.94 30.62 -24.01
N TYR I 203 -3.10 31.24 -24.01
CA TYR I 203 -3.32 32.61 -24.50
C TYR I 203 -3.76 33.47 -23.32
N THR I 204 -3.11 34.61 -23.15
CA THR I 204 -3.54 35.70 -22.24
C THR I 204 -3.61 36.97 -23.09
N GLY I 205 -4.79 37.52 -23.27
CA GLY I 205 -4.99 38.66 -24.17
C GLY I 205 -4.72 39.99 -23.49
N GLY I 206 -5.10 41.06 -24.19
CA GLY I 206 -4.90 42.44 -23.72
C GLY I 206 -3.73 43.08 -24.44
N THR I 207 -3.58 44.39 -24.31
CA THR I 207 -2.43 45.13 -24.87
C THR I 207 -1.61 45.79 -23.73
N GLN I 208 -2.19 45.88 -22.52
CA GLN I 208 -1.50 46.36 -21.29
C GLN I 208 -1.36 45.24 -20.23
N THR I 209 -1.66 43.99 -20.55
CA THR I 209 -1.51 42.84 -19.61
C THR I 209 -0.03 42.63 -19.31
N PRO I 210 0.39 42.45 -18.04
CA PRO I 210 1.78 42.15 -17.75
C PRO I 210 2.13 40.73 -18.16
N PRO I 211 3.27 40.49 -18.84
CA PRO I 211 3.75 39.13 -19.14
C PRO I 211 4.02 38.38 -17.83
N VAL I 212 3.65 37.10 -17.79
CA VAL I 212 3.93 36.20 -16.64
C VAL I 212 4.66 34.99 -17.18
N LEU I 213 5.91 34.81 -16.79
CA LEU I 213 6.75 33.71 -17.36
C LEU I 213 7.56 33.10 -16.21
N THR I 214 7.72 31.78 -16.24
CA THR I 214 8.48 31.03 -15.21
C THR I 214 9.55 30.26 -15.98
N PHE I 215 10.63 29.95 -15.30
CA PHE I 215 11.73 29.18 -15.89
C PHE I 215 12.37 28.39 -14.76
N THR I 216 12.67 27.15 -15.05
CA THR I 216 13.37 26.25 -14.12
C THR I 216 13.86 25.06 -14.91
N ASN I 217 14.94 24.46 -14.45
CA ASN I 217 15.45 23.19 -15.07
C ASN I 217 14.96 21.97 -14.29
N THR I 218 13.95 22.10 -13.43
CA THR I 218 13.51 21.02 -12.53
C THR I 218 12.16 20.41 -12.93
N GLN I 219 11.55 20.86 -14.03
CA GLN I 219 10.19 20.43 -14.47
C GLN I 219 10.34 19.49 -15.66
N THR I 220 9.80 18.27 -15.53
CA THR I 220 9.68 17.27 -16.63
C THR I 220 8.19 17.05 -16.90
N THR I 221 7.80 17.02 -18.18
CA THR I 221 6.42 16.71 -18.61
C THR I 221 6.47 15.33 -19.25
N ILE I 222 5.67 14.41 -18.76
CA ILE I 222 5.55 13.06 -19.38
C ILE I 222 4.73 13.19 -20.67
N LEU I 223 5.15 12.51 -21.74
CA LEU I 223 4.54 12.56 -23.09
C LEU I 223 3.79 11.26 -23.40
N LEU I 224 3.68 10.33 -22.44
CA LEU I 224 2.96 9.06 -22.62
C LEU I 224 1.46 9.35 -22.67
N ASP I 225 0.77 8.67 -23.58
CA ASP I 225 -0.71 8.71 -23.70
C ASP I 225 -1.32 7.73 -22.68
N GLU I 226 -2.65 7.62 -22.71
CA GLU I 226 -3.47 6.80 -21.80
C GLU I 226 -3.05 5.33 -21.86
N ASN I 227 -2.42 4.88 -22.97
CA ASN I 227 -1.95 3.48 -23.16
C ASN I 227 -0.46 3.37 -22.81
N GLY I 228 0.16 4.42 -22.28
CA GLY I 228 1.58 4.39 -21.88
C GLY I 228 2.50 4.49 -23.09
N VAL I 229 2.02 5.07 -24.19
CA VAL I 229 2.80 5.19 -25.45
C VAL I 229 3.05 6.67 -25.75
N GLY I 230 4.31 7.02 -25.95
CA GLY I 230 4.71 8.36 -26.38
C GLY I 230 4.65 8.52 -27.89
N PRO I 231 4.84 9.74 -28.40
CA PRO I 231 5.01 9.94 -29.84
C PRO I 231 6.09 9.04 -30.44
N LEU I 232 5.73 8.40 -31.53
CA LEU I 232 6.62 7.43 -32.22
C LEU I 232 7.17 8.14 -33.46
N CYS I 233 8.50 8.16 -33.58
CA CYS I 233 9.25 9.06 -34.50
C CYS I 233 9.38 8.41 -35.89
N LYS I 234 8.40 8.69 -36.73
CA LYS I 234 8.28 8.14 -38.10
C LYS I 234 9.41 8.71 -38.96
N GLY I 235 10.05 7.84 -39.77
CA GLY I 235 11.27 8.17 -40.51
C GLY I 235 12.40 8.63 -39.60
N ASP I 236 12.40 8.25 -38.31
CA ASP I 236 13.45 8.54 -37.30
C ASP I 236 13.65 10.05 -37.16
N GLY I 237 12.55 10.80 -37.25
CA GLY I 237 12.54 12.26 -37.04
C GLY I 237 11.67 12.65 -35.85
N LEU I 238 12.10 13.67 -35.11
CA LEU I 238 11.35 14.29 -33.97
C LEU I 238 10.93 15.70 -34.40
N PHE I 239 9.64 15.99 -34.25
CA PHE I 239 9.04 17.24 -34.78
C PHE I 239 8.81 18.16 -33.58
N LEU I 240 9.43 19.32 -33.59
CA LEU I 240 9.27 20.33 -32.51
C LEU I 240 8.60 21.54 -33.15
N SER I 241 7.57 22.11 -32.51
CA SER I 241 6.90 23.32 -33.03
C SER I 241 6.60 24.25 -31.86
N CYS I 242 6.65 25.57 -32.09
CA CYS I 242 6.19 26.47 -31.01
C CYS I 242 5.85 27.86 -31.55
N ALA I 243 5.22 28.66 -30.68
CA ALA I 243 5.05 30.11 -30.86
C ALA I 243 5.09 30.71 -29.46
N ASP I 244 5.92 31.74 -29.29
CA ASP I 244 6.16 32.36 -27.95
C ASP I 244 6.09 33.88 -28.14
N ILE I 245 4.87 34.39 -28.30
CA ILE I 245 4.61 35.85 -28.33
C ILE I 245 4.66 36.33 -26.87
N VAL I 246 5.57 37.19 -26.49
CA VAL I 246 5.69 37.63 -25.07
C VAL I 246 4.75 38.83 -24.82
N GLY I 247 4.63 39.72 -25.81
CA GLY I 247 3.74 40.89 -25.79
C GLY I 247 4.19 41.89 -26.82
N PHE I 248 3.91 43.17 -26.58
CA PHE I 248 4.29 44.25 -27.53
C PHE I 248 5.37 45.16 -26.96
N PHE I 249 6.23 45.63 -27.86
CA PHE I 249 7.21 46.69 -27.63
C PHE I 249 6.53 47.95 -28.17
N THR I 250 6.39 48.98 -27.33
CA THR I 250 5.84 50.31 -27.71
C THR I 250 6.95 51.35 -27.73
N GLN I 251 7.12 51.99 -28.88
CA GLN I 251 8.11 53.09 -29.08
C GLN I 251 7.53 54.40 -28.53
N HIS I 252 8.36 55.42 -28.37
CA HIS I 252 7.96 56.78 -27.92
C HIS I 252 6.84 57.32 -28.82
N ASN I 253 6.88 57.03 -30.12
CA ASN I 253 5.86 57.49 -31.09
C ASN I 253 4.61 56.59 -31.12
N LYS I 254 4.49 55.64 -30.17
CA LYS I 254 3.33 54.75 -29.92
C LYS I 254 3.26 53.63 -30.96
N LYS I 255 4.24 53.49 -31.85
CA LYS I 255 4.23 52.33 -32.75
C LYS I 255 4.52 51.08 -31.92
N MET I 256 3.83 50.00 -32.25
CA MET I 256 3.84 48.76 -31.44
C MET I 256 4.23 47.59 -32.33
N SER I 257 5.09 46.73 -31.79
CA SER I 257 5.59 45.52 -32.48
C SER I 257 5.51 44.31 -31.56
N PHE I 258 5.24 43.14 -32.12
CA PHE I 258 5.33 41.87 -31.38
C PHE I 258 6.77 41.65 -30.94
N ARG I 259 6.95 41.08 -29.75
CA ARG I 259 8.29 40.66 -29.27
C ARG I 259 8.15 39.18 -28.90
N GLY I 260 9.07 38.34 -29.39
CA GLY I 260 9.04 36.89 -29.13
C GLY I 260 10.29 36.44 -28.45
N LEU I 261 10.24 35.26 -27.87
CA LEU I 261 11.43 34.65 -27.24
C LEU I 261 11.67 33.25 -27.80
N PRO I 262 12.95 32.79 -27.77
CA PRO I 262 13.29 31.44 -28.19
C PRO I 262 12.83 30.40 -27.16
N ARG I 263 12.67 29.17 -27.61
CA ARG I 263 12.22 28.08 -26.73
C ARG I 263 13.25 26.95 -26.77
N TYR I 264 13.55 26.44 -25.59
CA TYR I 264 14.41 25.27 -25.36
C TYR I 264 13.56 24.02 -25.27
N PHE I 265 14.04 22.94 -25.89
CA PHE I 265 13.49 21.58 -25.75
C PHE I 265 14.59 20.62 -25.32
N ARG I 266 14.26 19.79 -24.34
CA ARG I 266 14.99 18.53 -24.10
C ARG I 266 13.96 17.42 -24.22
N VAL I 267 14.21 16.42 -25.04
CA VAL I 267 13.28 15.27 -25.19
C VAL I 267 14.08 14.00 -24.93
N THR I 268 13.52 13.17 -24.06
CA THR I 268 14.06 11.83 -23.72
C THR I 268 13.29 10.82 -24.57
N LEU I 269 14.02 9.99 -25.31
CA LEU I 269 13.42 8.97 -26.18
C LEU I 269 13.96 7.61 -25.78
N ARG I 270 13.13 6.60 -25.96
CA ARG I 270 13.50 5.18 -25.71
C ARG I 270 13.15 4.38 -26.95
N LYS I 271 13.76 3.21 -27.10
CA LYS I 271 13.48 2.33 -28.25
C LYS I 271 12.18 1.58 -27.95
N ARG I 272 11.29 1.59 -28.91
CA ARG I 272 10.02 0.82 -28.88
C ARG I 272 9.98 -0.15 -30.06
N VAL I 273 9.64 -1.39 -29.77
CA VAL I 273 9.38 -2.39 -30.83
C VAL I 273 7.96 -2.18 -31.38
N VAL I 274 7.81 -2.18 -32.69
CA VAL I 274 6.50 -2.10 -33.38
C VAL I 274 6.49 -3.13 -34.51
N LYS I 275 5.28 -3.49 -34.94
CA LYS I 275 5.03 -4.56 -35.92
C LYS I 275 5.34 -4.02 -37.32
N ASN I 276 6.10 -4.80 -38.10
CA ASN I 276 6.54 -4.45 -39.49
C ASN I 276 6.26 -5.67 -40.38
N ILE J 7 31.44 13.02 -13.40
CA ILE J 7 31.57 12.44 -12.03
C ILE J 7 30.74 11.16 -11.96
N GLU J 8 31.38 10.02 -11.68
CA GLU J 8 30.70 8.73 -11.38
C GLU J 8 30.32 8.73 -9.89
N VAL J 9 29.01 8.76 -9.59
CA VAL J 9 28.48 8.86 -8.20
C VAL J 9 28.30 7.44 -7.66
N LEU J 10 28.77 7.22 -6.42
CA LEU J 10 28.61 5.95 -5.68
C LEU J 10 27.70 6.20 -4.47
N ALA J 11 28.01 5.61 -3.32
CA ALA J 11 27.10 5.53 -2.15
C ALA J 11 27.10 6.86 -1.40
N VAL J 12 25.94 7.22 -0.86
CA VAL J 12 25.76 8.23 0.23
C VAL J 12 26.50 7.70 1.46
N ARG J 13 27.59 8.35 1.89
CA ARG J 13 28.35 7.91 3.09
C ARG J 13 27.68 8.50 4.33
N THR J 14 27.10 7.63 5.16
CA THR J 14 26.33 7.96 6.40
C THR J 14 27.09 7.44 7.63
N ASP J 17 27.96 13.23 11.69
CA ASP J 17 29.25 13.35 10.95
C ASP J 17 29.00 13.61 9.46
N SER J 18 28.00 12.97 8.84
CA SER J 18 27.81 12.90 7.36
C SER J 18 27.00 14.08 6.79
N ILE J 19 26.31 14.84 7.64
CA ILE J 19 25.36 15.92 7.23
C ILE J 19 25.84 17.27 7.78
N THR J 20 25.70 18.33 6.99
CA THR J 20 26.03 19.71 7.42
C THR J 20 24.94 20.62 6.82
N GLU J 21 24.73 21.75 7.46
CA GLU J 21 23.69 22.71 7.03
C GLU J 21 24.36 24.08 7.01
N ILE J 22 24.19 24.84 5.94
CA ILE J 22 24.68 26.24 5.87
C ILE J 22 23.47 27.15 5.74
N GLU J 23 23.60 28.36 6.27
CA GLU J 23 22.72 29.51 5.99
C GLU J 23 23.57 30.64 5.42
N ALA J 24 22.98 31.44 4.55
CA ALA J 24 23.65 32.60 3.94
C ALA J 24 22.57 33.58 3.52
N TYR J 25 22.97 34.84 3.29
CA TYR J 25 22.11 35.84 2.63
C TYR J 25 22.90 36.36 1.42
N LEU J 26 22.14 36.78 0.42
CA LEU J 26 22.66 37.57 -0.71
C LEU J 26 21.86 38.87 -0.73
N ASN J 27 22.55 39.97 -0.51
CA ASN J 27 21.95 41.31 -0.67
C ASN J 27 21.76 41.56 -2.16
N PRO J 28 20.74 42.37 -2.50
CA PRO J 28 20.42 42.69 -3.89
C PRO J 28 21.43 43.69 -4.45
N ARG J 29 21.55 43.74 -5.79
CA ARG J 29 22.53 44.58 -6.51
C ARG J 29 21.76 45.37 -7.57
N MET J 30 20.90 46.25 -7.08
CA MET J 30 19.95 47.02 -7.90
C MET J 30 20.66 48.18 -8.60
N GLY J 31 21.87 48.55 -8.14
CA GLY J 31 22.72 49.52 -8.85
C GLY J 31 23.38 50.52 -7.93
N GLN J 32 22.65 51.10 -6.96
CA GLN J 32 23.23 52.12 -6.05
C GLN J 32 24.26 51.45 -5.13
N PRO J 33 25.38 52.12 -4.80
CA PRO J 33 26.42 51.48 -4.01
C PRO J 33 26.01 51.14 -2.57
N GLN J 34 26.65 50.10 -2.01
CA GLN J 34 26.35 49.60 -0.67
C GLN J 34 26.82 50.66 0.33
N ASN J 35 26.18 50.72 1.49
CA ASN J 35 26.57 51.58 2.63
C ASN J 35 26.43 53.05 2.21
N GLU J 36 25.61 53.34 1.19
CA GLU J 36 25.18 54.72 0.84
C GLU J 36 23.66 54.78 0.93
N ASP J 37 23.07 55.96 0.79
CA ASP J 37 21.69 56.17 1.30
C ASP J 37 20.66 55.42 0.45
N PHE J 38 20.99 55.04 -0.80
CA PHE J 38 20.02 54.39 -1.71
C PHE J 38 20.39 52.92 -1.89
N TYR J 39 21.11 52.32 -0.95
CA TYR J 39 21.40 50.87 -0.95
C TYR J 39 20.06 50.11 -1.01
N GLY J 40 19.90 49.23 -2.00
CA GLY J 40 18.68 48.43 -2.23
C GLY J 40 17.88 48.95 -3.42
N PHE J 41 18.26 50.11 -3.91
CA PHE J 41 17.66 50.81 -5.07
C PHE J 41 18.65 50.90 -6.23
N SER J 42 18.13 51.01 -7.44
CA SER J 42 18.91 51.55 -8.58
C SER J 42 18.92 53.07 -8.45
N ASP J 43 19.74 53.71 -9.26
CA ASP J 43 19.59 55.15 -9.57
C ASP J 43 18.36 55.30 -10.48
N ASN J 44 17.88 56.52 -10.64
CA ASN J 44 16.69 56.81 -11.45
C ASN J 44 16.92 56.38 -12.89
N VAL J 45 15.94 55.66 -13.44
CA VAL J 45 16.05 55.07 -14.79
C VAL J 45 15.86 56.17 -15.85
N THR J 46 16.82 56.27 -16.77
CA THR J 46 16.74 57.07 -18.02
C THR J 46 16.44 56.11 -19.19
N VAL J 47 15.82 56.63 -20.23
CA VAL J 47 15.30 55.84 -21.37
C VAL J 47 15.93 56.46 -22.63
N SER J 48 16.49 55.62 -23.50
CA SER J 48 17.08 56.11 -24.77
C SER J 48 15.97 56.51 -25.75
N ASP J 49 16.33 57.26 -26.80
CA ASP J 49 15.38 57.65 -27.88
C ASP J 49 15.25 56.58 -28.98
N ASP J 50 16.27 55.73 -29.14
CA ASP J 50 16.30 54.69 -30.20
C ASP J 50 17.30 53.60 -29.81
N PHE J 51 17.28 52.46 -30.53
CA PHE J 51 18.10 51.29 -30.18
C PHE J 51 19.56 51.60 -30.52
N GLY J 52 19.79 52.47 -31.51
CA GLY J 52 21.16 52.78 -31.99
C GLY J 52 22.00 53.55 -30.97
N SER J 53 21.38 54.41 -30.15
CA SER J 53 22.01 55.36 -29.21
C SER J 53 21.79 54.96 -27.74
N ASP J 54 21.48 53.69 -27.53
CA ASP J 54 21.05 53.14 -26.22
C ASP J 54 22.30 52.82 -25.38
N ALA J 55 22.49 53.51 -24.25
CA ALA J 55 23.71 53.38 -23.41
C ALA J 55 23.31 53.56 -21.95
N PRO J 56 22.73 52.50 -21.35
CA PRO J 56 22.23 52.58 -19.98
C PRO J 56 23.37 52.86 -19.01
N PRO J 57 23.32 53.98 -18.26
CA PRO J 57 24.39 54.28 -17.34
C PRO J 57 24.49 53.29 -16.20
N TRP J 58 25.73 53.08 -15.74
CA TRP J 58 26.01 52.35 -14.50
C TRP J 58 25.14 52.91 -13.36
N LYS J 59 24.58 51.98 -12.60
CA LYS J 59 23.74 52.16 -11.38
C LYS J 59 22.26 52.22 -11.78
N GLN J 60 21.89 52.23 -13.07
CA GLN J 60 20.45 52.40 -13.47
C GLN J 60 19.77 51.06 -13.79
N PHE J 61 20.49 49.95 -13.58
CA PHE J 61 19.96 48.60 -13.88
C PHE J 61 20.52 47.59 -12.89
N PRO J 62 19.68 46.58 -12.56
CA PRO J 62 20.07 45.53 -11.65
C PRO J 62 21.05 44.50 -12.27
N CYS J 63 21.90 43.94 -11.42
CA CYS J 63 22.80 42.80 -11.72
C CYS J 63 22.49 41.62 -10.79
N TYR J 64 22.89 40.42 -11.21
CA TYR J 64 22.75 39.21 -10.35
C TYR J 64 23.60 39.30 -9.09
N SER J 65 23.09 38.72 -7.99
CA SER J 65 23.83 38.43 -6.74
C SER J 65 24.38 37.02 -6.83
N THR J 66 25.60 36.82 -6.32
CA THR J 66 26.21 35.48 -6.23
C THR J 66 27.24 35.44 -5.10
N ALA J 67 27.41 34.24 -4.57
CA ALA J 67 28.45 33.95 -3.57
C ALA J 67 28.81 32.48 -3.68
N ARG J 68 30.05 32.18 -3.34
CA ARG J 68 30.55 30.83 -3.10
C ARG J 68 30.75 30.66 -1.58
N ILE J 69 30.11 29.65 -1.03
CA ILE J 69 30.22 29.31 0.41
C ILE J 69 31.27 28.20 0.55
N SER J 70 32.33 28.44 1.32
CA SER J 70 33.33 27.40 1.70
C SER J 70 32.68 26.43 2.68
N LEU J 71 32.61 25.14 2.32
CA LEU J 71 32.00 24.07 3.16
C LEU J 71 33.08 23.45 4.05
N PRO J 72 32.72 22.66 5.09
CA PRO J 72 33.71 21.99 5.91
C PRO J 72 34.67 21.11 5.09
N MET J 73 35.97 21.17 5.40
CA MET J 73 37.07 20.41 4.72
C MET J 73 36.73 18.91 4.75
N LEU J 74 37.05 18.20 3.66
CA LEU J 74 36.52 16.84 3.36
C LEU J 74 37.68 15.86 3.11
N THR J 82 36.43 6.57 -3.55
CA THR J 82 37.71 7.28 -3.87
C THR J 82 37.75 8.61 -3.12
N ILE J 83 36.94 9.58 -3.55
CA ILE J 83 36.83 10.96 -2.97
C ILE J 83 35.44 11.12 -2.36
N LEU J 84 35.32 11.86 -1.25
CA LEU J 84 34.01 12.33 -0.76
C LEU J 84 33.70 13.70 -1.38
N MET J 85 32.44 13.96 -1.71
CA MET J 85 31.97 15.31 -2.09
C MET J 85 30.76 15.67 -1.24
N TRP J 86 30.58 16.96 -0.99
CA TRP J 86 29.33 17.49 -0.41
C TRP J 86 28.27 17.51 -1.51
N GLU J 87 27.12 16.92 -1.24
CA GLU J 87 25.92 16.87 -2.11
C GLU J 87 24.81 17.71 -1.47
N ALA J 88 24.35 18.75 -2.15
CA ALA J 88 23.19 19.53 -1.68
C ALA J 88 21.92 18.70 -1.92
N ILE J 89 21.16 18.42 -0.86
CA ILE J 89 19.94 17.56 -0.94
C ILE J 89 18.66 18.38 -0.80
N SER J 90 18.68 19.51 -0.10
CA SER J 90 17.44 20.28 0.16
C SER J 90 17.80 21.74 0.42
N CYS J 91 16.83 22.63 0.26
CA CYS J 91 17.05 24.04 0.61
C CYS J 91 15.76 24.65 1.17
N ARG J 92 15.93 25.73 1.91
CA ARG J 92 14.89 26.72 2.18
C ARG J 92 15.41 28.01 1.57
N THR J 93 14.51 28.79 1.02
CA THR J 93 14.87 30.14 0.56
C THR J 93 13.67 31.05 0.84
N GLU J 94 14.03 32.28 1.14
CA GLU J 94 13.00 33.27 1.50
C GLU J 94 13.44 34.65 1.06
N VAL J 95 12.53 35.36 0.40
CA VAL J 95 12.77 36.80 0.16
C VAL J 95 12.55 37.52 1.49
N MET J 96 13.59 38.16 2.02
CA MET J 96 13.50 38.81 3.35
C MET J 96 13.07 40.28 3.21
N GLY J 97 12.43 40.86 4.24
CA GLY J 97 12.12 42.29 4.27
C GLY J 97 10.84 42.63 3.52
N VAL J 98 10.03 41.63 3.18
CA VAL J 98 8.72 41.85 2.51
C VAL J 98 7.93 42.86 3.36
N ASN J 99 8.10 42.79 4.69
CA ASN J 99 7.44 43.73 5.64
C ASN J 99 7.62 45.19 5.22
N MET J 100 8.74 45.57 4.63
CA MET J 100 9.04 47.01 4.37
C MET J 100 8.05 47.61 3.34
N LEU J 101 7.40 46.79 2.50
CA LEU J 101 6.53 47.25 1.38
C LEU J 101 5.18 47.75 1.90
N THR J 102 4.95 47.68 3.23
CA THR J 102 3.79 48.28 3.92
C THR J 102 4.04 49.78 4.18
N ASN J 103 5.25 50.26 3.84
CA ASN J 103 5.60 51.71 3.85
C ASN J 103 4.99 52.44 2.66
N VAL J 104 4.00 53.32 2.91
CA VAL J 104 3.44 54.21 1.86
C VAL J 104 3.58 55.68 2.27
N HIS J 105 4.62 56.02 3.06
CA HIS J 105 4.88 57.43 3.53
C HIS J 105 6.21 57.98 3.04
N SER J 106 7.16 57.17 2.55
CA SER J 106 8.55 57.61 2.33
C SER J 106 8.70 58.17 0.91
N ALA J 107 8.44 59.46 0.72
CA ALA J 107 8.84 60.23 -0.48
C ALA J 107 8.26 59.60 -1.76
N GLN J 108 7.03 59.09 -1.69
CA GLN J 108 6.37 58.37 -2.82
C GLN J 108 5.36 59.26 -3.49
N LYS J 109 5.32 59.23 -4.83
CA LYS J 109 4.20 59.81 -5.59
C LYS J 109 2.89 59.34 -4.92
N ARG J 110 1.97 60.27 -4.73
CA ARG J 110 0.72 60.00 -3.97
C ARG J 110 -0.38 59.49 -4.90
N VAL J 111 -1.34 58.77 -4.33
CA VAL J 111 -2.47 58.19 -5.08
C VAL J 111 -3.23 59.33 -5.78
N TYR J 112 -3.42 60.46 -5.09
CA TYR J 112 -4.11 61.67 -5.62
C TYR J 112 -3.11 62.82 -5.67
N GLU J 113 -2.13 62.71 -6.57
CA GLU J 113 -0.98 63.65 -6.62
C GLU J 113 -1.48 65.07 -6.88
N ASN J 114 -2.51 65.23 -7.73
CA ASN J 114 -3.02 66.58 -8.12
C ASN J 114 -3.62 67.26 -6.89
N ASP J 115 -4.14 66.47 -5.94
CA ASP J 115 -4.81 66.94 -4.70
C ASP J 115 -3.81 66.96 -3.55
N ARG J 116 -2.56 66.56 -3.78
CA ARG J 116 -1.52 66.35 -2.74
C ARG J 116 -2.13 65.55 -1.59
N GLU J 117 -2.75 64.42 -1.93
CA GLU J 117 -3.52 63.64 -0.94
C GLU J 117 -3.39 62.15 -1.25
N GLY J 118 -3.73 61.35 -0.25
CA GLY J 118 -3.68 59.89 -0.33
C GLY J 118 -2.34 59.40 0.16
N THR J 119 -2.25 58.08 0.23
CA THR J 119 -1.00 57.39 0.58
C THR J 119 -0.03 57.55 -0.59
N GLY J 120 1.22 57.19 -0.37
CA GLY J 120 2.14 56.90 -1.48
C GLY J 120 1.61 55.72 -2.27
N ILE J 121 1.98 55.60 -3.53
CA ILE J 121 1.55 54.44 -4.38
C ILE J 121 2.36 53.20 -4.02
N GLY J 122 3.42 53.32 -3.21
CA GLY J 122 4.26 52.19 -2.81
C GLY J 122 5.04 51.62 -3.98
N VAL J 123 5.66 50.46 -3.76
CA VAL J 123 6.46 49.78 -4.80
C VAL J 123 5.46 49.09 -5.76
N GLU J 124 5.61 49.30 -7.06
CA GLU J 124 4.74 48.71 -8.10
C GLU J 124 5.58 48.35 -9.30
N GLY J 125 5.08 47.45 -10.13
CA GLY J 125 5.74 47.17 -11.41
C GLY J 125 6.37 45.80 -11.40
N MET J 126 7.37 45.58 -12.23
CA MET J 126 7.78 44.21 -12.56
C MET J 126 8.34 43.54 -11.32
N GLY J 127 8.04 42.25 -11.19
CA GLY J 127 8.75 41.33 -10.30
C GLY J 127 9.64 40.42 -11.11
N TYR J 128 10.90 40.27 -10.73
CA TYR J 128 11.80 39.23 -11.28
C TYR J 128 12.49 38.58 -10.10
N HIS J 129 12.10 37.34 -9.86
CA HIS J 129 12.58 36.59 -8.68
C HIS J 129 13.17 35.28 -9.17
N MET J 130 14.45 35.06 -8.89
CA MET J 130 15.12 33.83 -9.36
C MET J 130 16.21 33.49 -8.36
N PHE J 131 16.45 32.20 -8.16
CA PHE J 131 17.55 31.74 -7.30
C PHE J 131 18.10 30.48 -7.94
N ALA J 132 19.38 30.21 -7.67
CA ALA J 132 20.05 28.98 -8.15
C ALA J 132 20.97 28.46 -7.05
N ILE J 133 21.04 27.15 -6.92
CA ILE J 133 21.93 26.46 -5.94
C ILE J 133 22.67 25.38 -6.70
N GLY J 134 24.00 25.43 -6.67
CA GLY J 134 24.79 24.48 -7.46
C GLY J 134 26.15 24.20 -6.88
N GLY J 135 26.82 23.21 -7.48
CA GLY J 135 28.16 22.79 -7.05
C GLY J 135 29.23 23.41 -7.91
N GLU J 136 28.85 24.36 -8.76
CA GLU J 136 29.78 25.16 -9.59
C GLU J 136 29.04 26.42 -10.03
N PRO J 137 29.73 27.43 -10.59
CA PRO J 137 29.02 28.65 -10.98
C PRO J 137 27.85 28.43 -11.95
N LEU J 138 26.80 29.22 -11.75
CA LEU J 138 25.62 29.22 -12.64
C LEU J 138 26.08 29.47 -14.07
N GLU J 139 25.64 28.60 -14.99
CA GLU J 139 25.95 28.73 -16.44
C GLU J 139 24.88 29.64 -17.06
N LEU J 140 25.33 30.64 -17.82
CA LEU J 140 24.45 31.71 -18.37
C LEU J 140 24.40 31.68 -19.90
N GLN J 141 23.27 32.12 -20.42
CA GLN J 141 23.05 32.40 -21.85
C GLN J 141 22.94 33.92 -21.95
N PHE J 142 23.73 34.51 -22.80
CA PHE J 142 23.61 35.95 -23.11
C PHE J 142 22.39 36.15 -23.98
N MET J 143 21.47 37.01 -23.52
CA MET J 143 20.36 37.47 -24.36
C MET J 143 19.88 38.85 -23.92
N VAL J 144 19.63 39.71 -24.90
CA VAL J 144 19.36 41.16 -24.69
C VAL J 144 18.15 41.58 -25.51
N PHE J 145 17.47 42.63 -25.06
CA PHE J 145 16.27 43.18 -25.72
C PHE J 145 16.70 43.86 -27.03
N ASN J 146 17.79 44.62 -26.91
CA ASN J 146 18.37 45.44 -28.00
C ASN J 146 19.88 45.16 -28.08
N HIS J 147 20.37 44.56 -29.15
CA HIS J 147 21.79 44.13 -29.25
C HIS J 147 22.71 45.36 -29.30
N ARG J 148 22.19 46.52 -29.71
CA ARG J 148 22.98 47.75 -29.97
C ARG J 148 23.14 48.54 -28.67
N ALA J 149 22.59 48.06 -27.56
CA ALA J 149 22.85 48.64 -26.22
C ALA J 149 24.35 48.60 -25.93
N THR J 150 24.91 49.71 -25.50
CA THR J 150 26.31 49.78 -25.02
C THR J 150 26.27 49.76 -23.51
N TYR J 151 26.74 48.66 -22.89
CA TYR J 151 26.73 48.53 -21.43
C TYR J 151 27.96 49.21 -20.89
N PRO J 152 27.91 49.76 -19.67
CA PRO J 152 29.04 50.48 -19.12
C PRO J 152 30.23 49.56 -18.78
N ALA J 153 31.41 50.17 -18.62
CA ALA J 153 32.67 49.46 -18.28
C ALA J 153 32.53 48.63 -16.99
N GLU J 154 31.70 49.03 -16.02
CA GLU J 154 31.57 48.30 -14.73
C GLU J 154 30.87 46.95 -14.92
N ALA J 155 30.07 46.80 -15.97
CA ALA J 155 29.23 45.60 -16.21
C ALA J 155 30.05 44.53 -16.96
N THR J 156 29.78 43.26 -16.67
CA THR J 156 30.31 42.10 -17.45
C THR J 156 29.25 41.71 -18.50
N VAL J 157 29.57 41.92 -19.76
CA VAL J 157 28.69 41.60 -20.92
C VAL J 157 29.57 41.09 -22.06
N ILE J 158 28.95 40.51 -23.07
CA ILE J 158 29.59 40.29 -24.40
C ILE J 158 29.44 41.58 -25.21
N LYS J 159 30.56 42.22 -25.53
CA LYS J 159 30.61 43.47 -26.33
C LYS J 159 30.23 43.15 -27.78
N ASN J 160 29.52 44.05 -28.47
CA ASN J 160 29.18 43.94 -29.91
C ASN J 160 28.63 42.53 -30.18
N PRO J 161 27.58 42.11 -29.43
CA PRO J 161 27.14 40.70 -29.48
C PRO J 161 26.45 40.32 -30.79
N GLY J 162 25.95 41.31 -31.54
CA GLY J 162 25.31 41.10 -32.84
C GLY J 162 23.82 40.85 -32.70
N ALA J 163 23.08 40.99 -33.80
CA ALA J 163 21.60 40.88 -33.90
C ALA J 163 21.10 39.55 -33.32
N SER J 164 21.83 38.43 -33.53
CA SER J 164 21.48 37.09 -33.01
C SER J 164 21.28 37.06 -31.50
N SER J 165 21.89 37.98 -30.74
CA SER J 165 21.83 38.03 -29.27
C SER J 165 20.45 38.51 -28.81
N GLN J 166 19.59 39.01 -29.71
CA GLN J 166 18.18 39.39 -29.40
C GLN J 166 17.32 38.14 -29.24
N VAL J 167 17.82 36.99 -29.70
CA VAL J 167 17.19 35.66 -29.53
C VAL J 167 18.30 34.69 -29.12
N PHE J 168 18.15 33.38 -29.34
CA PHE J 168 19.13 32.39 -28.87
C PHE J 168 20.28 32.30 -29.89
N ASP J 169 21.50 32.47 -29.39
CA ASP J 169 22.74 32.28 -30.20
C ASP J 169 23.65 31.32 -29.40
N PRO J 170 23.91 30.07 -29.87
CA PRO J 170 24.66 29.11 -29.04
C PRO J 170 26.11 29.52 -28.75
N ASN J 171 26.61 30.53 -29.45
CA ASN J 171 27.99 31.05 -29.26
C ASN J 171 28.08 31.95 -28.02
N LEU J 172 26.97 32.45 -27.48
CA LEU J 172 27.03 33.61 -26.54
C LEU J 172 26.78 33.11 -25.13
N LYS J 173 27.82 32.58 -24.51
CA LYS J 173 27.71 31.87 -23.22
C LYS J 173 28.51 32.62 -22.17
N GLY J 174 28.16 32.39 -20.91
CA GLY J 174 28.98 32.83 -19.78
C GLY J 174 28.70 32.04 -18.55
N THR J 175 29.40 32.39 -17.48
CA THR J 175 29.21 31.81 -16.13
C THR J 175 29.22 32.96 -15.13
N LEU J 176 28.37 32.83 -14.11
CA LEU J 176 28.17 33.89 -13.09
C LEU J 176 29.32 33.79 -12.07
N THR J 177 30.42 34.48 -12.34
CA THR J 177 31.68 34.37 -11.58
C THR J 177 31.86 35.56 -10.64
N ALA J 178 31.00 36.57 -10.69
CA ALA J 178 31.18 37.79 -9.86
C ALA J 178 29.83 38.37 -9.43
N ASP J 179 29.77 38.84 -8.18
CA ASP J 179 28.56 39.46 -7.61
C ASP J 179 28.40 40.87 -8.21
N GLY J 180 27.16 41.28 -8.52
CA GLY J 180 26.77 42.68 -8.79
C GLY J 180 27.37 43.29 -10.05
N VAL J 181 27.75 42.51 -11.07
CA VAL J 181 28.30 43.09 -12.34
C VAL J 181 27.66 42.46 -13.58
N PHE J 182 26.97 41.32 -13.48
CA PHE J 182 26.30 40.68 -14.62
C PHE J 182 24.90 41.26 -14.73
N PRO J 183 24.57 42.10 -15.74
CA PRO J 183 23.25 42.74 -15.77
C PRO J 183 22.15 41.69 -15.89
N VAL J 184 21.10 41.80 -15.07
CA VAL J 184 19.94 40.89 -15.22
C VAL J 184 19.44 40.91 -16.67
N GLU J 185 19.36 42.07 -17.30
CA GLU J 185 18.70 42.25 -18.61
C GLU J 185 19.59 41.69 -19.73
N ALA J 186 20.81 41.21 -19.43
CA ALA J 186 21.73 40.67 -20.45
C ALA J 186 22.03 39.18 -20.27
N TRP J 187 21.73 38.58 -19.13
CA TRP J 187 22.10 37.17 -18.83
C TRP J 187 20.92 36.44 -18.19
N GLY J 188 20.72 35.19 -18.59
CA GLY J 188 19.76 34.29 -17.96
C GLY J 188 20.37 32.90 -17.86
N PRO J 189 19.73 32.03 -17.07
CA PRO J 189 20.22 30.67 -16.91
C PRO J 189 20.16 29.93 -18.25
N ASP J 190 21.20 29.16 -18.53
CA ASP J 190 21.34 28.41 -19.79
C ASP J 190 20.74 27.03 -19.57
N PRO J 191 19.58 26.68 -20.17
CA PRO J 191 19.03 25.33 -19.96
C PRO J 191 19.80 24.21 -20.69
N PHE J 192 20.74 24.58 -21.56
CA PHE J 192 21.62 23.59 -22.26
C PHE J 192 22.72 23.09 -21.32
N LYS J 193 22.96 23.77 -20.22
CA LYS J 193 24.03 23.38 -19.26
C LYS J 193 23.36 23.24 -17.88
N ASN J 194 24.07 23.57 -16.81
CA ASN J 194 23.50 23.63 -15.45
C ASN J 194 23.08 22.21 -15.02
N GLU J 195 23.83 21.20 -15.42
CA GLU J 195 23.53 19.80 -15.01
C GLU J 195 23.74 19.65 -13.48
N ASN J 196 24.53 20.52 -12.86
CA ASN J 196 24.98 20.43 -11.45
C ASN J 196 24.45 21.64 -10.66
N THR J 197 23.40 22.28 -11.17
CA THR J 197 22.76 23.47 -10.55
C THR J 197 21.26 23.30 -10.70
N ARG J 198 20.47 23.63 -9.66
CA ARG J 198 19.02 23.78 -9.78
C ARG J 198 18.70 25.28 -9.80
N TYR J 199 17.96 25.74 -10.81
CA TYR J 199 17.53 27.16 -10.87
C TYR J 199 16.02 27.23 -11.04
N PHE J 200 15.46 28.35 -10.60
CA PHE J 200 14.01 28.60 -10.47
C PHE J 200 13.81 30.10 -10.64
N GLY J 201 12.88 30.50 -11.49
CA GLY J 201 12.65 31.94 -11.72
C GLY J 201 11.21 32.22 -12.08
N GLN J 202 10.75 33.41 -11.70
CA GLN J 202 9.41 33.92 -12.07
C GLN J 202 9.58 35.38 -12.47
N TYR J 203 8.97 35.75 -13.59
CA TYR J 203 8.84 37.14 -14.05
C TYR J 203 7.37 37.52 -14.19
N THR J 204 7.00 38.63 -13.56
CA THR J 204 5.71 39.34 -13.79
C THR J 204 6.04 40.76 -14.20
N GLY J 205 5.67 41.14 -15.40
CA GLY J 205 6.06 42.43 -15.98
C GLY J 205 5.14 43.57 -15.57
N GLY J 206 5.25 44.67 -16.32
CA GLY J 206 4.48 45.89 -16.06
C GLY J 206 5.24 46.86 -15.15
N THR J 207 4.64 48.05 -15.02
CA THR J 207 5.18 49.22 -14.29
C THR J 207 4.19 49.66 -13.19
N GLN J 208 2.94 49.23 -13.26
CA GLN J 208 1.91 49.46 -12.18
C GLN J 208 1.40 48.13 -11.59
N THR J 209 2.01 47.00 -11.92
CA THR J 209 1.58 45.69 -11.39
C THR J 209 1.75 45.65 -9.86
N PRO J 210 0.77 45.12 -9.09
CA PRO J 210 0.97 44.93 -7.65
C PRO J 210 1.93 43.79 -7.37
N PRO J 211 2.97 44.01 -6.55
CA PRO J 211 3.86 42.94 -6.14
C PRO J 211 3.11 41.92 -5.28
N VAL J 212 3.49 40.66 -5.42
CA VAL J 212 2.86 39.56 -4.64
C VAL J 212 3.99 38.69 -4.11
N LEU J 213 4.21 38.71 -2.80
CA LEU J 213 5.33 37.95 -2.20
C LEU J 213 4.80 37.16 -1.02
N THR J 214 5.38 35.99 -0.76
CA THR J 214 4.97 35.15 0.38
C THR J 214 6.24 34.85 1.19
N PHE J 215 6.08 34.56 2.46
CA PHE J 215 7.23 34.17 3.30
C PHE J 215 6.72 33.12 4.27
N THR J 216 7.55 32.13 4.53
CA THR J 216 7.28 31.16 5.62
C THR J 216 8.59 30.43 5.90
N ASN J 217 8.69 29.82 7.06
CA ASN J 217 9.85 28.96 7.42
C ASN J 217 9.45 27.48 7.34
N THR J 218 8.29 27.18 6.77
CA THR J 218 7.75 25.79 6.70
C THR J 218 8.00 25.13 5.34
N GLN J 219 8.70 25.78 4.42
CA GLN J 219 8.82 25.29 3.01
C GLN J 219 10.24 24.77 2.77
N THR J 220 10.36 23.52 2.36
CA THR J 220 11.66 22.89 2.00
C THR J 220 11.56 22.38 0.56
N THR J 221 12.54 22.72 -0.27
CA THR J 221 12.63 22.25 -1.67
C THR J 221 13.71 21.16 -1.76
N ILE J 222 13.35 20.02 -2.35
CA ILE J 222 14.28 18.87 -2.55
C ILE J 222 15.13 19.17 -3.79
N LEU J 223 16.45 19.02 -3.73
CA LEU J 223 17.38 19.40 -4.83
C LEU J 223 17.89 18.17 -5.59
N LEU J 224 17.45 16.96 -5.23
CA LEU J 224 17.82 15.74 -5.98
C LEU J 224 17.17 15.74 -7.36
N ASP J 225 17.92 15.30 -8.36
CA ASP J 225 17.51 15.12 -9.77
C ASP J 225 16.77 13.76 -9.88
N GLU J 226 16.48 13.34 -11.10
CA GLU J 226 15.69 12.13 -11.43
C GLU J 226 16.48 10.86 -11.02
N ASN J 227 17.79 10.96 -10.86
CA ASN J 227 18.67 9.83 -10.46
C ASN J 227 18.89 9.79 -8.93
N GLY J 228 18.33 10.77 -8.19
CA GLY J 228 18.44 10.85 -6.72
C GLY J 228 19.71 11.53 -6.28
N VAL J 229 20.35 12.33 -7.16
CA VAL J 229 21.65 12.99 -6.88
C VAL J 229 21.40 14.51 -6.82
N GLY J 230 21.91 15.15 -5.77
CA GLY J 230 21.87 16.63 -5.63
C GLY J 230 23.08 17.25 -6.29
N PRO J 231 23.14 18.60 -6.42
CA PRO J 231 24.38 19.27 -6.80
C PRO J 231 25.57 18.76 -5.99
N LEU J 232 26.66 18.46 -6.70
CA LEU J 232 27.92 17.95 -6.12
C LEU J 232 28.91 19.10 -6.16
N CYS J 233 29.39 19.47 -4.99
CA CYS J 233 30.13 20.73 -4.73
C CYS J 233 31.60 20.62 -5.13
N LYS J 234 31.93 21.09 -6.34
CA LYS J 234 33.31 21.01 -6.88
C LYS J 234 34.20 21.95 -6.07
N GLY J 235 35.36 21.46 -5.63
CA GLY J 235 36.30 22.23 -4.79
C GLY J 235 35.71 22.55 -3.44
N ASP J 236 34.72 21.79 -2.97
CA ASP J 236 34.08 21.97 -1.64
C ASP J 236 33.46 23.37 -1.58
N GLY J 237 32.91 23.82 -2.72
CA GLY J 237 32.26 25.13 -2.86
C GLY J 237 30.79 24.96 -3.21
N LEU J 238 29.90 25.64 -2.48
CA LEU J 238 28.45 25.74 -2.79
C LEU J 238 28.17 27.12 -3.41
N PHE J 239 27.54 27.13 -4.58
CA PHE J 239 27.31 28.34 -5.40
C PHE J 239 25.85 28.75 -5.26
N LEU J 240 25.63 29.96 -4.74
CA LEU J 240 24.29 30.55 -4.53
C LEU J 240 24.17 31.76 -5.42
N SER J 241 23.06 31.91 -6.13
CA SER J 241 22.83 33.05 -7.07
C SER J 241 21.37 33.47 -6.99
N CYS J 242 21.10 34.77 -7.16
CA CYS J 242 19.68 35.21 -7.20
C CYS J 242 19.57 36.60 -7.84
N ALA J 243 18.34 36.98 -8.17
CA ALA J 243 17.94 38.36 -8.50
C ALA J 243 16.54 38.48 -7.90
N ASP J 244 16.31 39.55 -7.16
CA ASP J 244 14.99 39.78 -6.51
C ASP J 244 14.61 41.25 -6.70
N ILE J 245 14.15 41.56 -7.91
CA ILE J 245 13.53 42.86 -8.29
C ILE J 245 12.09 42.80 -7.81
N VAL J 246 11.74 43.66 -6.88
CA VAL J 246 10.37 43.69 -6.31
C VAL J 246 9.45 44.52 -7.20
N GLY J 247 9.96 45.61 -7.79
CA GLY J 247 9.17 46.60 -8.50
C GLY J 247 9.94 47.90 -8.55
N PHE J 248 9.22 48.99 -8.77
CA PHE J 248 9.82 50.34 -8.85
C PHE J 248 9.33 51.24 -7.73
N PHE J 249 10.21 52.13 -7.32
CA PHE J 249 9.91 53.27 -6.41
C PHE J 249 9.75 54.51 -7.27
N THR J 250 8.59 55.14 -7.21
CA THR J 250 8.24 56.37 -7.96
C THR J 250 8.25 57.53 -6.99
N GLN J 251 9.11 58.49 -7.25
CA GLN J 251 9.16 59.78 -6.51
C GLN J 251 8.03 60.72 -6.96
N HIS J 252 7.80 61.76 -6.17
CA HIS J 252 6.84 62.86 -6.46
C HIS J 252 7.08 63.46 -7.85
N ASN J 253 8.34 63.54 -8.30
CA ASN J 253 8.74 64.13 -9.62
C ASN J 253 8.70 63.07 -10.72
N LYS J 254 8.13 61.90 -10.43
CA LYS J 254 7.81 60.80 -11.36
C LYS J 254 9.07 60.00 -11.72
N LYS J 255 10.22 60.30 -11.12
CA LYS J 255 11.46 59.50 -11.36
C LYS J 255 11.29 58.13 -10.72
N MET J 256 11.78 57.10 -11.42
CA MET J 256 11.49 55.70 -10.99
C MET J 256 12.82 54.97 -10.88
N SER J 257 12.93 54.14 -9.85
CA SER J 257 14.14 53.35 -9.55
C SER J 257 13.70 51.93 -9.21
N PHE J 258 14.51 50.96 -9.58
CA PHE J 258 14.31 49.55 -9.17
C PHE J 258 14.45 49.50 -7.66
N ARG J 259 13.69 48.60 -7.01
CA ARG J 259 13.84 48.33 -5.57
C ARG J 259 13.95 46.80 -5.45
N GLY J 260 14.97 46.33 -4.74
CA GLY J 260 15.23 44.89 -4.56
C GLY J 260 15.24 44.52 -3.11
N LEU J 261 15.15 43.21 -2.85
CA LEU J 261 15.19 42.65 -1.48
C LEU J 261 16.21 41.52 -1.40
N PRO J 262 16.79 41.34 -0.20
CA PRO J 262 17.80 40.33 0.08
C PRO J 262 17.12 38.96 0.14
N ARG J 263 17.88 37.93 -0.19
CA ARG J 263 17.37 36.55 -0.15
C ARG J 263 18.14 35.75 0.90
N TYR J 264 17.40 34.96 1.69
CA TYR J 264 17.88 33.94 2.66
C TYR J 264 18.00 32.58 1.96
N PHE J 265 19.09 31.85 2.20
CA PHE J 265 19.26 30.43 1.79
C PHE J 265 19.58 29.60 3.02
N ARG J 266 18.93 28.47 3.17
CA ARG J 266 19.40 27.35 4.01
C ARG J 266 19.63 26.16 3.06
N VAL J 267 20.80 25.55 3.15
CA VAL J 267 21.10 24.34 2.33
C VAL J 267 21.56 23.24 3.27
N THR J 268 20.98 22.06 3.10
CA THR J 268 21.44 20.82 3.78
C THR J 268 22.23 19.99 2.77
N LEU J 269 23.45 19.58 3.15
CA LEU J 269 24.37 18.78 2.32
C LEU J 269 24.75 17.49 3.05
N ARG J 270 24.96 16.42 2.30
CA ARG J 270 25.40 15.11 2.88
C ARG J 270 26.66 14.67 2.13
N LYS J 271 27.48 13.80 2.72
CA LYS J 271 28.69 13.29 2.05
C LYS J 271 28.28 12.23 1.03
N ARG J 272 28.86 12.32 -0.16
CA ARG J 272 28.66 11.35 -1.26
C ARG J 272 30.03 10.86 -1.73
N VAL J 273 30.17 9.54 -1.83
CA VAL J 273 31.38 8.90 -2.41
C VAL J 273 31.30 9.06 -3.93
N VAL J 274 32.40 9.42 -4.60
CA VAL J 274 32.49 9.48 -6.09
C VAL J 274 33.85 8.90 -6.51
N LYS J 275 34.01 8.53 -7.80
CA LYS J 275 35.28 8.00 -8.36
C LYS J 275 36.34 9.11 -8.41
#